data_7EKW
#
_entry.id   7EKW
#
_cell.length_a   160.250
_cell.length_b   198.940
_cell.length_c   134.590
_cell.angle_alpha   90.000
_cell.angle_beta   104.870
_cell.angle_gamma   90.000
#
_symmetry.space_group_name_H-M   'C 1 2 1'
#
loop_
_entity.id
_entity.type
_entity.pdbx_description
1 polymer 4-alpha-glucanotransferase
2 branched alpha-D-glucopyranose-(1-4)-alpha-D-glucopyranose
#
_entity_poly.entity_id   1
_entity_poly.type   'polypeptide(L)'
_entity_poly.pdbx_seq_one_letter_code
;MSAHRTLLLRLSDSGEPVTSCSYGQGVLTLPSLPLPQGKKLGDMPVYTVKLAIPAGSPVTRDGLIWTNCPPDFSTQFDRE
KFYKKIIKTSFHEDDHIDLDIYVPGTYCFYLSFKNDKDELETTRKFYFVVLPILSVNDKFIPLNSIAMQSVVSKWMGPTI
KDWEKVFARVASKKYNMIHFTPLQHRGESNSPYSIYDQLEFDPTVFKSEKEVADMVERLRTEHNILSLTDIVFNHTANNS
QWLLDHPEAGYNHKTSPHLISAIELDKKLLDFSEQMEALGYPVDLKTVDDLIKVMDGIKEHVIGELKLWEFYVVDVKQTV
SELREKWGNSKSWSDDNIPSKDDSTNLAQFVRDNATEPGFGSLGERGSNKINIDKFAAILKKLHSEDYNNGIEELATKIL
NDINLPFYKEYDDDINEVLEQLFNRIKYLRIDDHGPKQGPITKKLPLSEPYFTRFKAKDGEEYALANNGWIWDGNPLVDF
ASSQSKAYLRREVIVWGDCVKLRYGKGPSDSPYLWERMSKYVEMNARIFNGFRINNCHSTPLHVGQYFLDVARRVNPNLY
VVAELFSGSEAMDCLFVERLGISSLIREAMQAWSEEELSRLVHRHGGRPIGSYKFVPLDDFPYPADVKIDEEYCAYNPDD
HSVKCVSEIMIPKTLTATPPHALFMDCTHDNETPNQKRTVEDTLPNAALVAFCSSAIGSVYGYDEVFPQLLDLVQEKRTY
SCAENTGISKVKTLLNNMREEIASEAVDIEDSEMHVHHDGQYITFHRTNAKNGKGWYLVARTKFHSSGDQMLPRIKLSQT
KATFKAAFSLERTGDAPISDEIIEGIPTKLRELTGFDIGFDENTKETSILLPQDFPQGSIVIFETQQLGIDDSLDHFIRS
GAIKATEKLSLESINYVLYRAEQEEYDYSEGRSGAYDIPDYGKPVYCGLQGWVSILRKIIFYNDLAHPLSNNLRNGHWAV
DYVVNRLDLYKDKEGVAEVQEWLRSRMERIKQLPSYLVPSFFALVVGIMYGCCRLRAMQLMSDNVGKSTVFVQSLAMTSI
QMVSAMKSTSILPDQNIAAMAAGLPHFSTNYMRCWGRDVFISLRGLLLTTGRYEEAKEHILAFAKTLKHGLIPNLLDAGR
NPRYNARDAAWFFVQAIQDYVTIVPGGVSLLQEKVTRRFPLDDEYIPYDDPKAFSYSSTIEEIIYEILNRHAGGIKYREA
NAGPNLDRVMKDEGFNVEVNVDWETGLIHGGSQFNCGTWMDKMGESEKANSVGVPGTPRDGAAVEINGLLKSCLRFVLQL
SKDGKFKYTEVTKPDGSKISLSSWNDLLQENFERCFYVPKNKEDDNKFEIDATIINRRGIYKDLYRSGKPYEDYQFRPNF
TIAMVVAPELFTPDYAAGAIELADQVLRGPVGMRTLDPSDYNYRPYYNNGEDSDDFATSKGRNYHQGPEWVWCYGYFIRA
YHYFNFLTNPKCQVEGSAKKLKPSSYLYRKLYSRLLKHREWIENSPWAGLAELTNKDGEVCNDSSPTQAWSTGCLLDLFY
DLWISYEELEHHHHHH
;
_entity_poly.pdbx_strand_id   A,B
#
# COMPACT_ATOMS: atom_id res chain seq x y z
N ALA A 3 -37.18 -12.29 14.59
CA ALA A 3 -37.31 -13.17 13.44
C ALA A 3 -36.48 -12.67 12.27
N HIS A 4 -37.11 -11.91 11.37
CA HIS A 4 -36.46 -11.42 10.15
C HIS A 4 -36.70 -9.92 10.01
N ARG A 5 -35.70 -9.13 10.40
CA ARG A 5 -35.77 -7.68 10.23
C ARG A 5 -34.61 -7.20 9.38
N THR A 6 -34.51 -7.69 8.16
CA THR A 6 -33.38 -7.42 7.28
C THR A 6 -33.86 -6.73 6.01
N LEU A 7 -33.21 -5.64 5.64
CA LEU A 7 -33.45 -4.96 4.38
C LEU A 7 -32.23 -5.11 3.48
N LEU A 8 -32.46 -5.21 2.18
CA LEU A 8 -31.40 -5.37 1.19
C LEU A 8 -31.10 -4.02 0.55
N LEU A 9 -29.84 -3.60 0.61
CA LEU A 9 -29.38 -2.35 0.00
C LEU A 9 -28.34 -2.71 -1.06
N ARG A 10 -28.77 -2.82 -2.31
CA ARG A 10 -27.85 -3.09 -3.41
C ARG A 10 -27.08 -1.84 -3.77
N LEU A 11 -25.78 -2.00 -3.96
CA LEU A 11 -24.89 -0.92 -4.36
C LEU A 11 -24.52 -1.06 -5.83
N SER A 12 -24.10 0.04 -6.42
CA SER A 12 -23.65 0.05 -7.80
C SER A 12 -22.18 -0.34 -7.88
N ASP A 13 -21.63 -0.32 -9.10
CA ASP A 13 -20.20 -0.57 -9.29
C ASP A 13 -19.35 0.55 -8.72
N SER A 14 -19.93 1.71 -8.41
CA SER A 14 -19.23 2.80 -7.75
C SER A 14 -19.61 2.93 -6.28
N GLY A 15 -20.26 1.93 -5.70
CA GLY A 15 -20.62 1.97 -4.30
C GLY A 15 -21.87 2.77 -3.97
N GLU A 16 -22.52 3.36 -4.95
CA GLU A 16 -23.70 4.16 -4.67
C GLU A 16 -24.92 3.25 -4.51
N PRO A 17 -25.82 3.56 -3.56
CA PRO A 17 -27.02 2.73 -3.38
C PRO A 17 -27.95 2.83 -4.58
N VAL A 18 -28.58 1.70 -4.90
CA VAL A 18 -29.44 1.58 -6.08
C VAL A 18 -30.88 1.84 -5.68
N THR A 19 -31.60 2.59 -6.51
CA THR A 19 -33.01 2.90 -6.27
C THR A 19 -33.88 1.82 -6.88
N SER A 20 -34.56 1.04 -6.03
CA SER A 20 -35.45 0.01 -6.52
C SER A 20 -36.70 0.60 -7.18
N CYS A 21 -37.13 1.77 -6.73
CA CYS A 21 -38.31 2.43 -7.28
C CYS A 21 -38.06 3.94 -7.31
N SER A 22 -38.84 4.63 -8.14
CA SER A 22 -38.72 6.08 -8.30
C SER A 22 -39.86 6.73 -7.54
N TYR A 23 -39.65 6.95 -6.24
CA TYR A 23 -40.60 7.69 -5.41
C TYR A 23 -40.30 9.18 -5.37
N GLY A 24 -39.24 9.62 -6.05
CA GLY A 24 -38.82 11.01 -6.04
C GLY A 24 -37.58 11.22 -5.18
N GLN A 25 -37.21 12.49 -5.06
CA GLN A 25 -36.09 12.86 -4.20
C GLN A 25 -36.39 12.47 -2.76
N GLY A 26 -35.57 11.59 -2.20
CA GLY A 26 -35.86 11.05 -0.89
C GLY A 26 -34.69 10.75 0.01
N VAL A 27 -34.92 9.86 0.98
CA VAL A 27 -33.94 9.52 2.00
C VAL A 27 -34.10 8.04 2.33
N LEU A 28 -32.98 7.34 2.50
CA LEU A 28 -33.00 5.92 2.86
C LEU A 28 -33.50 5.79 4.30
N THR A 29 -34.82 5.82 4.44
CA THR A 29 -35.46 5.68 5.75
C THR A 29 -35.92 4.24 5.94
N LEU A 30 -35.71 3.73 7.15
CA LEU A 30 -36.20 2.38 7.44
C LEU A 30 -37.55 2.46 8.14
N PRO A 31 -38.45 1.52 7.84
CA PRO A 31 -39.84 1.68 8.28
C PRO A 31 -39.99 1.59 9.79
N SER A 32 -40.80 2.50 10.33
CA SER A 32 -41.07 2.50 11.76
C SER A 32 -41.96 1.31 12.11
N LEU A 33 -41.43 0.39 12.91
CA LEU A 33 -42.13 -0.81 13.30
C LEU A 33 -41.88 -1.08 14.78
N PRO A 34 -42.82 -1.70 15.48
CA PRO A 34 -42.59 -2.07 16.87
C PRO A 34 -41.48 -3.10 16.98
N LEU A 35 -40.76 -3.04 18.10
CA LEU A 35 -39.81 -4.10 18.42
C LEU A 35 -40.56 -5.43 18.56
N PRO A 36 -39.89 -6.55 18.33
CA PRO A 36 -40.52 -7.85 18.60
C PRO A 36 -41.02 -7.91 20.03
N GLN A 37 -42.25 -8.39 20.20
CA GLN A 37 -42.93 -8.36 21.49
C GLN A 37 -42.08 -8.97 22.59
N GLY A 38 -41.91 -8.22 23.68
CA GLY A 38 -41.11 -8.62 24.81
C GLY A 38 -39.69 -8.07 24.80
N LYS A 39 -39.12 -7.87 23.61
CA LYS A 39 -37.75 -7.41 23.50
C LYS A 39 -37.67 -5.90 23.67
N LYS A 40 -36.51 -5.42 24.11
CA LYS A 40 -36.23 -4.00 24.23
C LYS A 40 -34.90 -3.70 23.57
N LEU A 41 -34.59 -2.39 23.45
CA LEU A 41 -33.39 -1.94 22.76
C LEU A 41 -32.13 -2.60 23.31
N GLY A 42 -31.49 -3.44 22.50
CA GLY A 42 -30.29 -4.15 22.87
C GLY A 42 -30.42 -5.66 22.83
N ASP A 43 -31.64 -6.18 23.01
CA ASP A 43 -31.85 -7.63 23.01
C ASP A 43 -31.48 -8.25 21.68
N MET A 44 -31.70 -7.52 20.59
CA MET A 44 -31.41 -8.01 19.25
C MET A 44 -31.27 -6.81 18.32
N PRO A 45 -30.67 -6.99 17.15
CA PRO A 45 -30.58 -5.88 16.20
C PRO A 45 -31.97 -5.40 15.79
N VAL A 46 -32.17 -4.08 15.88
CA VAL A 46 -33.43 -3.49 15.42
C VAL A 46 -33.60 -3.70 13.93
N TYR A 47 -32.53 -3.50 13.16
CA TYR A 47 -32.55 -3.75 11.74
C TYR A 47 -31.17 -4.24 11.29
N THR A 48 -31.15 -4.94 10.16
CA THR A 48 -29.93 -5.40 9.53
C THR A 48 -29.96 -4.97 8.08
N VAL A 49 -29.02 -4.10 7.70
CA VAL A 49 -28.92 -3.61 6.33
C VAL A 49 -27.92 -4.48 5.58
N LYS A 50 -28.43 -5.29 4.66
CA LYS A 50 -27.58 -6.14 3.82
C LYS A 50 -27.06 -5.31 2.66
N LEU A 51 -25.77 -4.99 2.70
CA LEU A 51 -25.11 -4.32 1.59
C LEU A 51 -24.71 -5.35 0.53
N ALA A 52 -25.13 -5.11 -0.71
CA ALA A 52 -24.82 -6.00 -1.83
C ALA A 52 -23.83 -5.28 -2.75
N ILE A 53 -22.68 -5.89 -2.96
CA ILE A 53 -21.60 -5.32 -3.77
C ILE A 53 -21.44 -6.18 -5.01
N PRO A 54 -21.43 -5.59 -6.21
CA PRO A 54 -21.35 -6.41 -7.43
C PRO A 54 -20.00 -7.09 -7.55
N ALA A 55 -20.02 -8.33 -8.06
CA ALA A 55 -18.81 -9.11 -8.22
C ALA A 55 -17.94 -8.53 -9.33
N GLY A 56 -16.65 -8.39 -9.05
CA GLY A 56 -15.71 -7.86 -10.02
C GLY A 56 -15.72 -6.36 -10.20
N SER A 57 -16.59 -5.65 -9.48
CA SER A 57 -16.65 -4.20 -9.60
C SER A 57 -15.35 -3.56 -9.13
N PRO A 58 -14.99 -2.38 -9.65
CA PRO A 58 -13.73 -1.74 -9.24
C PRO A 58 -13.65 -1.45 -7.76
N VAL A 59 -14.78 -1.40 -7.05
CA VAL A 59 -14.75 -1.12 -5.62
C VAL A 59 -14.24 -2.34 -4.85
N THR A 60 -14.46 -3.54 -5.37
CA THR A 60 -14.02 -4.76 -4.70
C THR A 60 -12.51 -4.90 -4.63
N ARG A 61 -11.75 -4.13 -5.41
CA ARG A 61 -10.30 -4.25 -5.46
C ARG A 61 -9.70 -3.71 -4.17
N ASP A 62 -9.30 -4.63 -3.28
CA ASP A 62 -8.81 -4.26 -1.94
C ASP A 62 -9.81 -3.35 -1.24
N GLY A 63 -11.09 -3.68 -1.37
CA GLY A 63 -12.15 -2.81 -0.90
C GLY A 63 -12.52 -3.02 0.55
N LEU A 64 -12.91 -1.92 1.19
CA LEU A 64 -13.36 -1.94 2.58
C LEU A 64 -14.67 -1.18 2.69
N ILE A 65 -15.57 -1.68 3.53
CA ILE A 65 -16.83 -1.01 3.83
C ILE A 65 -16.64 -0.29 5.16
N TRP A 66 -16.67 1.04 5.12
CA TRP A 66 -16.59 1.86 6.31
C TRP A 66 -18.01 2.24 6.75
N THR A 67 -18.21 2.26 8.07
CA THR A 67 -19.51 2.64 8.61
C THR A 67 -19.34 3.11 10.05
N ASN A 68 -20.11 4.13 10.42
CA ASN A 68 -20.11 4.63 11.80
C ASN A 68 -21.12 3.89 12.67
N CYS A 69 -21.61 2.73 12.23
CA CYS A 69 -22.54 1.95 13.04
C CYS A 69 -21.78 1.25 14.15
N PRO A 70 -22.15 1.41 15.41
CA PRO A 70 -21.50 0.67 16.50
C PRO A 70 -21.53 -0.83 16.23
N PRO A 71 -20.48 -1.55 16.63
CA PRO A 71 -20.49 -3.00 16.41
C PRO A 71 -21.45 -3.75 17.30
N ASP A 72 -21.79 -3.19 18.46
CA ASP A 72 -22.74 -3.83 19.36
C ASP A 72 -23.46 -2.75 20.16
N PHE A 73 -24.45 -3.18 20.95
CA PHE A 73 -25.25 -2.23 21.73
C PHE A 73 -24.41 -1.56 22.81
N SER A 74 -23.37 -2.24 23.32
CA SER A 74 -22.55 -1.65 24.37
C SER A 74 -21.80 -0.42 23.88
N THR A 75 -21.42 -0.40 22.61
CA THR A 75 -20.62 0.70 22.06
C THR A 75 -21.50 1.92 21.81
N GLN A 76 -21.06 3.08 22.30
CA GLN A 76 -21.76 4.32 22.02
C GLN A 76 -21.53 4.74 20.57
N PHE A 77 -22.47 5.54 20.06
CA PHE A 77 -22.39 6.02 18.69
C PHE A 77 -21.47 7.23 18.60
N ASP A 78 -20.47 7.15 17.74
CA ASP A 78 -19.60 8.27 17.42
C ASP A 78 -19.75 8.60 15.94
N ARG A 79 -19.98 9.88 15.63
CA ARG A 79 -20.17 10.29 14.24
C ARG A 79 -18.96 9.96 13.39
N GLU A 80 -17.75 10.20 13.91
CA GLU A 80 -16.54 10.14 13.13
C GLU A 80 -15.69 8.90 13.41
N LYS A 81 -16.21 7.95 14.19
CA LYS A 81 -15.52 6.67 14.39
C LYS A 81 -16.16 5.65 13.45
N PHE A 82 -15.51 5.44 12.30
CA PHE A 82 -15.95 4.44 11.34
C PHE A 82 -15.21 3.14 11.59
N TYR A 83 -15.89 2.04 11.28
CA TYR A 83 -15.34 0.70 11.46
C TYR A 83 -15.13 0.04 10.11
N LYS A 84 -14.18 -0.90 10.06
CA LYS A 84 -13.82 -1.57 8.82
C LYS A 84 -14.65 -2.82 8.60
N LYS A 85 -14.90 -3.12 7.33
CA LYS A 85 -15.53 -4.37 6.90
C LYS A 85 -14.87 -4.81 5.60
N ILE A 86 -14.47 -6.07 5.54
CA ILE A 86 -13.69 -6.58 4.41
C ILE A 86 -14.64 -7.07 3.32
N ILE A 87 -14.45 -6.55 2.10
CA ILE A 87 -15.22 -6.98 0.94
C ILE A 87 -14.55 -8.21 0.36
N LYS A 88 -15.29 -9.32 0.30
CA LYS A 88 -14.75 -10.58 -0.23
C LYS A 88 -14.85 -10.53 -1.75
N THR A 89 -13.71 -10.25 -2.40
CA THR A 89 -13.69 -10.08 -3.85
C THR A 89 -13.92 -11.41 -4.55
N SER A 90 -14.71 -11.36 -5.62
CA SER A 90 -14.91 -12.50 -6.50
C SER A 90 -15.34 -11.99 -7.87
N PHE A 91 -14.98 -12.73 -8.90
CA PHE A 91 -15.40 -12.39 -10.26
C PHE A 91 -16.73 -13.01 -10.63
N HIS A 92 -17.23 -13.96 -9.83
CA HIS A 92 -18.48 -14.65 -10.10
C HIS A 92 -19.59 -14.31 -9.12
N GLU A 93 -19.28 -14.25 -7.82
CA GLU A 93 -20.29 -14.15 -6.78
C GLU A 93 -20.27 -12.77 -6.14
N ASP A 94 -21.44 -12.16 -6.00
CA ASP A 94 -21.55 -10.93 -5.23
C ASP A 94 -21.28 -11.20 -3.76
N ASP A 95 -20.86 -10.16 -3.05
CA ASP A 95 -20.58 -10.25 -1.62
C ASP A 95 -21.60 -9.43 -0.85
N HIS A 96 -22.08 -9.99 0.26
CA HIS A 96 -23.07 -9.36 1.12
C HIS A 96 -22.45 -9.09 2.48
N ILE A 97 -22.62 -7.87 2.98
CA ILE A 97 -22.04 -7.45 4.25
C ILE A 97 -23.14 -6.85 5.11
N ASP A 98 -23.39 -7.47 6.26
CA ASP A 98 -24.48 -7.04 7.14
C ASP A 98 -24.05 -5.87 8.00
N LEU A 99 -24.96 -4.93 8.20
CA LEU A 99 -24.79 -3.82 9.14
C LEU A 99 -25.86 -3.96 10.21
N ASP A 100 -25.50 -4.50 11.37
CA ASP A 100 -26.45 -4.65 12.46
C ASP A 100 -26.63 -3.33 13.18
N ILE A 101 -27.88 -2.90 13.35
CA ILE A 101 -28.22 -1.64 13.99
C ILE A 101 -29.04 -1.96 15.23
N TYR A 102 -28.61 -1.41 16.38
CA TYR A 102 -29.24 -1.71 17.65
C TYR A 102 -30.03 -0.54 18.23
N VAL A 103 -29.86 0.67 17.70
CA VAL A 103 -30.47 1.86 18.30
C VAL A 103 -30.75 2.87 17.19
N PRO A 104 -31.85 3.62 17.27
CA PRO A 104 -32.15 4.60 16.22
C PRO A 104 -31.08 5.70 16.15
N GLY A 105 -31.03 6.36 15.00
CA GLY A 105 -30.11 7.45 14.82
C GLY A 105 -29.76 7.63 13.36
N THR A 106 -28.68 8.37 13.12
CA THR A 106 -28.20 8.67 11.78
C THR A 106 -26.90 7.89 11.55
N TYR A 107 -26.93 6.96 10.61
CA TYR A 107 -25.77 6.17 10.26
C TYR A 107 -25.40 6.42 8.81
N CYS A 108 -24.13 6.21 8.48
CA CYS A 108 -23.67 6.40 7.11
C CYS A 108 -22.57 5.40 6.81
N PHE A 109 -22.22 5.30 5.53
CA PHE A 109 -21.21 4.37 5.08
C PHE A 109 -20.58 4.89 3.80
N TYR A 110 -19.29 4.63 3.64
CA TYR A 110 -18.58 4.91 2.40
C TYR A 110 -17.59 3.77 2.17
N LEU A 111 -17.04 3.71 0.96
CA LEU A 111 -16.20 2.60 0.56
C LEU A 111 -14.82 3.10 0.14
N SER A 112 -13.79 2.36 0.54
CA SER A 112 -12.41 2.64 0.16
C SER A 112 -11.89 1.48 -0.67
N PHE A 113 -11.15 1.80 -1.73
CA PHE A 113 -10.67 0.77 -2.65
C PHE A 113 -9.37 1.22 -3.29
N LYS A 114 -8.74 0.29 -4.00
CA LYS A 114 -7.49 0.55 -4.69
C LYS A 114 -7.79 1.04 -6.11
N ASN A 115 -7.32 2.24 -6.44
CA ASN A 115 -7.64 2.89 -7.70
C ASN A 115 -6.97 2.17 -8.86
N ASP A 116 -7.41 2.53 -10.08
CA ASP A 116 -6.72 2.09 -11.28
C ASP A 116 -5.32 2.69 -11.40
N LYS A 117 -5.04 3.76 -10.67
CA LYS A 117 -3.71 4.33 -10.56
C LYS A 117 -2.92 3.73 -9.41
N ASP A 118 -3.37 2.60 -8.86
CA ASP A 118 -2.80 1.95 -7.69
C ASP A 118 -2.83 2.83 -6.44
N GLU A 119 -3.61 3.91 -6.47
CA GLU A 119 -3.76 4.81 -5.33
C GLU A 119 -5.01 4.42 -4.52
N LEU A 120 -5.23 5.14 -3.43
CA LEU A 120 -6.41 4.92 -2.62
C LEU A 120 -7.49 5.92 -3.03
N GLU A 121 -8.74 5.46 -3.04
CA GLU A 121 -9.86 6.30 -3.42
C GLU A 121 -11.03 6.03 -2.48
N THR A 122 -11.91 7.02 -2.34
CA THR A 122 -13.01 6.95 -1.41
C THR A 122 -14.29 7.44 -2.08
N THR A 123 -15.41 6.81 -1.74
CA THR A 123 -16.71 7.19 -2.29
C THR A 123 -17.37 8.22 -1.38
N ARG A 124 -18.52 8.72 -1.81
CA ARG A 124 -19.31 9.61 -0.97
C ARG A 124 -19.82 8.88 0.27
N LYS A 125 -20.11 9.66 1.31
CA LYS A 125 -20.81 9.13 2.47
C LYS A 125 -22.29 8.99 2.13
N PHE A 126 -22.87 7.83 2.45
CA PHE A 126 -24.27 7.54 2.14
C PHE A 126 -25.01 7.25 3.42
N TYR A 127 -25.99 8.09 3.75
CA TYR A 127 -26.67 8.06 5.03
C TYR A 127 -27.98 7.28 4.93
N PHE A 128 -28.38 6.69 6.05
CA PHE A 128 -29.70 6.08 6.17
C PHE A 128 -30.16 6.26 7.61
N VAL A 129 -31.44 6.58 7.78
CA VAL A 129 -32.01 6.93 9.07
C VAL A 129 -32.83 5.76 9.61
N VAL A 130 -32.72 5.51 10.90
CA VAL A 130 -33.56 4.54 11.60
C VAL A 130 -34.46 5.33 12.55
N LEU A 131 -35.76 5.32 12.27
CA LEU A 131 -36.71 6.15 13.00
C LEU A 131 -36.84 5.68 14.45
N PRO A 132 -37.25 6.58 15.34
CA PRO A 132 -37.47 6.20 16.74
C PRO A 132 -38.78 5.45 16.92
N ILE A 133 -38.85 4.72 18.03
CA ILE A 133 -40.03 3.96 18.41
C ILE A 133 -40.80 4.77 19.45
N LEU A 134 -42.02 5.18 19.10
CA LEU A 134 -42.83 6.03 19.96
C LEU A 134 -43.94 5.19 20.59
N SER A 135 -43.83 4.98 21.89
CA SER A 135 -44.88 4.37 22.70
C SER A 135 -45.29 5.36 23.80
N VAL A 136 -46.50 5.19 24.30
CA VAL A 136 -47.03 6.06 25.35
C VAL A 136 -47.05 5.36 26.70
N ASN A 137 -47.73 4.21 26.79
CA ASN A 137 -47.64 3.34 27.96
C ASN A 137 -47.08 1.98 27.54
N ASP A 138 -47.88 1.14 26.88
CA ASP A 138 -47.38 -0.08 26.25
C ASP A 138 -48.05 -0.30 24.90
N LYS A 139 -48.61 0.74 24.30
CA LYS A 139 -49.26 0.68 23.00
C LYS A 139 -48.41 1.46 21.99
N PHE A 140 -48.06 0.81 20.89
CA PHE A 140 -47.18 1.43 19.91
C PHE A 140 -47.93 2.47 19.09
N ILE A 141 -47.31 3.63 18.92
CA ILE A 141 -47.86 4.71 18.10
C ILE A 141 -47.09 4.73 16.78
N PRO A 142 -47.67 4.31 15.67
CA PRO A 142 -47.01 4.50 14.37
C PRO A 142 -46.74 5.98 14.11
N LEU A 143 -45.62 6.23 13.43
CA LEU A 143 -45.19 7.62 13.23
C LEU A 143 -46.19 8.43 12.42
N ASN A 144 -46.91 7.78 11.50
CA ASN A 144 -47.90 8.45 10.67
C ASN A 144 -49.29 8.45 11.28
N SER A 145 -49.40 8.20 12.58
CA SER A 145 -50.67 8.32 13.31
C SER A 145 -50.53 9.28 14.49
N ILE A 146 -49.69 10.31 14.32
CA ILE A 146 -49.40 11.28 15.36
C ILE A 146 -50.32 12.48 15.19
N ALA A 147 -51.01 12.86 16.26
CA ALA A 147 -51.81 14.07 16.31
C ALA A 147 -51.18 15.01 17.34
N MET A 148 -50.63 16.12 16.86
CA MET A 148 -49.85 17.03 17.68
C MET A 148 -50.62 18.32 17.92
N GLN A 149 -50.75 18.69 19.20
CA GLN A 149 -51.39 19.95 19.60
C GLN A 149 -50.29 20.88 20.10
N SER A 150 -50.01 21.93 19.35
CA SER A 150 -48.99 22.89 19.74
C SER A 150 -49.59 23.92 20.70
N VAL A 151 -49.06 24.00 21.91
CA VAL A 151 -49.55 24.91 22.94
C VAL A 151 -48.43 25.84 23.36
N VAL A 152 -48.81 27.04 23.79
CA VAL A 152 -47.88 28.08 24.20
C VAL A 152 -48.00 28.26 25.71
N SER A 153 -46.86 28.17 26.40
CA SER A 153 -46.85 28.22 27.86
C SER A 153 -47.41 29.54 28.38
N LYS A 154 -47.09 30.65 27.71
CA LYS A 154 -47.45 31.97 28.22
C LYS A 154 -48.94 32.12 28.43
N TRP A 155 -49.74 31.53 27.55
CA TRP A 155 -51.19 31.73 27.56
C TRP A 155 -51.95 30.52 28.10
N MET A 156 -51.26 29.60 28.77
CA MET A 156 -51.92 28.43 29.36
C MET A 156 -52.35 28.65 30.80
N GLY A 157 -51.88 29.72 31.45
CA GLY A 157 -52.25 30.00 32.81
C GLY A 157 -51.07 30.26 33.71
N PRO A 158 -51.32 30.42 35.01
CA PRO A 158 -50.24 30.72 35.95
C PRO A 158 -49.63 29.49 36.62
N THR A 159 -50.43 28.46 36.87
CA THR A 159 -49.98 27.30 37.62
C THR A 159 -50.01 26.05 36.74
N ILE A 160 -49.42 24.97 37.26
CA ILE A 160 -49.43 23.70 36.54
C ILE A 160 -50.85 23.15 36.44
N LYS A 161 -51.62 23.27 37.52
CA LYS A 161 -53.00 22.79 37.48
C LYS A 161 -53.83 23.60 36.47
N ASP A 162 -53.55 24.90 36.36
CA ASP A 162 -54.19 25.70 35.33
C ASP A 162 -53.75 25.25 33.94
N TRP A 163 -52.57 24.65 33.83
CA TRP A 163 -52.13 24.09 32.56
C TRP A 163 -52.79 22.76 32.29
N GLU A 164 -52.97 21.93 33.32
CA GLU A 164 -53.60 20.62 33.13
C GLU A 164 -55.07 20.73 32.74
N LYS A 165 -55.68 21.91 32.87
CA LYS A 165 -56.99 22.11 32.28
C LYS A 165 -56.92 22.09 30.76
N VAL A 166 -55.87 22.70 30.19
CA VAL A 166 -55.68 22.66 28.75
C VAL A 166 -55.38 21.24 28.30
N PHE A 167 -54.63 20.49 29.10
CA PHE A 167 -54.32 19.11 28.75
C PHE A 167 -55.59 18.27 28.65
N ALA A 168 -56.51 18.44 29.59
CA ALA A 168 -57.75 17.68 29.57
C ALA A 168 -58.60 18.01 28.34
N ARG A 169 -58.54 19.25 27.87
CA ARG A 169 -59.31 19.64 26.69
C ARG A 169 -58.75 18.98 25.43
N VAL A 170 -57.43 19.05 25.25
CA VAL A 170 -56.83 18.44 24.07
C VAL A 170 -56.89 16.92 24.16
N ALA A 171 -56.95 16.37 25.37
CA ALA A 171 -57.14 14.94 25.51
C ALA A 171 -58.52 14.50 25.05
N SER A 172 -59.53 15.36 25.23
CA SER A 172 -60.86 15.05 24.74
C SER A 172 -60.89 15.04 23.21
N LYS A 173 -60.11 15.92 22.58
CA LYS A 173 -59.99 15.95 21.13
C LYS A 173 -59.11 14.82 20.60
N LYS A 174 -58.57 13.98 21.49
CA LYS A 174 -57.84 12.76 21.14
C LYS A 174 -56.56 13.04 20.37
N TYR A 175 -55.88 14.15 20.71
CA TYR A 175 -54.49 14.30 20.30
C TYR A 175 -53.62 13.36 21.14
N ASN A 176 -52.55 12.86 20.54
CA ASN A 176 -51.63 11.99 21.25
C ASN A 176 -50.25 12.58 21.46
N MET A 177 -50.02 13.82 21.04
CA MET A 177 -48.74 14.48 21.28
C MET A 177 -48.99 15.96 21.47
N ILE A 178 -48.21 16.58 22.37
CA ILE A 178 -48.29 18.00 22.64
C ILE A 178 -46.94 18.63 22.35
N HIS A 179 -46.94 19.70 21.57
CA HIS A 179 -45.75 20.45 21.23
C HIS A 179 -45.69 21.71 22.08
N PHE A 180 -44.64 21.83 22.88
CA PHE A 180 -44.48 22.96 23.80
C PHE A 180 -43.55 24.00 23.20
N THR A 181 -44.04 25.23 23.07
CA THR A 181 -43.15 26.35 22.83
C THR A 181 -42.14 26.43 23.99
N PRO A 182 -40.92 26.96 23.74
CA PRO A 182 -39.85 26.85 24.74
C PRO A 182 -40.27 27.18 26.16
N LEU A 183 -40.41 26.13 26.98
CA LEU A 183 -40.87 26.24 28.37
C LEU A 183 -39.78 26.77 29.31
N GLN A 184 -39.03 27.79 28.90
CA GLN A 184 -37.86 28.25 29.62
C GLN A 184 -38.05 29.70 30.04
N HIS A 185 -37.04 30.22 30.75
CA HIS A 185 -37.05 31.61 31.22
C HIS A 185 -36.87 32.55 30.03
N ARG A 186 -37.84 33.43 29.81
CA ARG A 186 -37.81 34.34 28.67
C ARG A 186 -36.98 35.57 29.00
N GLY A 187 -36.90 36.49 28.04
CA GLY A 187 -36.03 37.65 28.18
C GLY A 187 -36.75 38.98 28.33
N GLU A 188 -36.10 40.05 27.85
CA GLU A 188 -36.63 41.41 27.98
C GLU A 188 -37.86 41.65 27.12
N SER A 189 -38.26 40.69 26.29
CA SER A 189 -39.42 40.84 25.43
C SER A 189 -40.52 39.82 25.70
N ASN A 190 -40.26 38.83 26.54
CA ASN A 190 -41.16 37.71 26.84
C ASN A 190 -41.52 36.89 25.61
N SER A 191 -40.80 37.09 24.50
CA SER A 191 -40.96 36.22 23.35
C SER A 191 -40.49 34.82 23.72
N PRO A 192 -41.29 33.78 23.48
CA PRO A 192 -40.89 32.43 23.89
C PRO A 192 -39.61 31.94 23.24
N TYR A 193 -39.12 32.62 22.20
CA TYR A 193 -37.92 32.19 21.50
C TYR A 193 -36.69 33.03 21.84
N SER A 194 -36.80 33.96 22.79
CA SER A 194 -35.67 34.66 23.36
C SER A 194 -35.51 34.18 24.79
N ILE A 195 -34.49 33.36 25.03
CA ILE A 195 -34.35 32.62 26.29
C ILE A 195 -33.29 33.29 27.15
N TYR A 196 -33.68 33.67 28.37
CA TYR A 196 -32.76 34.23 29.35
C TYR A 196 -31.63 33.25 29.64
N ASP A 197 -31.94 32.16 30.32
CA ASP A 197 -30.99 31.10 30.62
C ASP A 197 -31.59 29.77 30.20
N GLN A 198 -30.89 29.06 29.31
CA GLN A 198 -31.45 27.84 28.74
C GLN A 198 -31.47 26.69 29.74
N LEU A 199 -30.74 26.81 30.85
CA LEU A 199 -30.59 25.70 31.78
C LEU A 199 -31.56 25.76 32.95
N GLU A 200 -32.42 26.77 33.02
CA GLU A 200 -33.47 26.80 34.02
C GLU A 200 -34.81 27.09 33.36
N PHE A 201 -35.86 26.49 33.88
CA PHE A 201 -37.20 26.70 33.36
C PHE A 201 -37.83 27.92 34.01
N ASP A 202 -39.00 28.30 33.50
CA ASP A 202 -39.74 29.48 33.96
C ASP A 202 -40.01 29.38 35.45
N PRO A 203 -39.35 30.21 36.28
CA PRO A 203 -39.58 30.12 37.73
C PRO A 203 -41.00 30.45 38.13
N THR A 204 -41.76 31.13 37.28
CA THR A 204 -43.15 31.42 37.56
C THR A 204 -43.96 30.14 37.67
N VAL A 205 -43.63 29.13 36.88
CA VAL A 205 -44.38 27.88 36.81
C VAL A 205 -43.63 26.75 37.50
N PHE A 206 -42.43 26.43 37.04
CA PHE A 206 -41.65 25.33 37.58
C PHE A 206 -40.42 25.86 38.32
N LYS A 207 -39.89 25.04 39.21
CA LYS A 207 -38.62 25.32 39.86
C LYS A 207 -37.57 24.30 39.39
N SER A 208 -37.76 23.03 39.74
CA SER A 208 -36.79 22.00 39.43
C SER A 208 -37.17 21.26 38.14
N GLU A 209 -36.22 20.49 37.61
CA GLU A 209 -36.51 19.60 36.49
C GLU A 209 -37.63 18.65 36.84
N LYS A 210 -37.68 18.18 38.09
CA LYS A 210 -38.65 17.18 38.49
C LYS A 210 -40.08 17.69 38.27
N GLU A 211 -40.29 18.99 38.47
CA GLU A 211 -41.63 19.55 38.30
C GLU A 211 -42.11 19.40 36.86
N VAL A 212 -41.27 19.79 35.89
CA VAL A 212 -41.68 19.70 34.50
C VAL A 212 -41.69 18.25 34.03
N ALA A 213 -40.76 17.44 34.55
CA ALA A 213 -40.70 16.04 34.15
C ALA A 213 -41.89 15.26 34.67
N ASP A 214 -42.36 15.57 35.87
CA ASP A 214 -43.54 14.88 36.40
C ASP A 214 -44.80 15.30 35.64
N MET A 215 -44.88 16.56 35.23
CA MET A 215 -46.01 17.00 34.42
C MET A 215 -46.05 16.30 33.07
N VAL A 216 -44.87 15.98 32.51
CA VAL A 216 -44.82 15.27 31.24
C VAL A 216 -45.24 13.81 31.43
N GLU A 217 -44.67 13.14 32.43
CA GLU A 217 -45.05 11.76 32.68
C GLU A 217 -46.51 11.65 33.12
N ARG A 218 -47.06 12.72 33.71
CA ARG A 218 -48.49 12.74 33.99
C ARG A 218 -49.31 12.77 32.70
N LEU A 219 -48.83 13.52 31.70
CA LEU A 219 -49.48 13.53 30.39
C LEU A 219 -49.50 12.13 29.78
N ARG A 220 -48.39 11.40 29.89
CA ARG A 220 -48.32 10.07 29.30
C ARG A 220 -49.23 9.09 30.02
N THR A 221 -49.35 9.20 31.35
CA THR A 221 -50.09 8.20 32.11
C THR A 221 -51.59 8.50 32.14
N GLU A 222 -51.96 9.76 32.31
CA GLU A 222 -53.36 10.12 32.51
C GLU A 222 -54.10 10.33 31.18
N HIS A 223 -53.49 11.06 30.26
CA HIS A 223 -54.14 11.40 29.00
C HIS A 223 -53.54 10.69 27.80
N ASN A 224 -52.53 9.84 28.00
CA ASN A 224 -51.88 9.09 26.92
C ASN A 224 -51.35 10.04 25.85
N ILE A 225 -50.63 11.07 26.28
CA ILE A 225 -50.12 12.11 25.40
C ILE A 225 -48.62 12.25 25.61
N LEU A 226 -47.86 12.18 24.51
CA LEU A 226 -46.43 12.43 24.53
C LEU A 226 -46.15 13.92 24.35
N SER A 227 -44.89 14.31 24.57
CA SER A 227 -44.53 15.72 24.62
C SER A 227 -43.21 15.95 23.90
N LEU A 228 -43.06 17.16 23.34
CA LEU A 228 -41.79 17.60 22.79
C LEU A 228 -41.74 19.13 22.90
N THR A 229 -40.56 19.68 22.63
CA THR A 229 -40.31 21.10 22.84
C THR A 229 -39.57 21.70 21.66
N ASP A 230 -39.78 22.99 21.44
CA ASP A 230 -38.90 23.73 20.56
C ASP A 230 -37.53 23.86 21.20
N ILE A 231 -36.48 23.68 20.40
CA ILE A 231 -35.11 23.89 20.83
C ILE A 231 -34.49 24.97 19.95
N VAL A 232 -33.91 25.99 20.58
CA VAL A 232 -33.39 27.16 19.89
C VAL A 232 -31.87 27.07 19.88
N PHE A 233 -31.29 26.91 18.70
CA PHE A 233 -29.84 26.91 18.53
C PHE A 233 -29.29 28.23 18.02
N ASN A 234 -30.09 28.99 17.28
CA ASN A 234 -29.57 30.11 16.52
C ASN A 234 -29.37 31.37 17.34
N HIS A 235 -30.05 31.52 18.48
CA HIS A 235 -29.99 32.78 19.20
C HIS A 235 -30.36 32.57 20.66
N THR A 236 -30.10 33.61 21.46
CA THR A 236 -30.49 33.65 22.86
C THR A 236 -30.91 35.08 23.19
N ALA A 237 -31.52 35.26 24.37
CA ALA A 237 -32.04 36.57 24.74
C ALA A 237 -30.90 37.57 24.92
N ASN A 238 -31.22 38.85 24.73
CA ASN A 238 -30.23 39.92 24.74
C ASN A 238 -29.81 40.35 26.13
N ASN A 239 -30.30 39.69 27.18
CA ASN A 239 -30.00 40.07 28.55
C ASN A 239 -29.82 38.81 29.40
N SER A 240 -28.71 38.11 29.16
CA SER A 240 -28.37 36.90 29.89
C SER A 240 -27.16 37.18 30.77
N GLN A 241 -27.26 36.84 32.06
CA GLN A 241 -26.16 37.07 32.97
C GLN A 241 -24.94 36.25 32.62
N TRP A 242 -25.10 35.19 31.83
CA TRP A 242 -23.94 34.45 31.33
C TRP A 242 -23.34 35.08 30.08
N LEU A 243 -24.10 35.91 29.36
CA LEU A 243 -23.53 36.67 28.26
C LEU A 243 -22.56 37.74 28.75
N LEU A 244 -22.67 38.14 30.02
CA LEU A 244 -21.70 39.05 30.60
C LEU A 244 -20.39 38.32 30.93
N ASP A 245 -20.50 37.07 31.39
CA ASP A 245 -19.30 36.30 31.72
C ASP A 245 -18.57 35.86 30.46
N HIS A 246 -19.31 35.30 29.50
CA HIS A 246 -18.76 34.76 28.25
C HIS A 246 -19.35 35.54 27.07
N PRO A 247 -18.79 36.71 26.76
CA PRO A 247 -19.26 37.44 25.57
C PRO A 247 -18.74 36.86 24.26
N GLU A 248 -17.74 35.98 24.30
CA GLU A 248 -17.20 35.39 23.08
C GLU A 248 -18.13 34.36 22.45
N ALA A 249 -19.22 33.99 23.12
CA ALA A 249 -20.19 33.08 22.53
C ALA A 249 -20.94 33.67 21.35
N GLY A 250 -20.90 35.00 21.16
CA GLY A 250 -21.48 35.63 20.00
C GLY A 250 -20.40 36.23 19.11
N TYR A 251 -20.84 36.75 17.97
CA TYR A 251 -19.94 37.41 17.02
C TYR A 251 -19.69 38.83 17.51
N ASN A 252 -18.49 39.10 18.01
CA ASN A 252 -18.09 40.43 18.46
C ASN A 252 -16.90 40.91 17.65
N HIS A 253 -16.40 42.11 17.99
CA HIS A 253 -15.27 42.68 17.26
C HIS A 253 -14.00 41.86 17.42
N LYS A 254 -13.90 41.05 18.48
CA LYS A 254 -12.77 40.14 18.62
C LYS A 254 -12.98 38.87 17.80
N THR A 255 -14.12 38.22 17.96
CA THR A 255 -14.36 36.94 17.29
C THR A 255 -14.63 37.12 15.81
N SER A 256 -15.47 38.10 15.45
CA SER A 256 -15.81 38.40 14.05
C SER A 256 -15.40 39.83 13.77
N PRO A 257 -14.15 40.08 13.37
CA PRO A 257 -13.69 41.46 13.18
C PRO A 257 -14.35 42.17 12.00
N HIS A 258 -14.91 41.44 11.04
CA HIS A 258 -15.42 42.08 9.83
C HIS A 258 -16.61 42.98 10.12
N LEU A 259 -17.35 42.70 11.19
CA LEU A 259 -18.54 43.48 11.52
C LEU A 259 -18.23 44.77 12.26
N ILE A 260 -16.94 45.07 12.50
CA ILE A 260 -16.57 46.32 13.15
C ILE A 260 -17.12 47.51 12.38
N SER A 261 -17.03 47.47 11.05
CA SER A 261 -17.61 48.53 10.24
C SER A 261 -19.11 48.61 10.43
N ALA A 262 -19.78 47.46 10.57
CA ALA A 262 -21.22 47.45 10.79
C ALA A 262 -21.58 47.91 12.21
N ILE A 263 -20.66 47.72 13.16
CA ILE A 263 -20.91 48.17 14.52
C ILE A 263 -20.92 49.69 14.59
N GLU A 264 -19.90 50.32 14.03
CA GLU A 264 -19.79 51.78 14.07
C GLU A 264 -20.85 52.47 13.22
N LEU A 265 -21.58 51.73 12.39
CA LEU A 265 -22.71 52.30 11.66
C LEU A 265 -24.02 52.12 12.40
N ASP A 266 -24.14 51.06 13.21
CA ASP A 266 -25.34 50.89 14.02
C ASP A 266 -25.36 51.88 15.18
N LYS A 267 -24.23 52.06 15.86
CA LYS A 267 -24.15 53.04 16.93
C LYS A 267 -24.00 54.47 16.41
N LYS A 268 -23.90 54.65 15.10
CA LYS A 268 -24.07 55.96 14.49
C LYS A 268 -25.53 56.29 14.26
N LEU A 269 -26.44 55.39 14.61
CA LEU A 269 -27.88 55.62 14.55
C LEU A 269 -28.54 55.62 15.92
N LEU A 270 -28.06 54.83 16.87
CA LEU A 270 -28.44 55.01 18.26
C LEU A 270 -27.91 56.33 18.82
N ASP A 271 -26.88 56.88 18.20
CA ASP A 271 -26.37 58.21 18.53
C ASP A 271 -27.12 59.33 17.83
N PHE A 272 -27.83 59.02 16.74
CA PHE A 272 -28.60 60.01 16.02
C PHE A 272 -30.09 59.99 16.35
N SER A 273 -30.64 58.83 16.71
CA SER A 273 -32.07 58.76 17.01
C SER A 273 -32.42 59.51 18.28
N GLU A 274 -31.48 59.62 19.21
CA GLU A 274 -31.72 60.39 20.43
C GLU A 274 -31.54 61.88 20.19
N GLN A 275 -30.55 62.26 19.39
CA GLN A 275 -30.40 63.64 18.95
C GLN A 275 -31.21 63.88 17.67
N MET A 276 -32.54 63.73 17.82
CA MET A 276 -33.46 63.84 16.70
C MET A 276 -34.50 64.93 16.90
N GLU A 277 -34.15 65.97 17.65
CA GLU A 277 -35.03 67.13 17.79
C GLU A 277 -34.75 68.12 16.67
N ALA A 278 -33.66 68.87 16.78
CA ALA A 278 -33.25 69.74 15.68
C ALA A 278 -32.86 68.93 14.46
N LEU A 279 -32.05 67.89 14.66
CA LEU A 279 -31.69 66.99 13.57
C LEU A 279 -32.92 66.19 13.15
N GLY A 280 -33.17 66.12 11.84
CA GLY A 280 -34.36 65.47 11.33
C GLY A 280 -35.60 66.07 11.97
N TYR A 281 -35.79 67.38 11.79
CA TYR A 281 -36.82 68.09 12.55
C TYR A 281 -38.24 67.58 12.31
N PRO A 282 -38.66 67.19 11.09
CA PRO A 282 -40.00 66.60 10.97
C PRO A 282 -39.96 65.09 11.19
N VAL A 283 -40.05 64.67 12.45
CA VAL A 283 -39.92 63.26 12.81
C VAL A 283 -41.17 62.49 12.38
N ASP A 284 -42.22 62.57 13.18
CA ASP A 284 -43.43 61.79 12.94
C ASP A 284 -44.38 62.43 11.94
N LEU A 285 -43.91 63.37 11.14
CA LEU A 285 -44.72 63.97 10.08
C LEU A 285 -44.83 62.98 8.92
N LYS A 286 -46.05 62.51 8.66
CA LYS A 286 -46.28 61.55 7.58
C LYS A 286 -46.23 62.23 6.23
N THR A 287 -45.03 62.59 5.78
CA THR A 287 -44.83 63.33 4.54
C THR A 287 -43.98 62.49 3.59
N VAL A 288 -44.62 61.91 2.59
CA VAL A 288 -43.90 61.13 1.59
C VAL A 288 -42.99 62.03 0.76
N ASP A 289 -43.47 63.21 0.40
CA ASP A 289 -42.71 64.19 -0.36
C ASP A 289 -41.69 64.95 0.49
N ASP A 290 -41.56 64.59 1.77
CA ASP A 290 -40.54 65.14 2.65
C ASP A 290 -39.70 64.05 3.32
N LEU A 291 -40.16 62.79 3.28
CA LEU A 291 -39.36 61.68 3.78
C LEU A 291 -37.98 61.62 3.12
N ILE A 292 -37.88 62.13 1.89
CA ILE A 292 -36.57 62.31 1.27
C ILE A 292 -35.68 63.16 2.16
N LYS A 293 -36.16 64.35 2.53
CA LYS A 293 -35.38 65.26 3.37
C LYS A 293 -35.08 64.65 4.73
N VAL A 294 -35.92 63.73 5.20
CA VAL A 294 -35.71 63.13 6.51
C VAL A 294 -34.35 62.45 6.58
N MET A 295 -33.97 61.76 5.51
CA MET A 295 -32.64 61.15 5.43
C MET A 295 -31.76 61.76 4.36
N ASP A 296 -32.23 62.77 3.64
CA ASP A 296 -31.33 63.57 2.81
C ASP A 296 -30.31 64.31 3.67
N GLY A 297 -30.64 64.56 4.94
CA GLY A 297 -29.70 65.12 5.88
C GLY A 297 -28.90 64.04 6.57
N ILE A 298 -29.42 62.81 6.58
CA ILE A 298 -28.65 61.68 7.09
C ILE A 298 -27.44 61.43 6.20
N LYS A 299 -27.50 61.83 4.93
CA LYS A 299 -26.33 61.76 4.05
C LYS A 299 -25.14 62.49 4.67
N GLU A 300 -25.38 63.60 5.36
CA GLU A 300 -24.33 64.30 6.08
C GLU A 300 -24.34 64.02 7.58
N HIS A 301 -25.45 63.52 8.12
CA HIS A 301 -25.50 63.24 9.55
C HIS A 301 -24.73 61.98 9.91
N VAL A 302 -24.61 61.02 8.98
CA VAL A 302 -23.87 59.80 9.26
C VAL A 302 -22.86 59.50 8.15
N ILE A 303 -23.30 59.52 6.89
CA ILE A 303 -22.45 59.05 5.79
C ILE A 303 -21.22 59.94 5.65
N GLY A 304 -21.43 61.25 5.61
CA GLY A 304 -20.31 62.18 5.50
C GLY A 304 -19.37 62.16 6.69
N GLU A 305 -19.86 61.73 7.86
CA GLU A 305 -19.06 61.68 9.08
C GLU A 305 -18.43 60.32 9.33
N LEU A 306 -18.36 59.46 8.31
CA LEU A 306 -17.79 58.13 8.44
C LEU A 306 -16.55 57.95 7.57
N LYS A 307 -15.79 59.04 7.37
CA LYS A 307 -14.40 59.01 6.91
C LYS A 307 -14.23 58.55 5.46
N LEU A 308 -15.30 58.64 4.64
CA LEU A 308 -15.29 58.13 3.27
C LEU A 308 -15.00 56.63 3.31
N TRP A 309 -14.97 56.06 4.51
CA TRP A 309 -14.75 54.65 4.76
C TRP A 309 -13.41 54.16 4.24
N GLU A 310 -12.36 54.37 5.04
CA GLU A 310 -11.06 53.79 4.78
C GLU A 310 -11.04 52.28 4.95
N PHE A 311 -12.16 51.68 5.37
CA PHE A 311 -12.25 50.23 5.49
C PHE A 311 -11.94 49.54 4.17
N TYR A 312 -12.28 50.17 3.04
CA TYR A 312 -11.98 49.64 1.72
C TYR A 312 -10.72 50.27 1.12
N VAL A 313 -10.62 51.59 1.18
CA VAL A 313 -9.66 52.34 0.38
C VAL A 313 -8.33 52.42 1.12
N VAL A 314 -7.25 52.19 0.39
CA VAL A 314 -5.90 52.38 0.93
C VAL A 314 -5.67 53.86 1.16
N ASP A 315 -5.14 54.20 2.35
CA ASP A 315 -4.82 55.58 2.65
C ASP A 315 -3.71 56.07 1.72
N VAL A 316 -4.06 56.97 0.80
CA VAL A 316 -3.14 57.36 -0.27
C VAL A 316 -1.95 58.12 0.29
N LYS A 317 -2.22 59.23 1.00
CA LYS A 317 -1.12 60.07 1.47
C LYS A 317 -0.42 59.47 2.68
N GLN A 318 -1.10 58.67 3.48
CA GLN A 318 -0.45 57.99 4.60
C GLN A 318 0.36 56.78 4.15
N THR A 319 0.30 56.43 2.86
CA THR A 319 1.20 55.42 2.30
C THR A 319 2.44 56.07 1.70
N VAL A 320 2.26 57.20 1.00
CA VAL A 320 3.40 57.99 0.54
C VAL A 320 4.22 58.47 1.74
N SER A 321 3.54 58.81 2.84
CA SER A 321 4.26 59.08 4.08
C SER A 321 5.04 57.86 4.53
N GLU A 322 4.38 56.69 4.56
CA GLU A 322 5.06 55.45 4.86
C GLU A 322 6.10 55.10 3.80
N LEU A 323 5.85 55.50 2.55
CA LEU A 323 6.83 55.28 1.48
C LEU A 323 8.13 56.02 1.78
N ARG A 324 8.05 57.36 1.88
CA ARG A 324 9.22 58.15 2.24
C ARG A 324 9.80 57.72 3.59
N GLU A 325 8.97 57.23 4.50
CA GLU A 325 9.45 56.78 5.80
C GLU A 325 10.52 55.70 5.65
N LYS A 326 10.19 54.61 4.95
CA LYS A 326 11.12 53.51 4.72
C LYS A 326 11.35 53.38 3.21
N TRP A 327 12.16 54.28 2.67
CA TRP A 327 12.63 54.20 1.29
C TRP A 327 13.95 53.47 1.17
N GLY A 328 14.60 53.15 2.29
CA GLY A 328 15.87 52.44 2.29
C GLY A 328 15.72 51.04 2.87
N ASN A 329 16.35 50.07 2.21
CA ASN A 329 16.30 48.68 2.64
C ASN A 329 17.59 47.96 2.27
N ASP A 336 10.88 39.14 -12.62
CA ASP A 336 10.77 39.81 -13.91
C ASP A 336 9.31 40.08 -14.26
N ASN A 337 8.44 39.96 -13.26
CA ASN A 337 7.01 40.16 -13.42
C ASN A 337 6.61 41.63 -13.43
N ILE A 338 7.56 42.54 -13.57
CA ILE A 338 7.26 43.97 -13.45
C ILE A 338 6.54 44.45 -14.72
N PRO A 339 5.37 45.07 -14.61
CA PRO A 339 4.76 45.67 -15.80
C PRO A 339 5.26 47.09 -16.02
N SER A 340 4.39 47.97 -16.51
CA SER A 340 4.71 49.38 -16.75
C SER A 340 3.41 50.09 -17.08
N LYS A 341 3.52 51.34 -17.56
CA LYS A 341 2.34 52.06 -18.02
C LYS A 341 1.72 51.41 -19.24
N ASP A 342 2.48 50.55 -19.93
CA ASP A 342 1.96 49.84 -21.10
C ASP A 342 0.82 48.90 -20.72
N ASP A 343 0.84 48.38 -19.50
CA ASP A 343 -0.32 47.68 -18.92
C ASP A 343 -0.91 48.57 -17.83
N SER A 344 -1.60 49.62 -18.28
CA SER A 344 -2.07 50.71 -17.43
C SER A 344 -2.60 50.25 -16.08
N THR A 345 -3.62 49.38 -16.08
CA THR A 345 -4.23 48.94 -14.84
C THR A 345 -3.71 47.59 -14.36
N ASN A 346 -3.11 46.79 -15.24
CA ASN A 346 -2.41 45.60 -14.78
C ASN A 346 -1.20 45.97 -13.94
N LEU A 347 -0.58 47.13 -14.23
CA LEU A 347 0.46 47.66 -13.36
C LEU A 347 -0.07 47.88 -11.95
N ALA A 348 -1.28 48.42 -11.83
CA ALA A 348 -1.86 48.68 -10.52
C ALA A 348 -2.19 47.39 -9.80
N GLN A 349 -2.87 46.46 -10.48
CA GLN A 349 -3.25 45.20 -9.85
C GLN A 349 -2.06 44.29 -9.62
N PHE A 350 -0.92 44.56 -10.26
CA PHE A 350 0.29 43.80 -9.96
C PHE A 350 0.68 43.97 -8.50
N VAL A 351 0.57 45.20 -7.98
CA VAL A 351 0.80 45.44 -6.56
C VAL A 351 -0.25 44.73 -5.73
N ARG A 352 -1.50 44.71 -6.22
CA ARG A 352 -2.58 44.12 -5.46
C ARG A 352 -2.40 42.63 -5.24
N ASP A 353 -1.65 41.96 -6.12
CA ASP A 353 -1.45 40.52 -6.04
C ASP A 353 0.01 40.13 -5.78
N ASN A 354 0.92 41.10 -5.68
CA ASN A 354 2.32 40.80 -5.41
C ASN A 354 2.96 41.66 -4.32
N ALA A 355 2.35 42.78 -3.94
CA ALA A 355 2.94 43.66 -2.94
C ALA A 355 2.01 43.98 -1.76
N THR A 356 0.82 43.41 -1.73
CA THR A 356 -0.05 43.58 -0.57
C THR A 356 0.41 42.65 0.56
N GLU A 357 -0.02 42.98 1.77
CA GLU A 357 0.36 42.27 2.98
C GLU A 357 -0.77 41.36 3.45
N PRO A 358 -0.47 40.41 4.36
CA PRO A 358 -1.51 39.51 4.88
C PRO A 358 -2.77 40.23 5.34
N GLY A 359 -3.86 40.01 4.62
CA GLY A 359 -5.14 40.61 4.97
C GLY A 359 -5.54 41.77 4.08
N PHE A 360 -5.68 41.50 2.78
CA PHE A 360 -6.08 42.53 1.82
C PHE A 360 -7.47 42.21 1.29
N GLY A 361 -8.17 43.26 0.86
CA GLY A 361 -9.57 43.10 0.47
C GLY A 361 -10.41 42.53 1.59
N SER A 362 -10.11 42.91 2.83
CA SER A 362 -10.68 42.27 4.01
C SER A 362 -11.29 43.32 4.92
N LEU A 363 -12.58 43.18 5.18
CA LEU A 363 -13.23 44.03 6.18
C LEU A 363 -12.81 43.59 7.57
N GLY A 364 -12.46 44.56 8.43
CA GLY A 364 -12.05 44.27 9.78
C GLY A 364 -11.74 45.54 10.54
N GLU A 365 -10.49 45.96 10.51
CA GLU A 365 -10.10 47.25 11.07
C GLU A 365 -10.28 48.34 10.03
N ARG A 366 -10.25 49.59 10.48
CA ARG A 366 -10.38 50.72 9.57
C ARG A 366 -9.22 50.75 8.57
N GLY A 367 -8.02 50.42 9.04
CA GLY A 367 -6.86 50.33 8.16
C GLY A 367 -6.40 48.92 7.97
N SER A 368 -7.35 47.99 7.77
CA SER A 368 -7.00 46.58 7.61
C SER A 368 -6.20 46.34 6.35
N ASN A 369 -6.63 46.92 5.23
CA ASN A 369 -5.90 46.79 3.98
C ASN A 369 -4.76 47.81 3.95
N LYS A 370 -3.56 47.34 3.58
CA LYS A 370 -2.40 48.22 3.47
C LYS A 370 -1.38 47.65 2.48
N ILE A 371 -0.11 48.03 2.65
CA ILE A 371 0.93 47.68 1.69
C ILE A 371 2.18 47.24 2.43
N ASN A 372 2.99 46.42 1.76
CA ASN A 372 4.24 45.91 2.32
C ASN A 372 5.38 46.82 1.87
N ILE A 373 5.79 47.74 2.76
CA ILE A 373 6.79 48.74 2.39
C ILE A 373 8.20 48.18 2.32
N ASP A 374 8.46 47.03 2.95
CA ASP A 374 9.83 46.51 2.98
C ASP A 374 10.20 45.81 1.67
N LYS A 375 9.23 45.24 0.97
CA LYS A 375 9.47 44.66 -0.35
C LYS A 375 8.87 45.49 -1.48
N PHE A 376 8.05 46.49 -1.16
CA PHE A 376 7.67 47.48 -2.18
C PHE A 376 8.90 48.16 -2.75
N ALA A 377 9.94 48.33 -1.93
CA ALA A 377 11.18 48.92 -2.41
C ALA A 377 11.88 48.03 -3.43
N ALA A 378 12.03 46.74 -3.09
CA ALA A 378 12.71 45.81 -4.00
C ALA A 378 12.00 45.73 -5.34
N ILE A 379 10.68 45.83 -5.34
CA ILE A 379 9.93 45.85 -6.60
C ILE A 379 10.09 47.20 -7.28
N LEU A 380 9.84 48.29 -6.54
CA LEU A 380 10.02 49.63 -7.09
C LEU A 380 11.47 49.96 -7.40
N LYS A 381 12.42 49.11 -6.96
CA LYS A 381 13.80 49.31 -7.37
C LYS A 381 13.99 48.91 -8.83
N LYS A 382 13.35 47.83 -9.27
CA LYS A 382 13.37 47.41 -10.67
C LYS A 382 12.31 48.20 -11.46
N LEU A 383 12.40 49.53 -11.36
CA LEU A 383 11.38 50.39 -11.95
C LEU A 383 11.97 51.70 -12.46
N HIS A 384 11.60 52.81 -11.81
CA HIS A 384 11.98 54.13 -12.31
C HIS A 384 12.86 54.87 -11.31
N SER A 385 12.52 56.13 -11.03
CA SER A 385 13.32 57.00 -10.18
C SER A 385 13.57 56.41 -8.81
N GLU A 386 14.82 56.08 -8.52
CA GLU A 386 15.21 55.60 -7.18
C GLU A 386 15.31 56.74 -6.18
N ASP A 387 14.45 57.74 -6.30
CA ASP A 387 14.39 58.88 -5.39
C ASP A 387 12.97 59.38 -5.39
N TYR A 388 12.41 59.58 -4.19
CA TYR A 388 10.95 59.69 -4.05
C TYR A 388 10.42 61.01 -4.61
N ASN A 389 11.11 62.12 -4.29
CA ASN A 389 10.56 63.46 -4.54
C ASN A 389 10.16 63.64 -6.00
N ASN A 390 10.89 63.01 -6.91
CA ASN A 390 10.86 63.22 -8.35
C ASN A 390 9.48 62.98 -8.98
N GLY A 391 8.42 63.05 -8.18
CA GLY A 391 7.11 62.77 -8.69
C GLY A 391 6.64 61.35 -8.48
N ILE A 392 7.46 60.50 -7.85
CA ILE A 392 6.98 59.20 -7.39
C ILE A 392 5.78 59.38 -6.48
N GLU A 393 5.67 60.53 -5.81
CA GLU A 393 4.50 60.88 -5.02
C GLU A 393 3.22 60.77 -5.87
N GLU A 394 3.11 61.61 -6.90
CA GLU A 394 1.94 61.55 -7.78
C GLU A 394 1.85 60.22 -8.52
N LEU A 395 3.01 59.64 -8.89
CA LEU A 395 3.01 58.34 -9.56
C LEU A 395 2.39 57.27 -8.66
N ALA A 396 2.93 57.12 -7.43
CA ALA A 396 2.36 56.16 -6.49
C ALA A 396 0.93 56.54 -6.13
N THR A 397 0.67 57.83 -5.93
CA THR A 397 -0.69 58.28 -5.64
C THR A 397 -1.66 57.83 -6.71
N LYS A 398 -1.25 57.91 -7.98
CA LYS A 398 -2.09 57.39 -9.06
C LYS A 398 -2.12 55.87 -9.05
N ILE A 399 -0.96 55.24 -8.83
CA ILE A 399 -0.91 53.78 -8.69
C ILE A 399 -1.86 53.34 -7.58
N LEU A 400 -1.78 54.00 -6.42
CA LEU A 400 -2.69 53.70 -5.33
C LEU A 400 -4.13 54.05 -5.69
N ASN A 401 -4.35 55.22 -6.33
CA ASN A 401 -5.69 55.60 -6.74
C ASN A 401 -6.25 54.60 -7.75
N ASP A 402 -5.41 54.07 -8.64
CA ASP A 402 -5.86 53.02 -9.55
C ASP A 402 -6.19 51.74 -8.80
N ILE A 403 -5.45 51.45 -7.71
CA ILE A 403 -5.76 50.27 -6.90
C ILE A 403 -7.10 50.45 -6.19
N ASN A 404 -7.43 51.67 -5.79
CA ASN A 404 -8.66 51.95 -5.06
C ASN A 404 -9.85 52.21 -5.97
N LEU A 405 -9.67 52.17 -7.29
CA LEU A 405 -10.81 52.33 -8.19
C LEU A 405 -11.85 51.23 -8.01
N PRO A 406 -11.50 49.93 -7.92
CA PRO A 406 -12.55 48.94 -7.64
C PRO A 406 -13.08 49.02 -6.23
N PHE A 407 -12.26 49.46 -5.26
CA PHE A 407 -12.74 49.59 -3.89
C PHE A 407 -13.74 50.73 -3.76
N TYR A 408 -13.50 51.84 -4.47
CA TYR A 408 -14.45 52.94 -4.48
C TYR A 408 -15.77 52.52 -5.11
N LYS A 409 -15.72 51.80 -6.24
CA LYS A 409 -16.94 51.32 -6.86
C LYS A 409 -17.59 50.23 -6.04
N GLU A 410 -16.80 49.45 -5.28
CA GLU A 410 -17.37 48.55 -4.29
C GLU A 410 -18.05 49.32 -3.17
N TYR A 411 -17.63 50.58 -2.94
CA TYR A 411 -18.21 51.39 -1.88
C TYR A 411 -19.52 52.03 -2.32
N ASP A 412 -19.56 52.57 -3.53
CA ASP A 412 -20.78 53.21 -4.02
C ASP A 412 -21.92 52.22 -4.16
N ASP A 413 -21.62 50.99 -4.60
CA ASP A 413 -22.64 49.96 -4.64
C ASP A 413 -23.04 49.52 -3.24
N ASP A 414 -22.13 49.62 -2.27
CA ASP A 414 -22.48 49.30 -0.89
C ASP A 414 -23.39 50.35 -0.29
N ILE A 415 -23.00 51.63 -0.40
CA ILE A 415 -23.74 52.70 0.24
C ILE A 415 -25.16 52.80 -0.32
N ASN A 416 -25.30 52.65 -1.64
CA ASN A 416 -26.63 52.71 -2.24
C ASN A 416 -27.56 51.68 -1.62
N GLU A 417 -27.06 50.47 -1.38
CA GLU A 417 -27.86 49.44 -0.73
C GLU A 417 -28.06 49.72 0.76
N VAL A 418 -27.20 50.53 1.37
CA VAL A 418 -27.35 50.84 2.79
C VAL A 418 -28.58 51.71 3.00
N LEU A 419 -28.74 52.75 2.19
CA LEU A 419 -29.86 53.68 2.38
C LEU A 419 -31.09 53.31 1.56
N GLU A 420 -30.93 52.59 0.45
CA GLU A 420 -32.10 52.10 -0.27
C GLU A 420 -32.89 51.11 0.59
N GLN A 421 -32.19 50.26 1.32
CA GLN A 421 -32.86 49.38 2.27
C GLN A 421 -33.48 50.15 3.41
N LEU A 422 -32.99 51.36 3.70
CA LEU A 422 -33.50 52.13 4.83
C LEU A 422 -34.81 52.82 4.50
N PHE A 423 -34.86 53.61 3.42
CA PHE A 423 -36.09 54.34 3.13
C PHE A 423 -37.19 53.43 2.58
N ASN A 424 -36.93 52.14 2.40
CA ASN A 424 -37.97 51.19 2.04
C ASN A 424 -38.60 50.55 3.27
N ARG A 425 -37.80 50.26 4.31
CA ARG A 425 -38.33 49.64 5.52
C ARG A 425 -38.93 50.66 6.47
N ILE A 426 -38.38 51.87 6.52
CA ILE A 426 -38.93 52.92 7.39
C ILE A 426 -40.40 53.14 7.07
N LYS A 427 -40.77 53.04 5.80
CA LYS A 427 -42.15 53.16 5.37
C LYS A 427 -43.04 52.12 6.04
N TYR A 428 -42.80 50.83 5.71
CA TYR A 428 -43.71 49.77 6.13
C TYR A 428 -43.94 49.76 7.63
N LEU A 429 -42.87 49.95 8.42
CA LEU A 429 -42.99 49.86 9.87
C LEU A 429 -43.99 50.85 10.42
N ARG A 430 -43.98 52.09 9.90
CA ARG A 430 -44.85 53.15 10.40
C ARG A 430 -45.78 53.68 9.32
N ILE A 431 -45.23 54.20 8.21
CA ILE A 431 -46.05 54.80 7.17
C ILE A 431 -46.92 53.74 6.50
N ASP A 432 -48.18 54.10 6.22
CA ASP A 432 -49.16 53.17 5.69
C ASP A 432 -48.77 52.75 4.28
N ASP A 433 -47.84 51.80 4.19
CA ASP A 433 -47.63 51.08 2.94
C ASP A 433 -48.75 50.08 2.73
N HIS A 434 -48.90 49.13 3.64
CA HIS A 434 -49.97 48.15 3.62
C HIS A 434 -50.33 47.77 5.05
N GLY A 435 -49.32 47.71 5.91
CA GLY A 435 -49.52 47.45 7.33
C GLY A 435 -48.86 48.51 8.19
N PRO A 436 -49.64 49.52 8.58
CA PRO A 436 -49.08 50.65 9.33
C PRO A 436 -48.97 50.38 10.83
N LYS A 437 -48.08 51.14 11.45
CA LYS A 437 -47.85 51.13 12.89
C LYS A 437 -46.92 52.27 13.27
N GLN A 438 -47.45 53.49 13.35
CA GLN A 438 -46.64 54.69 13.46
C GLN A 438 -45.85 54.73 14.76
N GLY A 439 -44.91 55.68 14.82
CA GLY A 439 -44.07 55.86 15.98
C GLY A 439 -42.90 56.78 15.66
N PRO A 440 -42.66 57.77 16.55
CA PRO A 440 -41.55 58.70 16.31
C PRO A 440 -40.22 58.17 16.82
N ILE A 441 -39.93 58.41 18.10
CA ILE A 441 -38.68 57.97 18.72
C ILE A 441 -38.92 57.72 20.20
N THR A 442 -38.11 56.83 20.76
CA THR A 442 -38.08 56.53 22.20
C THR A 442 -36.91 55.61 22.49
N LYS A 443 -37.06 54.77 23.52
CA LYS A 443 -36.25 53.57 23.67
C LYS A 443 -37.01 52.31 23.33
N LYS A 444 -38.34 52.33 23.52
CA LYS A 444 -39.18 51.23 23.06
C LYS A 444 -39.20 51.17 21.54
N LEU A 445 -39.25 52.34 20.89
CA LEU A 445 -39.22 52.45 19.44
C LEU A 445 -38.19 53.49 19.02
N PRO A 446 -37.37 53.20 18.02
CA PRO A 446 -36.39 54.18 17.55
C PRO A 446 -36.65 54.62 16.13
N LEU A 447 -35.57 55.00 15.43
CA LEU A 447 -35.58 55.21 13.99
C LEU A 447 -35.06 54.00 13.22
N SER A 448 -33.98 53.40 13.71
CA SER A 448 -33.37 52.23 13.09
C SER A 448 -33.51 51.04 14.02
N GLU A 449 -33.91 49.90 13.47
CA GLU A 449 -34.02 48.70 14.27
C GLU A 449 -32.64 48.28 14.75
N PRO A 450 -32.52 47.79 15.99
CA PRO A 450 -31.19 47.52 16.54
C PRO A 450 -30.47 46.41 15.79
N TYR A 451 -29.20 46.65 15.48
CA TYR A 451 -28.38 45.70 14.75
C TYR A 451 -27.29 45.06 15.60
N PHE A 452 -26.89 45.68 16.71
CA PHE A 452 -25.80 45.14 17.51
C PHE A 452 -26.11 45.40 18.99
N THR A 453 -26.64 44.38 19.67
CA THR A 453 -26.93 44.50 21.11
C THR A 453 -25.63 44.73 21.88
N ARG A 454 -25.47 45.93 22.43
CA ARG A 454 -24.24 46.34 23.09
C ARG A 454 -24.40 46.34 24.60
N PHE A 455 -23.33 45.97 25.30
CA PHE A 455 -23.34 45.91 26.75
C PHE A 455 -21.90 45.92 27.25
N LYS A 456 -21.76 46.08 28.56
CA LYS A 456 -20.46 46.00 29.22
C LYS A 456 -20.37 44.68 29.98
N ALA A 457 -19.24 43.99 29.83
CA ALA A 457 -19.07 42.65 30.37
C ALA A 457 -18.35 42.68 31.72
N LYS A 458 -18.23 41.49 32.32
CA LYS A 458 -17.58 41.38 33.62
C LYS A 458 -16.08 41.60 33.53
N ASP A 459 -15.52 41.59 32.32
CA ASP A 459 -14.12 41.96 32.14
C ASP A 459 -13.94 43.47 32.03
N GLY A 460 -15.00 44.25 32.15
CA GLY A 460 -14.95 45.69 32.14
C GLY A 460 -15.10 46.33 30.78
N GLU A 461 -14.71 45.63 29.71
CA GLU A 461 -14.72 46.22 28.39
C GLU A 461 -16.15 46.38 27.86
N GLU A 462 -16.32 47.33 26.95
CA GLU A 462 -17.60 47.56 26.28
C GLU A 462 -17.64 46.66 25.05
N TYR A 463 -18.37 45.56 25.15
CA TYR A 463 -18.46 44.61 24.04
C TYR A 463 -19.56 45.00 23.08
N ALA A 464 -19.68 44.25 21.99
CA ALA A 464 -20.67 44.53 20.95
C ALA A 464 -20.99 43.23 20.22
N LEU A 465 -21.97 42.50 20.76
CA LEU A 465 -22.57 41.38 20.04
C LEU A 465 -23.65 41.95 19.12
N ALA A 466 -24.48 41.08 18.55
CA ALA A 466 -25.58 41.53 17.72
C ALA A 466 -26.73 40.55 17.79
N ASN A 467 -27.81 40.88 17.09
CA ASN A 467 -28.99 40.05 17.00
C ASN A 467 -28.90 39.23 15.71
N ASN A 468 -29.89 38.34 15.52
CA ASN A 468 -30.00 37.58 14.29
C ASN A 468 -31.39 37.79 13.71
N GLY A 469 -31.60 37.25 12.52
CA GLY A 469 -32.88 37.39 11.84
C GLY A 469 -32.96 36.60 10.55
N TRP A 470 -33.38 37.25 9.47
CA TRP A 470 -33.54 36.55 8.20
C TRP A 470 -33.43 37.55 7.05
N ILE A 471 -32.49 37.31 6.14
CA ILE A 471 -32.48 38.05 4.88
C ILE A 471 -33.66 37.59 4.02
N TRP A 472 -34.02 38.43 3.05
CA TRP A 472 -35.13 38.11 2.16
C TRP A 472 -34.88 36.81 1.43
N ASP A 473 -33.89 36.80 0.52
CA ASP A 473 -33.43 35.57 -0.12
C ASP A 473 -31.91 35.60 -0.12
N GLY A 474 -31.30 34.61 0.52
CA GLY A 474 -29.86 34.55 0.61
C GLY A 474 -29.36 33.17 0.99
N ASN A 475 -29.41 32.24 0.03
CA ASN A 475 -28.98 30.85 0.15
C ASN A 475 -29.60 30.10 1.33
N PRO A 476 -30.67 30.64 1.97
CA PRO A 476 -30.96 30.34 3.38
C PRO A 476 -30.12 29.28 4.08
N LEU A 477 -28.79 29.36 3.94
CA LEU A 477 -27.87 28.44 4.59
C LEU A 477 -26.59 29.09 5.06
N VAL A 478 -26.32 30.35 4.71
CA VAL A 478 -25.09 31.01 5.08
C VAL A 478 -25.35 31.88 6.31
N ASP A 479 -24.29 32.15 7.06
CA ASP A 479 -24.37 33.00 8.24
C ASP A 479 -24.18 34.44 7.79
N PHE A 480 -25.25 35.23 7.85
CA PHE A 480 -25.13 36.67 7.61
C PHE A 480 -24.14 37.31 8.57
N ALA A 481 -23.88 36.68 9.72
CA ALA A 481 -22.87 37.15 10.65
C ALA A 481 -21.47 36.68 10.28
N SER A 482 -21.34 35.68 9.42
CA SER A 482 -20.02 35.21 9.02
C SER A 482 -19.35 36.21 8.10
N SER A 483 -18.04 36.02 7.90
CA SER A 483 -17.27 36.93 7.07
C SER A 483 -17.65 36.88 5.59
N GLN A 484 -18.26 35.78 5.15
CA GLN A 484 -18.65 35.67 3.75
C GLN A 484 -19.77 36.65 3.38
N SER A 485 -20.57 37.08 4.35
CA SER A 485 -21.69 37.97 4.11
C SER A 485 -21.34 39.41 4.48
N LYS A 486 -22.08 40.34 3.87
CA LYS A 486 -21.96 41.77 4.15
C LYS A 486 -23.33 42.34 4.52
N ALA A 487 -24.21 41.48 5.05
CA ALA A 487 -25.60 41.87 5.26
C ALA A 487 -25.74 42.85 6.41
N TYR A 488 -24.97 42.64 7.50
CA TYR A 488 -25.03 43.59 8.61
C TYR A 488 -24.47 44.95 8.21
N LEU A 489 -23.53 44.98 7.27
CA LEU A 489 -22.98 46.25 6.79
C LEU A 489 -23.98 46.95 5.88
N ARG A 490 -24.39 46.30 4.79
CA ARG A 490 -25.34 46.88 3.85
C ARG A 490 -26.77 46.90 4.39
N ARG A 491 -26.97 46.54 5.65
CA ARG A 491 -28.26 46.63 6.32
C ARG A 491 -29.32 45.73 5.68
N GLU A 492 -28.91 44.57 5.18
CA GLU A 492 -29.83 43.59 4.57
C GLU A 492 -30.30 42.55 5.57
N VAL A 493 -30.58 42.94 6.81
CA VAL A 493 -30.97 42.00 7.86
C VAL A 493 -32.26 42.49 8.50
N ILE A 494 -33.29 41.64 8.49
CA ILE A 494 -34.50 41.87 9.26
C ILE A 494 -34.27 41.27 10.64
N VAL A 495 -34.06 42.13 11.64
CA VAL A 495 -33.52 41.72 12.92
C VAL A 495 -34.64 41.39 13.90
N TRP A 496 -34.29 40.69 14.95
CA TRP A 496 -35.14 40.44 16.11
C TRP A 496 -34.38 40.94 17.33
N GLY A 497 -34.76 42.12 17.83
CA GLY A 497 -34.11 42.66 19.01
C GLY A 497 -34.27 41.79 20.24
N ASP A 498 -35.29 40.95 20.29
CA ASP A 498 -35.48 40.05 21.43
C ASP A 498 -34.32 39.08 21.55
N CYS A 499 -33.84 38.56 20.43
CA CYS A 499 -32.82 37.53 20.41
C CYS A 499 -31.46 38.12 20.06
N VAL A 500 -30.41 37.35 20.38
CA VAL A 500 -29.03 37.78 20.16
C VAL A 500 -28.26 36.62 19.56
N LYS A 501 -27.32 36.94 18.65
CA LYS A 501 -26.40 36.00 18.03
C LYS A 501 -26.00 34.83 18.91
N LEU A 502 -25.83 33.65 18.31
CA LEU A 502 -25.13 32.53 18.93
C LEU A 502 -24.06 32.07 17.95
N ARG A 503 -22.80 32.32 18.29
CA ARG A 503 -21.68 32.09 17.39
C ARG A 503 -21.06 30.73 17.69
N TYR A 504 -21.52 29.71 16.99
CA TYR A 504 -20.78 28.47 16.90
C TYR A 504 -19.75 28.60 15.79
N GLY A 505 -18.64 27.88 15.93
CA GLY A 505 -17.62 27.92 14.91
C GLY A 505 -17.54 26.62 14.12
N LYS A 506 -16.33 26.20 13.79
CA LYS A 506 -16.11 24.89 13.19
C LYS A 506 -16.24 23.76 14.20
N GLY A 507 -16.34 24.08 15.48
CA GLY A 507 -16.47 23.11 16.54
C GLY A 507 -16.47 23.79 17.90
N PRO A 508 -16.22 23.01 18.95
CA PRO A 508 -16.14 23.61 20.29
C PRO A 508 -14.95 24.54 20.48
N SER A 509 -13.96 24.50 19.58
CA SER A 509 -12.75 25.29 19.77
C SER A 509 -12.98 26.78 19.51
N ASP A 510 -13.99 27.15 18.73
CA ASP A 510 -14.26 28.54 18.43
C ASP A 510 -15.16 29.22 19.46
N SER A 511 -15.91 28.45 20.24
CA SER A 511 -16.77 28.99 21.28
C SER A 511 -17.00 27.93 22.35
N PRO A 512 -16.04 27.72 23.25
CA PRO A 512 -16.14 26.56 24.16
C PRO A 512 -17.34 26.60 25.07
N TYR A 513 -17.63 27.74 25.70
CA TYR A 513 -18.73 27.79 26.66
C TYR A 513 -20.08 27.64 25.98
N LEU A 514 -20.23 28.17 24.76
CA LEU A 514 -21.49 28.03 24.06
C LEU A 514 -21.80 26.57 23.75
N TRP A 515 -20.81 25.82 23.27
CA TRP A 515 -21.01 24.41 22.99
C TRP A 515 -21.28 23.62 24.27
N GLU A 516 -20.62 24.00 25.37
CA GLU A 516 -20.81 23.27 26.62
C GLU A 516 -22.17 23.58 27.25
N ARG A 517 -22.64 24.82 27.12
CA ARG A 517 -23.91 25.19 27.71
C ARG A 517 -25.08 24.62 26.92
N MET A 518 -25.00 24.66 25.59
CA MET A 518 -26.06 24.09 24.77
C MET A 518 -26.10 22.57 24.87
N SER A 519 -24.97 21.95 25.18
CA SER A 519 -24.96 20.51 25.37
C SER A 519 -25.80 20.10 26.57
N LYS A 520 -25.60 20.77 27.72
CA LYS A 520 -26.38 20.47 28.91
C LYS A 520 -27.79 21.04 28.84
N TYR A 521 -28.04 21.98 27.92
CA TYR A 521 -29.41 22.43 27.68
C TYR A 521 -30.19 21.41 26.84
N VAL A 522 -29.53 20.84 25.83
CA VAL A 522 -30.19 19.86 24.98
C VAL A 522 -30.51 18.59 25.76
N GLU A 523 -29.51 18.04 26.46
CA GLU A 523 -29.72 16.79 27.18
C GLU A 523 -30.60 16.96 28.41
N MET A 524 -30.86 18.19 28.84
CA MET A 524 -31.81 18.40 29.93
C MET A 524 -33.24 18.10 29.46
N ASN A 525 -33.62 18.65 28.31
CA ASN A 525 -34.93 18.36 27.75
C ASN A 525 -35.01 16.96 27.16
N ALA A 526 -33.88 16.36 26.79
CA ALA A 526 -33.89 15.00 26.26
C ALA A 526 -34.19 13.98 27.33
N ARG A 527 -33.82 14.26 28.59
CA ARG A 527 -34.19 13.38 29.69
C ARG A 527 -35.69 13.39 29.94
N ILE A 528 -36.36 14.49 29.62
CA ILE A 528 -37.76 14.69 29.96
C ILE A 528 -38.66 14.32 28.78
N PHE A 529 -38.50 15.03 27.68
CA PHE A 529 -39.45 14.97 26.57
C PHE A 529 -39.13 13.81 25.64
N ASN A 530 -40.11 13.50 24.78
CA ASN A 530 -39.95 12.45 23.78
C ASN A 530 -39.25 12.94 22.52
N GLY A 531 -39.09 14.24 22.34
CA GLY A 531 -38.43 14.73 21.16
C GLY A 531 -38.30 16.24 21.17
N PHE A 532 -37.85 16.77 20.03
CA PHE A 532 -37.59 18.18 19.85
C PHE A 532 -38.37 18.72 18.65
N ARG A 533 -38.38 20.04 18.55
CA ARG A 533 -38.88 20.75 17.38
C ARG A 533 -37.93 21.89 17.09
N ILE A 534 -37.57 22.06 15.82
CA ILE A 534 -36.51 22.99 15.41
C ILE A 534 -37.11 23.98 14.43
N ASN A 535 -37.37 25.20 14.88
CA ASN A 535 -37.83 26.26 14.00
C ASN A 535 -36.66 26.82 13.22
N ASN A 536 -36.88 27.11 11.94
CA ASN A 536 -35.85 27.62 11.05
C ASN A 536 -34.57 26.77 11.11
N CYS A 537 -34.77 25.45 10.98
CA CYS A 537 -33.64 24.53 11.01
C CYS A 537 -32.68 24.77 9.85
N HIS A 538 -33.20 25.29 8.73
CA HIS A 538 -32.35 25.57 7.57
C HIS A 538 -31.30 26.64 7.86
N SER A 539 -31.49 27.45 8.91
CA SER A 539 -30.52 28.46 9.28
C SER A 539 -29.49 27.97 10.28
N THR A 540 -29.76 26.88 10.99
CA THR A 540 -28.78 26.31 11.90
C THR A 540 -27.72 25.56 11.09
N PRO A 541 -26.44 25.83 11.30
CA PRO A 541 -25.39 25.12 10.55
C PRO A 541 -25.48 23.62 10.75
N LEU A 542 -25.04 22.89 9.72
CA LEU A 542 -25.21 21.44 9.71
C LEU A 542 -24.41 20.79 10.83
N HIS A 543 -23.11 21.11 10.93
CA HIS A 543 -22.28 20.49 11.95
C HIS A 543 -22.73 20.85 13.36
N VAL A 544 -23.47 21.94 13.52
CA VAL A 544 -24.02 22.29 14.83
C VAL A 544 -25.22 21.40 15.16
N GLY A 545 -26.15 21.28 14.22
CA GLY A 545 -27.34 20.49 14.49
C GLY A 545 -27.05 19.02 14.63
N GLN A 546 -26.08 18.51 13.87
CA GLN A 546 -25.72 17.10 13.96
C GLN A 546 -25.20 16.74 15.34
N TYR A 547 -24.33 17.58 15.90
CA TYR A 547 -23.70 17.25 17.18
C TYR A 547 -24.73 17.19 18.31
N PHE A 548 -25.54 18.25 18.46
CA PHE A 548 -26.46 18.31 19.59
C PHE A 548 -27.58 17.30 19.48
N LEU A 549 -28.04 17.00 18.25
CA LEU A 549 -29.05 15.97 18.09
C LEU A 549 -28.47 14.59 18.42
N ASP A 550 -27.18 14.37 18.18
CA ASP A 550 -26.56 13.12 18.59
C ASP A 550 -26.41 13.05 20.09
N VAL A 551 -26.12 14.19 20.73
CA VAL A 551 -26.07 14.23 22.19
C VAL A 551 -27.44 13.92 22.78
N ALA A 552 -28.50 14.47 22.17
CA ALA A 552 -29.85 14.20 22.63
C ALA A 552 -30.21 12.74 22.46
N ARG A 553 -29.89 12.16 21.29
CA ARG A 553 -30.21 10.76 21.05
C ARG A 553 -29.46 9.81 21.96
N ARG A 554 -28.29 10.22 22.48
CA ARG A 554 -27.62 9.41 23.49
C ARG A 554 -28.37 9.42 24.81
N VAL A 555 -29.07 10.52 25.11
CA VAL A 555 -29.89 10.58 26.31
C VAL A 555 -31.24 9.90 26.07
N ASN A 556 -31.97 10.36 25.05
CA ASN A 556 -33.23 9.76 24.66
C ASN A 556 -33.05 9.04 23.34
N PRO A 557 -32.85 7.73 23.33
CA PRO A 557 -32.62 7.03 22.05
C PRO A 557 -33.81 7.11 21.10
N ASN A 558 -35.02 7.23 21.62
CA ASN A 558 -36.23 7.37 20.79
C ASN A 558 -36.60 8.83 20.59
N LEU A 559 -35.63 9.69 20.33
CA LEU A 559 -35.89 11.12 20.16
C LEU A 559 -36.61 11.38 18.85
N TYR A 560 -37.79 11.99 18.92
CA TYR A 560 -38.58 12.34 17.75
C TYR A 560 -38.29 13.79 17.37
N VAL A 561 -37.95 14.02 16.11
CA VAL A 561 -37.47 15.32 15.67
C VAL A 561 -38.42 15.87 14.60
N VAL A 562 -38.94 17.08 14.85
CA VAL A 562 -39.73 17.82 13.88
C VAL A 562 -38.95 19.07 13.51
N ALA A 563 -39.10 19.53 12.27
CA ALA A 563 -38.36 20.69 11.81
C ALA A 563 -39.16 21.44 10.75
N GLU A 564 -39.18 22.76 10.87
CA GLU A 564 -39.67 23.64 9.80
C GLU A 564 -38.51 23.87 8.85
N LEU A 565 -38.43 23.06 7.80
CA LEU A 565 -37.27 22.99 6.91
C LEU A 565 -37.69 23.45 5.51
N PHE A 566 -37.35 24.69 5.16
CA PHE A 566 -37.54 25.22 3.82
C PHE A 566 -36.18 25.68 3.32
N SER A 567 -35.39 24.75 2.83
CA SER A 567 -34.07 25.05 2.27
C SER A 567 -34.24 25.44 0.79
N GLY A 568 -33.13 25.45 0.06
CA GLY A 568 -33.17 25.90 -1.33
C GLY A 568 -34.03 25.01 -2.21
N SER A 569 -33.90 23.69 -2.05
CA SER A 569 -34.56 22.75 -2.94
C SER A 569 -34.90 21.48 -2.18
N GLU A 570 -35.51 20.53 -2.88
CA GLU A 570 -35.84 19.25 -2.27
C GLU A 570 -34.59 18.44 -1.93
N ALA A 571 -33.53 18.58 -2.74
CA ALA A 571 -32.31 17.83 -2.47
C ALA A 571 -31.65 18.28 -1.18
N MET A 572 -31.58 19.60 -0.96
CA MET A 572 -31.01 20.11 0.28
C MET A 572 -31.85 19.72 1.49
N ASP A 573 -33.17 19.68 1.32
CA ASP A 573 -34.04 19.21 2.39
C ASP A 573 -33.72 17.77 2.76
N CYS A 574 -33.56 16.91 1.74
CA CYS A 574 -33.26 15.50 2.00
C CYS A 574 -31.89 15.31 2.63
N LEU A 575 -30.92 16.16 2.27
CA LEU A 575 -29.60 16.04 2.87
C LEU A 575 -29.63 16.39 4.35
N PHE A 576 -30.37 17.45 4.72
CA PHE A 576 -30.53 17.78 6.13
C PHE A 576 -31.25 16.65 6.87
N VAL A 577 -32.32 16.11 6.28
CA VAL A 577 -33.03 15.00 6.91
C VAL A 577 -32.11 13.78 7.02
N GLU A 578 -31.24 13.58 6.03
CA GLU A 578 -30.31 12.46 6.07
C GLU A 578 -29.35 12.57 7.24
N ARG A 579 -28.63 13.70 7.32
CA ARG A 579 -27.53 13.80 8.27
C ARG A 579 -28.01 14.15 9.68
N LEU A 580 -28.96 15.07 9.80
CA LEU A 580 -29.42 15.46 11.13
C LEU A 580 -30.21 14.35 11.81
N GLY A 581 -30.88 13.50 11.03
CA GLY A 581 -31.78 12.53 11.58
C GLY A 581 -33.18 13.04 11.85
N ILE A 582 -33.63 14.05 11.09
CA ILE A 582 -34.99 14.56 11.25
C ILE A 582 -35.98 13.47 10.92
N SER A 583 -37.00 13.31 11.77
CA SER A 583 -38.00 12.28 11.58
C SER A 583 -39.28 12.78 10.91
N SER A 584 -39.53 14.09 10.92
CA SER A 584 -40.73 14.64 10.32
C SER A 584 -40.49 16.08 9.89
N LEU A 585 -41.10 16.45 8.77
CA LEU A 585 -41.02 17.82 8.25
C LEU A 585 -42.38 18.49 8.38
N ILE A 586 -42.36 19.78 8.68
CA ILE A 586 -43.58 20.55 8.90
C ILE A 586 -44.11 21.06 7.57
N ARG A 587 -45.38 20.76 7.29
CA ARG A 587 -46.10 21.32 6.16
C ARG A 587 -47.28 22.12 6.69
N GLU A 588 -47.52 23.29 6.10
CA GLU A 588 -48.56 24.21 6.56
C GLU A 588 -49.69 24.24 5.54
N ALA A 589 -50.88 23.84 5.95
CA ALA A 589 -52.03 23.84 5.05
C ALA A 589 -52.54 25.25 4.78
N MET A 590 -52.32 26.17 5.71
CA MET A 590 -52.78 27.55 5.55
C MET A 590 -52.02 28.30 4.46
N GLN A 591 -50.91 27.74 3.95
CA GLN A 591 -50.14 28.43 2.92
C GLN A 591 -50.83 28.41 1.56
N ALA A 592 -51.78 27.50 1.36
CA ALA A 592 -52.51 27.44 0.09
C ALA A 592 -53.35 28.69 -0.09
N TRP A 593 -53.06 29.45 -1.15
CA TRP A 593 -53.79 30.70 -1.37
C TRP A 593 -55.18 30.45 -1.92
N SER A 594 -55.39 29.33 -2.60
CA SER A 594 -56.67 29.05 -3.25
C SER A 594 -57.02 27.59 -3.04
N GLU A 595 -58.17 27.19 -3.61
CA GLU A 595 -58.62 25.81 -3.47
C GLU A 595 -57.73 24.85 -4.25
N GLU A 596 -57.22 25.29 -5.41
CA GLU A 596 -56.39 24.40 -6.21
C GLU A 596 -55.05 24.15 -5.53
N GLU A 597 -54.48 25.16 -4.87
CA GLU A 597 -53.23 24.96 -4.16
C GLU A 597 -53.39 24.02 -2.97
N LEU A 598 -54.58 24.00 -2.36
CA LEU A 598 -54.81 23.11 -1.23
C LEU A 598 -54.92 21.66 -1.69
N SER A 599 -55.63 21.42 -2.80
CA SER A 599 -55.73 20.06 -3.32
C SER A 599 -54.37 19.55 -3.78
N ARG A 600 -53.50 20.43 -4.29
CA ARG A 600 -52.16 20.01 -4.67
C ARG A 600 -51.30 19.71 -3.45
N LEU A 601 -51.40 20.56 -2.41
CA LEU A 601 -50.73 20.25 -1.15
C LEU A 601 -51.25 18.95 -0.55
N VAL A 602 -52.57 18.75 -0.60
CA VAL A 602 -53.15 17.50 -0.11
C VAL A 602 -52.71 16.34 -0.99
N HIS A 603 -52.48 16.58 -2.28
CA HIS A 603 -52.07 15.51 -3.18
C HIS A 603 -50.67 15.00 -2.82
N ARG A 604 -49.75 15.91 -2.48
CA ARG A 604 -48.38 15.49 -2.18
C ARG A 604 -48.31 14.59 -0.97
N HIS A 605 -49.05 14.91 0.08
CA HIS A 605 -48.98 14.17 1.34
C HIS A 605 -50.15 13.21 1.53
N GLY A 606 -50.90 12.91 0.47
CA GLY A 606 -52.04 12.02 0.55
C GLY A 606 -51.73 10.55 0.45
N GLY A 607 -50.79 10.20 -0.41
CA GLY A 607 -50.36 8.83 -0.61
C GLY A 607 -50.05 8.61 -2.07
N ARG A 608 -50.16 7.36 -2.49
CA ARG A 608 -49.91 6.94 -3.86
C ARG A 608 -51.23 6.76 -4.60
N PRO A 609 -51.20 6.81 -5.94
CA PRO A 609 -52.43 6.61 -6.71
C PRO A 609 -53.06 5.26 -6.43
N ILE A 610 -54.38 5.20 -6.64
CA ILE A 610 -55.12 3.95 -6.44
C ILE A 610 -54.77 2.97 -7.55
N GLY A 611 -54.53 1.71 -7.16
CA GLY A 611 -54.12 0.71 -8.12
C GLY A 611 -52.66 0.78 -8.50
N SER A 612 -51.80 1.20 -7.57
CA SER A 612 -50.39 1.38 -7.86
C SER A 612 -49.67 0.04 -7.91
N TYR A 613 -48.60 -0.01 -8.72
CA TYR A 613 -47.87 -1.25 -8.91
C TYR A 613 -47.08 -1.62 -7.66
N LYS A 614 -46.94 -2.92 -7.44
CA LYS A 614 -46.21 -3.46 -6.31
C LYS A 614 -44.85 -3.99 -6.78
N PHE A 615 -43.82 -3.71 -6.01
CA PHE A 615 -42.46 -4.13 -6.38
C PHE A 615 -42.31 -5.64 -6.28
N VAL A 616 -41.53 -6.20 -7.20
CA VAL A 616 -41.21 -7.63 -7.19
C VAL A 616 -39.80 -7.84 -7.75
N PRO A 617 -39.03 -8.77 -7.19
CA PRO A 617 -37.77 -9.15 -7.84
C PRO A 617 -38.02 -9.79 -9.19
N LEU A 618 -37.40 -9.23 -10.22
CA LEU A 618 -37.59 -9.72 -11.58
C LEU A 618 -36.29 -10.26 -12.15
N ASP A 619 -36.03 -9.99 -13.43
CA ASP A 619 -34.83 -10.46 -14.10
C ASP A 619 -33.60 -9.56 -13.82
N ASP A 620 -33.60 -8.85 -12.69
CA ASP A 620 -32.50 -7.96 -12.33
C ASP A 620 -31.89 -8.33 -10.98
N PHE A 621 -32.22 -9.50 -10.45
CA PHE A 621 -31.73 -9.97 -9.17
C PHE A 621 -30.99 -11.30 -9.33
N PRO A 622 -30.03 -11.59 -8.46
CA PRO A 622 -29.47 -12.95 -8.42
C PRO A 622 -30.44 -13.89 -7.71
N TYR A 623 -30.46 -15.13 -8.18
CA TYR A 623 -31.32 -16.17 -7.61
C TYR A 623 -30.43 -17.30 -7.11
N PRO A 624 -29.89 -17.18 -5.89
CA PRO A 624 -29.03 -18.23 -5.35
C PRO A 624 -29.82 -19.52 -5.14
N ALA A 625 -29.29 -20.63 -5.66
CA ALA A 625 -29.94 -21.91 -5.48
C ALA A 625 -30.05 -22.26 -4.00
N ASP A 626 -29.00 -21.99 -3.22
CA ASP A 626 -29.00 -22.26 -1.79
C ASP A 626 -29.54 -21.04 -1.04
N VAL A 627 -30.86 -20.86 -1.15
CA VAL A 627 -31.55 -19.75 -0.49
C VAL A 627 -32.66 -20.33 0.37
N LYS A 628 -32.90 -19.68 1.52
CA LYS A 628 -34.02 -20.05 2.36
C LYS A 628 -35.32 -19.53 1.76
N ILE A 629 -36.43 -20.20 2.08
CA ILE A 629 -37.70 -19.91 1.45
C ILE A 629 -38.83 -20.11 2.45
N ASP A 630 -39.88 -19.28 2.31
CA ASP A 630 -41.18 -19.53 2.93
C ASP A 630 -41.97 -20.38 1.94
N GLU A 631 -41.98 -21.70 2.13
CA GLU A 631 -42.59 -22.57 1.15
C GLU A 631 -44.08 -22.28 0.94
N GLU A 632 -44.76 -21.70 1.95
CA GLU A 632 -46.15 -21.27 1.77
C GLU A 632 -46.40 -19.92 2.41
N TYR A 633 -45.38 -19.05 2.44
CA TYR A 633 -45.50 -17.69 2.96
C TYR A 633 -46.08 -17.69 4.36
N CYS A 634 -45.57 -18.60 5.20
CA CYS A 634 -46.16 -18.86 6.50
C CYS A 634 -45.21 -18.69 7.69
N ALA A 635 -43.92 -18.43 7.46
CA ALA A 635 -42.98 -18.25 8.56
C ALA A 635 -42.99 -16.83 9.10
N TYR A 636 -44.20 -16.31 9.34
CA TYR A 636 -44.40 -14.99 9.92
C TYR A 636 -45.34 -15.11 11.11
N ASN A 637 -45.05 -14.35 12.16
CA ASN A 637 -45.91 -14.24 13.32
C ASN A 637 -46.12 -12.76 13.61
N PRO A 638 -47.37 -12.31 13.81
CA PRO A 638 -47.61 -10.88 14.01
C PRO A 638 -46.90 -10.31 15.22
N ASP A 639 -46.65 -11.12 16.25
CA ASP A 639 -45.95 -10.62 17.43
C ASP A 639 -44.47 -10.37 17.15
N ASP A 640 -43.90 -11.06 16.16
CA ASP A 640 -42.51 -10.82 15.81
C ASP A 640 -42.29 -9.42 15.25
N HIS A 641 -43.31 -8.88 14.58
CA HIS A 641 -43.24 -7.56 13.94
C HIS A 641 -42.06 -7.49 12.97
N SER A 642 -41.95 -8.52 12.13
CA SER A 642 -40.88 -8.60 11.15
C SER A 642 -41.31 -7.94 9.84
N VAL A 643 -40.33 -7.39 9.13
CA VAL A 643 -40.58 -6.87 7.79
C VAL A 643 -40.60 -8.03 6.81
N LYS A 644 -41.65 -8.10 6.00
CA LYS A 644 -41.94 -9.30 5.21
C LYS A 644 -41.32 -9.20 3.82
N CYS A 645 -40.87 -10.35 3.32
CA CYS A 645 -40.39 -10.44 1.96
C CYS A 645 -41.55 -10.33 0.97
N VAL A 646 -41.21 -10.19 -0.30
CA VAL A 646 -42.24 -9.94 -1.31
C VAL A 646 -42.98 -11.22 -1.68
N SER A 647 -42.35 -12.38 -1.55
CA SER A 647 -43.00 -13.62 -1.97
C SER A 647 -42.41 -14.78 -1.19
N GLU A 648 -42.57 -16.00 -1.72
CA GLU A 648 -42.05 -17.19 -1.06
C GLU A 648 -40.53 -17.18 -1.02
N ILE A 649 -39.89 -16.68 -2.08
CA ILE A 649 -38.45 -16.53 -2.10
C ILE A 649 -38.06 -15.48 -1.05
N MET A 650 -37.05 -15.82 -0.24
CA MET A 650 -36.67 -14.93 0.86
C MET A 650 -35.55 -13.98 0.45
N ILE A 651 -35.84 -13.20 -0.58
CA ILE A 651 -35.03 -12.03 -0.91
C ILE A 651 -35.58 -10.90 -0.05
N PRO A 652 -34.79 -10.36 0.88
CA PRO A 652 -35.35 -9.45 1.89
C PRO A 652 -35.96 -8.21 1.27
N LYS A 653 -36.77 -7.52 2.08
CA LYS A 653 -37.37 -6.27 1.66
C LYS A 653 -36.30 -5.27 1.27
N THR A 654 -36.56 -4.52 0.20
CA THR A 654 -35.55 -3.60 -0.33
C THR A 654 -35.60 -2.27 0.41
N LEU A 655 -34.41 -1.69 0.61
CA LEU A 655 -34.27 -0.38 1.23
C LEU A 655 -34.03 0.65 0.12
N THR A 656 -35.04 1.47 -0.14
CA THR A 656 -35.00 2.44 -1.23
C THR A 656 -35.34 3.83 -0.71
N ALA A 657 -34.84 4.85 -1.41
CA ALA A 657 -35.11 6.23 -1.04
C ALA A 657 -36.60 6.50 -1.05
N THR A 658 -37.09 7.11 0.03
CA THR A 658 -38.47 7.54 0.17
C THR A 658 -38.49 9.01 0.59
N PRO A 659 -39.50 9.76 0.16
CA PRO A 659 -39.60 11.16 0.59
C PRO A 659 -39.66 11.27 2.09
N PRO A 660 -39.03 12.29 2.68
CA PRO A 660 -39.03 12.41 4.14
C PRO A 660 -40.45 12.55 4.68
N HIS A 661 -40.68 11.92 5.84
CA HIS A 661 -42.00 11.94 6.46
C HIS A 661 -42.42 13.38 6.75
N ALA A 662 -43.74 13.57 6.82
CA ALA A 662 -44.32 14.90 6.97
C ALA A 662 -45.24 14.94 8.18
N LEU A 663 -45.31 16.11 8.80
CA LEU A 663 -46.27 16.40 9.86
C LEU A 663 -47.12 17.57 9.35
N PHE A 664 -48.32 17.25 8.86
CA PHE A 664 -49.16 18.24 8.20
C PHE A 664 -49.93 19.04 9.25
N MET A 665 -49.65 20.34 9.32
CA MET A 665 -50.31 21.25 10.26
C MET A 665 -51.39 22.02 9.52
N ASP A 666 -52.65 21.82 9.91
CA ASP A 666 -53.72 22.64 9.36
C ASP A 666 -53.58 24.09 9.77
N CYS A 667 -52.91 24.36 10.89
CA CYS A 667 -52.57 25.71 11.33
C CYS A 667 -51.48 25.68 12.40
N THR A 668 -50.40 26.41 12.19
CA THR A 668 -49.31 26.48 13.16
C THR A 668 -49.53 27.68 14.09
N HIS A 669 -48.55 27.96 14.94
CA HIS A 669 -48.60 29.10 15.84
C HIS A 669 -48.01 30.35 15.23
N ASP A 670 -47.73 30.36 13.92
CA ASP A 670 -47.16 31.52 13.25
C ASP A 670 -48.00 32.06 12.11
N ASN A 671 -48.91 31.26 11.54
CA ASN A 671 -49.72 31.67 10.40
C ASN A 671 -51.06 32.21 10.87
N GLU A 672 -51.66 33.04 10.02
CA GLU A 672 -52.91 33.70 10.37
C GLU A 672 -54.05 32.69 10.46
N THR A 673 -55.13 33.14 11.09
CA THR A 673 -56.32 32.34 11.36
C THR A 673 -57.14 32.15 10.08
N PRO A 674 -57.85 31.00 9.98
CA PRO A 674 -58.90 30.89 8.95
C PRO A 674 -59.80 32.10 8.91
N ASN A 675 -60.10 32.67 10.09
CA ASN A 675 -60.88 33.89 10.15
C ASN A 675 -60.20 35.02 9.40
N GLN A 676 -58.87 35.10 9.49
CA GLN A 676 -58.14 36.20 8.87
C GLN A 676 -57.93 35.96 7.37
N LYS A 677 -57.28 34.84 7.03
CA LYS A 677 -56.93 34.60 5.63
C LYS A 677 -58.15 34.22 4.79
N ARG A 678 -58.99 33.33 5.31
CA ARG A 678 -60.16 32.87 4.58
C ARG A 678 -61.43 33.27 5.33
N THR A 679 -62.14 32.29 5.89
CA THR A 679 -63.25 32.55 6.81
C THR A 679 -63.18 31.54 7.96
N VAL A 680 -64.06 31.71 8.95
CA VAL A 680 -64.09 30.80 10.08
C VAL A 680 -64.64 29.43 9.68
N GLU A 681 -65.57 29.39 8.72
CA GLU A 681 -66.19 28.12 8.34
C GLU A 681 -65.19 27.17 7.69
N ASP A 682 -64.12 27.69 7.09
CA ASP A 682 -63.11 26.84 6.46
C ASP A 682 -62.36 25.98 7.46
N THR A 683 -62.49 26.25 8.76
CA THR A 683 -61.79 25.45 9.76
C THR A 683 -62.20 23.99 9.71
N LEU A 684 -63.47 23.70 9.40
CA LEU A 684 -63.92 22.31 9.35
C LEU A 684 -63.38 21.57 8.14
N PRO A 685 -63.57 22.04 6.89
CA PRO A 685 -63.05 21.24 5.77
C PRO A 685 -61.54 21.24 5.67
N ASN A 686 -60.88 22.36 6.01
CA ASN A 686 -59.43 22.40 5.95
C ASN A 686 -58.81 21.39 6.92
N ALA A 687 -59.43 21.21 8.08
CA ALA A 687 -58.92 20.21 9.03
C ALA A 687 -59.24 18.79 8.56
N ALA A 688 -60.38 18.59 7.89
CA ALA A 688 -60.74 17.26 7.44
C ALA A 688 -59.83 16.81 6.30
N LEU A 689 -59.52 17.70 5.37
CA LEU A 689 -58.62 17.35 4.27
C LEU A 689 -57.22 17.02 4.77
N VAL A 690 -56.75 17.74 5.80
CA VAL A 690 -55.44 17.44 6.37
C VAL A 690 -55.47 16.11 7.10
N ALA A 691 -56.53 15.84 7.86
CA ALA A 691 -56.61 14.61 8.64
C ALA A 691 -56.74 13.36 7.77
N PHE A 692 -57.12 13.52 6.50
CA PHE A 692 -57.21 12.38 5.60
C PHE A 692 -55.88 12.03 4.94
N CYS A 693 -54.90 12.93 5.00
CA CYS A 693 -53.60 12.64 4.43
C CYS A 693 -52.91 11.53 5.19
N SER A 694 -52.18 10.68 4.48
CA SER A 694 -51.49 9.54 5.07
C SER A 694 -50.13 9.99 5.61
N SER A 695 -50.18 10.73 6.71
CA SER A 695 -48.99 11.29 7.35
C SER A 695 -49.36 11.68 8.77
N ALA A 696 -48.41 12.32 9.45
CA ALA A 696 -48.69 12.91 10.76
C ALA A 696 -49.40 14.24 10.58
N ILE A 697 -50.33 14.54 11.49
CA ILE A 697 -51.11 15.77 11.42
C ILE A 697 -50.99 16.50 12.75
N GLY A 698 -51.27 17.80 12.70
CA GLY A 698 -51.21 18.63 13.89
C GLY A 698 -52.03 19.88 13.72
N SER A 699 -52.13 20.64 14.80
CA SER A 699 -52.89 21.88 14.81
C SER A 699 -52.46 22.71 16.01
N VAL A 700 -52.58 24.03 15.87
CA VAL A 700 -52.33 24.93 16.97
C VAL A 700 -53.58 25.06 17.82
N TYR A 701 -53.40 25.34 19.11
CA TYR A 701 -54.55 25.59 19.97
C TYR A 701 -55.19 26.92 19.60
N GLY A 702 -56.51 26.90 19.43
CA GLY A 702 -57.26 28.04 18.95
C GLY A 702 -57.84 27.85 17.56
N TYR A 703 -57.16 27.06 16.72
CA TYR A 703 -57.71 26.70 15.43
C TYR A 703 -59.02 25.93 15.60
N ASP A 704 -58.98 24.84 16.37
CA ASP A 704 -60.19 24.07 16.64
C ASP A 704 -61.21 24.92 17.39
N GLU A 705 -60.76 25.72 18.34
CA GLU A 705 -61.62 26.61 19.11
C GLU A 705 -61.86 27.94 18.42
N VAL A 706 -61.65 27.99 17.09
CA VAL A 706 -61.83 29.15 16.21
C VAL A 706 -61.56 30.47 16.92
N PHE A 707 -60.33 30.67 17.39
CA PHE A 707 -59.93 31.98 17.87
C PHE A 707 -59.97 32.98 16.72
N PRO A 708 -60.26 34.25 16.99
CA PRO A 708 -60.45 35.21 15.89
C PRO A 708 -59.19 35.49 15.10
N GLN A 709 -58.11 35.90 15.77
CA GLN A 709 -56.89 36.32 15.08
C GLN A 709 -55.68 35.59 15.65
N LEU A 710 -54.60 35.62 14.88
CA LEU A 710 -53.35 35.02 15.31
C LEU A 710 -52.84 35.68 16.58
N LEU A 711 -52.45 34.87 17.55
CA LEU A 711 -51.98 35.37 18.84
C LEU A 711 -50.57 35.92 18.70
N ASP A 712 -50.38 37.17 19.13
CA ASP A 712 -49.05 37.79 19.10
C ASP A 712 -48.17 37.11 20.15
N LEU A 713 -47.15 36.38 19.69
CA LEU A 713 -46.28 35.66 20.60
C LEU A 713 -45.52 36.58 21.54
N VAL A 714 -45.36 37.85 21.18
CA VAL A 714 -44.56 38.78 21.98
C VAL A 714 -45.41 39.46 23.06
N GLN A 715 -46.54 40.05 22.67
CA GLN A 715 -47.26 40.96 23.56
C GLN A 715 -48.30 40.27 24.44
N GLU A 716 -49.18 39.47 23.84
CA GLU A 716 -50.42 39.08 24.50
C GLU A 716 -50.16 38.31 25.79
N LYS A 717 -50.97 38.61 26.81
CA LYS A 717 -50.89 37.96 28.11
C LYS A 717 -52.18 37.27 28.53
N ARG A 718 -53.21 37.28 27.68
CA ARG A 718 -54.45 36.62 28.01
C ARG A 718 -54.28 35.10 28.00
N THR A 719 -55.17 34.42 28.71
CA THR A 719 -55.08 32.98 28.92
C THR A 719 -56.13 32.24 28.10
N TYR A 720 -55.79 31.01 27.71
CA TYR A 720 -56.73 30.14 26.99
C TYR A 720 -58.04 30.01 27.75
N SER A 721 -59.15 30.13 27.04
CA SER A 721 -60.46 29.97 27.65
C SER A 721 -60.69 28.53 28.07
N CYS A 722 -61.46 28.36 29.13
CA CYS A 722 -61.87 27.03 29.58
C CYS A 722 -63.11 26.51 28.87
N ALA A 723 -63.63 27.27 27.90
CA ALA A 723 -64.82 26.87 27.15
C ALA A 723 -64.57 25.55 26.42
N GLU A 724 -65.22 24.49 26.89
CA GLU A 724 -64.98 23.14 26.39
C GLU A 724 -65.83 22.83 25.16
N ASN A 725 -65.28 21.98 24.30
CA ASN A 725 -66.04 21.38 23.18
C ASN A 725 -66.60 22.44 22.24
N THR A 726 -65.78 23.45 21.93
CA THR A 726 -66.18 24.51 21.00
C THR A 726 -65.64 24.22 19.61
N GLY A 727 -66.45 24.54 18.60
CA GLY A 727 -66.09 24.34 17.21
C GLY A 727 -65.78 22.93 16.78
N ILE A 728 -64.52 22.71 16.38
CA ILE A 728 -64.14 21.45 15.72
C ILE A 728 -63.77 20.35 16.72
N SER A 729 -63.76 20.65 18.02
CA SER A 729 -63.35 19.66 19.03
C SER A 729 -64.08 18.34 18.85
N LYS A 730 -65.39 18.39 18.62
CA LYS A 730 -66.16 17.17 18.40
C LYS A 730 -65.70 16.44 17.14
N VAL A 731 -65.41 17.19 16.08
CA VAL A 731 -64.99 16.56 14.83
C VAL A 731 -63.59 16.01 14.94
N LYS A 732 -62.67 16.78 15.54
CA LYS A 732 -61.30 16.30 15.74
C LYS A 732 -61.28 15.04 16.61
N THR A 733 -62.24 14.90 17.52
CA THR A 733 -62.35 13.65 18.27
C THR A 733 -62.71 12.50 17.35
N LEU A 734 -63.57 12.74 16.36
CA LEU A 734 -63.92 11.70 15.41
C LEU A 734 -62.76 11.36 14.49
N LEU A 735 -62.10 12.39 13.94
CA LEU A 735 -61.01 12.15 13.00
C LEU A 735 -59.86 11.40 13.66
N ASN A 736 -59.44 11.85 14.85
CA ASN A 736 -58.33 11.21 15.53
C ASN A 736 -58.67 9.78 15.93
N ASN A 737 -59.90 9.53 16.37
CA ASN A 737 -60.31 8.18 16.71
C ASN A 737 -60.34 7.28 15.47
N MET A 738 -60.72 7.84 14.31
CA MET A 738 -60.72 7.05 13.09
C MET A 738 -59.30 6.68 12.68
N ARG A 739 -58.36 7.63 12.77
CA ARG A 739 -56.97 7.34 12.44
C ARG A 739 -56.36 6.33 13.40
N GLU A 740 -56.92 6.17 14.60
CA GLU A 740 -56.43 5.13 15.50
C GLU A 740 -56.84 3.74 15.02
N GLU A 741 -58.03 3.62 14.41
CA GLU A 741 -58.42 2.35 13.83
C GLU A 741 -57.54 1.99 12.63
N ILE A 742 -57.24 2.97 11.78
CA ILE A 742 -56.46 2.72 10.58
C ILE A 742 -55.01 2.38 10.93
N ALA A 743 -54.47 3.02 11.97
CA ALA A 743 -53.04 2.92 12.27
C ALA A 743 -52.60 1.49 12.58
N SER A 744 -53.52 0.60 12.91
CA SER A 744 -53.13 -0.73 13.37
C SER A 744 -52.51 -1.57 12.24
N GLU A 745 -52.95 -1.38 11.00
CA GLU A 745 -52.54 -2.26 9.92
C GLU A 745 -51.73 -1.60 8.82
N ALA A 746 -51.94 -0.33 8.53
CA ALA A 746 -51.18 0.33 7.47
C ALA A 746 -49.70 0.43 7.85
N VAL A 747 -48.82 0.04 6.93
CA VAL A 747 -47.40 -0.04 7.22
C VAL A 747 -46.58 0.82 6.26
N ASP A 748 -46.25 0.27 5.09
CA ASP A 748 -45.26 0.85 4.20
C ASP A 748 -45.94 1.73 3.12
N ILE A 749 -45.10 2.36 2.30
CA ILE A 749 -45.59 3.34 1.32
C ILE A 749 -46.50 2.69 0.28
N GLU A 750 -46.21 1.45 -0.12
CA GLU A 750 -47.07 0.75 -1.08
C GLU A 750 -48.40 0.31 -0.48
N ASP A 751 -48.65 0.58 0.80
CA ASP A 751 -49.80 0.05 1.50
C ASP A 751 -50.92 1.06 1.73
N SER A 752 -50.76 2.30 1.26
CA SER A 752 -51.80 3.32 1.42
C SER A 752 -51.92 4.10 0.12
N GLU A 753 -53.10 4.05 -0.49
CA GLU A 753 -53.34 4.66 -1.80
C GLU A 753 -54.42 5.74 -1.69
N MET A 754 -54.51 6.56 -2.74
CA MET A 754 -55.24 7.82 -2.62
C MET A 754 -55.73 8.27 -3.99
N HIS A 755 -56.93 8.87 -4.01
CA HIS A 755 -57.41 9.64 -5.15
C HIS A 755 -57.97 10.96 -4.64
N VAL A 756 -57.52 12.07 -5.24
CA VAL A 756 -57.93 13.41 -4.84
C VAL A 756 -58.46 14.15 -6.06
N HIS A 757 -59.61 14.79 -5.91
CA HIS A 757 -60.25 15.52 -7.01
C HIS A 757 -60.67 16.90 -6.52
N HIS A 758 -60.46 17.90 -7.38
CA HIS A 758 -60.82 19.29 -7.08
C HIS A 758 -61.78 19.78 -8.16
N ASP A 759 -63.01 20.11 -7.75
CA ASP A 759 -64.02 20.66 -8.64
C ASP A 759 -64.56 21.94 -8.02
N GLY A 760 -64.09 23.09 -8.51
CA GLY A 760 -64.46 24.39 -7.96
C GLY A 760 -64.13 24.57 -6.49
N GLN A 761 -65.15 24.76 -5.66
CA GLN A 761 -64.94 24.92 -4.23
C GLN A 761 -65.04 23.61 -3.45
N TYR A 762 -65.23 22.49 -4.13
CA TYR A 762 -65.23 21.17 -3.51
C TYR A 762 -63.87 20.51 -3.70
N ILE A 763 -63.50 19.66 -2.75
CA ILE A 763 -62.29 18.84 -2.84
C ILE A 763 -62.65 17.44 -2.36
N THR A 764 -62.39 16.45 -3.21
CA THR A 764 -62.68 15.05 -2.90
C THR A 764 -61.40 14.35 -2.47
N PHE A 765 -61.48 13.57 -1.39
CA PHE A 765 -60.35 12.79 -0.91
C PHE A 765 -60.82 11.36 -0.67
N HIS A 766 -60.24 10.42 -1.40
CA HIS A 766 -60.52 9.00 -1.24
C HIS A 766 -59.28 8.31 -0.71
N ARG A 767 -59.34 7.88 0.55
CA ARG A 767 -58.25 7.16 1.20
C ARG A 767 -58.54 5.67 1.14
N THR A 768 -57.57 4.89 0.68
CA THR A 768 -57.75 3.46 0.45
C THR A 768 -56.56 2.69 0.98
N ASN A 769 -56.83 1.57 1.66
CA ASN A 769 -55.79 0.64 2.08
C ASN A 769 -55.65 -0.45 1.03
N ALA A 770 -54.43 -0.60 0.49
CA ALA A 770 -54.19 -1.51 -0.62
C ALA A 770 -54.16 -2.98 -0.20
N LYS A 771 -54.25 -3.28 1.09
CA LYS A 771 -54.18 -4.66 1.54
C LYS A 771 -55.56 -5.28 1.73
N ASN A 772 -56.50 -4.53 2.32
CA ASN A 772 -57.81 -5.07 2.65
C ASN A 772 -58.95 -4.46 1.85
N GLY A 773 -58.70 -3.38 1.11
CA GLY A 773 -59.75 -2.74 0.34
C GLY A 773 -60.60 -1.74 1.11
N LYS A 774 -60.47 -1.69 2.44
CA LYS A 774 -61.18 -0.69 3.22
C LYS A 774 -60.76 0.71 2.79
N GLY A 775 -61.61 1.69 3.10
CA GLY A 775 -61.29 3.04 2.70
C GLY A 775 -62.25 4.06 3.28
N TRP A 776 -61.90 5.33 3.08
CA TRP A 776 -62.69 6.46 3.48
C TRP A 776 -62.87 7.41 2.31
N TYR A 777 -64.06 7.96 2.15
CA TYR A 777 -64.34 8.94 1.10
C TYR A 777 -64.80 10.22 1.77
N LEU A 778 -64.06 11.31 1.52
CA LEU A 778 -64.32 12.61 2.12
C LEU A 778 -64.75 13.59 1.04
N VAL A 779 -65.92 14.20 1.23
CA VAL A 779 -66.38 15.31 0.42
C VAL A 779 -66.33 16.56 1.30
N ALA A 780 -65.54 17.54 0.90
CA ALA A 780 -65.30 18.74 1.70
C ALA A 780 -65.53 19.97 0.83
N ARG A 781 -66.56 20.74 1.16
CA ARG A 781 -66.81 22.02 0.51
C ARG A 781 -66.04 23.10 1.27
N THR A 782 -65.17 23.82 0.57
CA THR A 782 -64.29 24.79 1.19
C THR A 782 -64.95 26.17 1.25
N LYS A 783 -64.54 26.95 2.24
CA LYS A 783 -65.04 28.30 2.46
C LYS A 783 -63.84 29.26 2.47
N PHE A 784 -63.19 29.37 1.32
CA PHE A 784 -62.18 30.41 1.14
C PHE A 784 -62.85 31.78 1.03
N HIS A 785 -63.91 31.86 0.24
CA HIS A 785 -64.78 33.03 0.20
C HIS A 785 -66.22 32.54 0.04
N SER A 786 -67.16 33.39 0.39
CA SER A 786 -68.57 33.12 0.08
C SER A 786 -68.77 33.44 -1.39
N SER A 787 -68.78 32.41 -2.23
CA SER A 787 -68.79 32.60 -3.68
C SER A 787 -69.98 31.93 -4.35
N GLY A 788 -71.17 32.11 -3.79
CA GLY A 788 -72.39 31.61 -4.42
C GLY A 788 -72.57 30.12 -4.34
N ASP A 789 -73.77 29.66 -4.70
CA ASP A 789 -74.07 28.24 -4.65
C ASP A 789 -73.40 27.49 -5.81
N GLN A 790 -72.92 26.29 -5.51
CA GLN A 790 -72.31 25.43 -6.52
C GLN A 790 -72.68 23.98 -6.23
N MET A 791 -73.21 23.30 -7.24
CA MET A 791 -73.63 21.91 -7.13
C MET A 791 -72.56 20.99 -7.71
N LEU A 792 -72.26 19.92 -6.97
CA LEU A 792 -71.25 18.92 -7.28
C LEU A 792 -71.86 17.77 -8.09
N PRO A 793 -71.16 17.29 -9.11
CA PRO A 793 -71.69 16.18 -9.91
C PRO A 793 -71.81 14.89 -9.11
N ARG A 794 -72.53 13.94 -9.68
CA ARG A 794 -72.71 12.64 -9.05
C ARG A 794 -71.38 11.93 -8.88
N ILE A 795 -71.18 11.34 -7.71
CA ILE A 795 -69.97 10.62 -7.37
C ILE A 795 -70.19 9.14 -7.65
N LYS A 796 -69.32 8.55 -8.47
CA LYS A 796 -69.45 7.17 -8.89
C LYS A 796 -68.21 6.40 -8.48
N LEU A 797 -68.39 5.36 -7.66
CA LEU A 797 -67.33 4.48 -7.23
C LEU A 797 -67.52 3.11 -7.85
N SER A 798 -66.49 2.59 -8.50
CA SER A 798 -66.59 1.34 -9.25
C SER A 798 -66.26 0.15 -8.36
N GLN A 799 -67.11 -0.89 -8.43
CA GLN A 799 -66.91 -2.13 -7.70
C GLN A 799 -66.67 -1.88 -6.21
N THR A 800 -67.48 -0.99 -5.64
CA THR A 800 -67.30 -0.56 -4.27
C THR A 800 -68.64 -0.32 -3.61
N LYS A 801 -68.72 -0.63 -2.31
CA LYS A 801 -69.88 -0.35 -1.49
C LYS A 801 -69.54 0.78 -0.53
N ALA A 802 -70.52 1.64 -0.26
CA ALA A 802 -70.31 2.81 0.58
C ALA A 802 -71.24 2.79 1.77
N THR A 803 -70.80 3.41 2.87
CA THR A 803 -71.54 3.47 4.11
C THR A 803 -71.38 4.87 4.70
N PHE A 804 -72.50 5.49 5.07
CA PHE A 804 -72.44 6.80 5.70
C PHE A 804 -71.80 6.70 7.08
N LYS A 805 -70.84 7.60 7.34
CA LYS A 805 -70.15 7.64 8.62
C LYS A 805 -70.60 8.83 9.46
N ALA A 806 -70.38 10.05 8.97
CA ALA A 806 -70.81 11.25 9.67
C ALA A 806 -70.78 12.42 8.70
N ALA A 807 -71.42 13.52 9.10
CA ALA A 807 -71.44 14.73 8.30
C ALA A 807 -71.69 15.91 9.23
N PHE A 808 -71.04 17.04 8.94
CA PHE A 808 -71.16 18.22 9.77
C PHE A 808 -71.11 19.48 8.90
N SER A 809 -71.73 20.54 9.41
CA SER A 809 -71.62 21.87 8.85
C SER A 809 -71.20 22.83 9.96
N LEU A 810 -70.31 23.76 9.64
CA LEU A 810 -69.82 24.73 10.60
C LEU A 810 -70.37 26.11 10.23
N GLU A 811 -71.08 26.74 11.16
CA GLU A 811 -71.74 28.01 10.92
C GLU A 811 -71.34 29.02 11.96
N ARG A 812 -71.17 30.27 11.54
CA ARG A 812 -70.73 31.34 12.41
C ARG A 812 -71.93 32.03 13.05
N THR A 813 -71.90 32.15 14.37
CA THR A 813 -72.98 32.79 15.13
C THR A 813 -72.47 34.09 15.74
N GLY A 814 -72.22 35.07 14.87
CA GLY A 814 -71.80 36.38 15.32
C GLY A 814 -70.31 36.48 15.55
N ASP A 815 -69.89 37.65 16.02
CA ASP A 815 -68.47 37.95 16.22
C ASP A 815 -67.99 37.37 17.55
N ALA A 816 -66.70 37.61 17.86
CA ALA A 816 -65.94 37.05 18.98
C ALA A 816 -66.09 37.90 20.23
N PRO A 817 -66.09 37.26 21.40
CA PRO A 817 -66.17 38.02 22.66
C PRO A 817 -64.89 38.81 22.91
N ILE A 818 -65.05 40.08 23.24
CA ILE A 818 -63.93 40.97 23.55
C ILE A 818 -63.67 40.91 25.05
N SER A 819 -62.45 40.53 25.42
CA SER A 819 -62.06 40.48 26.83
C SER A 819 -60.64 41.03 26.96
N ASP A 820 -60.14 41.05 28.20
CA ASP A 820 -58.81 41.53 28.49
C ASP A 820 -57.98 40.53 29.29
N GLU A 821 -58.54 39.36 29.61
CA GLU A 821 -57.82 38.33 30.35
C GLU A 821 -58.03 36.92 29.83
N ILE A 822 -58.92 36.71 28.85
CA ILE A 822 -59.17 35.41 28.26
C ILE A 822 -59.11 35.54 26.75
N ILE A 823 -58.73 34.46 26.08
CA ILE A 823 -58.70 34.40 24.63
C ILE A 823 -59.87 33.52 24.24
N GLU A 824 -61.02 34.14 23.98
CA GLU A 824 -62.24 33.42 23.65
C GLU A 824 -62.42 33.37 22.13
N GLY A 825 -63.05 32.30 21.67
CA GLY A 825 -63.23 32.04 20.26
C GLY A 825 -64.57 32.53 19.72
N ILE A 826 -64.66 32.56 18.40
CA ILE A 826 -65.88 33.02 17.72
C ILE A 826 -66.96 31.95 17.89
N PRO A 827 -68.18 32.33 18.28
CA PRO A 827 -69.25 31.33 18.44
C PRO A 827 -69.53 30.61 17.14
N THR A 828 -69.62 29.28 17.22
CA THR A 828 -69.84 28.44 16.05
C THR A 828 -70.83 27.34 16.38
N LYS A 829 -71.74 27.07 15.45
CA LYS A 829 -72.67 25.97 15.56
C LYS A 829 -72.18 24.80 14.72
N LEU A 830 -72.36 23.59 15.23
CA LEU A 830 -71.92 22.36 14.58
C LEU A 830 -73.15 21.50 14.33
N ARG A 831 -73.75 21.65 13.14
CA ARG A 831 -74.98 20.95 12.79
C ARG A 831 -74.66 19.69 12.00
N GLU A 832 -75.21 18.57 12.44
CA GLU A 832 -75.08 17.32 11.69
C GLU A 832 -75.98 17.35 10.47
N LEU A 833 -75.47 16.86 9.35
CA LEU A 833 -76.14 16.95 8.07
C LEU A 833 -76.73 15.59 7.67
N THR A 834 -77.76 15.65 6.82
CA THR A 834 -78.44 14.46 6.34
C THR A 834 -78.88 14.71 4.91
N GLY A 835 -79.32 13.64 4.25
CA GLY A 835 -79.83 13.70 2.89
C GLY A 835 -78.98 12.97 1.87
N PHE A 836 -77.78 12.54 2.25
CA PHE A 836 -76.86 11.88 1.34
C PHE A 836 -77.45 10.55 0.88
N ASP A 837 -77.65 10.40 -0.43
CA ASP A 837 -78.22 9.20 -1.00
C ASP A 837 -77.11 8.33 -1.57
N ILE A 838 -77.09 7.06 -1.17
CA ILE A 838 -76.05 6.11 -1.58
C ILE A 838 -76.75 5.01 -2.37
N GLY A 839 -76.67 5.09 -3.69
CA GLY A 839 -77.27 4.09 -4.56
C GLY A 839 -76.25 3.04 -4.95
N PHE A 840 -76.70 1.79 -5.04
CA PHE A 840 -75.84 0.66 -5.37
C PHE A 840 -76.53 -0.20 -6.42
N ASP A 841 -75.91 -0.30 -7.59
CA ASP A 841 -76.41 -1.16 -8.67
C ASP A 841 -75.92 -2.57 -8.41
N GLU A 842 -76.85 -3.49 -8.10
CA GLU A 842 -76.48 -4.87 -7.83
C GLU A 842 -75.95 -5.60 -9.06
N ASN A 843 -76.04 -5.00 -10.24
CA ASN A 843 -75.49 -5.62 -11.46
C ASN A 843 -74.08 -5.10 -11.72
N THR A 844 -73.97 -3.80 -12.01
CA THR A 844 -72.66 -3.21 -12.31
C THR A 844 -71.78 -3.08 -11.08
N LYS A 845 -72.31 -3.32 -9.88
CA LYS A 845 -71.57 -3.18 -8.63
C LYS A 845 -71.02 -1.76 -8.48
N GLU A 846 -71.80 -0.77 -8.89
CA GLU A 846 -71.39 0.63 -8.88
C GLU A 846 -72.16 1.39 -7.82
N THR A 847 -71.45 2.16 -7.00
CA THR A 847 -72.05 2.97 -5.96
C THR A 847 -72.12 4.42 -6.40
N SER A 848 -73.32 5.01 -6.32
CA SER A 848 -73.54 6.42 -6.63
C SER A 848 -73.80 7.18 -5.34
N ILE A 849 -73.23 8.37 -5.23
CA ILE A 849 -73.38 9.20 -4.04
C ILE A 849 -73.84 10.59 -4.47
N LEU A 850 -75.02 11.00 -4.01
CA LEU A 850 -75.59 12.30 -4.30
C LEU A 850 -75.57 13.15 -3.03
N LEU A 851 -75.12 14.39 -3.16
CA LEU A 851 -75.13 15.29 -2.02
C LEU A 851 -76.50 15.97 -1.88
N PRO A 852 -76.91 16.30 -0.66
CA PRO A 852 -78.15 17.06 -0.50
C PRO A 852 -77.92 18.54 -0.68
N GLN A 853 -78.99 19.23 -1.10
CA GLN A 853 -78.89 20.65 -1.40
C GLN A 853 -78.52 21.47 -0.16
N ASP A 854 -78.83 20.97 1.04
CA ASP A 854 -78.41 21.64 2.27
C ASP A 854 -77.03 21.12 2.65
N PHE A 855 -76.03 21.65 1.94
CA PHE A 855 -74.61 21.31 2.18
C PHE A 855 -73.80 22.58 2.01
N PRO A 856 -73.91 23.51 2.96
CA PRO A 856 -73.33 24.84 2.76
C PRO A 856 -71.81 24.81 2.81
N GLN A 857 -71.22 25.92 2.36
CA GLN A 857 -69.77 26.05 2.39
C GLN A 857 -69.27 25.97 3.83
N GLY A 858 -68.21 25.19 4.02
CA GLY A 858 -67.74 24.90 5.36
C GLY A 858 -68.33 23.64 5.96
N SER A 859 -68.63 22.64 5.12
CA SER A 859 -69.23 21.39 5.58
C SER A 859 -68.44 20.22 5.03
N ILE A 860 -68.57 19.07 5.71
CA ILE A 860 -67.90 17.84 5.31
C ILE A 860 -68.87 16.68 5.46
N VAL A 861 -68.55 15.59 4.77
CA VAL A 861 -69.25 14.33 4.93
C VAL A 861 -68.25 13.20 4.68
N ILE A 862 -68.29 12.18 5.52
CA ILE A 862 -67.32 11.09 5.49
C ILE A 862 -68.08 9.79 5.25
N PHE A 863 -67.57 8.98 4.32
CA PHE A 863 -68.11 7.66 4.05
C PHE A 863 -67.06 6.60 4.35
N GLU A 864 -67.53 5.44 4.82
CA GLU A 864 -66.71 4.24 4.92
C GLU A 864 -66.97 3.39 3.69
N THR A 865 -65.90 3.04 2.98
CA THR A 865 -66.02 2.36 1.70
C THR A 865 -65.16 1.10 1.70
N GLN A 866 -65.57 0.13 0.89
CA GLN A 866 -64.92 -1.18 0.85
C GLN A 866 -64.93 -1.70 -0.58
N GLN A 867 -63.74 -1.81 -1.18
CA GLN A 867 -63.63 -2.34 -2.53
C GLN A 867 -64.04 -3.81 -2.56
N LEU A 868 -64.81 -4.18 -3.58
CA LEU A 868 -65.34 -5.53 -3.67
C LEU A 868 -64.29 -6.49 -4.22
N GLY A 869 -64.35 -7.73 -3.73
CA GLY A 869 -63.41 -8.75 -4.13
C GLY A 869 -62.14 -8.80 -3.32
N ILE A 870 -61.83 -7.76 -2.56
CA ILE A 870 -60.62 -7.70 -1.74
C ILE A 870 -60.98 -8.04 -0.31
N ASP A 871 -60.25 -8.97 0.28
CA ASP A 871 -60.28 -9.23 1.71
C ASP A 871 -58.85 -9.25 2.23
N ASP A 872 -58.70 -9.52 3.53
CA ASP A 872 -57.37 -9.52 4.12
C ASP A 872 -56.52 -10.69 3.64
N SER A 873 -57.15 -11.79 3.22
CA SER A 873 -56.44 -13.00 2.83
C SER A 873 -56.01 -13.00 1.37
N LEU A 874 -56.22 -11.90 0.64
CA LEU A 874 -55.86 -11.88 -0.78
C LEU A 874 -54.34 -11.89 -0.96
N ASP A 875 -53.63 -11.06 -0.20
CA ASP A 875 -52.18 -10.97 -0.35
C ASP A 875 -51.51 -12.31 -0.08
N HIS A 876 -52.03 -13.07 0.89
CA HIS A 876 -51.45 -14.38 1.18
C HIS A 876 -51.66 -15.35 0.03
N PHE A 877 -52.86 -15.34 -0.57
CA PHE A 877 -53.17 -16.29 -1.63
C PHE A 877 -52.30 -16.05 -2.87
N ILE A 878 -52.04 -14.78 -3.20
CA ILE A 878 -51.24 -14.48 -4.38
C ILE A 878 -49.76 -14.77 -4.14
N ARG A 879 -49.30 -14.62 -2.92
CA ARG A 879 -47.88 -14.75 -2.61
C ARG A 879 -47.50 -16.17 -2.16
N SER A 880 -48.40 -17.14 -2.26
CA SER A 880 -48.12 -18.48 -1.78
C SER A 880 -48.33 -19.51 -2.88
N GLY A 881 -47.73 -20.69 -2.67
CA GLY A 881 -47.95 -21.84 -3.51
C GLY A 881 -47.16 -21.91 -4.80
N ALA A 882 -46.53 -20.81 -5.21
CA ALA A 882 -45.88 -20.80 -6.52
C ALA A 882 -44.63 -21.67 -6.55
N ILE A 883 -43.94 -21.82 -5.42
CA ILE A 883 -42.73 -22.63 -5.40
C ILE A 883 -43.08 -24.12 -5.54
N LYS A 884 -44.08 -24.58 -4.77
CA LYS A 884 -44.55 -25.95 -4.93
C LYS A 884 -45.10 -26.20 -6.32
N ALA A 885 -45.67 -25.17 -6.96
CA ALA A 885 -46.20 -25.33 -8.31
C ALA A 885 -45.09 -25.53 -9.34
N THR A 886 -43.90 -24.99 -9.08
CA THR A 886 -42.75 -25.16 -9.94
C THR A 886 -41.89 -26.35 -9.56
N GLU A 887 -42.35 -27.17 -8.61
CA GLU A 887 -41.51 -28.24 -8.07
C GLU A 887 -41.13 -29.24 -9.15
N LYS A 888 -42.02 -29.50 -10.10
CA LYS A 888 -41.80 -30.53 -11.12
C LYS A 888 -41.31 -29.96 -12.45
N LEU A 889 -40.90 -28.69 -12.47
CA LEU A 889 -40.36 -28.12 -13.70
C LEU A 889 -38.98 -28.71 -13.99
N SER A 890 -38.58 -28.61 -15.25
CA SER A 890 -37.26 -29.02 -15.70
C SER A 890 -36.65 -27.92 -16.56
N LEU A 891 -35.35 -28.04 -16.82
CA LEU A 891 -34.65 -27.03 -17.61
C LEU A 891 -35.21 -26.94 -19.03
N GLU A 892 -35.89 -27.98 -19.51
CA GLU A 892 -36.54 -27.90 -20.81
C GLU A 892 -37.92 -27.25 -20.70
N SER A 893 -38.71 -27.65 -19.70
CA SER A 893 -40.09 -27.17 -19.60
C SER A 893 -40.15 -25.70 -19.25
N ILE A 894 -39.14 -25.17 -18.55
CA ILE A 894 -39.11 -23.76 -18.22
C ILE A 894 -39.10 -22.89 -19.47
N ASN A 895 -38.60 -23.44 -20.58
CA ASN A 895 -38.57 -22.70 -21.84
C ASN A 895 -39.97 -22.33 -22.30
N TYR A 896 -40.95 -23.21 -22.06
CA TYR A 896 -42.31 -22.97 -22.52
C TYR A 896 -43.08 -22.04 -21.59
N VAL A 897 -42.64 -21.90 -20.34
CA VAL A 897 -43.32 -21.01 -19.40
C VAL A 897 -42.80 -19.59 -19.51
N LEU A 898 -41.51 -19.42 -19.79
CA LEU A 898 -40.88 -18.11 -19.76
C LEU A 898 -40.69 -17.49 -21.14
N TYR A 899 -40.31 -18.28 -22.14
CA TYR A 899 -39.86 -17.71 -23.40
C TYR A 899 -40.82 -18.00 -24.56
N ARG A 900 -40.38 -18.82 -25.51
CA ARG A 900 -41.12 -19.13 -26.74
C ARG A 900 -41.30 -17.88 -27.59
N ALA A 901 -40.53 -17.78 -28.69
CA ALA A 901 -40.76 -16.73 -29.65
C ALA A 901 -42.07 -16.97 -30.40
N GLU A 902 -42.53 -15.95 -31.12
CA GLU A 902 -43.81 -16.07 -31.81
C GLU A 902 -43.79 -17.18 -32.85
N GLN A 903 -42.70 -17.28 -33.61
CA GLN A 903 -42.57 -18.37 -34.57
C GLN A 903 -42.46 -19.71 -33.86
N GLU A 904 -41.84 -19.74 -32.67
CA GLU A 904 -41.78 -20.97 -31.89
C GLU A 904 -43.16 -21.38 -31.40
N GLU A 905 -44.03 -20.40 -31.09
CA GLU A 905 -45.37 -20.72 -30.64
C GLU A 905 -46.27 -21.16 -31.78
N TYR A 906 -46.12 -20.55 -32.95
CA TYR A 906 -46.83 -21.02 -34.15
C TYR A 906 -46.54 -22.49 -34.42
N ASP A 907 -45.33 -22.95 -34.10
CA ASP A 907 -44.97 -24.34 -34.35
C ASP A 907 -45.87 -25.29 -33.57
N TYR A 908 -46.19 -24.94 -32.33
CA TYR A 908 -47.06 -25.78 -31.52
C TYR A 908 -48.54 -25.55 -31.80
N SER A 909 -48.90 -24.34 -32.25
CA SER A 909 -50.30 -23.97 -32.43
C SER A 909 -50.74 -23.97 -33.89
N GLU A 910 -49.91 -24.50 -34.80
CA GLU A 910 -50.23 -24.54 -36.22
C GLU A 910 -50.50 -23.13 -36.78
N GLY A 911 -49.89 -22.12 -36.18
CA GLY A 911 -50.03 -20.76 -36.65
C GLY A 911 -51.27 -20.02 -36.18
N ARG A 912 -51.97 -20.54 -35.17
CA ARG A 912 -53.19 -19.90 -34.69
C ARG A 912 -52.94 -18.92 -33.56
N SER A 913 -51.96 -19.17 -32.70
CA SER A 913 -51.81 -18.41 -31.47
C SER A 913 -50.87 -17.23 -31.64
N GLY A 914 -49.61 -17.40 -31.25
CA GLY A 914 -48.65 -16.32 -31.29
C GLY A 914 -48.66 -15.50 -30.01
N ALA A 915 -48.07 -14.32 -30.11
CA ALA A 915 -47.92 -13.43 -28.97
C ALA A 915 -49.10 -12.49 -28.84
N TYR A 916 -49.46 -12.17 -27.59
CA TYR A 916 -50.53 -11.23 -27.31
C TYR A 916 -50.19 -9.86 -27.88
N ASP A 917 -51.13 -9.25 -28.58
CA ASP A 917 -50.94 -7.95 -29.18
C ASP A 917 -51.50 -6.88 -28.24
N ILE A 918 -50.61 -6.12 -27.62
CA ILE A 918 -51.00 -5.00 -26.76
C ILE A 918 -51.36 -3.82 -27.65
N PRO A 919 -52.60 -3.33 -27.61
CA PRO A 919 -52.99 -2.23 -28.49
C PRO A 919 -52.16 -0.98 -28.21
N ASP A 920 -51.87 -0.25 -29.29
CA ASP A 920 -51.03 0.95 -29.29
C ASP A 920 -49.60 0.68 -28.84
N TYR A 921 -49.17 -0.58 -28.82
CA TYR A 921 -47.83 -0.91 -28.34
C TYR A 921 -47.16 -1.96 -29.20
N GLY A 922 -47.77 -3.14 -29.29
CA GLY A 922 -47.23 -4.25 -30.04
C GLY A 922 -47.28 -5.51 -29.21
N LYS A 923 -46.45 -6.48 -29.58
CA LYS A 923 -46.44 -7.75 -28.89
C LYS A 923 -45.17 -7.90 -28.04
N PRO A 924 -45.27 -8.59 -26.90
CA PRO A 924 -44.05 -8.92 -26.15
C PRO A 924 -43.13 -9.80 -26.98
N VAL A 925 -41.84 -9.70 -26.69
CA VAL A 925 -40.84 -10.38 -27.49
C VAL A 925 -40.98 -11.90 -27.35
N TYR A 926 -41.18 -12.39 -26.14
CA TYR A 926 -41.50 -13.79 -25.91
C TYR A 926 -42.99 -13.94 -25.58
N CYS A 927 -43.48 -15.17 -25.74
CA CYS A 927 -44.87 -15.44 -25.37
C CYS A 927 -45.02 -15.68 -23.87
N GLY A 928 -44.01 -16.28 -23.24
CA GLY A 928 -44.07 -16.58 -21.83
C GLY A 928 -43.90 -15.39 -20.92
N LEU A 929 -43.49 -15.65 -19.68
CA LEU A 929 -43.45 -14.58 -18.67
C LEU A 929 -42.33 -13.58 -18.95
N GLN A 930 -41.23 -14.02 -19.57
CA GLN A 930 -40.13 -13.10 -19.86
C GLN A 930 -40.59 -11.96 -20.75
N GLY A 931 -41.44 -12.24 -21.73
CA GLY A 931 -41.98 -11.18 -22.58
C GLY A 931 -42.76 -10.14 -21.80
N TRP A 932 -43.43 -10.57 -20.72
CA TRP A 932 -44.12 -9.61 -19.86
C TRP A 932 -43.14 -8.90 -18.93
N VAL A 933 -42.25 -9.66 -18.29
CA VAL A 933 -41.32 -9.08 -17.32
C VAL A 933 -40.42 -8.04 -17.98
N SER A 934 -39.99 -8.30 -19.22
CA SER A 934 -39.16 -7.34 -19.93
C SER A 934 -39.86 -5.99 -20.09
N ILE A 935 -41.19 -6.00 -20.19
CA ILE A 935 -41.96 -4.77 -20.30
C ILE A 935 -42.34 -4.23 -18.93
N LEU A 936 -42.62 -5.13 -17.98
CA LEU A 936 -43.16 -4.70 -16.69
C LEU A 936 -42.10 -4.02 -15.83
N ARG A 937 -40.81 -4.37 -16.00
CA ARG A 937 -39.78 -3.86 -15.12
C ARG A 937 -39.74 -2.32 -15.15
N LYS A 938 -39.77 -1.74 -16.34
CA LYS A 938 -39.81 -0.28 -16.42
C LYS A 938 -41.16 0.28 -15.97
N ILE A 939 -42.24 -0.47 -16.18
CA ILE A 939 -43.57 0.01 -15.80
C ILE A 939 -43.68 0.12 -14.28
N ILE A 940 -43.25 -0.93 -13.56
CA ILE A 940 -43.33 -0.91 -12.11
C ILE A 940 -42.40 0.15 -11.53
N PHE A 941 -41.21 0.31 -12.13
CA PHE A 941 -40.22 1.25 -11.59
C PHE A 941 -40.72 2.69 -11.63
N TYR A 942 -41.49 3.06 -12.66
CA TYR A 942 -42.01 4.41 -12.80
C TYR A 942 -43.48 4.53 -12.44
N ASN A 943 -44.13 3.42 -12.05
CA ASN A 943 -45.56 3.38 -11.77
C ASN A 943 -46.35 3.99 -12.92
N ASP A 944 -46.00 3.57 -14.14
CA ASP A 944 -46.60 4.10 -15.36
C ASP A 944 -47.95 3.43 -15.57
N LEU A 945 -48.96 3.96 -14.86
CA LEU A 945 -50.33 3.49 -15.03
C LEU A 945 -50.95 3.95 -16.34
N ALA A 946 -50.26 4.78 -17.12
CA ALA A 946 -50.73 5.24 -18.42
C ALA A 946 -50.16 4.43 -19.56
N HIS A 947 -49.31 3.44 -19.29
CA HIS A 947 -48.72 2.63 -20.34
C HIS A 947 -49.81 1.84 -21.06
N PRO A 948 -49.65 1.61 -22.37
CA PRO A 948 -50.66 0.82 -23.10
C PRO A 948 -50.94 -0.55 -22.49
N LEU A 949 -49.95 -1.19 -21.89
CA LEU A 949 -50.22 -2.45 -21.19
C LEU A 949 -51.05 -2.21 -19.94
N SER A 950 -50.74 -1.16 -19.19
CA SER A 950 -51.55 -0.81 -18.02
C SER A 950 -52.98 -0.49 -18.42
N ASN A 951 -53.16 0.27 -19.50
CA ASN A 951 -54.49 0.59 -19.98
C ASN A 951 -55.26 -0.67 -20.37
N ASN A 952 -54.61 -1.56 -21.15
CA ASN A 952 -55.28 -2.76 -21.60
C ASN A 952 -55.59 -3.72 -20.45
N LEU A 953 -54.76 -3.71 -19.40
CA LEU A 953 -54.96 -4.66 -18.30
C LEU A 953 -56.20 -4.33 -17.49
N ARG A 954 -56.58 -3.05 -17.40
CA ARG A 954 -57.82 -2.67 -16.75
C ARG A 954 -58.98 -2.53 -17.72
N ASN A 955 -58.70 -2.48 -19.03
CA ASN A 955 -59.79 -2.43 -20.01
C ASN A 955 -60.46 -3.78 -20.16
N GLY A 956 -59.75 -4.87 -19.87
CA GLY A 956 -60.33 -6.19 -19.98
C GLY A 956 -59.41 -7.23 -19.40
N HIS A 957 -59.92 -8.46 -19.34
CA HIS A 957 -59.18 -9.59 -18.80
C HIS A 957 -58.52 -10.44 -19.88
N TRP A 958 -58.25 -9.85 -21.05
CA TRP A 958 -57.71 -10.63 -22.17
C TRP A 958 -56.28 -11.07 -21.89
N ALA A 959 -55.42 -10.13 -21.48
CA ALA A 959 -54.05 -10.48 -21.14
C ALA A 959 -54.00 -11.39 -19.92
N VAL A 960 -54.99 -11.28 -19.03
CA VAL A 960 -55.03 -12.14 -17.85
C VAL A 960 -55.26 -13.59 -18.25
N ASP A 961 -56.19 -13.83 -19.17
CA ASP A 961 -56.47 -15.19 -19.64
C ASP A 961 -55.45 -15.68 -20.67
N TYR A 962 -54.78 -14.76 -21.37
CA TYR A 962 -53.76 -15.16 -22.32
C TYR A 962 -52.61 -15.88 -21.63
N VAL A 963 -52.20 -15.37 -20.47
CA VAL A 963 -51.10 -15.99 -19.72
C VAL A 963 -51.45 -17.41 -19.33
N VAL A 964 -52.71 -17.68 -19.03
CA VAL A 964 -53.11 -19.01 -18.57
C VAL A 964 -53.45 -19.94 -19.74
N ASN A 965 -54.00 -19.41 -20.84
CA ASN A 965 -54.45 -20.26 -21.93
C ASN A 965 -53.34 -20.69 -22.87
N ARG A 966 -52.18 -20.02 -22.83
CA ARG A 966 -51.05 -20.45 -23.65
C ARG A 966 -50.63 -21.87 -23.30
N LEU A 967 -50.57 -22.16 -22.00
CA LEU A 967 -49.97 -23.40 -21.52
C LEU A 967 -50.80 -24.63 -21.87
N ASP A 968 -51.96 -24.46 -22.49
CA ASP A 968 -52.68 -25.61 -23.02
C ASP A 968 -51.88 -26.29 -24.13
N LEU A 969 -51.02 -25.53 -24.82
CA LEU A 969 -50.19 -26.11 -25.86
C LEU A 969 -49.09 -27.00 -25.27
N TYR A 970 -48.61 -26.66 -24.06
CA TYR A 970 -47.50 -27.36 -23.43
C TYR A 970 -47.91 -28.02 -22.13
N LYS A 971 -49.20 -28.32 -21.98
CA LYS A 971 -49.71 -28.83 -20.71
C LYS A 971 -49.09 -30.17 -20.33
N ASP A 972 -48.77 -31.01 -21.31
CA ASP A 972 -48.28 -32.35 -21.03
C ASP A 972 -46.83 -32.38 -20.53
N LYS A 973 -46.10 -31.28 -20.65
CA LYS A 973 -44.69 -31.28 -20.29
C LYS A 973 -44.53 -31.19 -18.77
N GLU A 974 -43.33 -31.57 -18.30
CA GLU A 974 -43.09 -31.75 -16.88
C GLU A 974 -43.29 -30.45 -16.11
N GLY A 975 -44.19 -30.46 -15.14
CA GLY A 975 -44.42 -29.33 -14.26
C GLY A 975 -45.23 -28.19 -14.86
N VAL A 976 -45.54 -28.24 -16.16
CA VAL A 976 -46.29 -27.15 -16.77
C VAL A 976 -47.73 -27.16 -16.32
N ALA A 977 -48.30 -28.35 -16.09
CA ALA A 977 -49.70 -28.44 -15.67
C ALA A 977 -49.91 -27.77 -14.32
N GLU A 978 -49.04 -28.06 -13.35
CA GLU A 978 -49.16 -27.45 -12.02
C GLU A 978 -48.82 -25.97 -12.03
N VAL A 979 -47.94 -25.53 -12.93
CA VAL A 979 -47.66 -24.10 -13.07
C VAL A 979 -48.86 -23.38 -13.65
N GLN A 980 -49.55 -24.02 -14.60
CA GLN A 980 -50.74 -23.39 -15.19
C GLN A 980 -51.87 -23.29 -14.16
N GLU A 981 -52.04 -24.32 -13.32
CA GLU A 981 -53.11 -24.30 -12.34
C GLU A 981 -52.90 -23.20 -11.31
N TRP A 982 -51.64 -22.96 -10.92
CA TRP A 982 -51.35 -21.85 -10.02
C TRP A 982 -51.70 -20.52 -10.68
N LEU A 983 -51.28 -20.35 -11.94
CA LEU A 983 -51.66 -19.16 -12.69
C LEU A 983 -53.16 -19.07 -12.88
N ARG A 984 -53.81 -20.20 -13.12
CA ARG A 984 -55.26 -20.19 -13.31
C ARG A 984 -55.99 -19.72 -12.06
N SER A 985 -55.66 -20.33 -10.91
CA SER A 985 -56.36 -20.01 -9.68
C SER A 985 -56.12 -18.57 -9.25
N ARG A 986 -54.91 -18.06 -9.47
CA ARG A 986 -54.60 -16.70 -9.07
C ARG A 986 -55.21 -15.67 -10.01
N MET A 987 -55.09 -15.90 -11.33
CA MET A 987 -55.69 -14.98 -12.29
C MET A 987 -57.22 -14.96 -12.19
N GLU A 988 -57.82 -16.12 -11.89
CA GLU A 988 -59.26 -16.17 -11.69
C GLU A 988 -59.68 -15.28 -10.51
N ARG A 989 -58.93 -15.34 -9.41
CA ARG A 989 -59.21 -14.49 -8.26
C ARG A 989 -58.98 -13.02 -8.57
N ILE A 990 -58.02 -12.73 -9.47
CA ILE A 990 -57.69 -11.33 -9.78
C ILE A 990 -58.81 -10.67 -10.58
N LYS A 991 -59.44 -11.42 -11.50
CA LYS A 991 -60.49 -10.85 -12.33
C LYS A 991 -61.70 -10.39 -11.51
N GLN A 992 -61.87 -10.92 -10.30
CA GLN A 992 -62.95 -10.51 -9.43
C GLN A 992 -62.71 -9.17 -8.75
N LEU A 993 -61.55 -8.56 -8.97
CA LEU A 993 -61.22 -7.27 -8.38
C LEU A 993 -61.77 -6.14 -9.23
N PRO A 994 -61.78 -4.90 -8.71
CA PRO A 994 -62.08 -3.76 -9.57
C PRO A 994 -61.11 -3.68 -10.73
N SER A 995 -61.57 -3.11 -11.84
CA SER A 995 -60.78 -3.08 -13.06
C SER A 995 -59.46 -2.35 -12.85
N TYR A 996 -59.50 -1.22 -12.16
CA TYR A 996 -58.30 -0.39 -11.98
C TYR A 996 -57.23 -1.06 -11.12
N LEU A 997 -57.54 -2.18 -10.46
CA LEU A 997 -56.57 -2.91 -9.66
C LEU A 997 -55.96 -4.09 -10.39
N VAL A 998 -56.54 -4.49 -11.54
CA VAL A 998 -56.02 -5.63 -12.28
C VAL A 998 -54.56 -5.44 -12.69
N PRO A 999 -54.13 -4.29 -13.23
CA PRO A 999 -52.72 -4.20 -13.68
C PRO A 999 -51.71 -4.44 -12.57
N SER A 1000 -51.93 -3.86 -11.39
CA SER A 1000 -50.98 -4.03 -10.30
C SER A 1000 -50.89 -5.49 -9.86
N PHE A 1001 -52.02 -6.19 -9.79
CA PHE A 1001 -52.01 -7.57 -9.36
C PHE A 1001 -51.60 -8.52 -10.47
N PHE A 1002 -51.81 -8.14 -11.74
CA PHE A 1002 -51.32 -8.96 -12.84
C PHE A 1002 -49.80 -8.98 -12.86
N ALA A 1003 -49.17 -7.81 -12.81
CA ALA A 1003 -47.72 -7.75 -12.77
C ALA A 1003 -47.16 -8.40 -11.51
N LEU A 1004 -47.95 -8.48 -10.44
CA LEU A 1004 -47.49 -9.12 -9.22
C LEU A 1004 -47.47 -10.64 -9.37
N VAL A 1005 -48.55 -11.21 -9.93
CA VAL A 1005 -48.62 -12.66 -10.11
C VAL A 1005 -47.57 -13.11 -11.12
N VAL A 1006 -47.41 -12.37 -12.22
CA VAL A 1006 -46.43 -12.74 -13.23
C VAL A 1006 -45.02 -12.72 -12.64
N GLY A 1007 -44.68 -11.63 -11.94
CA GLY A 1007 -43.35 -11.52 -11.38
C GLY A 1007 -43.04 -12.58 -10.34
N ILE A 1008 -44.05 -12.94 -9.53
CA ILE A 1008 -43.85 -13.97 -8.52
C ILE A 1008 -43.59 -15.32 -9.18
N MET A 1009 -44.41 -15.68 -10.17
CA MET A 1009 -44.21 -16.95 -10.87
C MET A 1009 -42.92 -16.93 -11.67
N TYR A 1010 -42.57 -15.78 -12.27
CA TYR A 1010 -41.30 -15.68 -12.99
C TYR A 1010 -40.12 -15.90 -12.06
N GLY A 1011 -40.14 -15.26 -10.89
CA GLY A 1011 -39.05 -15.43 -9.94
C GLY A 1011 -38.91 -16.88 -9.48
N CYS A 1012 -40.03 -17.55 -9.22
CA CYS A 1012 -39.97 -18.95 -8.83
C CYS A 1012 -39.45 -19.83 -9.96
N CYS A 1013 -39.76 -19.49 -11.21
CA CYS A 1013 -39.23 -20.25 -12.34
C CYS A 1013 -37.74 -20.01 -12.51
N ARG A 1014 -37.30 -18.75 -12.42
CA ARG A 1014 -35.89 -18.44 -12.55
C ARG A 1014 -35.07 -19.08 -11.44
N LEU A 1015 -35.62 -19.11 -10.22
CA LEU A 1015 -34.95 -19.83 -9.13
C LEU A 1015 -34.89 -21.32 -9.42
N ARG A 1016 -35.99 -21.89 -9.95
CA ARG A 1016 -36.00 -23.31 -10.27
C ARG A 1016 -34.91 -23.67 -11.26
N ALA A 1017 -34.57 -22.75 -12.16
CA ALA A 1017 -33.51 -23.02 -13.13
C ALA A 1017 -32.14 -23.06 -12.47
N MET A 1018 -31.85 -22.08 -11.62
CA MET A 1018 -30.55 -22.04 -10.94
C MET A 1018 -30.35 -23.26 -10.04
N GLN A 1019 -31.43 -23.77 -9.45
CA GLN A 1019 -31.31 -24.97 -8.62
C GLN A 1019 -30.99 -26.19 -9.47
N LEU A 1020 -31.58 -26.29 -10.66
CA LEU A 1020 -31.34 -27.45 -11.50
C LEU A 1020 -29.97 -27.39 -12.16
N MET A 1021 -29.40 -26.20 -12.30
CA MET A 1021 -28.09 -26.05 -12.90
C MET A 1021 -27.00 -26.27 -11.85
N SER A 1022 -25.75 -26.22 -12.28
CA SER A 1022 -24.62 -26.49 -11.41
C SER A 1022 -24.35 -25.30 -10.48
N ASP A 1023 -23.47 -25.53 -9.52
CA ASP A 1023 -23.24 -24.54 -8.47
C ASP A 1023 -22.61 -23.26 -9.02
N ASN A 1024 -21.73 -23.37 -10.01
CA ASN A 1024 -21.06 -22.18 -10.54
C ASN A 1024 -22.07 -21.20 -11.12
N VAL A 1025 -23.16 -21.69 -11.70
CA VAL A 1025 -24.16 -20.78 -12.25
C VAL A 1025 -25.13 -20.34 -11.16
N GLY A 1026 -25.59 -21.27 -10.34
CA GLY A 1026 -26.57 -20.98 -9.33
C GLY A 1026 -26.09 -20.16 -8.15
N LYS A 1027 -24.83 -19.72 -8.16
CA LYS A 1027 -24.28 -18.93 -7.07
C LYS A 1027 -23.61 -17.65 -7.55
N SER A 1028 -23.89 -17.22 -8.77
CA SER A 1028 -23.13 -16.17 -9.41
C SER A 1028 -23.95 -14.88 -9.51
N THR A 1029 -23.38 -13.88 -10.20
CA THR A 1029 -24.00 -12.58 -10.34
C THR A 1029 -25.22 -12.66 -11.27
N VAL A 1030 -25.99 -11.57 -11.32
CA VAL A 1030 -27.12 -11.48 -12.23
C VAL A 1030 -26.65 -11.66 -13.68
N PHE A 1031 -25.48 -11.10 -14.01
CA PHE A 1031 -24.98 -11.18 -15.38
C PHE A 1031 -24.74 -12.63 -15.79
N VAL A 1032 -24.09 -13.41 -14.93
CA VAL A 1032 -23.83 -14.80 -15.26
C VAL A 1032 -25.13 -15.60 -15.31
N GLN A 1033 -26.03 -15.37 -14.35
CA GLN A 1033 -27.31 -16.06 -14.36
C GLN A 1033 -28.18 -15.63 -15.54
N SER A 1034 -28.08 -14.36 -15.96
CA SER A 1034 -28.77 -13.93 -17.16
C SER A 1034 -28.21 -14.61 -18.40
N LEU A 1035 -26.88 -14.76 -18.46
CA LEU A 1035 -26.28 -15.50 -19.56
C LEU A 1035 -26.73 -16.95 -19.57
N ALA A 1036 -26.81 -17.56 -18.38
CA ALA A 1036 -27.16 -18.97 -18.30
C ALA A 1036 -28.61 -19.23 -18.71
N MET A 1037 -29.50 -18.26 -18.48
CA MET A 1037 -30.89 -18.43 -18.87
C MET A 1037 -31.06 -18.53 -20.39
N THR A 1038 -30.07 -18.06 -21.16
CA THR A 1038 -30.12 -18.24 -22.60
C THR A 1038 -30.12 -19.71 -23.00
N SER A 1039 -29.47 -20.56 -22.19
CA SER A 1039 -29.52 -22.00 -22.44
C SER A 1039 -30.95 -22.50 -22.49
N ILE A 1040 -31.81 -21.98 -21.61
CA ILE A 1040 -33.22 -22.38 -21.62
C ILE A 1040 -33.93 -21.79 -22.84
N GLN A 1041 -33.52 -20.61 -23.29
CA GLN A 1041 -34.16 -19.99 -24.44
C GLN A 1041 -33.98 -20.81 -25.70
N MET A 1042 -32.85 -21.50 -25.84
CA MET A 1042 -32.49 -22.15 -27.09
C MET A 1042 -32.80 -23.64 -27.13
N VAL A 1043 -32.87 -24.31 -25.99
CA VAL A 1043 -33.14 -25.75 -25.93
C VAL A 1043 -34.65 -25.92 -25.72
N SER A 1044 -35.33 -26.42 -26.74
CA SER A 1044 -36.76 -26.63 -26.70
C SER A 1044 -37.14 -27.78 -27.62
N ALA A 1045 -38.20 -28.48 -27.26
CA ALA A 1045 -38.78 -29.46 -28.17
C ALA A 1045 -39.71 -28.76 -29.14
N MET A 1046 -39.78 -29.28 -30.37
CA MET A 1046 -40.56 -28.68 -31.43
C MET A 1046 -41.38 -29.75 -32.15
N LYS A 1047 -42.26 -29.29 -33.04
CA LYS A 1047 -43.07 -30.17 -33.87
C LYS A 1047 -42.54 -30.25 -35.30
N SER A 1048 -42.08 -29.14 -35.86
CA SER A 1048 -41.66 -29.08 -37.25
C SER A 1048 -40.20 -29.47 -37.46
N THR A 1049 -39.45 -29.74 -36.40
CA THR A 1049 -38.05 -30.12 -36.53
C THR A 1049 -37.59 -30.70 -35.20
N SER A 1050 -36.35 -31.19 -35.20
CA SER A 1050 -35.72 -31.81 -34.03
C SER A 1050 -34.25 -32.03 -34.37
N ILE A 1051 -33.55 -32.78 -33.52
CA ILE A 1051 -32.19 -33.24 -33.82
C ILE A 1051 -32.15 -34.70 -34.20
N LEU A 1052 -33.25 -35.44 -34.01
CA LEU A 1052 -33.35 -36.84 -34.41
C LEU A 1052 -34.44 -37.00 -35.47
N PRO A 1053 -34.20 -37.84 -36.48
CA PRO A 1053 -35.21 -37.98 -37.55
C PRO A 1053 -36.43 -38.78 -37.15
N ASP A 1054 -36.34 -39.59 -36.09
CA ASP A 1054 -37.46 -40.43 -35.69
C ASP A 1054 -38.32 -39.79 -34.61
N GLN A 1055 -37.74 -38.91 -33.79
CA GLN A 1055 -38.46 -38.34 -32.64
C GLN A 1055 -38.33 -36.82 -32.67
N ASN A 1056 -39.24 -36.17 -31.93
CA ASN A 1056 -39.20 -34.73 -31.70
C ASN A 1056 -38.77 -34.51 -30.25
N ILE A 1057 -37.52 -34.13 -30.06
CA ILE A 1057 -36.98 -33.92 -28.72
C ILE A 1057 -36.36 -32.54 -28.63
N ALA A 1058 -35.70 -32.27 -27.50
CA ALA A 1058 -35.09 -30.96 -27.29
C ALA A 1058 -33.96 -30.72 -28.28
N ALA A 1059 -33.93 -29.53 -28.85
CA ALA A 1059 -32.95 -29.16 -29.86
C ALA A 1059 -32.51 -27.73 -29.64
N MET A 1060 -31.20 -27.51 -29.54
CA MET A 1060 -30.68 -26.17 -29.36
C MET A 1060 -30.83 -25.38 -30.65
N ALA A 1061 -31.61 -24.31 -30.60
CA ALA A 1061 -31.74 -23.44 -31.75
C ALA A 1061 -30.49 -22.57 -31.91
N ALA A 1062 -30.29 -22.08 -33.13
CA ALA A 1062 -29.16 -21.19 -33.38
C ALA A 1062 -29.41 -19.79 -32.84
N GLY A 1063 -30.68 -19.36 -32.82
CA GLY A 1063 -31.01 -18.04 -32.33
C GLY A 1063 -32.48 -17.71 -32.52
N LEU A 1064 -33.01 -16.80 -31.72
CA LEU A 1064 -34.41 -16.44 -31.80
C LEU A 1064 -34.55 -15.05 -32.42
N PRO A 1065 -35.58 -14.83 -33.26
CA PRO A 1065 -36.59 -15.82 -33.63
C PRO A 1065 -36.35 -16.51 -34.98
N HIS A 1066 -35.48 -15.92 -35.81
CA HIS A 1066 -35.36 -16.32 -37.20
C HIS A 1066 -34.62 -17.65 -37.39
N PHE A 1067 -34.04 -18.23 -36.34
CA PHE A 1067 -33.41 -19.54 -36.45
C PHE A 1067 -34.04 -20.50 -35.46
N SER A 1068 -35.35 -20.74 -35.57
CA SER A 1068 -36.06 -21.47 -34.54
C SER A 1068 -36.95 -22.59 -35.09
N THR A 1069 -37.43 -22.44 -36.33
CA THR A 1069 -38.39 -23.38 -36.89
C THR A 1069 -37.83 -24.04 -38.15
N ASN A 1070 -38.29 -25.26 -38.39
CA ASN A 1070 -37.98 -26.06 -39.60
C ASN A 1070 -36.46 -26.25 -39.66
N TYR A 1071 -35.85 -26.25 -40.85
CA TYR A 1071 -34.42 -26.48 -40.95
C TYR A 1071 -33.59 -25.29 -40.47
N MET A 1072 -34.21 -24.12 -40.27
CA MET A 1072 -33.48 -22.95 -39.81
C MET A 1072 -33.04 -23.04 -38.36
N ARG A 1073 -33.46 -24.08 -37.63
CA ARG A 1073 -33.19 -24.17 -36.20
C ARG A 1073 -31.79 -24.72 -35.91
N CYS A 1074 -31.57 -26.00 -36.25
CA CYS A 1074 -30.35 -26.69 -35.88
C CYS A 1074 -29.25 -26.46 -36.91
N TRP A 1075 -28.06 -26.11 -36.43
CA TRP A 1075 -26.89 -25.92 -37.27
C TRP A 1075 -25.68 -26.50 -36.56
N GLY A 1076 -25.01 -27.46 -37.20
CA GLY A 1076 -23.96 -28.20 -36.52
C GLY A 1076 -22.82 -27.33 -36.03
N ARG A 1077 -22.39 -26.38 -36.85
CA ARG A 1077 -21.36 -25.44 -36.40
C ARG A 1077 -21.82 -24.65 -35.19
N ASP A 1078 -23.06 -24.18 -35.20
CA ASP A 1078 -23.58 -23.37 -34.10
C ASP A 1078 -23.76 -24.21 -32.84
N VAL A 1079 -24.21 -25.45 -32.99
CA VAL A 1079 -24.54 -26.27 -31.83
C VAL A 1079 -23.30 -26.55 -30.99
N PHE A 1080 -22.23 -27.03 -31.63
CA PHE A 1080 -21.07 -27.51 -30.88
C PHE A 1080 -20.13 -26.40 -30.45
N ILE A 1081 -20.27 -25.19 -31.00
CA ILE A 1081 -19.56 -24.05 -30.41
C ILE A 1081 -20.22 -23.67 -29.09
N SER A 1082 -21.55 -23.72 -29.03
CA SER A 1082 -22.31 -23.33 -27.84
C SER A 1082 -22.50 -24.47 -26.85
N LEU A 1083 -22.07 -25.69 -27.20
CA LEU A 1083 -22.36 -26.85 -26.34
C LEU A 1083 -21.66 -26.72 -24.99
N ARG A 1084 -20.41 -26.26 -24.98
CA ARG A 1084 -19.68 -26.18 -23.72
C ARG A 1084 -20.23 -25.07 -22.84
N GLY A 1085 -20.59 -23.92 -23.43
CA GLY A 1085 -21.05 -22.80 -22.62
C GLY A 1085 -22.47 -22.97 -22.14
N LEU A 1086 -23.36 -23.38 -23.04
CA LEU A 1086 -24.77 -23.43 -22.70
C LEU A 1086 -25.15 -24.71 -21.99
N LEU A 1087 -24.48 -25.83 -22.27
CA LEU A 1087 -24.86 -27.13 -21.73
C LEU A 1087 -23.90 -27.69 -20.70
N LEU A 1088 -22.59 -27.57 -20.92
CA LEU A 1088 -21.62 -28.13 -19.99
C LEU A 1088 -21.37 -27.21 -18.80
N THR A 1089 -21.17 -25.91 -19.05
CA THR A 1089 -21.01 -24.96 -17.95
C THR A 1089 -22.23 -24.93 -17.06
N THR A 1090 -23.42 -25.07 -17.64
CA THR A 1090 -24.65 -25.01 -16.87
C THR A 1090 -25.03 -26.34 -16.23
N GLY A 1091 -24.42 -27.44 -16.66
CA GLY A 1091 -24.68 -28.74 -16.09
C GLY A 1091 -25.66 -29.61 -16.85
N ARG A 1092 -26.10 -29.19 -18.03
CA ARG A 1092 -27.00 -29.99 -18.86
C ARG A 1092 -26.19 -31.08 -19.58
N TYR A 1093 -25.79 -32.08 -18.79
CA TYR A 1093 -24.93 -33.13 -19.32
C TYR A 1093 -25.70 -34.08 -20.23
N GLU A 1094 -26.86 -34.56 -19.78
CA GLU A 1094 -27.63 -35.50 -20.58
C GLU A 1094 -28.10 -34.88 -21.88
N GLU A 1095 -28.39 -33.58 -21.88
CA GLU A 1095 -28.83 -32.90 -23.10
C GLU A 1095 -27.67 -32.65 -24.05
N ALA A 1096 -26.47 -32.39 -23.52
CA ALA A 1096 -25.30 -32.25 -24.39
C ALA A 1096 -24.93 -33.58 -25.03
N LYS A 1097 -25.18 -34.69 -24.34
CA LYS A 1097 -24.93 -36.00 -24.93
C LYS A 1097 -25.86 -36.27 -26.11
N GLU A 1098 -27.14 -35.90 -25.96
CA GLU A 1098 -28.10 -36.15 -27.03
C GLU A 1098 -27.71 -35.42 -28.31
N HIS A 1099 -27.16 -34.21 -28.19
CA HIS A 1099 -26.79 -33.46 -29.38
C HIS A 1099 -25.54 -34.05 -30.04
N ILE A 1100 -24.61 -34.57 -29.25
CA ILE A 1100 -23.43 -35.21 -29.82
C ILE A 1100 -23.83 -36.51 -30.53
N LEU A 1101 -24.72 -37.28 -29.93
CA LEU A 1101 -25.18 -38.52 -30.56
C LEU A 1101 -25.99 -38.23 -31.81
N ALA A 1102 -26.78 -37.16 -31.80
CA ALA A 1102 -27.66 -36.87 -32.92
C ALA A 1102 -26.88 -36.54 -34.18
N PHE A 1103 -25.84 -35.71 -34.05
CA PHE A 1103 -25.04 -35.34 -35.21
C PHE A 1103 -24.08 -36.44 -35.63
N ALA A 1104 -23.65 -37.29 -34.69
CA ALA A 1104 -22.75 -38.39 -35.03
C ALA A 1104 -23.40 -39.34 -36.02
N LYS A 1105 -24.72 -39.51 -35.93
CA LYS A 1105 -25.44 -40.36 -36.88
C LYS A 1105 -25.36 -39.80 -38.30
N THR A 1106 -25.24 -38.48 -38.43
CA THR A 1106 -25.27 -37.80 -39.72
C THR A 1106 -23.88 -37.49 -40.25
N LEU A 1107 -22.95 -38.43 -40.15
CA LEU A 1107 -21.60 -38.24 -40.66
C LEU A 1107 -21.50 -38.77 -42.09
N LYS A 1108 -20.87 -37.98 -42.96
CA LYS A 1108 -20.60 -38.40 -44.33
C LYS A 1108 -19.41 -37.62 -44.84
N HIS A 1109 -18.63 -38.24 -45.73
CA HIS A 1109 -17.35 -37.72 -46.19
C HIS A 1109 -16.39 -37.45 -45.05
N GLY A 1110 -16.59 -38.12 -43.92
CA GLY A 1110 -15.81 -37.82 -42.73
C GLY A 1110 -16.05 -36.42 -42.20
N LEU A 1111 -17.24 -35.87 -42.41
CA LEU A 1111 -17.53 -34.48 -42.09
C LEU A 1111 -18.88 -34.38 -41.40
N ILE A 1112 -18.94 -33.54 -40.36
CA ILE A 1112 -20.19 -33.22 -39.68
C ILE A 1112 -20.88 -32.12 -40.46
N PRO A 1113 -22.19 -32.23 -40.70
CA PRO A 1113 -22.88 -31.19 -41.47
C PRO A 1113 -23.20 -29.98 -40.61
N ASN A 1114 -23.26 -28.82 -41.26
CA ASN A 1114 -23.76 -27.62 -40.60
C ASN A 1114 -25.28 -27.65 -40.56
N LEU A 1115 -25.91 -27.46 -41.72
CA LEU A 1115 -27.37 -27.50 -41.82
C LEU A 1115 -27.88 -28.89 -41.47
N LEU A 1116 -28.45 -29.03 -40.28
CA LEU A 1116 -29.09 -30.27 -39.87
C LEU A 1116 -30.59 -30.16 -40.12
N ASP A 1117 -31.10 -31.04 -40.98
CA ASP A 1117 -32.55 -31.14 -41.21
C ASP A 1117 -33.14 -32.25 -40.35
N ALA A 1118 -32.86 -32.19 -39.05
CA ALA A 1118 -33.24 -33.22 -38.08
C ALA A 1118 -32.68 -34.58 -38.45
N GLY A 1119 -31.61 -34.63 -39.24
CA GLY A 1119 -31.01 -35.89 -39.62
C GLY A 1119 -31.58 -36.53 -40.87
N ARG A 1120 -32.37 -35.79 -41.66
CA ARG A 1120 -32.85 -36.27 -42.95
C ARG A 1120 -32.37 -35.29 -44.02
N ASN A 1121 -31.49 -35.76 -44.89
CA ASN A 1121 -30.88 -34.93 -45.93
C ASN A 1121 -30.20 -33.70 -45.33
N PRO A 1122 -29.14 -33.85 -44.53
CA PRO A 1122 -28.39 -32.67 -44.09
C PRO A 1122 -27.45 -32.18 -45.18
N ARG A 1123 -27.02 -30.92 -45.02
CA ARG A 1123 -26.16 -30.26 -45.98
C ARG A 1123 -24.71 -30.41 -45.55
N TYR A 1124 -23.87 -30.96 -46.43
CA TYR A 1124 -22.47 -31.20 -46.11
C TYR A 1124 -21.54 -30.25 -46.85
N ASN A 1125 -21.66 -28.95 -46.58
CA ASN A 1125 -20.70 -27.97 -47.07
C ASN A 1125 -19.91 -27.34 -45.93
N ALA A 1126 -19.77 -28.06 -44.81
CA ALA A 1126 -19.16 -27.53 -43.59
C ALA A 1126 -17.82 -28.22 -43.37
N ARG A 1127 -16.73 -27.48 -43.60
CA ARG A 1127 -15.40 -27.96 -43.24
C ARG A 1127 -15.03 -27.60 -41.81
N ASP A 1128 -15.80 -26.71 -41.16
CA ASP A 1128 -15.57 -26.34 -39.78
C ASP A 1128 -16.27 -27.25 -38.79
N ALA A 1129 -17.46 -27.75 -39.14
CA ALA A 1129 -18.34 -28.37 -38.16
C ALA A 1129 -17.71 -29.61 -37.53
N ALA A 1130 -17.02 -30.43 -38.32
CA ALA A 1130 -16.50 -31.69 -37.81
C ALA A 1130 -15.47 -31.47 -36.70
N TRP A 1131 -14.73 -30.37 -36.75
CA TRP A 1131 -13.69 -30.12 -35.76
C TRP A 1131 -14.21 -29.40 -34.53
N PHE A 1132 -15.24 -28.57 -34.67
CA PHE A 1132 -15.96 -28.10 -33.48
C PHE A 1132 -16.75 -29.24 -32.86
N PHE A 1133 -17.16 -30.22 -33.67
CA PHE A 1133 -17.85 -31.39 -33.14
C PHE A 1133 -16.91 -32.29 -32.35
N VAL A 1134 -15.71 -32.54 -32.87
CA VAL A 1134 -14.74 -33.38 -32.16
C VAL A 1134 -14.11 -32.64 -30.99
N GLN A 1135 -14.16 -31.30 -30.98
CA GLN A 1135 -13.72 -30.54 -29.83
C GLN A 1135 -14.76 -30.57 -28.71
N ALA A 1136 -16.05 -30.50 -29.08
CA ALA A 1136 -17.10 -30.62 -28.09
C ALA A 1136 -17.09 -31.99 -27.42
N ILE A 1137 -16.70 -33.03 -28.16
CA ILE A 1137 -16.55 -34.35 -27.56
C ILE A 1137 -15.45 -34.32 -26.51
N GLN A 1138 -14.34 -33.63 -26.81
CA GLN A 1138 -13.27 -33.48 -25.82
C GLN A 1138 -13.73 -32.67 -24.62
N ASP A 1139 -14.45 -31.57 -24.86
CA ASP A 1139 -15.00 -30.79 -23.75
C ASP A 1139 -16.00 -31.58 -22.94
N TYR A 1140 -16.75 -32.48 -23.58
CA TYR A 1140 -17.69 -33.32 -22.85
C TYR A 1140 -16.95 -34.27 -21.91
N VAL A 1141 -15.91 -34.94 -22.42
CA VAL A 1141 -15.17 -35.90 -21.60
C VAL A 1141 -14.40 -35.21 -20.50
N THR A 1142 -13.91 -33.99 -20.75
CA THR A 1142 -13.15 -33.27 -19.73
C THR A 1142 -14.02 -32.88 -18.55
N ILE A 1143 -15.25 -32.44 -18.82
CA ILE A 1143 -16.10 -31.85 -17.79
C ILE A 1143 -17.01 -32.88 -17.14
N VAL A 1144 -17.70 -33.68 -17.94
CA VAL A 1144 -18.75 -34.55 -17.42
C VAL A 1144 -18.13 -35.67 -16.60
N PRO A 1145 -18.60 -35.90 -15.37
CA PRO A 1145 -18.10 -37.04 -14.59
C PRO A 1145 -18.42 -38.36 -15.29
N GLY A 1146 -17.42 -39.23 -15.37
CA GLY A 1146 -17.58 -40.44 -16.15
C GLY A 1146 -17.82 -40.18 -17.63
N GLY A 1147 -17.22 -39.11 -18.16
CA GLY A 1147 -17.48 -38.70 -19.53
C GLY A 1147 -16.88 -39.61 -20.58
N VAL A 1148 -15.92 -40.46 -20.20
CA VAL A 1148 -15.35 -41.41 -21.15
C VAL A 1148 -16.39 -42.42 -21.61
N SER A 1149 -17.50 -42.57 -20.88
CA SER A 1149 -18.57 -43.46 -21.28
C SER A 1149 -19.18 -43.06 -22.62
N LEU A 1150 -19.02 -41.80 -23.03
CA LEU A 1150 -19.56 -41.35 -24.31
C LEU A 1150 -18.88 -42.04 -25.49
N LEU A 1151 -17.60 -42.40 -25.34
CA LEU A 1151 -16.83 -42.94 -26.45
C LEU A 1151 -17.41 -44.27 -26.94
N GLN A 1152 -17.99 -45.06 -26.04
CA GLN A 1152 -18.56 -46.35 -26.40
C GLN A 1152 -20.08 -46.31 -26.55
N GLU A 1153 -20.66 -45.12 -26.59
CA GLU A 1153 -22.07 -45.00 -26.92
C GLU A 1153 -22.28 -45.32 -28.40
N LYS A 1154 -23.29 -46.14 -28.69
CA LYS A 1154 -23.52 -46.65 -30.04
C LYS A 1154 -24.68 -45.91 -30.66
N VAL A 1155 -24.39 -45.09 -31.67
CA VAL A 1155 -25.40 -44.38 -32.44
C VAL A 1155 -25.68 -45.16 -33.72
N THR A 1156 -26.95 -45.20 -34.12
CA THR A 1156 -27.32 -45.80 -35.40
C THR A 1156 -26.98 -44.83 -36.51
N ARG A 1157 -25.96 -45.15 -37.31
CA ARG A 1157 -25.56 -44.28 -38.40
C ARG A 1157 -26.60 -44.31 -39.51
N ARG A 1158 -26.44 -43.42 -40.48
CA ARG A 1158 -27.48 -43.17 -41.47
C ARG A 1158 -26.88 -43.31 -42.84
N PHE A 1159 -26.46 -42.23 -43.49
CA PHE A 1159 -26.00 -42.34 -44.88
C PHE A 1159 -24.76 -43.21 -44.96
N PRO A 1160 -24.66 -44.12 -45.93
CA PRO A 1160 -23.68 -45.22 -45.86
C PRO A 1160 -22.23 -44.73 -45.81
N LEU A 1161 -21.36 -45.67 -45.44
CA LEU A 1161 -19.95 -45.36 -45.18
C LEU A 1161 -19.20 -44.98 -46.45
N ASP A 1162 -19.59 -45.54 -47.59
CA ASP A 1162 -18.85 -45.32 -48.84
C ASP A 1162 -19.28 -44.03 -49.53
N ASP A 1163 -19.74 -43.04 -48.75
CA ASP A 1163 -20.19 -41.76 -49.28
C ASP A 1163 -21.22 -41.95 -50.39
N GLU A 1164 -22.28 -42.70 -50.07
CA GLU A 1164 -23.27 -43.09 -51.08
C GLU A 1164 -24.27 -41.98 -51.31
N TYR A 1165 -25.45 -42.33 -51.83
CA TYR A 1165 -26.47 -41.34 -52.19
C TYR A 1165 -27.33 -40.96 -51.01
N ILE A 1166 -28.64 -40.86 -51.23
CA ILE A 1166 -29.57 -40.35 -50.22
C ILE A 1166 -30.71 -41.36 -50.05
N PRO A 1167 -30.64 -42.24 -49.06
CA PRO A 1167 -31.71 -43.23 -48.89
C PRO A 1167 -32.37 -43.18 -47.52
N TYR A 1168 -33.01 -42.06 -47.16
CA TYR A 1168 -33.62 -41.96 -45.85
C TYR A 1168 -34.70 -43.02 -45.64
N ASP A 1169 -35.39 -43.43 -46.71
CA ASP A 1169 -36.40 -44.47 -46.62
C ASP A 1169 -35.85 -45.86 -46.82
N ASP A 1170 -34.82 -46.02 -47.65
CA ASP A 1170 -34.28 -47.35 -47.94
C ASP A 1170 -33.77 -48.00 -46.66
N PRO A 1171 -33.93 -49.33 -46.52
CA PRO A 1171 -33.53 -49.99 -45.27
C PRO A 1171 -32.04 -49.92 -44.98
N LYS A 1172 -31.21 -49.49 -45.93
CA LYS A 1172 -29.79 -49.29 -45.68
C LYS A 1172 -29.50 -48.07 -44.80
N ALA A 1173 -30.51 -47.53 -44.11
CA ALA A 1173 -30.33 -46.39 -43.20
C ALA A 1173 -29.99 -46.89 -41.79
N PHE A 1174 -30.94 -47.56 -41.16
CA PHE A 1174 -30.74 -48.12 -39.81
C PHE A 1174 -29.83 -49.33 -39.87
N SER A 1175 -28.57 -49.15 -40.31
CA SER A 1175 -27.71 -50.27 -40.62
C SER A 1175 -26.49 -50.23 -39.69
N TYR A 1176 -25.33 -49.83 -40.20
CA TYR A 1176 -24.06 -50.06 -39.50
C TYR A 1176 -23.98 -49.21 -38.25
N SER A 1177 -23.98 -49.88 -37.09
CA SER A 1177 -23.80 -49.19 -35.83
C SER A 1177 -22.37 -48.68 -35.71
N SER A 1178 -22.21 -47.49 -35.12
CA SER A 1178 -20.91 -46.87 -34.95
C SER A 1178 -20.81 -46.28 -33.55
N THR A 1179 -19.73 -46.61 -32.85
CA THR A 1179 -19.46 -45.97 -31.57
C THR A 1179 -18.82 -44.60 -31.79
N ILE A 1180 -18.89 -43.76 -30.77
CA ILE A 1180 -18.24 -42.45 -30.85
C ILE A 1180 -16.74 -42.63 -30.98
N GLU A 1181 -16.19 -43.71 -30.42
CA GLU A 1181 -14.76 -43.98 -30.53
C GLU A 1181 -14.33 -44.09 -31.99
N GLU A 1182 -15.07 -44.87 -32.80
CA GLU A 1182 -14.73 -45.00 -34.20
C GLU A 1182 -15.16 -43.79 -35.03
N ILE A 1183 -16.16 -43.03 -34.58
CA ILE A 1183 -16.56 -41.82 -35.30
C ILE A 1183 -15.44 -40.79 -35.25
N ILE A 1184 -14.80 -40.63 -34.10
CA ILE A 1184 -13.69 -39.68 -33.99
C ILE A 1184 -12.55 -40.08 -34.91
N TYR A 1185 -12.17 -41.36 -34.86
CA TYR A 1185 -11.12 -41.86 -35.75
C TYR A 1185 -11.54 -41.81 -37.21
N GLU A 1186 -12.83 -42.05 -37.49
CA GLU A 1186 -13.31 -41.96 -38.87
C GLU A 1186 -13.11 -40.56 -39.43
N ILE A 1187 -13.18 -39.53 -38.58
CA ILE A 1187 -12.91 -38.17 -39.05
C ILE A 1187 -11.42 -37.94 -39.22
N LEU A 1188 -10.63 -38.37 -38.24
CA LEU A 1188 -9.19 -38.16 -38.30
C LEU A 1188 -8.55 -38.91 -39.46
N ASN A 1189 -9.00 -40.14 -39.71
CA ASN A 1189 -8.38 -40.96 -40.74
C ASN A 1189 -8.89 -40.61 -42.14
N ARG A 1190 -10.15 -40.21 -42.26
CA ARG A 1190 -10.70 -39.87 -43.57
C ARG A 1190 -10.09 -38.58 -44.13
N HIS A 1191 -9.80 -37.61 -43.26
CA HIS A 1191 -9.13 -36.40 -43.72
C HIS A 1191 -7.73 -36.70 -44.23
N ALA A 1192 -6.97 -37.52 -43.50
CA ALA A 1192 -5.60 -37.80 -43.89
C ALA A 1192 -5.55 -38.67 -45.15
N GLY A 1193 -6.34 -39.74 -45.19
CA GLY A 1193 -6.37 -40.59 -46.35
C GLY A 1193 -6.88 -39.91 -47.60
N GLY A 1194 -7.45 -38.72 -47.47
CA GLY A 1194 -7.95 -37.98 -48.61
C GLY A 1194 -9.43 -38.16 -48.83
N ILE A 1195 -10.12 -37.06 -49.10
CA ILE A 1195 -11.54 -37.08 -49.43
C ILE A 1195 -11.72 -36.40 -50.78
N LYS A 1196 -12.55 -37.00 -51.64
CA LYS A 1196 -12.88 -36.39 -52.93
C LYS A 1196 -14.33 -36.71 -53.26
N TYR A 1197 -15.17 -35.67 -53.31
CA TYR A 1197 -16.58 -35.85 -53.65
C TYR A 1197 -17.14 -34.53 -54.18
N ARG A 1198 -18.28 -34.64 -54.86
CA ARG A 1198 -19.14 -33.51 -55.14
C ARG A 1198 -20.42 -33.69 -54.33
N GLU A 1199 -20.96 -32.58 -53.81
CA GLU A 1199 -22.07 -32.64 -52.87
C GLU A 1199 -23.22 -33.47 -53.42
N ALA A 1200 -23.90 -34.18 -52.53
CA ALA A 1200 -25.06 -34.96 -52.93
C ALA A 1200 -26.18 -34.04 -53.40
N ASN A 1201 -26.95 -34.52 -54.38
CA ASN A 1201 -28.02 -33.76 -55.02
C ASN A 1201 -27.51 -32.44 -55.59
N ALA A 1202 -26.23 -32.43 -56.01
CA ALA A 1202 -25.61 -31.21 -56.51
C ALA A 1202 -26.44 -30.60 -57.63
N GLY A 1203 -26.54 -29.28 -57.60
CA GLY A 1203 -27.41 -28.56 -58.50
C GLY A 1203 -28.09 -27.42 -57.79
N PRO A 1204 -28.90 -26.64 -58.51
CA PRO A 1204 -29.50 -25.46 -57.88
C PRO A 1204 -30.38 -25.77 -56.69
N ASN A 1205 -31.11 -26.89 -56.72
CA ASN A 1205 -32.14 -27.17 -55.72
C ASN A 1205 -31.62 -27.20 -54.28
N LEU A 1206 -30.31 -27.02 -54.11
CA LEU A 1206 -29.72 -26.82 -52.79
C LEU A 1206 -29.31 -25.36 -52.62
N ASP A 1207 -28.34 -24.89 -53.40
CA ASP A 1207 -27.85 -23.52 -53.35
C ASP A 1207 -28.07 -22.93 -54.74
N ARG A 1208 -29.14 -22.15 -54.90
CA ARG A 1208 -29.50 -21.61 -56.22
C ARG A 1208 -28.66 -20.40 -56.62
N VAL A 1209 -27.54 -20.13 -55.94
CA VAL A 1209 -26.58 -19.15 -56.42
C VAL A 1209 -25.16 -19.70 -56.50
N MET A 1210 -24.84 -20.81 -55.83
CA MET A 1210 -23.52 -21.39 -55.94
C MET A 1210 -23.27 -21.89 -57.35
N LYS A 1211 -22.03 -21.74 -57.82
CA LYS A 1211 -21.70 -22.09 -59.18
C LYS A 1211 -21.44 -23.59 -59.32
N ASP A 1212 -21.33 -24.05 -60.57
CA ASP A 1212 -21.21 -25.48 -60.85
C ASP A 1212 -19.95 -26.06 -60.22
N GLU A 1213 -18.82 -25.37 -60.35
CA GLU A 1213 -17.58 -25.84 -59.73
C GLU A 1213 -17.59 -25.67 -58.22
N GLY A 1214 -18.46 -24.81 -57.68
CA GLY A 1214 -18.48 -24.60 -56.24
C GLY A 1214 -19.02 -25.79 -55.47
N PHE A 1215 -19.84 -26.62 -56.12
CA PHE A 1215 -20.40 -27.79 -55.44
C PHE A 1215 -19.37 -28.87 -55.16
N ASN A 1216 -18.27 -28.91 -55.93
CA ASN A 1216 -17.19 -29.85 -55.67
C ASN A 1216 -16.08 -29.12 -54.92
N VAL A 1217 -16.21 -29.11 -53.59
CA VAL A 1217 -15.15 -28.71 -52.68
C VAL A 1217 -14.45 -29.99 -52.26
N GLU A 1218 -13.22 -29.87 -51.76
CA GLU A 1218 -12.57 -31.00 -51.06
C GLU A 1218 -11.39 -30.52 -50.23
N VAL A 1219 -10.66 -31.48 -49.67
CA VAL A 1219 -9.75 -31.26 -48.54
C VAL A 1219 -8.71 -32.37 -48.54
N ASN A 1220 -7.46 -32.00 -48.22
CA ASN A 1220 -6.44 -32.99 -47.86
C ASN A 1220 -5.34 -32.26 -47.08
N VAL A 1221 -4.35 -33.04 -46.63
CA VAL A 1221 -3.33 -32.58 -45.70
C VAL A 1221 -2.00 -32.45 -46.43
N ASP A 1222 -1.32 -31.32 -46.24
CA ASP A 1222 0.05 -31.13 -46.70
C ASP A 1222 0.99 -31.73 -45.67
N TRP A 1223 1.59 -32.88 -46.00
CA TRP A 1223 2.35 -33.65 -45.01
C TRP A 1223 3.77 -33.14 -44.81
N GLU A 1224 4.22 -32.17 -45.60
CA GLU A 1224 5.44 -31.45 -45.25
C GLU A 1224 5.22 -30.44 -44.14
N THR A 1225 3.96 -30.19 -43.76
CA THR A 1225 3.61 -29.28 -42.68
C THR A 1225 2.66 -29.96 -41.71
N GLY A 1226 1.81 -30.85 -42.23
CA GLY A 1226 0.88 -31.60 -41.40
C GLY A 1226 -0.45 -30.93 -41.13
N LEU A 1227 -0.77 -29.84 -41.83
CA LEU A 1227 -2.01 -29.12 -41.61
C LEU A 1227 -2.98 -29.36 -42.77
N ILE A 1228 -4.25 -29.09 -42.50
CA ILE A 1228 -5.34 -29.41 -43.42
C ILE A 1228 -5.59 -28.24 -44.36
N HIS A 1229 -5.70 -28.54 -45.65
CA HIS A 1229 -6.10 -27.57 -46.66
C HIS A 1229 -7.46 -27.97 -47.23
N GLY A 1230 -8.05 -27.08 -48.01
CA GLY A 1230 -9.30 -27.37 -48.66
C GLY A 1230 -10.02 -26.11 -49.08
N GLY A 1231 -11.05 -26.30 -49.89
CA GLY A 1231 -11.83 -25.21 -50.42
C GLY A 1231 -11.34 -24.72 -51.75
N SER A 1232 -11.99 -23.66 -52.24
CA SER A 1232 -11.64 -23.06 -53.52
C SER A 1232 -12.14 -21.61 -53.52
N GLN A 1233 -12.13 -20.99 -54.69
CA GLN A 1233 -12.62 -19.62 -54.83
C GLN A 1233 -14.12 -19.55 -55.08
N PHE A 1234 -14.79 -20.70 -55.14
CA PHE A 1234 -16.24 -20.77 -55.30
C PHE A 1234 -16.86 -21.45 -54.08
N ASN A 1235 -16.30 -21.18 -52.91
CA ASN A 1235 -16.57 -21.99 -51.72
C ASN A 1235 -16.92 -21.11 -50.52
N CYS A 1236 -17.44 -21.78 -49.50
CA CYS A 1236 -17.75 -21.16 -48.21
C CYS A 1236 -17.75 -22.23 -47.13
N GLY A 1237 -16.67 -23.01 -47.04
CA GLY A 1237 -16.57 -24.11 -46.11
C GLY A 1237 -16.28 -23.75 -44.67
N THR A 1238 -16.07 -22.48 -44.38
CA THR A 1238 -15.77 -22.02 -43.03
C THR A 1238 -17.01 -21.37 -42.41
N TRP A 1239 -16.83 -20.75 -41.24
CA TRP A 1239 -17.94 -20.05 -40.61
C TRP A 1239 -18.25 -18.73 -41.30
N MET A 1240 -17.26 -18.13 -41.97
CA MET A 1240 -17.48 -16.92 -42.75
C MET A 1240 -18.03 -17.30 -44.13
N ASP A 1241 -19.26 -17.83 -44.11
CA ASP A 1241 -19.83 -18.48 -45.28
C ASP A 1241 -20.91 -17.62 -45.96
N LYS A 1242 -20.61 -16.35 -46.21
CA LYS A 1242 -21.53 -15.47 -46.93
C LYS A 1242 -21.31 -15.64 -48.42
N MET A 1243 -22.34 -16.12 -49.12
CA MET A 1243 -22.30 -16.32 -50.56
C MET A 1243 -23.01 -15.15 -51.24
N GLY A 1244 -22.35 -14.52 -52.21
CA GLY A 1244 -22.94 -13.38 -52.89
C GLY A 1244 -24.12 -13.77 -53.76
N GLU A 1245 -24.95 -12.77 -54.07
CA GLU A 1245 -26.18 -13.03 -54.81
C GLU A 1245 -26.71 -11.80 -55.52
N SER A 1246 -25.99 -10.68 -55.45
CA SER A 1246 -26.48 -9.44 -56.04
C SER A 1246 -26.23 -9.42 -57.54
N GLU A 1247 -27.32 -9.31 -58.32
CA GLU A 1247 -27.20 -9.24 -59.77
C GLU A 1247 -26.88 -7.83 -60.23
N LYS A 1248 -27.36 -6.80 -59.53
CA LYS A 1248 -27.05 -5.43 -59.91
C LYS A 1248 -25.60 -5.08 -59.59
N ALA A 1249 -25.01 -5.75 -58.61
CA ALA A 1249 -23.62 -5.55 -58.24
C ALA A 1249 -22.68 -6.54 -58.91
N ASN A 1250 -23.21 -7.50 -59.67
CA ASN A 1250 -22.42 -8.49 -60.39
C ASN A 1250 -21.56 -9.32 -59.43
N SER A 1251 -22.24 -10.06 -58.55
CA SER A 1251 -21.55 -10.90 -57.59
C SER A 1251 -22.28 -12.21 -57.35
N VAL A 1252 -23.20 -12.60 -58.24
CA VAL A 1252 -23.98 -13.82 -58.05
C VAL A 1252 -23.05 -15.03 -58.10
N GLY A 1253 -22.95 -15.75 -56.99
CA GLY A 1253 -22.10 -16.90 -56.89
C GLY A 1253 -20.69 -16.62 -56.41
N VAL A 1254 -20.33 -15.36 -56.22
CA VAL A 1254 -19.01 -14.98 -55.73
C VAL A 1254 -19.07 -14.95 -54.20
N PRO A 1255 -18.29 -15.78 -53.51
CA PRO A 1255 -18.31 -15.74 -52.05
C PRO A 1255 -17.51 -14.56 -51.51
N GLY A 1256 -18.07 -13.91 -50.50
CA GLY A 1256 -17.40 -12.74 -49.93
C GLY A 1256 -16.13 -13.11 -49.20
N THR A 1257 -16.15 -14.20 -48.44
CA THR A 1257 -14.99 -14.65 -47.68
C THR A 1257 -14.84 -16.17 -47.81
N PRO A 1258 -14.42 -16.64 -48.98
CA PRO A 1258 -14.00 -18.05 -49.07
C PRO A 1258 -12.65 -18.20 -48.38
N ARG A 1259 -12.52 -19.27 -47.60
CA ARG A 1259 -11.33 -19.51 -46.80
C ARG A 1259 -10.71 -20.83 -47.23
N ASP A 1260 -10.12 -20.80 -48.43
CA ASP A 1260 -9.51 -21.99 -49.01
C ASP A 1260 -8.10 -22.20 -48.49
N GLY A 1261 -7.72 -23.46 -48.31
CA GLY A 1261 -6.41 -23.78 -47.80
C GLY A 1261 -6.41 -24.07 -46.31
N ALA A 1262 -5.29 -23.76 -45.65
CA ALA A 1262 -5.13 -24.05 -44.23
C ALA A 1262 -5.81 -22.97 -43.40
N ALA A 1263 -6.91 -23.33 -42.73
CA ALA A 1263 -7.58 -22.43 -41.81
C ALA A 1263 -7.01 -22.62 -40.41
N VAL A 1264 -6.89 -21.52 -39.67
CA VAL A 1264 -6.28 -21.57 -38.36
C VAL A 1264 -7.13 -22.38 -37.38
N GLU A 1265 -8.45 -22.17 -37.41
CA GLU A 1265 -9.34 -22.87 -36.49
C GLU A 1265 -9.32 -24.36 -36.74
N ILE A 1266 -9.41 -24.78 -38.00
CA ILE A 1266 -9.41 -26.20 -38.33
C ILE A 1266 -8.11 -26.85 -37.87
N ASN A 1267 -6.98 -26.20 -38.13
CA ASN A 1267 -5.70 -26.75 -37.70
C ASN A 1267 -5.51 -26.66 -36.19
N GLY A 1268 -6.02 -25.60 -35.56
CA GLY A 1268 -5.98 -25.53 -34.12
C GLY A 1268 -6.84 -26.59 -33.45
N LEU A 1269 -8.04 -26.82 -33.99
CA LEU A 1269 -8.89 -27.89 -33.47
C LEU A 1269 -8.32 -29.26 -33.80
N LEU A 1270 -7.67 -29.40 -34.95
CA LEU A 1270 -7.01 -30.66 -35.29
C LEU A 1270 -5.92 -30.99 -34.26
N LYS A 1271 -5.09 -30.01 -33.93
CA LYS A 1271 -4.07 -30.22 -32.90
C LYS A 1271 -4.70 -30.57 -31.57
N SER A 1272 -5.81 -29.92 -31.22
CA SER A 1272 -6.52 -30.24 -29.99
C SER A 1272 -7.07 -31.67 -30.04
N CYS A 1273 -7.51 -32.12 -31.21
CA CYS A 1273 -8.04 -33.47 -31.34
C CYS A 1273 -6.91 -34.50 -31.25
N LEU A 1274 -5.76 -34.20 -31.85
CA LEU A 1274 -4.63 -35.12 -31.79
C LEU A 1274 -4.11 -35.27 -30.36
N ARG A 1275 -3.93 -34.14 -29.67
CA ARG A 1275 -3.54 -34.20 -28.25
C ARG A 1275 -4.59 -34.93 -27.43
N PHE A 1276 -5.86 -34.84 -27.82
CA PHE A 1276 -6.92 -35.50 -27.07
C PHE A 1276 -6.83 -37.03 -27.21
N VAL A 1277 -6.66 -37.52 -28.44
CA VAL A 1277 -6.64 -38.96 -28.65
C VAL A 1277 -5.33 -39.58 -28.17
N LEU A 1278 -4.25 -38.80 -28.14
CA LEU A 1278 -2.97 -39.34 -27.69
C LEU A 1278 -3.01 -39.70 -26.22
N GLN A 1279 -3.40 -38.75 -25.37
CA GLN A 1279 -3.53 -39.05 -23.94
C GLN A 1279 -4.66 -40.04 -23.69
N LEU A 1280 -5.64 -40.11 -24.59
CA LEU A 1280 -6.71 -41.09 -24.46
C LEU A 1280 -6.19 -42.51 -24.69
N SER A 1281 -5.31 -42.68 -25.67
CA SER A 1281 -4.70 -44.00 -25.89
C SER A 1281 -3.80 -44.38 -24.72
N LYS A 1282 -3.19 -43.40 -24.05
CA LYS A 1282 -2.36 -43.69 -22.90
C LYS A 1282 -3.17 -44.27 -21.75
N ASP A 1283 -4.45 -43.95 -21.68
CA ASP A 1283 -5.33 -44.44 -20.63
C ASP A 1283 -6.16 -45.64 -21.06
N GLY A 1284 -5.96 -46.15 -22.27
CA GLY A 1284 -6.68 -47.33 -22.72
C GLY A 1284 -8.12 -47.07 -23.10
N LYS A 1285 -8.42 -45.87 -23.62
CA LYS A 1285 -9.77 -45.53 -24.05
C LYS A 1285 -9.88 -45.28 -25.54
N PHE A 1286 -8.77 -45.42 -26.29
CA PHE A 1286 -8.77 -45.23 -27.74
C PHE A 1286 -7.81 -46.25 -28.34
N LYS A 1287 -8.32 -47.09 -29.23
CA LYS A 1287 -7.56 -48.22 -29.73
C LYS A 1287 -6.59 -47.87 -30.85
N TYR A 1288 -6.74 -46.71 -31.48
CA TYR A 1288 -6.18 -46.47 -32.80
C TYR A 1288 -4.96 -45.55 -32.74
N THR A 1289 -3.93 -45.92 -33.50
CA THR A 1289 -2.80 -45.05 -33.78
C THR A 1289 -2.41 -45.04 -35.25
N GLU A 1290 -3.01 -45.89 -36.08
CA GLU A 1290 -2.67 -45.97 -37.50
C GLU A 1290 -3.48 -44.97 -38.30
N VAL A 1291 -2.83 -44.33 -39.27
CA VAL A 1291 -3.46 -43.34 -40.13
C VAL A 1291 -2.97 -43.60 -41.55
N THR A 1292 -3.90 -43.88 -42.46
CA THR A 1292 -3.57 -44.18 -43.84
C THR A 1292 -3.53 -42.89 -44.66
N LYS A 1293 -2.57 -42.83 -45.58
CA LYS A 1293 -2.24 -41.83 -46.59
C LYS A 1293 -2.74 -42.28 -47.95
N PRO A 1294 -3.21 -41.33 -48.80
CA PRO A 1294 -3.73 -41.69 -50.14
C PRO A 1294 -2.95 -42.76 -50.89
N ASP A 1295 -1.63 -42.79 -50.74
CA ASP A 1295 -0.85 -43.85 -51.39
C ASP A 1295 -1.03 -45.18 -50.68
N GLY A 1296 -0.98 -45.17 -49.35
CA GLY A 1296 -1.05 -46.39 -48.57
C GLY A 1296 -0.13 -46.35 -47.38
N SER A 1297 0.67 -45.29 -47.29
CA SER A 1297 1.60 -45.12 -46.19
C SER A 1297 0.84 -44.94 -44.88
N LYS A 1298 1.57 -45.07 -43.77
CA LYS A 1298 0.98 -44.93 -42.44
C LYS A 1298 1.81 -43.98 -41.60
N ILE A 1299 1.13 -43.18 -40.79
CA ILE A 1299 1.76 -42.22 -39.88
C ILE A 1299 1.10 -42.34 -38.52
N SER A 1300 1.91 -42.49 -37.48
CA SER A 1300 1.39 -42.56 -36.13
C SER A 1300 0.75 -41.25 -35.74
N LEU A 1301 -0.27 -41.31 -34.88
CA LEU A 1301 -0.97 -40.11 -34.45
C LEU A 1301 -0.04 -39.14 -33.73
N SER A 1302 0.99 -39.66 -33.05
CA SER A 1302 1.93 -38.79 -32.37
C SER A 1302 2.80 -38.03 -33.36
N SER A 1303 3.15 -38.66 -34.48
CA SER A 1303 3.96 -37.99 -35.49
C SER A 1303 3.17 -36.85 -36.15
N TRP A 1304 1.91 -37.11 -36.50
CA TRP A 1304 1.03 -36.06 -37.01
C TRP A 1304 0.86 -34.96 -35.97
N ASN A 1305 0.83 -35.33 -34.69
CA ASN A 1305 0.74 -34.34 -33.62
C ASN A 1305 2.02 -33.50 -33.56
N ASP A 1306 3.18 -34.14 -33.73
CA ASP A 1306 4.44 -33.41 -33.67
C ASP A 1306 4.68 -32.60 -34.94
N LEU A 1307 4.14 -33.04 -36.08
CA LEU A 1307 4.29 -32.28 -37.32
C LEU A 1307 3.69 -30.89 -37.19
N LEU A 1308 2.46 -30.81 -36.66
CA LEU A 1308 1.85 -29.50 -36.43
C LEU A 1308 2.64 -28.71 -35.39
N GLN A 1309 3.14 -29.38 -34.35
CA GLN A 1309 3.90 -28.70 -33.31
C GLN A 1309 5.15 -28.06 -33.90
N GLU A 1310 5.77 -28.70 -34.89
CA GLU A 1310 6.98 -28.19 -35.50
C GLU A 1310 6.71 -27.20 -36.63
N ASN A 1311 5.50 -27.20 -37.20
CA ASN A 1311 5.25 -26.45 -38.43
C ASN A 1311 4.08 -25.49 -38.39
N PHE A 1312 3.20 -25.56 -37.39
CA PHE A 1312 2.04 -24.67 -37.37
C PHE A 1312 2.46 -23.21 -37.22
N GLU A 1313 3.19 -22.91 -36.13
CA GLU A 1313 3.62 -21.54 -35.90
C GLU A 1313 4.55 -21.04 -37.00
N ARG A 1314 5.25 -21.95 -37.67
CA ARG A 1314 6.15 -21.55 -38.74
C ARG A 1314 5.39 -21.03 -39.96
N CYS A 1315 4.22 -21.61 -40.24
CA CYS A 1315 3.49 -21.24 -41.44
C CYS A 1315 2.62 -20.00 -41.21
N PHE A 1316 2.04 -19.87 -40.02
CA PHE A 1316 1.04 -18.83 -39.79
C PHE A 1316 1.60 -17.55 -39.19
N TYR A 1317 2.61 -17.64 -38.33
CA TYR A 1317 3.09 -16.45 -37.64
C TYR A 1317 3.80 -15.50 -38.61
N VAL A 1318 3.61 -14.20 -38.37
CA VAL A 1318 4.28 -13.16 -39.15
C VAL A 1318 5.17 -12.37 -38.18
N PRO A 1319 6.49 -12.48 -38.28
CA PRO A 1319 7.36 -11.94 -37.24
C PRO A 1319 7.40 -10.42 -37.23
N LYS A 1320 7.52 -9.87 -36.03
CA LYS A 1320 7.59 -8.42 -35.87
C LYS A 1320 8.82 -7.85 -36.56
N ASN A 1321 9.95 -8.54 -36.47
CA ASN A 1321 11.19 -8.07 -37.07
C ASN A 1321 11.30 -8.57 -38.50
N LYS A 1322 11.72 -7.68 -39.40
CA LYS A 1322 11.99 -8.07 -40.78
C LYS A 1322 13.15 -9.06 -40.85
N GLU A 1323 13.94 -9.17 -39.79
CA GLU A 1323 15.13 -10.02 -39.80
C GLU A 1323 14.77 -11.49 -40.00
N ASP A 1324 13.73 -11.96 -39.31
CA ASP A 1324 13.39 -13.38 -39.27
C ASP A 1324 12.31 -13.76 -40.27
N ASP A 1325 12.16 -12.99 -41.35
CA ASP A 1325 11.21 -13.34 -42.40
C ASP A 1325 11.64 -14.59 -43.17
N ASN A 1326 12.92 -14.97 -43.08
CA ASN A 1326 13.45 -16.10 -43.84
C ASN A 1326 13.16 -17.45 -43.18
N LYS A 1327 12.36 -17.48 -42.13
CA LYS A 1327 12.02 -18.71 -41.44
C LYS A 1327 10.52 -18.98 -41.35
N PHE A 1328 9.67 -17.96 -41.46
CA PHE A 1328 8.24 -18.12 -41.25
C PHE A 1328 7.43 -18.06 -42.55
N GLU A 1329 8.07 -18.28 -43.69
CA GLU A 1329 7.41 -18.34 -45.00
C GLU A 1329 6.52 -17.12 -45.24
N ILE A 1330 7.13 -16.00 -45.62
CA ILE A 1330 6.40 -14.74 -45.81
C ILE A 1330 6.88 -14.10 -47.10
N ASP A 1331 5.92 -13.71 -47.94
CA ASP A 1331 6.19 -12.89 -49.12
C ASP A 1331 5.78 -11.46 -48.74
N ALA A 1332 6.77 -10.68 -48.27
CA ALA A 1332 6.52 -9.36 -47.72
C ALA A 1332 5.93 -8.35 -48.71
N THR A 1333 5.79 -8.70 -50.00
CA THR A 1333 5.06 -7.84 -50.92
C THR A 1333 3.58 -7.79 -50.58
N ILE A 1334 3.06 -8.82 -49.92
CA ILE A 1334 1.65 -8.90 -49.53
C ILE A 1334 1.63 -9.12 -48.03
N ILE A 1335 1.70 -8.03 -47.26
CA ILE A 1335 1.61 -8.08 -45.81
C ILE A 1335 1.07 -6.74 -45.33
N ASN A 1336 0.37 -6.76 -44.19
CA ASN A 1336 -0.23 -5.54 -43.64
C ASN A 1336 0.40 -5.21 -42.29
N ARG A 1337 0.12 -5.96 -41.24
CA ARG A 1337 0.75 -5.77 -39.94
C ARG A 1337 1.52 -7.03 -39.57
N ARG A 1338 2.70 -6.85 -39.01
CA ARG A 1338 3.48 -7.96 -38.50
C ARG A 1338 3.30 -8.08 -36.99
N GLY A 1339 3.81 -9.18 -36.44
CA GLY A 1339 3.41 -9.58 -35.11
C GLY A 1339 2.05 -10.22 -35.08
N ILE A 1340 1.57 -10.72 -36.22
CA ILE A 1340 0.22 -11.22 -36.40
C ILE A 1340 0.29 -12.70 -36.75
N TYR A 1341 -0.68 -13.46 -36.25
CA TYR A 1341 -0.88 -14.83 -36.69
C TYR A 1341 -1.80 -14.84 -37.90
N LYS A 1342 -1.41 -15.57 -38.94
CA LYS A 1342 -2.11 -15.60 -40.21
C LYS A 1342 -3.59 -15.95 -40.04
N ASP A 1343 -4.38 -15.66 -41.08
CA ASP A 1343 -5.76 -16.12 -41.16
C ASP A 1343 -5.91 -17.38 -41.99
N LEU A 1344 -5.10 -17.49 -43.05
CA LEU A 1344 -5.10 -18.67 -43.92
C LEU A 1344 -3.69 -18.87 -44.46
N TYR A 1345 -3.35 -20.12 -44.73
CA TYR A 1345 -2.09 -20.47 -45.36
C TYR A 1345 -2.35 -20.93 -46.79
N ARG A 1346 -1.62 -20.34 -47.73
CA ARG A 1346 -1.75 -20.57 -49.18
C ARG A 1346 -3.22 -20.63 -49.62
N SER A 1347 -3.92 -19.53 -49.38
CA SER A 1347 -5.27 -19.39 -49.90
C SER A 1347 -5.22 -18.97 -51.37
N GLY A 1348 -6.40 -18.82 -51.97
CA GLY A 1348 -6.49 -18.41 -53.36
C GLY A 1348 -5.88 -17.06 -53.64
N LYS A 1349 -6.41 -16.02 -53.02
CA LYS A 1349 -5.82 -14.68 -53.11
C LYS A 1349 -4.84 -14.51 -51.94
N PRO A 1350 -3.55 -14.34 -52.21
CA PRO A 1350 -2.56 -14.38 -51.12
C PRO A 1350 -2.69 -13.27 -50.10
N TYR A 1351 -3.35 -12.15 -50.43
CA TYR A 1351 -3.49 -11.10 -49.45
C TYR A 1351 -4.48 -11.47 -48.35
N GLU A 1352 -5.42 -12.37 -48.65
CA GLU A 1352 -6.31 -12.90 -47.62
C GLU A 1352 -5.60 -13.85 -46.67
N ASP A 1353 -4.35 -14.23 -46.97
CA ASP A 1353 -3.55 -14.97 -46.01
C ASP A 1353 -3.11 -14.07 -44.86
N TYR A 1354 -2.62 -12.88 -45.18
CA TYR A 1354 -2.05 -11.96 -44.19
C TYR A 1354 -3.05 -10.90 -43.77
N GLN A 1355 -4.25 -11.32 -43.37
CA GLN A 1355 -5.28 -10.43 -42.88
C GLN A 1355 -5.50 -10.65 -41.38
N PHE A 1356 -5.70 -9.55 -40.66
CA PHE A 1356 -5.96 -9.62 -39.23
C PHE A 1356 -7.43 -9.93 -39.01
N ARG A 1357 -7.70 -11.11 -38.46
CA ARG A 1357 -9.06 -11.60 -38.24
C ARG A 1357 -9.12 -12.27 -36.88
N PRO A 1358 -10.31 -12.36 -36.28
CA PRO A 1358 -10.42 -12.98 -34.96
C PRO A 1358 -10.36 -14.50 -34.96
N ASN A 1359 -10.17 -15.14 -36.10
CA ASN A 1359 -10.30 -16.59 -36.17
C ASN A 1359 -9.11 -17.31 -35.54
N PHE A 1360 -7.92 -16.71 -35.58
CA PHE A 1360 -6.75 -17.37 -35.01
C PHE A 1360 -6.89 -17.61 -33.51
N THR A 1361 -7.76 -16.86 -32.84
CA THR A 1361 -7.92 -17.01 -31.40
C THR A 1361 -8.57 -18.32 -31.02
N ILE A 1362 -9.34 -18.93 -31.93
CA ILE A 1362 -9.90 -20.25 -31.66
C ILE A 1362 -8.79 -21.27 -31.46
N ALA A 1363 -7.74 -21.18 -32.29
CA ALA A 1363 -6.60 -22.09 -32.13
C ALA A 1363 -5.85 -21.82 -30.83
N MET A 1364 -5.71 -20.55 -30.45
CA MET A 1364 -5.03 -20.22 -29.19
C MET A 1364 -5.75 -20.86 -28.01
N VAL A 1365 -7.08 -20.93 -28.07
CA VAL A 1365 -7.84 -21.49 -26.96
C VAL A 1365 -7.72 -23.00 -26.93
N VAL A 1366 -7.94 -23.66 -28.07
CA VAL A 1366 -8.04 -25.11 -28.09
C VAL A 1366 -6.68 -25.80 -28.19
N ALA A 1367 -5.66 -25.11 -28.70
CA ALA A 1367 -4.32 -25.69 -28.85
C ALA A 1367 -3.28 -24.63 -28.47
N PRO A 1368 -3.17 -24.30 -27.17
CA PRO A 1368 -2.20 -23.29 -26.76
C PRO A 1368 -0.76 -23.75 -26.88
N GLU A 1369 -0.52 -25.06 -27.01
CA GLU A 1369 0.85 -25.55 -27.14
C GLU A 1369 1.49 -25.14 -28.46
N LEU A 1370 0.68 -24.81 -29.46
CA LEU A 1370 1.18 -24.41 -30.78
C LEU A 1370 1.80 -23.01 -30.78
N PHE A 1371 1.84 -22.32 -29.65
CA PHE A 1371 2.21 -20.91 -29.63
C PHE A 1371 3.31 -20.68 -28.61
N THR A 1372 4.39 -20.04 -29.05
CA THR A 1372 5.35 -19.50 -28.11
C THR A 1372 4.71 -18.30 -27.40
N PRO A 1373 4.78 -18.22 -26.08
CA PRO A 1373 3.95 -17.24 -25.36
C PRO A 1373 4.15 -15.78 -25.79
N ASP A 1374 5.40 -15.35 -25.98
CA ASP A 1374 5.65 -13.95 -26.31
C ASP A 1374 5.02 -13.56 -27.64
N TYR A 1375 5.02 -14.49 -28.61
CA TYR A 1375 4.38 -14.21 -29.89
C TYR A 1375 2.87 -14.13 -29.74
N ALA A 1376 2.28 -15.03 -28.94
CA ALA A 1376 0.83 -15.05 -28.80
C ALA A 1376 0.33 -13.86 -27.99
N ALA A 1377 1.07 -13.46 -26.95
CA ALA A 1377 0.64 -12.34 -26.13
C ALA A 1377 0.65 -11.04 -26.92
N GLY A 1378 1.70 -10.80 -27.70
CA GLY A 1378 1.76 -9.59 -28.51
C GLY A 1378 0.76 -9.60 -29.64
N ALA A 1379 0.45 -10.78 -30.20
CA ALA A 1379 -0.51 -10.85 -31.30
C ALA A 1379 -1.93 -10.61 -30.81
N ILE A 1380 -2.28 -11.11 -29.62
CA ILE A 1380 -3.61 -10.89 -29.09
C ILE A 1380 -3.75 -9.49 -28.50
N GLU A 1381 -2.64 -8.81 -28.20
CA GLU A 1381 -2.72 -7.42 -27.77
C GLU A 1381 -3.07 -6.51 -28.94
N LEU A 1382 -2.56 -6.83 -30.14
CA LEU A 1382 -2.97 -6.09 -31.33
C LEU A 1382 -4.45 -6.26 -31.61
N ALA A 1383 -4.97 -7.48 -31.44
CA ALA A 1383 -6.39 -7.72 -31.63
C ALA A 1383 -7.23 -6.95 -30.61
N ASP A 1384 -6.71 -6.79 -29.40
CA ASP A 1384 -7.39 -5.99 -28.39
C ASP A 1384 -7.48 -4.53 -28.82
N GLN A 1385 -6.45 -4.04 -29.50
CA GLN A 1385 -6.43 -2.63 -29.89
C GLN A 1385 -7.15 -2.38 -31.20
N VAL A 1386 -7.19 -3.37 -32.09
CA VAL A 1386 -7.61 -3.18 -33.47
C VAL A 1386 -8.92 -3.89 -33.77
N LEU A 1387 -9.05 -5.15 -33.33
CA LEU A 1387 -10.18 -5.99 -33.73
C LEU A 1387 -11.27 -6.09 -32.68
N ARG A 1388 -11.13 -5.43 -31.54
CA ARG A 1388 -12.06 -5.58 -30.43
C ARG A 1388 -13.04 -4.43 -30.43
N GLY A 1389 -14.32 -4.74 -30.67
CA GLY A 1389 -15.38 -3.76 -30.54
C GLY A 1389 -15.93 -3.76 -29.12
N PRO A 1390 -17.01 -3.02 -28.89
CA PRO A 1390 -17.57 -2.98 -27.53
C PRO A 1390 -18.27 -4.27 -27.14
N VAL A 1391 -18.98 -4.92 -28.06
CA VAL A 1391 -19.70 -6.15 -27.74
C VAL A 1391 -19.30 -7.26 -28.70
N GLY A 1392 -18.92 -6.89 -29.93
CA GLY A 1392 -18.57 -7.84 -30.95
C GLY A 1392 -17.11 -7.74 -31.34
N MET A 1393 -16.66 -8.73 -32.13
CA MET A 1393 -15.29 -8.82 -32.59
C MET A 1393 -15.24 -8.51 -34.07
N ARG A 1394 -14.43 -7.52 -34.46
CA ARG A 1394 -14.34 -7.12 -35.85
C ARG A 1394 -13.80 -8.26 -36.70
N THR A 1395 -14.56 -8.65 -37.73
CA THR A 1395 -14.20 -9.76 -38.59
C THR A 1395 -13.08 -9.42 -39.57
N LEU A 1396 -12.68 -8.15 -39.67
CA LEU A 1396 -11.63 -7.77 -40.61
C LEU A 1396 -10.99 -6.47 -40.13
N ASP A 1397 -9.67 -6.40 -40.29
CA ASP A 1397 -8.87 -5.26 -39.88
C ASP A 1397 -9.42 -3.96 -40.51
N PRO A 1398 -9.76 -2.96 -39.69
CA PRO A 1398 -10.29 -1.71 -40.27
C PRO A 1398 -9.35 -1.03 -41.25
N SER A 1399 -8.04 -1.19 -41.08
CA SER A 1399 -7.08 -0.55 -41.99
C SER A 1399 -7.07 -1.19 -43.38
N ASP A 1400 -7.69 -2.35 -43.55
CA ASP A 1400 -7.73 -2.99 -44.84
C ASP A 1400 -8.66 -2.24 -45.79
N TYR A 1401 -8.41 -2.41 -47.09
CA TYR A 1401 -9.22 -1.75 -48.11
C TYR A 1401 -10.55 -2.44 -48.36
N ASN A 1402 -10.66 -3.73 -48.04
CA ASN A 1402 -11.91 -4.46 -48.14
C ASN A 1402 -12.84 -4.23 -46.95
N TYR A 1403 -12.47 -3.35 -46.02
CA TYR A 1403 -13.18 -3.19 -44.77
C TYR A 1403 -14.49 -2.44 -44.99
N ARG A 1404 -15.60 -3.17 -44.87
CA ARG A 1404 -16.94 -2.56 -44.90
C ARG A 1404 -17.71 -3.09 -43.70
N PRO A 1405 -17.80 -2.32 -42.62
CA PRO A 1405 -18.35 -2.84 -41.36
C PRO A 1405 -19.85 -2.69 -41.18
N TYR A 1406 -20.59 -2.27 -42.20
CA TYR A 1406 -22.04 -2.12 -42.13
C TYR A 1406 -22.69 -3.19 -43.00
N TYR A 1407 -23.56 -3.98 -42.39
CA TYR A 1407 -24.20 -5.12 -43.06
C TYR A 1407 -25.67 -4.82 -43.30
N ASN A 1408 -26.07 -4.83 -44.56
CA ASN A 1408 -27.46 -4.66 -44.97
C ASN A 1408 -27.78 -5.73 -45.99
N ASN A 1409 -28.70 -6.64 -45.65
CA ASN A 1409 -29.01 -7.77 -46.52
C ASN A 1409 -29.87 -7.39 -47.72
N GLY A 1410 -30.68 -6.34 -47.61
CA GLY A 1410 -31.56 -5.92 -48.68
C GLY A 1410 -31.01 -4.92 -49.65
N GLU A 1411 -29.75 -4.52 -49.50
CA GLU A 1411 -29.15 -3.52 -50.38
C GLU A 1411 -29.12 -4.02 -51.82
N ASP A 1412 -29.67 -3.22 -52.73
CA ASP A 1412 -29.73 -3.56 -54.15
C ASP A 1412 -28.68 -2.86 -54.98
N SER A 1413 -27.87 -1.99 -54.38
CA SER A 1413 -26.96 -1.14 -55.12
C SER A 1413 -25.91 -1.98 -55.85
N ASP A 1414 -25.19 -1.31 -56.77
CA ASP A 1414 -24.20 -1.97 -57.62
C ASP A 1414 -22.82 -2.04 -56.97
N ASP A 1415 -22.76 -2.11 -55.64
CA ASP A 1415 -21.49 -2.20 -54.94
C ASP A 1415 -21.10 -3.66 -54.80
N PHE A 1416 -19.94 -4.03 -55.35
CA PHE A 1416 -19.53 -5.43 -55.38
C PHE A 1416 -19.28 -5.98 -53.97
N ALA A 1417 -18.89 -5.13 -53.02
CA ALA A 1417 -18.52 -5.58 -51.69
C ALA A 1417 -19.66 -5.51 -50.69
N THR A 1418 -20.66 -4.64 -50.90
CA THR A 1418 -21.68 -4.40 -49.88
C THR A 1418 -23.06 -4.93 -50.25
N SER A 1419 -23.35 -5.11 -51.53
CA SER A 1419 -24.72 -5.41 -51.95
C SER A 1419 -25.16 -6.81 -51.51
N LYS A 1420 -26.39 -6.89 -51.01
CA LYS A 1420 -27.04 -8.15 -50.63
C LYS A 1420 -26.27 -8.91 -49.55
N GLY A 1421 -25.47 -8.21 -48.76
CA GLY A 1421 -24.88 -8.78 -47.56
C GLY A 1421 -23.49 -9.34 -47.68
N ARG A 1422 -22.77 -9.07 -48.77
CA ARG A 1422 -21.41 -9.58 -48.92
C ARG A 1422 -20.48 -9.10 -47.80
N ASN A 1423 -20.83 -8.01 -47.11
CA ASN A 1423 -20.01 -7.50 -46.02
C ASN A 1423 -19.97 -8.42 -44.81
N TYR A 1424 -20.86 -9.41 -44.75
CA TYR A 1424 -21.17 -10.18 -43.53
C TYR A 1424 -19.95 -10.45 -42.64
N HIS A 1425 -18.80 -10.75 -43.24
CA HIS A 1425 -17.62 -11.14 -42.47
C HIS A 1425 -16.41 -10.29 -42.83
N GLN A 1426 -16.64 -9.04 -43.26
CA GLN A 1426 -15.57 -8.14 -43.66
C GLN A 1426 -15.69 -6.82 -42.92
N GLY A 1427 -15.78 -6.88 -41.59
CA GLY A 1427 -15.97 -5.68 -40.81
C GLY A 1427 -16.93 -5.81 -39.64
N PRO A 1428 -18.14 -6.35 -39.89
CA PRO A 1428 -19.12 -6.50 -38.80
C PRO A 1428 -18.54 -7.20 -37.58
N GLU A 1429 -19.01 -6.79 -36.41
CA GLU A 1429 -18.49 -7.24 -35.12
C GLU A 1429 -19.37 -8.37 -34.60
N TRP A 1430 -18.79 -9.57 -34.51
CA TRP A 1430 -19.51 -10.75 -34.04
C TRP A 1430 -19.20 -11.00 -32.57
N VAL A 1431 -20.23 -11.43 -31.83
CA VAL A 1431 -20.12 -11.49 -30.37
C VAL A 1431 -19.46 -12.78 -29.89
N TRP A 1432 -19.61 -13.88 -30.63
CA TRP A 1432 -19.05 -15.14 -30.16
C TRP A 1432 -17.53 -15.16 -30.24
N CYS A 1433 -16.97 -14.53 -31.27
CA CYS A 1433 -15.51 -14.43 -31.37
C CYS A 1433 -14.93 -13.66 -30.19
N TYR A 1434 -15.73 -12.77 -29.59
CA TYR A 1434 -15.31 -12.06 -28.39
C TYR A 1434 -15.06 -13.03 -27.24
N GLY A 1435 -15.87 -14.09 -27.14
CA GLY A 1435 -15.70 -15.10 -26.13
C GLY A 1435 -14.38 -15.83 -26.27
N TYR A 1436 -14.13 -16.41 -27.45
CA TYR A 1436 -12.84 -17.04 -27.71
C TYR A 1436 -11.70 -16.05 -27.58
N PHE A 1437 -11.93 -14.78 -27.93
CA PHE A 1437 -10.89 -13.76 -27.80
C PHE A 1437 -10.51 -13.55 -26.35
N ILE A 1438 -11.50 -13.23 -25.51
CA ILE A 1438 -11.21 -12.90 -24.12
C ILE A 1438 -10.78 -14.12 -23.32
N ARG A 1439 -11.14 -15.33 -23.79
CA ARG A 1439 -10.63 -16.54 -23.14
C ARG A 1439 -9.13 -16.66 -23.32
N ALA A 1440 -8.62 -16.40 -24.52
CA ALA A 1440 -7.18 -16.45 -24.75
C ALA A 1440 -6.48 -15.17 -24.30
N TYR A 1441 -7.17 -14.03 -24.37
CA TYR A 1441 -6.62 -12.81 -23.80
C TYR A 1441 -6.34 -12.97 -22.32
N HIS A 1442 -7.24 -13.67 -21.61
CA HIS A 1442 -7.00 -14.00 -20.21
C HIS A 1442 -5.84 -14.98 -20.06
N TYR A 1443 -5.78 -15.99 -20.94
CA TYR A 1443 -4.80 -17.06 -20.76
C TYR A 1443 -3.38 -16.57 -20.99
N PHE A 1444 -3.14 -15.85 -22.10
CA PHE A 1444 -1.78 -15.47 -22.44
C PHE A 1444 -1.30 -14.26 -21.67
N ASN A 1445 -2.20 -13.35 -21.26
CA ASN A 1445 -1.79 -12.30 -20.34
C ASN A 1445 -1.45 -12.89 -18.97
N PHE A 1446 -2.13 -13.97 -18.57
CA PHE A 1446 -1.82 -14.62 -17.31
C PHE A 1446 -0.45 -15.29 -17.34
N LEU A 1447 -0.01 -15.73 -18.52
CA LEU A 1447 1.28 -16.38 -18.62
C LEU A 1447 2.40 -15.37 -18.86
N THR A 1448 2.11 -14.31 -19.61
CA THR A 1448 3.15 -13.38 -20.05
C THR A 1448 3.40 -12.27 -19.02
N ASN A 1449 2.41 -11.41 -18.83
CA ASN A 1449 2.61 -10.21 -18.02
C ASN A 1449 2.79 -10.57 -16.55
N PRO A 1450 3.89 -10.18 -15.91
CA PRO A 1450 4.06 -10.46 -14.48
C PRO A 1450 3.05 -9.73 -13.60
N LYS A 1451 2.47 -8.64 -14.08
CA LYS A 1451 1.46 -7.92 -13.31
C LYS A 1451 0.13 -8.67 -13.23
N CYS A 1452 -0.06 -9.70 -14.05
CA CYS A 1452 -1.32 -10.45 -14.08
C CYS A 1452 -1.32 -11.66 -13.17
N GLN A 1453 -0.30 -11.81 -12.33
CA GLN A 1453 -0.21 -12.93 -11.41
C GLN A 1453 -0.02 -12.42 -9.99
N VAL A 1454 -0.60 -13.14 -9.02
CA VAL A 1454 -0.45 -12.83 -7.61
C VAL A 1454 -0.44 -14.13 -6.83
N GLU A 1455 0.00 -14.05 -5.58
CA GLU A 1455 0.17 -15.25 -4.76
C GLU A 1455 -1.12 -16.05 -4.66
N GLY A 1456 -1.00 -17.36 -4.79
CA GLY A 1456 -2.14 -18.26 -4.71
C GLY A 1456 -2.22 -18.94 -3.35
N SER A 1457 -3.43 -19.02 -2.81
CA SER A 1457 -3.66 -19.66 -1.53
C SER A 1457 -3.24 -21.13 -1.61
N ALA A 1458 -2.31 -21.52 -0.74
CA ALA A 1458 -1.69 -22.84 -0.74
C ALA A 1458 -0.80 -23.05 -1.97
N LYS A 1459 -0.15 -21.96 -2.40
CA LYS A 1459 0.87 -21.97 -3.45
C LYS A 1459 0.31 -22.54 -4.77
N LYS A 1460 -0.54 -21.73 -5.39
CA LYS A 1460 -1.06 -22.04 -6.73
C LYS A 1460 -1.34 -20.70 -7.42
N LEU A 1461 -0.38 -20.25 -8.23
CA LEU A 1461 -0.39 -18.94 -8.87
C LEU A 1461 -1.73 -18.60 -9.52
N LYS A 1462 -2.45 -17.64 -8.97
CA LYS A 1462 -3.75 -17.18 -9.44
C LYS A 1462 -3.61 -15.83 -10.16
N PRO A 1463 -4.63 -15.43 -10.91
CA PRO A 1463 -4.58 -14.10 -11.55
C PRO A 1463 -4.59 -12.99 -10.52
N SER A 1464 -4.17 -11.81 -10.97
CA SER A 1464 -4.11 -10.63 -10.12
C SER A 1464 -5.36 -9.78 -10.32
N SER A 1465 -5.55 -8.84 -9.39
CA SER A 1465 -6.65 -7.89 -9.52
C SER A 1465 -6.45 -7.01 -10.75
N TYR A 1466 -5.20 -6.81 -11.18
CA TYR A 1466 -4.93 -6.05 -12.39
C TYR A 1466 -5.55 -6.73 -13.62
N LEU A 1467 -5.48 -8.05 -13.67
CA LEU A 1467 -6.04 -8.78 -14.81
C LEU A 1467 -7.56 -8.89 -14.71
N TYR A 1468 -8.07 -9.24 -13.52
CA TYR A 1468 -9.51 -9.29 -13.32
C TYR A 1468 -10.16 -7.96 -13.66
N ARG A 1469 -9.48 -6.85 -13.36
CA ARG A 1469 -10.01 -5.54 -13.71
C ARG A 1469 -10.06 -5.36 -15.22
N LYS A 1470 -9.01 -5.80 -15.93
CA LYS A 1470 -9.01 -5.69 -17.39
C LYS A 1470 -10.06 -6.60 -18.01
N LEU A 1471 -10.30 -7.78 -17.44
CA LEU A 1471 -11.38 -8.64 -17.93
C LEU A 1471 -12.75 -8.03 -17.65
N TYR A 1472 -12.91 -7.46 -16.46
CA TYR A 1472 -14.22 -6.91 -16.08
C TYR A 1472 -14.61 -5.73 -16.96
N SER A 1473 -13.64 -4.88 -17.33
CA SER A 1473 -13.95 -3.72 -18.15
C SER A 1473 -14.48 -4.13 -19.52
N ARG A 1474 -14.01 -5.24 -20.06
CA ARG A 1474 -14.38 -5.69 -21.39
C ARG A 1474 -15.70 -6.45 -21.42
N LEU A 1475 -16.35 -6.63 -20.27
CA LEU A 1475 -17.64 -7.28 -20.21
C LEU A 1475 -18.75 -6.34 -19.77
N LEU A 1476 -18.44 -5.08 -19.49
CA LEU A 1476 -19.47 -4.12 -19.11
C LEU A 1476 -20.47 -3.90 -20.24
N LYS A 1477 -19.98 -3.78 -21.47
CA LYS A 1477 -20.88 -3.58 -22.60
C LYS A 1477 -21.75 -4.80 -22.85
N HIS A 1478 -21.27 -5.99 -22.48
CA HIS A 1478 -22.10 -7.18 -22.60
C HIS A 1478 -23.17 -7.24 -21.52
N ARG A 1479 -22.80 -6.92 -20.28
CA ARG A 1479 -23.80 -6.88 -19.22
C ARG A 1479 -24.84 -5.79 -19.48
N GLU A 1480 -24.41 -4.67 -20.08
CA GLU A 1480 -25.37 -3.64 -20.46
C GLU A 1480 -26.31 -4.15 -21.56
N TRP A 1481 -25.77 -4.89 -22.53
CA TRP A 1481 -26.57 -5.34 -23.66
C TRP A 1481 -27.69 -6.27 -23.18
N ILE A 1482 -27.34 -7.30 -22.41
CA ILE A 1482 -28.35 -8.26 -21.95
C ILE A 1482 -29.29 -7.63 -20.92
N GLU A 1483 -28.86 -6.58 -20.23
CA GLU A 1483 -29.76 -5.88 -19.31
C GLU A 1483 -30.84 -5.12 -20.08
N ASN A 1484 -30.43 -4.33 -21.07
CA ASN A 1484 -31.36 -3.46 -21.78
C ASN A 1484 -31.70 -3.98 -23.17
N SER A 1485 -32.14 -5.24 -23.24
CA SER A 1485 -32.56 -5.85 -24.49
C SER A 1485 -33.90 -6.53 -24.27
N PRO A 1486 -34.90 -6.27 -25.12
CA PRO A 1486 -36.20 -6.96 -24.95
C PRO A 1486 -36.07 -8.47 -24.98
N TRP A 1487 -35.20 -8.99 -25.84
CA TRP A 1487 -34.76 -10.37 -25.76
C TRP A 1487 -33.68 -10.48 -24.71
N ALA A 1488 -33.87 -11.37 -23.73
CA ALA A 1488 -32.94 -11.50 -22.61
C ALA A 1488 -31.68 -12.25 -23.03
N GLY A 1489 -30.96 -11.65 -23.98
CA GLY A 1489 -29.76 -12.28 -24.49
C GLY A 1489 -28.88 -11.29 -25.23
N LEU A 1490 -27.83 -11.84 -25.85
CA LEU A 1490 -26.87 -11.07 -26.62
C LEU A 1490 -27.11 -11.26 -28.11
N ALA A 1491 -26.83 -10.21 -28.87
CA ALA A 1491 -27.06 -10.26 -30.31
C ALA A 1491 -26.05 -11.17 -30.99
N GLU A 1492 -26.39 -11.60 -32.21
CA GLU A 1492 -25.45 -12.37 -33.01
C GLU A 1492 -24.36 -11.49 -33.61
N LEU A 1493 -24.72 -10.27 -34.00
CA LEU A 1493 -23.83 -9.43 -34.79
C LEU A 1493 -24.08 -7.97 -34.42
N THR A 1494 -23.06 -7.14 -34.67
CA THR A 1494 -23.14 -5.71 -34.41
C THR A 1494 -22.43 -4.97 -35.53
N ASN A 1495 -22.99 -3.84 -35.95
CA ASN A 1495 -22.34 -2.98 -36.93
C ASN A 1495 -21.13 -2.30 -36.27
N LYS A 1496 -20.52 -1.37 -36.99
CA LYS A 1496 -19.25 -0.80 -36.55
C LYS A 1496 -19.38 -0.06 -35.23
N ASP A 1497 -18.52 -0.40 -34.28
CA ASP A 1497 -18.38 0.32 -33.02
C ASP A 1497 -19.71 0.36 -32.25
N GLY A 1498 -20.34 -0.81 -32.11
CA GLY A 1498 -21.51 -0.94 -31.28
C GLY A 1498 -22.82 -0.57 -31.93
N GLU A 1499 -22.82 -0.01 -33.13
CA GLU A 1499 -24.07 0.37 -33.78
C GLU A 1499 -24.94 -0.85 -34.02
N VAL A 1500 -26.22 -0.73 -33.68
CA VAL A 1500 -27.12 -1.88 -33.74
C VAL A 1500 -27.35 -2.28 -35.19
N CYS A 1501 -27.26 -3.58 -35.46
CA CYS A 1501 -27.52 -4.13 -36.79
C CYS A 1501 -28.94 -4.70 -36.79
N ASN A 1502 -29.83 -4.07 -37.57
CA ASN A 1502 -31.22 -4.50 -37.61
C ASN A 1502 -31.36 -5.92 -38.15
N ASP A 1503 -30.48 -6.32 -39.06
CA ASP A 1503 -30.55 -7.65 -39.64
C ASP A 1503 -29.94 -8.73 -38.76
N SER A 1504 -29.18 -8.34 -37.73
CA SER A 1504 -28.61 -9.33 -36.82
C SER A 1504 -29.70 -9.95 -35.96
N SER A 1505 -29.50 -11.21 -35.61
CA SER A 1505 -30.45 -11.90 -34.75
C SER A 1505 -30.32 -11.37 -33.33
N PRO A 1506 -31.44 -11.06 -32.65
CA PRO A 1506 -31.33 -10.37 -31.35
C PRO A 1506 -30.78 -11.24 -30.23
N THR A 1507 -31.00 -12.55 -30.26
CA THR A 1507 -30.45 -13.46 -29.26
C THR A 1507 -29.89 -14.67 -29.98
N GLN A 1508 -28.60 -14.93 -29.78
CA GLN A 1508 -27.92 -16.02 -30.47
C GLN A 1508 -27.27 -16.97 -29.47
N ALA A 1509 -27.33 -18.26 -29.78
CA ALA A 1509 -26.85 -19.28 -28.85
C ALA A 1509 -25.35 -19.14 -28.61
N TRP A 1510 -24.56 -19.08 -29.69
CA TRP A 1510 -23.12 -19.07 -29.51
C TRP A 1510 -22.58 -17.68 -29.15
N SER A 1511 -23.38 -16.62 -29.24
CA SER A 1511 -22.93 -15.32 -28.76
C SER A 1511 -22.83 -15.30 -27.25
N THR A 1512 -23.74 -15.98 -26.56
CA THR A 1512 -23.71 -16.05 -25.10
C THR A 1512 -22.89 -17.23 -24.60
N GLY A 1513 -22.95 -18.37 -25.29
CA GLY A 1513 -22.23 -19.55 -24.84
C GLY A 1513 -20.73 -19.33 -24.80
N CYS A 1514 -20.20 -18.47 -25.67
CA CYS A 1514 -18.76 -18.19 -25.65
C CYS A 1514 -18.39 -17.31 -24.46
N LEU A 1515 -19.31 -16.48 -23.98
CA LEU A 1515 -19.05 -15.73 -22.76
C LEU A 1515 -19.12 -16.62 -21.53
N LEU A 1516 -20.02 -17.60 -21.53
CA LEU A 1516 -20.07 -18.56 -20.43
C LEU A 1516 -18.83 -19.44 -20.40
N ASP A 1517 -18.19 -19.66 -21.55
CA ASP A 1517 -16.93 -20.39 -21.59
C ASP A 1517 -15.88 -19.69 -20.75
N LEU A 1518 -15.83 -18.36 -20.80
CA LEU A 1518 -14.84 -17.62 -20.04
C LEU A 1518 -15.06 -17.79 -18.54
N PHE A 1519 -16.30 -17.63 -18.08
CA PHE A 1519 -16.58 -17.74 -16.65
C PHE A 1519 -16.26 -19.14 -16.13
N TYR A 1520 -16.53 -20.17 -16.93
CA TYR A 1520 -16.20 -21.53 -16.50
C TYR A 1520 -14.70 -21.74 -16.41
N ASP A 1521 -13.92 -21.07 -17.25
CA ASP A 1521 -12.46 -21.15 -17.14
C ASP A 1521 -11.99 -20.59 -15.80
N LEU A 1522 -12.43 -19.39 -15.45
CA LEU A 1522 -12.02 -18.77 -14.20
C LEU A 1522 -12.51 -19.56 -12.98
N TRP A 1523 -13.65 -20.23 -13.11
CA TRP A 1523 -14.19 -20.99 -11.98
C TRP A 1523 -13.43 -22.30 -11.78
N ILE A 1524 -13.33 -23.11 -12.83
CA ILE A 1524 -12.79 -24.46 -12.71
C ILE A 1524 -11.29 -24.49 -12.43
N SER A 1525 -10.59 -23.36 -12.60
CA SER A 1525 -9.15 -23.33 -12.39
C SER A 1525 -8.73 -22.60 -11.12
N TYR A 1526 -9.60 -21.80 -10.53
CA TYR A 1526 -9.20 -20.97 -9.39
C TYR A 1526 -10.12 -21.10 -8.19
N GLU A 1527 -11.43 -21.11 -8.40
CA GLU A 1527 -12.41 -21.06 -7.30
C GLU A 1527 -12.55 -22.45 -6.67
N GLU A 1528 -11.51 -22.84 -5.93
CA GLU A 1528 -11.51 -24.11 -5.23
C GLU A 1528 -11.17 -23.92 -3.75
N ALA B 3 20.15 -31.87 6.07
CA ALA B 3 20.03 -31.57 7.49
C ALA B 3 19.90 -30.07 7.73
N HIS B 4 21.04 -29.40 7.93
CA HIS B 4 21.06 -27.99 8.28
C HIS B 4 22.07 -27.27 7.40
N ARG B 5 21.61 -26.68 6.30
CA ARG B 5 22.46 -25.91 5.42
C ARG B 5 21.99 -24.46 5.36
N THR B 6 22.00 -23.77 6.50
CA THR B 6 21.47 -22.43 6.62
C THR B 6 22.56 -21.49 7.11
N LEU B 7 22.69 -20.34 6.47
CA LEU B 7 23.59 -19.27 6.90
C LEU B 7 22.77 -18.06 7.32
N LEU B 8 23.28 -17.33 8.31
CA LEU B 8 22.63 -16.15 8.85
C LEU B 8 23.29 -14.89 8.27
N LEU B 9 22.51 -14.07 7.60
CA LEU B 9 22.98 -12.80 7.04
C LEU B 9 22.22 -11.67 7.70
N ARG B 10 22.84 -11.03 8.69
CA ARG B 10 22.21 -9.93 9.40
C ARG B 10 22.31 -8.64 8.59
N LEU B 11 21.24 -7.87 8.59
CA LEU B 11 21.18 -6.60 7.88
C LEU B 11 21.18 -5.44 8.87
N SER B 12 21.73 -4.31 8.43
CA SER B 12 21.73 -3.11 9.24
C SER B 12 20.34 -2.46 9.21
N ASP B 13 20.23 -1.31 9.87
CA ASP B 13 18.97 -0.56 9.83
C ASP B 13 18.70 0.04 8.46
N SER B 14 19.69 0.05 7.57
CA SER B 14 19.53 0.50 6.19
C SER B 14 19.46 -0.67 5.22
N GLY B 15 19.34 -1.90 5.71
CA GLY B 15 19.24 -3.07 4.87
C GLY B 15 20.55 -3.61 4.33
N GLU B 16 21.67 -3.00 4.69
CA GLU B 16 22.96 -3.46 4.18
C GLU B 16 23.47 -4.64 5.01
N PRO B 17 24.13 -5.61 4.38
CA PRO B 17 24.63 -6.76 5.15
C PRO B 17 25.72 -6.36 6.13
N VAL B 18 25.71 -7.00 7.29
CA VAL B 18 26.65 -6.70 8.36
C VAL B 18 27.84 -7.64 8.25
N THR B 19 29.04 -7.11 8.44
CA THR B 19 30.27 -7.90 8.40
C THR B 19 30.56 -8.44 9.80
N SER B 20 30.58 -9.77 9.92
CA SER B 20 30.93 -10.42 11.19
C SER B 20 32.42 -10.43 11.45
N CYS B 21 33.24 -10.35 10.41
CA CYS B 21 34.69 -10.31 10.55
C CYS B 21 35.28 -9.46 9.43
N SER B 22 36.49 -8.96 9.67
CA SER B 22 37.20 -8.13 8.69
C SER B 22 38.27 -8.99 8.02
N TYR B 23 37.88 -9.66 6.95
CA TYR B 23 38.81 -10.45 6.14
C TYR B 23 39.39 -9.66 4.98
N GLY B 24 39.01 -8.40 4.84
CA GLY B 24 39.41 -7.56 3.72
C GLY B 24 38.26 -7.32 2.76
N GLN B 25 38.56 -6.56 1.71
CA GLN B 25 37.58 -6.32 0.66
C GLN B 25 37.16 -7.64 0.03
N GLY B 26 35.87 -7.96 0.10
CA GLY B 26 35.43 -9.27 -0.31
C GLY B 26 34.04 -9.39 -0.90
N VAL B 27 33.57 -10.63 -1.00
CA VAL B 27 32.30 -10.97 -1.64
C VAL B 27 31.57 -11.98 -0.76
N LEU B 28 30.25 -11.83 -0.64
CA LEU B 28 29.42 -12.74 0.15
C LEU B 28 29.34 -14.08 -0.59
N THR B 29 30.38 -14.88 -0.43
CA THR B 29 30.46 -16.19 -1.06
C THR B 29 29.99 -17.26 -0.08
N LEU B 30 29.24 -18.23 -0.60
CA LEU B 30 28.81 -19.35 0.23
C LEU B 30 29.76 -20.53 0.03
N PRO B 31 30.02 -21.30 1.09
CA PRO B 31 31.08 -22.32 1.01
C PRO B 31 30.72 -23.43 0.05
N SER B 32 31.70 -23.84 -0.76
CA SER B 32 31.51 -24.94 -1.70
C SER B 32 31.56 -26.25 -0.93
N LEU B 33 30.46 -27.00 -1.01
CA LEU B 33 30.31 -28.27 -0.33
C LEU B 33 29.54 -29.23 -1.21
N PRO B 34 29.79 -30.52 -1.09
CA PRO B 34 29.00 -31.49 -1.86
C PRO B 34 27.57 -31.56 -1.36
N LEU B 35 26.68 -32.01 -2.23
CA LEU B 35 25.31 -32.25 -1.84
C LEU B 35 25.25 -33.39 -0.82
N PRO B 36 24.15 -33.53 -0.09
CA PRO B 36 24.02 -34.67 0.83
C PRO B 36 24.14 -36.00 0.09
N GLN B 37 24.25 -37.06 0.88
CA GLN B 37 24.51 -38.41 0.36
C GLN B 37 23.45 -38.85 -0.65
N GLY B 38 23.85 -38.98 -1.91
CA GLY B 38 22.96 -39.49 -2.95
C GLY B 38 21.80 -38.58 -3.28
N LYS B 39 22.03 -37.28 -3.37
CA LYS B 39 20.99 -36.31 -3.68
C LYS B 39 21.47 -35.38 -4.78
N LYS B 40 20.58 -35.12 -5.74
CA LYS B 40 20.89 -34.29 -6.89
C LYS B 40 20.31 -32.89 -6.70
N LEU B 41 20.64 -32.00 -7.64
CA LEU B 41 20.12 -30.64 -7.62
C LEU B 41 18.61 -30.65 -7.79
N GLY B 42 17.89 -30.11 -6.80
CA GLY B 42 16.44 -30.01 -6.83
C GLY B 42 15.75 -30.80 -5.73
N ASP B 43 16.38 -31.89 -5.27
CA ASP B 43 15.79 -32.69 -4.20
C ASP B 43 15.58 -31.88 -2.94
N MET B 44 16.43 -30.88 -2.70
CA MET B 44 16.36 -30.06 -1.51
C MET B 44 17.17 -28.79 -1.75
N PRO B 45 16.94 -27.73 -0.97
CA PRO B 45 17.73 -26.51 -1.16
C PRO B 45 19.21 -26.75 -0.91
N VAL B 46 20.04 -26.21 -1.79
CA VAL B 46 21.49 -26.26 -1.59
C VAL B 46 21.87 -25.46 -0.36
N TYR B 47 21.34 -24.24 -0.24
CA TYR B 47 21.59 -23.40 0.91
C TYR B 47 20.34 -22.59 1.22
N THR B 48 20.25 -22.15 2.47
CA THR B 48 19.19 -21.25 2.92
C THR B 48 19.84 -20.05 3.58
N VAL B 49 19.56 -18.86 3.07
CA VAL B 49 20.12 -17.62 3.60
C VAL B 49 19.06 -16.95 4.45
N LYS B 50 19.29 -16.93 5.77
CA LYS B 50 18.37 -16.29 6.71
C LYS B 50 18.71 -14.80 6.81
N LEU B 51 17.86 -13.97 6.21
CA LEU B 51 18.01 -12.53 6.35
C LEU B 51 17.38 -12.07 7.66
N ALA B 52 18.14 -11.32 8.45
CA ALA B 52 17.68 -10.80 9.73
C ALA B 52 17.54 -9.28 9.62
N ILE B 53 16.34 -8.78 9.89
CA ILE B 53 16.02 -7.36 9.77
C ILE B 53 15.78 -6.82 11.17
N PRO B 54 16.45 -5.74 11.58
CA PRO B 54 16.30 -5.23 12.94
C PRO B 54 14.88 -4.73 13.19
N ALA B 55 14.36 -5.08 14.38
CA ALA B 55 13.01 -4.69 14.75
C ALA B 55 12.89 -3.17 14.83
N GLY B 56 11.82 -2.63 14.26
CA GLY B 56 11.56 -1.20 14.31
C GLY B 56 12.43 -0.36 13.41
N SER B 57 13.32 -0.96 12.62
CA SER B 57 14.18 -0.20 11.73
C SER B 57 13.35 0.48 10.65
N PRO B 58 13.84 1.59 10.08
CA PRO B 58 13.06 2.30 9.06
C PRO B 58 12.74 1.46 7.83
N VAL B 59 13.47 0.36 7.61
CA VAL B 59 13.22 -0.47 6.45
C VAL B 59 11.95 -1.30 6.64
N THR B 60 11.58 -1.59 7.89
CA THR B 60 10.42 -2.42 8.15
C THR B 60 9.10 -1.73 7.84
N ARG B 61 9.10 -0.42 7.64
CA ARG B 61 7.87 0.34 7.41
C ARG B 61 7.34 0.03 6.01
N ASP B 62 6.31 -0.84 5.95
CA ASP B 62 5.79 -1.33 4.68
C ASP B 62 6.91 -1.91 3.82
N GLY B 63 7.78 -2.69 4.44
CA GLY B 63 8.99 -3.15 3.79
C GLY B 63 8.81 -4.47 3.05
N LEU B 64 9.55 -4.60 1.95
CA LEU B 64 9.55 -5.80 1.13
C LEU B 64 10.99 -6.21 0.85
N ILE B 65 11.24 -7.52 0.85
CA ILE B 65 12.53 -8.07 0.46
C ILE B 65 12.41 -8.54 -0.98
N TRP B 66 13.12 -7.87 -1.87
CA TRP B 66 13.15 -8.25 -3.28
C TRP B 66 14.39 -9.10 -3.54
N THR B 67 14.23 -10.13 -4.37
CA THR B 67 15.34 -11.00 -4.72
C THR B 67 15.04 -11.69 -6.04
N ASN B 68 16.10 -11.91 -6.83
CA ASN B 68 16.00 -12.63 -8.09
C ASN B 68 16.21 -14.13 -7.93
N CYS B 69 16.07 -14.65 -6.72
CA CYS B 69 16.18 -16.09 -6.50
C CYS B 69 14.87 -16.77 -6.88
N PRO B 70 14.92 -17.77 -7.76
CA PRO B 70 13.70 -18.53 -8.09
C PRO B 70 13.03 -19.06 -6.84
N PRO B 71 11.69 -19.11 -6.82
CA PRO B 71 11.02 -19.64 -5.63
C PRO B 71 11.17 -21.15 -5.47
N ASP B 72 11.38 -21.88 -6.56
CA ASP B 72 11.57 -23.32 -6.50
C ASP B 72 12.54 -23.73 -7.59
N PHE B 73 12.90 -25.02 -7.59
CA PHE B 73 13.83 -25.54 -8.59
C PHE B 73 13.24 -25.52 -10.00
N SER B 74 11.91 -25.65 -10.12
CA SER B 74 11.28 -25.65 -11.44
C SER B 74 11.44 -24.31 -12.14
N THR B 75 11.46 -23.21 -11.39
CA THR B 75 11.56 -21.89 -11.99
C THR B 75 12.98 -21.62 -12.48
N GLN B 76 13.07 -21.09 -13.70
CA GLN B 76 14.37 -20.67 -14.22
C GLN B 76 14.79 -19.34 -13.63
N PHE B 77 16.10 -19.14 -13.53
CA PHE B 77 16.64 -17.90 -13.00
C PHE B 77 16.55 -16.79 -14.04
N ASP B 78 15.95 -15.68 -13.65
CA ASP B 78 15.92 -14.47 -14.46
C ASP B 78 16.62 -13.36 -13.68
N ARG B 79 17.50 -12.63 -14.35
CA ARG B 79 18.28 -11.60 -13.67
C ARG B 79 17.39 -10.47 -13.15
N GLU B 80 16.36 -10.10 -13.92
CA GLU B 80 15.56 -8.93 -13.63
C GLU B 80 14.15 -9.25 -13.17
N LYS B 81 13.83 -10.53 -12.97
CA LYS B 81 12.54 -10.92 -12.39
C LYS B 81 12.76 -11.15 -10.90
N PHE B 82 12.47 -10.12 -10.10
CA PHE B 82 12.57 -10.20 -8.65
C PHE B 82 11.23 -10.61 -8.06
N TYR B 83 11.29 -11.29 -6.91
CA TYR B 83 10.10 -11.77 -6.23
C TYR B 83 9.93 -11.07 -4.89
N LYS B 84 8.66 -10.89 -4.49
CA LYS B 84 8.34 -10.18 -3.27
C LYS B 84 8.46 -11.08 -2.05
N LYS B 85 8.84 -10.47 -0.93
CA LYS B 85 8.83 -11.12 0.38
C LYS B 85 8.43 -10.09 1.42
N ILE B 86 7.50 -10.45 2.29
CA ILE B 86 6.91 -9.52 3.25
C ILE B 86 7.75 -9.51 4.52
N ILE B 87 8.07 -8.31 5.00
CA ILE B 87 8.79 -8.12 6.25
C ILE B 87 7.77 -7.91 7.36
N LYS B 88 7.81 -8.79 8.36
CA LYS B 88 6.85 -8.73 9.46
C LYS B 88 7.35 -7.71 10.49
N THR B 89 6.80 -6.51 10.43
CA THR B 89 7.24 -5.43 11.30
C THR B 89 6.92 -5.71 12.76
N SER B 90 7.85 -5.39 13.64
CA SER B 90 7.62 -5.43 15.08
C SER B 90 8.60 -4.48 15.74
N PHE B 91 8.18 -3.91 16.87
CA PHE B 91 9.06 -3.05 17.64
C PHE B 91 9.93 -3.82 18.63
N HIS B 92 9.61 -5.09 18.89
CA HIS B 92 10.31 -5.89 19.88
C HIS B 92 11.14 -7.01 19.28
N GLU B 93 10.63 -7.71 18.27
CA GLU B 93 11.25 -8.91 17.74
C GLU B 93 11.76 -8.67 16.33
N ASP B 94 12.97 -9.14 16.07
CA ASP B 94 13.49 -9.13 14.70
C ASP B 94 12.76 -10.17 13.86
N ASP B 95 12.72 -9.95 12.55
CA ASP B 95 12.07 -10.84 11.61
C ASP B 95 13.12 -11.57 10.78
N HIS B 96 12.87 -12.84 10.50
CA HIS B 96 13.75 -13.68 9.69
C HIS B 96 13.02 -14.10 8.42
N ILE B 97 13.67 -13.92 7.28
CA ILE B 97 13.10 -14.28 5.99
C ILE B 97 14.07 -15.21 5.28
N ASP B 98 13.63 -16.43 4.99
CA ASP B 98 14.49 -17.43 4.38
C ASP B 98 14.51 -17.28 2.87
N LEU B 99 15.71 -17.37 2.31
CA LEU B 99 15.91 -17.43 0.86
C LEU B 99 16.45 -18.82 0.53
N ASP B 100 15.59 -19.68 -0.01
CA ASP B 100 16.01 -21.01 -0.42
C ASP B 100 16.65 -20.95 -1.80
N ILE B 101 17.85 -21.53 -1.91
CA ILE B 101 18.60 -21.54 -3.15
C ILE B 101 18.76 -22.99 -3.60
N TYR B 102 18.38 -23.26 -4.85
CA TYR B 102 18.39 -24.62 -5.37
C TYR B 102 19.50 -24.88 -6.38
N VAL B 103 20.16 -23.84 -6.88
CA VAL B 103 21.13 -23.98 -7.97
C VAL B 103 22.20 -22.90 -7.81
N PRO B 104 23.47 -23.21 -8.08
CA PRO B 104 24.53 -22.20 -7.94
C PRO B 104 24.35 -21.07 -8.94
N GLY B 105 25.02 -19.96 -8.66
CA GLY B 105 24.98 -18.82 -9.57
C GLY B 105 25.17 -17.52 -8.81
N THR B 106 24.64 -16.45 -9.39
CA THR B 106 24.76 -15.10 -8.85
C THR B 106 23.37 -14.59 -8.49
N TYR B 107 23.13 -14.39 -7.19
CA TYR B 107 21.86 -13.89 -6.71
C TYR B 107 22.08 -12.57 -5.98
N CYS B 108 21.05 -11.73 -5.97
CA CYS B 108 21.12 -10.43 -5.32
C CYS B 108 19.77 -10.11 -4.69
N PHE B 109 19.78 -9.12 -3.79
CA PHE B 109 18.58 -8.71 -3.09
C PHE B 109 18.67 -7.23 -2.75
N TYR B 110 17.53 -6.56 -2.80
CA TYR B 110 17.41 -5.18 -2.33
C TYR B 110 16.09 -5.05 -1.58
N LEU B 111 15.92 -3.93 -0.89
CA LEU B 111 14.78 -3.73 -0.02
C LEU B 111 14.03 -2.46 -0.42
N SER B 112 12.70 -2.55 -0.41
CA SER B 112 11.82 -1.43 -0.68
C SER B 112 10.97 -1.16 0.56
N PHE B 113 10.80 0.12 0.89
CA PHE B 113 10.08 0.51 2.10
C PHE B 113 9.41 1.85 1.87
N LYS B 114 8.54 2.22 2.81
CA LYS B 114 7.85 3.50 2.78
C LYS B 114 8.72 4.55 3.45
N ASN B 115 9.04 5.61 2.72
CA ASN B 115 9.97 6.62 3.19
C ASN B 115 9.33 7.48 4.28
N ASP B 116 10.17 8.26 4.94
CA ASP B 116 9.71 9.28 5.86
C ASP B 116 8.96 10.40 5.15
N LYS B 117 9.09 10.48 3.82
CA LYS B 117 8.30 11.36 2.98
C LYS B 117 6.97 10.74 2.57
N ASP B 118 6.62 9.58 3.14
CA ASP B 118 5.50 8.76 2.69
C ASP B 118 5.67 8.31 1.24
N GLU B 119 6.90 8.41 0.71
CA GLU B 119 7.22 7.99 -0.64
C GLU B 119 7.82 6.59 -0.60
N LEU B 120 8.14 6.07 -1.78
CA LEU B 120 8.82 4.79 -1.93
C LEU B 120 10.31 5.01 -2.10
N GLU B 121 11.10 4.19 -1.42
CA GLU B 121 12.55 4.27 -1.50
C GLU B 121 13.12 2.86 -1.64
N THR B 122 14.33 2.79 -2.18
CA THR B 122 14.96 1.51 -2.50
C THR B 122 16.42 1.54 -2.05
N THR B 123 16.90 0.39 -1.58
CA THR B 123 18.28 0.24 -1.16
C THR B 123 19.13 -0.25 -2.34
N ARG B 124 20.44 -0.39 -2.10
CA ARG B 124 21.32 -0.95 -3.11
C ARG B 124 21.02 -2.42 -3.34
N LYS B 125 21.43 -2.91 -4.51
CA LYS B 125 21.45 -4.34 -4.76
C LYS B 125 22.67 -4.95 -4.09
N PHE B 126 22.46 -6.03 -3.35
CA PHE B 126 23.53 -6.73 -2.65
C PHE B 126 23.60 -8.16 -3.16
N TYR B 127 24.74 -8.52 -3.74
CA TYR B 127 24.93 -9.81 -4.39
C TYR B 127 25.57 -10.82 -3.45
N PHE B 128 25.30 -12.10 -3.71
CA PHE B 128 25.97 -13.19 -3.02
C PHE B 128 26.06 -14.37 -3.98
N VAL B 129 27.22 -15.04 -3.96
CA VAL B 129 27.53 -16.07 -4.94
C VAL B 129 27.46 -17.44 -4.27
N VAL B 130 26.86 -18.40 -4.96
CA VAL B 130 26.86 -19.80 -4.56
C VAL B 130 27.74 -20.56 -5.54
N LEU B 131 28.84 -21.10 -5.03
CA LEU B 131 29.85 -21.72 -5.87
C LEU B 131 29.32 -23.00 -6.53
N PRO B 132 29.88 -23.38 -7.67
CA PRO B 132 29.48 -24.62 -8.31
C PRO B 132 30.03 -25.85 -7.61
N ILE B 133 29.37 -26.96 -7.82
CA ILE B 133 29.77 -28.25 -7.27
C ILE B 133 30.52 -29.00 -8.37
N LEU B 134 31.82 -29.20 -8.18
CA LEU B 134 32.67 -29.85 -9.17
C LEU B 134 32.91 -31.29 -8.74
N SER B 135 32.35 -32.22 -9.50
CA SER B 135 32.63 -33.65 -9.37
C SER B 135 33.12 -34.17 -10.71
N VAL B 136 33.87 -35.27 -10.67
CA VAL B 136 34.47 -35.85 -11.86
C VAL B 136 33.74 -37.11 -12.29
N ASN B 137 33.57 -38.07 -11.37
CA ASN B 137 32.68 -39.21 -11.58
C ASN B 137 31.59 -39.20 -10.52
N ASP B 138 31.92 -39.55 -9.27
CA ASP B 138 31.02 -39.34 -8.15
C ASP B 138 31.79 -38.90 -6.90
N LYS B 139 33.02 -38.41 -7.08
CA LYS B 139 33.85 -37.91 -5.99
C LYS B 139 33.90 -36.39 -6.07
N PHE B 140 33.57 -35.73 -4.96
CA PHE B 140 33.53 -34.28 -4.94
C PHE B 140 34.94 -33.71 -4.94
N ILE B 141 35.17 -32.70 -5.78
CA ILE B 141 36.45 -32.01 -5.86
C ILE B 141 36.30 -30.66 -5.17
N PRO B 142 36.88 -30.44 -4.00
CA PRO B 142 36.84 -29.11 -3.39
C PRO B 142 37.49 -28.07 -4.29
N LEU B 143 36.92 -26.86 -4.28
CA LEU B 143 37.35 -25.82 -5.21
C LEU B 143 38.80 -25.42 -4.97
N ASN B 144 39.29 -25.52 -3.73
CA ASN B 144 40.66 -25.18 -3.41
C ASN B 144 41.60 -26.37 -3.49
N SER B 145 41.20 -27.44 -4.17
CA SER B 145 42.07 -28.56 -4.48
C SER B 145 42.12 -28.80 -5.98
N ILE B 146 41.97 -27.75 -6.76
CA ILE B 146 41.98 -27.83 -8.21
C ILE B 146 43.42 -27.68 -8.70
N ALA B 147 43.84 -28.63 -9.55
CA ALA B 147 45.13 -28.56 -10.23
C ALA B 147 44.86 -28.44 -11.72
N MET B 148 45.20 -27.30 -12.29
CA MET B 148 44.87 -26.98 -13.69
C MET B 148 46.13 -27.02 -14.55
N GLN B 149 46.05 -27.77 -15.65
CA GLN B 149 47.12 -27.84 -16.63
C GLN B 149 46.62 -27.19 -17.92
N SER B 150 47.17 -26.02 -18.24
CA SER B 150 46.79 -25.31 -19.45
C SER B 150 47.60 -25.82 -20.64
N VAL B 151 46.90 -26.25 -21.68
CA VAL B 151 47.52 -26.81 -22.88
C VAL B 151 47.05 -26.01 -24.09
N VAL B 152 47.98 -25.72 -24.99
CA VAL B 152 47.66 -25.01 -26.22
C VAL B 152 47.40 -26.04 -27.32
N SER B 153 46.29 -25.87 -28.03
CA SER B 153 45.80 -26.90 -28.93
C SER B 153 46.77 -27.17 -30.08
N LYS B 154 47.19 -26.10 -30.77
CA LYS B 154 47.95 -26.30 -32.01
C LYS B 154 49.37 -26.83 -31.78
N TRP B 155 49.76 -27.21 -30.57
CA TRP B 155 51.07 -27.83 -30.32
C TRP B 155 50.94 -29.22 -29.72
N MET B 156 49.77 -29.84 -29.85
CA MET B 156 49.51 -31.15 -29.26
C MET B 156 49.43 -32.26 -30.31
N GLY B 157 49.75 -31.96 -31.56
CA GLY B 157 49.62 -32.92 -32.64
C GLY B 157 48.36 -32.73 -33.44
N PRO B 158 48.34 -33.18 -34.69
CA PRO B 158 47.20 -32.97 -35.57
C PRO B 158 46.07 -33.98 -35.44
N THR B 159 46.15 -34.94 -34.52
CA THR B 159 45.11 -35.94 -34.37
C THR B 159 44.64 -35.98 -32.91
N ILE B 160 43.44 -36.51 -32.71
CA ILE B 160 42.87 -36.61 -31.37
C ILE B 160 43.73 -37.50 -30.49
N LYS B 161 44.20 -38.63 -31.04
CA LYS B 161 45.07 -39.51 -30.26
C LYS B 161 46.44 -38.89 -30.02
N ASP B 162 46.86 -37.95 -30.88
CA ASP B 162 48.05 -37.15 -30.56
C ASP B 162 47.82 -36.31 -29.32
N TRP B 163 46.57 -35.93 -29.05
CA TRP B 163 46.26 -35.18 -27.84
C TRP B 163 46.16 -36.08 -26.62
N GLU B 164 45.54 -37.26 -26.77
CA GLU B 164 45.37 -38.17 -25.64
C GLU B 164 46.69 -38.71 -25.13
N LYS B 165 47.79 -38.53 -25.87
CA LYS B 165 49.10 -38.78 -25.30
C LYS B 165 49.50 -37.67 -24.34
N VAL B 166 49.15 -36.42 -24.66
CA VAL B 166 49.37 -35.32 -23.74
C VAL B 166 48.52 -35.48 -22.49
N PHE B 167 47.27 -35.94 -22.68
CA PHE B 167 46.39 -36.13 -21.53
C PHE B 167 46.96 -37.15 -20.55
N ALA B 168 47.55 -38.23 -21.06
CA ALA B 168 48.10 -39.26 -20.19
C ALA B 168 49.31 -38.76 -19.42
N ARG B 169 50.04 -37.79 -19.98
CA ARG B 169 51.20 -37.24 -19.28
C ARG B 169 50.77 -36.40 -18.09
N VAL B 170 49.79 -35.51 -18.29
CA VAL B 170 49.34 -34.67 -17.20
C VAL B 170 48.53 -35.48 -16.19
N ALA B 171 47.89 -36.56 -16.65
CA ALA B 171 47.22 -37.46 -15.71
C ALA B 171 48.23 -38.16 -14.81
N SER B 172 49.44 -38.42 -15.31
CA SER B 172 50.48 -38.98 -14.47
C SER B 172 50.97 -37.97 -13.45
N LYS B 173 51.02 -36.69 -13.82
CA LYS B 173 51.36 -35.64 -12.87
C LYS B 173 50.20 -35.30 -11.94
N LYS B 174 49.08 -36.01 -12.06
CA LYS B 174 47.95 -35.94 -11.14
C LYS B 174 47.27 -34.57 -11.13
N TYR B 175 47.26 -33.89 -12.27
CA TYR B 175 46.33 -32.78 -12.43
C TYR B 175 44.91 -33.30 -12.54
N ASN B 176 43.95 -32.53 -12.04
CA ASN B 176 42.55 -32.89 -12.13
C ASN B 176 41.75 -31.96 -13.02
N MET B 177 42.40 -31.03 -13.71
CA MET B 177 41.71 -30.12 -14.61
C MET B 177 42.67 -29.67 -15.70
N ILE B 178 42.15 -29.57 -16.92
CA ILE B 178 42.92 -29.14 -18.08
C ILE B 178 42.28 -27.88 -18.64
N HIS B 179 43.09 -26.83 -18.77
CA HIS B 179 42.65 -25.59 -19.40
C HIS B 179 43.02 -25.61 -20.88
N PHE B 180 42.04 -25.34 -21.73
CA PHE B 180 42.23 -25.33 -23.17
C PHE B 180 42.21 -23.90 -23.69
N THR B 181 43.25 -23.52 -24.43
CA THR B 181 43.11 -22.40 -25.33
C THR B 181 42.02 -22.74 -26.34
N PRO B 182 41.24 -21.75 -26.78
CA PRO B 182 39.97 -22.06 -27.47
C PRO B 182 40.17 -22.99 -28.67
N LEU B 183 39.43 -24.10 -28.65
CA LEU B 183 39.51 -25.14 -29.69
C LEU B 183 38.69 -24.82 -30.93
N GLN B 184 38.68 -23.56 -31.37
CA GLN B 184 37.87 -23.15 -32.50
C GLN B 184 38.75 -22.89 -33.72
N HIS B 185 38.10 -22.81 -34.87
CA HIS B 185 38.80 -22.47 -36.11
C HIS B 185 39.49 -21.11 -35.96
N ARG B 186 40.80 -21.10 -36.15
CA ARG B 186 41.60 -19.91 -35.88
C ARG B 186 41.65 -18.99 -37.10
N GLY B 187 42.08 -17.76 -36.86
CA GLY B 187 42.06 -16.73 -37.87
C GLY B 187 43.25 -16.78 -38.81
N GLU B 188 43.48 -15.64 -39.48
CA GLU B 188 44.54 -15.55 -40.48
C GLU B 188 45.91 -15.81 -39.87
N SER B 189 46.23 -15.10 -38.78
CA SER B 189 47.53 -15.23 -38.14
C SER B 189 47.70 -16.55 -37.39
N ASN B 190 46.67 -17.39 -37.36
CA ASN B 190 46.70 -18.68 -36.66
C ASN B 190 47.04 -18.51 -35.18
N SER B 191 46.67 -17.36 -34.62
CA SER B 191 46.76 -17.14 -33.18
C SER B 191 45.56 -17.78 -32.48
N PRO B 192 45.76 -18.40 -31.32
CA PRO B 192 44.63 -19.05 -30.64
C PRO B 192 43.54 -18.08 -30.21
N TYR B 193 43.83 -16.80 -30.08
CA TYR B 193 42.84 -15.83 -29.63
C TYR B 193 42.26 -15.00 -30.75
N SER B 194 42.76 -15.14 -31.98
CA SER B 194 42.09 -14.58 -33.16
C SER B 194 41.22 -15.68 -33.74
N ILE B 195 39.99 -15.76 -33.26
CA ILE B 195 39.09 -16.86 -33.61
C ILE B 195 38.37 -16.50 -34.90
N TYR B 196 38.53 -17.36 -35.92
CA TYR B 196 37.89 -17.19 -37.21
C TYR B 196 36.37 -17.25 -37.06
N ASP B 197 35.84 -18.45 -36.83
CA ASP B 197 34.41 -18.64 -36.62
C ASP B 197 34.20 -19.20 -35.22
N GLN B 198 33.43 -18.47 -34.41
CA GLN B 198 33.27 -18.85 -33.01
C GLN B 198 32.50 -20.16 -32.86
N LEU B 199 31.63 -20.48 -33.82
CA LEU B 199 30.80 -21.67 -33.77
C LEU B 199 31.37 -22.83 -34.57
N GLU B 200 32.65 -22.78 -34.92
CA GLU B 200 33.30 -23.84 -35.69
C GLU B 200 34.56 -24.29 -34.96
N PHE B 201 34.54 -25.51 -34.44
CA PHE B 201 35.76 -26.13 -33.94
C PHE B 201 36.70 -26.39 -35.11
N ASP B 202 38.00 -26.36 -34.82
CA ASP B 202 39.03 -26.44 -35.85
C ASP B 202 38.82 -27.68 -36.72
N PRO B 203 38.60 -27.52 -38.02
CA PRO B 203 38.32 -28.68 -38.88
C PRO B 203 39.48 -29.66 -38.97
N THR B 204 40.71 -29.23 -38.69
CA THR B 204 41.86 -30.11 -38.83
C THR B 204 41.79 -31.27 -37.85
N VAL B 205 41.27 -31.03 -36.64
CA VAL B 205 41.23 -32.04 -35.59
C VAL B 205 39.82 -32.55 -35.36
N PHE B 206 38.82 -31.66 -35.35
CA PHE B 206 37.45 -32.03 -35.09
C PHE B 206 36.57 -31.71 -36.30
N LYS B 207 35.37 -32.30 -36.30
CA LYS B 207 34.38 -31.96 -37.30
C LYS B 207 32.96 -32.04 -36.74
N SER B 208 32.81 -32.31 -35.43
CA SER B 208 31.50 -32.43 -34.82
C SER B 208 31.56 -31.87 -33.40
N GLU B 209 30.43 -31.32 -32.95
CA GLU B 209 30.33 -30.96 -31.54
C GLU B 209 30.33 -32.20 -30.66
N LYS B 210 29.85 -33.33 -31.18
CA LYS B 210 29.91 -34.56 -30.41
C LYS B 210 31.31 -35.13 -30.38
N GLU B 211 32.12 -34.79 -31.39
CA GLU B 211 33.48 -35.30 -31.45
C GLU B 211 34.32 -34.73 -30.30
N VAL B 212 34.21 -33.42 -30.06
CA VAL B 212 34.91 -32.82 -28.95
C VAL B 212 34.21 -33.14 -27.63
N ALA B 213 32.89 -33.32 -27.65
CA ALA B 213 32.18 -33.68 -26.43
C ALA B 213 32.59 -35.07 -25.95
N ASP B 214 32.75 -36.02 -26.88
CA ASP B 214 33.22 -37.35 -26.48
C ASP B 214 34.66 -37.32 -26.00
N MET B 215 35.48 -36.41 -26.55
CA MET B 215 36.87 -36.32 -26.08
C MET B 215 36.93 -35.79 -24.65
N VAL B 216 36.14 -34.76 -24.34
CA VAL B 216 36.13 -34.22 -22.99
C VAL B 216 35.50 -35.20 -22.02
N GLU B 217 34.39 -35.84 -22.42
CA GLU B 217 33.80 -36.89 -21.61
C GLU B 217 34.75 -38.07 -21.44
N ARG B 218 35.63 -38.29 -22.42
CA ARG B 218 36.66 -39.32 -22.28
C ARG B 218 37.68 -38.93 -21.22
N LEU B 219 38.11 -37.66 -21.21
CA LEU B 219 39.01 -37.18 -20.18
C LEU B 219 38.43 -37.41 -18.79
N ARG B 220 37.13 -37.17 -18.62
CA ARG B 220 36.49 -37.37 -17.32
C ARG B 220 36.52 -38.84 -16.92
N THR B 221 36.13 -39.73 -17.82
CA THR B 221 36.04 -41.15 -17.47
C THR B 221 37.41 -41.82 -17.44
N GLU B 222 38.30 -41.45 -18.36
CA GLU B 222 39.62 -42.09 -18.41
C GLU B 222 40.52 -41.59 -17.28
N HIS B 223 40.87 -40.31 -17.30
CA HIS B 223 41.93 -39.77 -16.45
C HIS B 223 41.40 -39.00 -15.25
N ASN B 224 40.09 -38.95 -15.05
CA ASN B 224 39.49 -38.20 -13.95
C ASN B 224 39.92 -36.73 -13.99
N ILE B 225 39.72 -36.10 -15.14
CA ILE B 225 40.17 -34.74 -15.38
C ILE B 225 39.01 -33.94 -15.96
N LEU B 226 38.63 -32.85 -15.30
CA LEU B 226 37.66 -31.93 -15.84
C LEU B 226 38.34 -30.98 -16.84
N SER B 227 37.53 -30.31 -17.65
CA SER B 227 38.05 -29.48 -18.73
C SER B 227 37.30 -28.15 -18.77
N LEU B 228 38.02 -27.11 -19.22
CA LEU B 228 37.44 -25.81 -19.46
C LEU B 228 38.25 -25.09 -20.52
N THR B 229 37.63 -24.09 -21.16
CA THR B 229 38.23 -23.39 -22.28
C THR B 229 38.35 -21.90 -21.99
N ASP B 230 39.17 -21.23 -22.80
CA ASP B 230 39.08 -19.78 -22.90
C ASP B 230 37.80 -19.40 -23.63
N ILE B 231 37.25 -18.25 -23.24
CA ILE B 231 36.11 -17.66 -23.94
C ILE B 231 36.47 -16.22 -24.25
N VAL B 232 36.36 -15.84 -25.52
CA VAL B 232 36.75 -14.52 -25.99
C VAL B 232 35.49 -13.72 -26.29
N PHE B 233 35.29 -12.64 -25.53
CA PHE B 233 34.19 -11.71 -25.78
C PHE B 233 34.63 -10.43 -26.47
N ASN B 234 35.90 -10.04 -26.31
CA ASN B 234 36.33 -8.71 -26.70
C ASN B 234 36.66 -8.57 -28.18
N HIS B 235 36.95 -9.68 -28.88
CA HIS B 235 37.42 -9.54 -30.25
C HIS B 235 37.23 -10.85 -31.02
N THR B 236 37.09 -10.70 -32.33
CA THR B 236 37.14 -11.79 -33.29
C THR B 236 38.26 -11.53 -34.28
N ALA B 237 38.62 -12.55 -35.05
CA ALA B 237 39.75 -12.44 -35.95
C ALA B 237 39.52 -11.37 -37.01
N ASN B 238 40.63 -10.76 -37.45
CA ASN B 238 40.53 -9.71 -38.47
C ASN B 238 40.13 -10.28 -39.82
N ASN B 239 40.43 -11.55 -40.08
CA ASN B 239 40.07 -12.20 -41.33
C ASN B 239 38.72 -12.89 -41.27
N SER B 240 37.99 -12.74 -40.16
CA SER B 240 36.69 -13.37 -40.02
C SER B 240 35.78 -12.97 -41.17
N GLN B 241 35.34 -13.96 -41.95
CA GLN B 241 34.54 -13.67 -43.13
C GLN B 241 33.12 -13.23 -42.77
N TRP B 242 32.68 -13.48 -41.54
CA TRP B 242 31.36 -13.02 -41.13
C TRP B 242 31.33 -11.51 -40.89
N LEU B 243 32.50 -10.88 -40.72
CA LEU B 243 32.54 -9.43 -40.63
C LEU B 243 32.19 -8.77 -41.96
N LEU B 244 32.47 -9.45 -43.08
CA LEU B 244 32.12 -8.91 -44.38
C LEU B 244 30.61 -8.79 -44.54
N ASP B 245 29.86 -9.76 -44.02
CA ASP B 245 28.41 -9.72 -44.10
C ASP B 245 27.84 -8.62 -43.23
N HIS B 246 28.16 -8.65 -41.93
CA HIS B 246 27.61 -7.72 -40.94
C HIS B 246 28.75 -6.99 -40.25
N PRO B 247 29.29 -5.93 -40.86
CA PRO B 247 30.29 -5.11 -40.17
C PRO B 247 29.70 -4.22 -39.09
N GLU B 248 28.39 -4.30 -38.84
CA GLU B 248 27.77 -3.48 -37.81
C GLU B 248 28.28 -3.83 -36.42
N ALA B 249 28.72 -5.08 -36.23
CA ALA B 249 29.26 -5.51 -34.94
C ALA B 249 30.70 -5.03 -34.79
N GLY B 250 30.92 -3.72 -34.97
CA GLY B 250 32.24 -3.13 -34.87
C GLY B 250 32.18 -1.62 -34.99
N TYR B 251 33.12 -0.93 -34.36
CA TYR B 251 33.14 0.53 -34.39
C TYR B 251 33.65 0.99 -35.74
N ASN B 252 32.72 1.31 -36.65
CA ASN B 252 33.09 1.88 -37.94
C ASN B 252 32.99 3.40 -37.86
N HIS B 253 33.05 4.08 -39.01
CA HIS B 253 32.90 5.52 -39.05
C HIS B 253 31.45 5.96 -38.91
N LYS B 254 30.58 5.06 -38.46
CA LYS B 254 29.16 5.36 -38.26
C LYS B 254 28.75 5.16 -36.81
N THR B 255 28.98 3.97 -36.25
CA THR B 255 28.66 3.72 -34.85
C THR B 255 29.61 4.43 -33.90
N SER B 256 30.82 4.76 -34.35
CA SER B 256 31.79 5.51 -33.56
C SER B 256 32.40 6.58 -34.44
N PRO B 257 31.68 7.68 -34.66
CA PRO B 257 32.19 8.72 -35.58
C PRO B 257 33.43 9.43 -35.07
N HIS B 258 33.76 9.32 -33.78
CA HIS B 258 34.92 10.04 -33.24
C HIS B 258 36.22 9.48 -33.78
N LEU B 259 36.24 8.21 -34.18
CA LEU B 259 37.46 7.58 -34.67
C LEU B 259 37.76 7.89 -36.12
N ILE B 260 36.95 8.72 -36.78
CA ILE B 260 37.21 9.09 -38.17
C ILE B 260 38.56 9.78 -38.28
N SER B 261 38.91 10.61 -37.29
CA SER B 261 40.22 11.25 -37.29
C SER B 261 41.33 10.22 -37.15
N ALA B 262 41.09 9.15 -36.38
CA ALA B 262 42.12 8.14 -36.22
C ALA B 262 42.19 7.23 -37.45
N ILE B 263 41.11 7.15 -38.21
CA ILE B 263 41.12 6.33 -39.43
C ILE B 263 42.00 6.97 -40.49
N GLU B 264 41.83 8.28 -40.71
CA GLU B 264 42.61 8.98 -41.72
C GLU B 264 44.07 9.15 -41.33
N LEU B 265 44.41 8.93 -40.06
CA LEU B 265 45.81 8.93 -39.64
C LEU B 265 46.44 7.54 -39.74
N ASP B 266 45.63 6.49 -39.61
CA ASP B 266 46.16 5.13 -39.77
C ASP B 266 46.40 4.81 -41.23
N LYS B 267 45.46 5.18 -42.11
CA LYS B 267 45.64 4.98 -43.54
C LYS B 267 46.55 6.02 -44.17
N LYS B 268 46.99 7.02 -43.40
CA LYS B 268 48.07 7.90 -43.81
C LYS B 268 49.44 7.30 -43.50
N LEU B 269 49.47 6.07 -42.99
CA LEU B 269 50.71 5.33 -42.76
C LEU B 269 50.78 4.03 -43.55
N LEU B 270 49.66 3.35 -43.78
CA LEU B 270 49.61 2.29 -44.79
C LEU B 270 49.81 2.85 -46.19
N ASP B 271 49.48 4.14 -46.39
CA ASP B 271 49.81 4.85 -47.62
C ASP B 271 51.22 5.42 -47.59
N PHE B 272 51.83 5.53 -46.41
CA PHE B 272 53.15 6.11 -46.25
C PHE B 272 54.26 5.07 -46.15
N SER B 273 53.99 3.91 -45.56
CA SER B 273 55.04 2.93 -45.27
C SER B 273 55.42 2.06 -46.46
N GLU B 274 54.84 2.29 -47.64
CA GLU B 274 55.28 1.63 -48.86
C GLU B 274 55.97 2.59 -49.82
N GLN B 275 55.51 3.83 -49.90
CA GLN B 275 56.27 4.90 -50.52
C GLN B 275 57.40 5.39 -49.62
N MET B 276 57.57 4.76 -48.46
CA MET B 276 58.60 5.15 -47.49
C MET B 276 60.01 4.85 -47.99
N GLU B 277 60.17 3.90 -48.91
CA GLU B 277 61.50 3.62 -49.45
C GLU B 277 61.92 4.60 -50.53
N ALA B 278 60.97 5.27 -51.17
CA ALA B 278 61.31 6.30 -52.15
C ALA B 278 61.72 7.61 -51.48
N LEU B 279 61.10 7.93 -50.34
CA LEU B 279 61.37 9.16 -49.62
C LEU B 279 62.23 8.89 -48.39
N GLY B 280 63.14 9.81 -48.10
CA GLY B 280 63.96 9.68 -46.92
C GLY B 280 64.98 8.56 -46.97
N TYR B 281 65.85 8.50 -45.97
CA TYR B 281 66.93 7.52 -45.92
C TYR B 281 66.56 6.29 -45.09
N PRO B 282 66.08 6.45 -43.84
CA PRO B 282 65.98 5.28 -42.96
C PRO B 282 64.78 4.38 -43.22
N VAL B 283 65.00 3.28 -43.94
CA VAL B 283 64.08 2.15 -43.83
C VAL B 283 64.39 1.34 -42.58
N ASP B 284 65.63 0.86 -42.48
CA ASP B 284 66.08 0.09 -41.32
C ASP B 284 67.55 0.40 -41.05
N LEU B 285 67.81 1.12 -39.96
CA LEU B 285 69.17 1.23 -39.41
C LEU B 285 69.05 1.55 -37.94
N LYS B 286 70.16 1.36 -37.22
CA LYS B 286 70.12 1.26 -35.76
C LYS B 286 70.94 2.33 -35.07
N THR B 287 70.78 3.60 -35.46
CA THR B 287 71.47 4.70 -34.82
C THR B 287 70.50 5.45 -33.91
N VAL B 288 70.85 6.67 -33.51
CA VAL B 288 69.99 7.49 -32.65
C VAL B 288 69.76 8.84 -33.31
N ASP B 289 70.79 9.36 -33.98
CA ASP B 289 70.65 10.62 -34.72
C ASP B 289 69.81 10.43 -35.97
N ASP B 290 69.77 9.21 -36.50
CA ASP B 290 69.02 8.93 -37.73
C ASP B 290 67.53 9.17 -37.55
N LEU B 291 66.99 8.74 -36.41
CA LEU B 291 65.53 8.67 -36.25
C LEU B 291 64.87 10.04 -36.27
N ILE B 292 65.63 11.11 -36.09
CA ILE B 292 65.08 12.44 -36.28
C ILE B 292 64.70 12.66 -37.73
N LYS B 293 65.50 12.11 -38.65
CA LYS B 293 65.20 12.21 -40.07
C LYS B 293 64.03 11.31 -40.50
N VAL B 294 63.63 10.36 -39.66
CA VAL B 294 62.44 9.58 -39.95
C VAL B 294 61.17 10.37 -39.62
N MET B 295 61.12 10.93 -38.41
CA MET B 295 59.98 11.73 -38.01
C MET B 295 59.97 13.11 -38.65
N ASP B 296 61.10 13.58 -39.18
CA ASP B 296 61.06 14.72 -40.07
C ASP B 296 60.40 14.37 -41.40
N GLY B 297 60.36 13.09 -41.75
CA GLY B 297 59.46 12.64 -42.79
C GLY B 297 58.03 12.53 -42.30
N ILE B 298 57.86 12.29 -41.00
CA ILE B 298 56.53 12.39 -40.39
C ILE B 298 56.16 13.86 -40.17
N LYS B 299 57.16 14.73 -40.00
CA LYS B 299 56.89 16.14 -39.75
C LYS B 299 56.11 16.78 -40.90
N GLU B 300 56.49 16.49 -42.14
CA GLU B 300 55.93 17.17 -43.30
C GLU B 300 55.05 16.31 -44.18
N HIS B 301 55.30 15.00 -44.25
CA HIS B 301 54.55 14.18 -45.21
C HIS B 301 53.19 13.75 -44.67
N VAL B 302 53.07 13.52 -43.36
CA VAL B 302 51.78 13.16 -42.77
C VAL B 302 51.20 14.32 -41.94
N ILE B 303 51.96 14.82 -40.96
CA ILE B 303 51.44 15.85 -40.07
C ILE B 303 51.11 17.12 -40.86
N GLY B 304 52.04 17.58 -41.68
CA GLY B 304 51.80 18.74 -42.51
C GLY B 304 50.72 18.53 -43.56
N GLU B 305 50.46 17.29 -43.95
CA GLU B 305 49.47 16.97 -44.97
C GLU B 305 48.12 16.58 -44.37
N LEU B 306 47.86 16.93 -43.11
CA LEU B 306 46.61 16.61 -42.44
C LEU B 306 45.87 17.87 -42.03
N LYS B 307 46.02 18.94 -42.80
CA LYS B 307 45.12 20.09 -42.85
C LYS B 307 45.16 20.96 -41.61
N LEU B 308 46.25 20.99 -40.85
CA LEU B 308 46.31 21.59 -39.53
C LEU B 308 45.22 21.06 -38.59
N TRP B 309 44.52 20.00 -38.99
CA TRP B 309 43.44 19.38 -38.22
C TRP B 309 42.32 20.35 -37.85
N GLU B 310 41.42 20.58 -38.81
CA GLU B 310 40.18 21.30 -38.54
C GLU B 310 39.26 20.50 -37.62
N PHE B 311 39.65 19.27 -37.25
CA PHE B 311 38.81 18.46 -36.37
C PHE B 311 38.55 19.15 -35.04
N TYR B 312 39.46 19.99 -34.59
CA TYR B 312 39.29 20.75 -33.35
C TYR B 312 38.92 22.20 -33.60
N VAL B 313 39.55 22.82 -34.60
CA VAL B 313 39.51 24.27 -34.77
C VAL B 313 38.39 24.65 -35.72
N VAL B 314 37.64 25.68 -35.35
CA VAL B 314 36.60 26.23 -36.22
C VAL B 314 37.25 26.92 -37.41
N ASP B 315 36.77 26.61 -38.62
CA ASP B 315 37.30 27.22 -39.83
C ASP B 315 37.01 28.71 -39.81
N VAL B 316 38.01 29.50 -39.43
CA VAL B 316 37.82 30.94 -39.25
C VAL B 316 37.38 31.60 -40.54
N LYS B 317 37.92 31.15 -41.68
CA LYS B 317 37.58 31.77 -42.95
C LYS B 317 36.16 31.42 -43.38
N GLN B 318 35.79 30.14 -43.30
CA GLN B 318 34.46 29.71 -43.72
C GLN B 318 33.37 30.18 -42.77
N THR B 319 33.73 30.58 -41.54
CA THR B 319 32.73 31.10 -40.62
C THR B 319 32.44 32.57 -40.88
N VAL B 320 33.49 33.35 -41.14
CA VAL B 320 33.31 34.77 -41.42
C VAL B 320 32.58 34.97 -42.74
N SER B 321 32.95 34.19 -43.75
CA SER B 321 32.28 34.30 -45.05
C SER B 321 30.81 33.93 -44.94
N GLU B 322 30.48 32.94 -44.12
CA GLU B 322 29.08 32.57 -43.91
C GLU B 322 28.32 33.61 -43.08
N LEU B 323 29.03 34.42 -42.28
CA LEU B 323 28.38 35.51 -41.59
C LEU B 323 27.81 36.50 -42.60
N ARG B 324 28.69 37.18 -43.35
CA ARG B 324 28.29 38.14 -44.37
C ARG B 324 27.21 37.58 -45.28
N GLU B 325 27.33 36.30 -45.65
CA GLU B 325 26.33 35.65 -46.48
C GLU B 325 24.96 35.68 -45.83
N LYS B 326 24.82 35.02 -44.67
CA LYS B 326 23.55 34.95 -43.95
C LYS B 326 23.27 36.20 -43.13
N TRP B 327 24.20 37.14 -43.05
CA TRP B 327 24.04 38.40 -42.30
C TRP B 327 22.73 39.09 -42.68
N GLY B 328 21.80 39.16 -41.73
CA GLY B 328 20.53 39.82 -41.98
C GLY B 328 19.32 39.00 -41.53
N ASN B 329 19.02 37.92 -42.25
CA ASN B 329 17.83 37.14 -41.96
C ASN B 329 18.01 36.40 -40.63
N SER B 330 17.05 36.60 -39.72
CA SER B 330 17.00 35.94 -38.41
C SER B 330 18.17 36.36 -37.51
N LYS B 331 18.42 37.67 -37.46
CA LYS B 331 19.47 38.24 -36.63
C LYS B 331 18.94 39.47 -35.91
N SER B 332 19.26 39.60 -34.63
CA SER B 332 18.89 40.77 -33.83
C SER B 332 19.47 40.74 -32.43
N TRP B 333 19.38 39.57 -31.77
CA TRP B 333 19.68 39.40 -30.35
C TRP B 333 18.78 40.29 -29.50
N SER B 334 17.81 39.67 -28.82
CA SER B 334 16.85 40.44 -28.03
C SER B 334 17.44 40.87 -26.70
N ASP B 335 18.21 40.01 -26.07
CA ASP B 335 18.68 40.24 -24.70
C ASP B 335 19.85 41.21 -24.69
N ASP B 336 20.46 41.37 -23.51
CA ASP B 336 21.64 42.19 -23.30
C ASP B 336 22.66 41.43 -22.45
N ASN B 337 22.76 40.11 -22.67
CA ASN B 337 23.60 39.23 -21.87
C ASN B 337 25.02 39.10 -22.43
N ILE B 338 25.34 39.81 -23.50
CA ILE B 338 26.68 39.66 -24.11
C ILE B 338 27.72 40.32 -23.21
N PRO B 339 28.90 39.73 -23.05
CA PRO B 339 29.95 40.42 -22.28
C PRO B 339 30.52 41.62 -23.03
N SER B 340 31.60 42.20 -22.51
CA SER B 340 32.25 43.33 -23.15
C SER B 340 33.51 42.86 -23.86
N LYS B 341 34.01 43.71 -24.77
CA LYS B 341 35.18 43.33 -25.56
C LYS B 341 36.45 43.31 -24.73
N ASP B 342 36.52 44.10 -23.65
CA ASP B 342 37.72 44.16 -22.84
C ASP B 342 37.94 42.88 -22.03
N ASP B 343 36.92 42.05 -21.89
CA ASP B 343 37.04 40.74 -21.24
C ASP B 343 36.68 39.69 -22.28
N SER B 344 37.63 39.39 -23.17
CA SER B 344 37.42 38.36 -24.17
C SER B 344 37.32 36.97 -23.55
N THR B 345 37.64 36.85 -22.25
CA THR B 345 37.47 35.61 -21.51
C THR B 345 36.05 35.08 -21.64
N ASN B 346 35.10 35.79 -21.02
CA ASN B 346 33.69 35.39 -21.12
C ASN B 346 33.12 35.63 -22.51
N LEU B 347 33.68 36.57 -23.28
CA LEU B 347 33.18 36.85 -24.61
C LEU B 347 33.32 35.63 -25.52
N ALA B 348 34.53 35.07 -25.58
CA ALA B 348 34.75 33.88 -26.41
C ALA B 348 33.95 32.70 -25.89
N GLN B 349 33.84 32.57 -24.57
CA GLN B 349 33.06 31.47 -24.00
C GLN B 349 31.57 31.67 -24.23
N PHE B 350 31.09 32.92 -24.17
CA PHE B 350 29.67 33.18 -24.38
C PHE B 350 29.24 32.82 -25.80
N VAL B 351 30.02 33.24 -26.79
CA VAL B 351 29.76 32.84 -28.17
C VAL B 351 29.89 31.32 -28.30
N ARG B 352 30.85 30.73 -27.60
CA ARG B 352 31.04 29.29 -27.63
C ARG B 352 29.84 28.56 -27.04
N ASP B 353 29.22 29.13 -26.00
CA ASP B 353 28.11 28.47 -25.34
C ASP B 353 26.80 28.63 -26.12
N ASN B 354 26.56 29.81 -26.69
CA ASN B 354 25.26 30.13 -27.26
C ASN B 354 25.23 30.08 -28.78
N ALA B 355 26.36 30.27 -29.46
CA ALA B 355 26.39 30.40 -30.91
C ALA B 355 27.15 29.26 -31.56
N THR B 356 26.93 28.03 -31.08
CA THR B 356 27.55 26.85 -31.66
C THR B 356 26.49 25.76 -31.84
N GLU B 357 26.83 24.78 -32.71
CA GLU B 357 25.96 23.66 -33.05
C GLU B 357 26.22 22.48 -32.13
N PRO B 358 25.18 21.65 -31.87
CA PRO B 358 25.34 20.55 -30.92
C PRO B 358 26.42 19.56 -31.31
N GLY B 359 27.53 19.58 -30.57
CA GLY B 359 28.65 18.70 -30.85
C GLY B 359 29.98 19.42 -30.74
N PHE B 360 29.94 20.69 -30.36
CA PHE B 360 31.16 21.50 -30.27
C PHE B 360 32.09 20.90 -29.21
N GLY B 361 33.36 20.71 -29.60
CA GLY B 361 34.34 20.09 -28.74
C GLY B 361 34.48 18.60 -28.89
N SER B 362 33.57 17.96 -29.62
CA SER B 362 33.64 16.52 -29.87
C SER B 362 34.15 16.28 -31.28
N LEU B 363 35.18 15.45 -31.40
CA LEU B 363 35.74 15.13 -32.72
C LEU B 363 34.76 14.29 -33.53
N GLY B 364 34.64 14.62 -34.82
CA GLY B 364 33.72 13.91 -35.69
C GLY B 364 34.21 13.82 -37.12
N GLU B 365 33.77 14.76 -37.96
CA GLU B 365 34.25 14.89 -39.32
C GLU B 365 35.31 16.00 -39.36
N ARG B 366 35.77 16.33 -40.58
CA ARG B 366 36.85 17.30 -40.74
C ARG B 366 36.53 18.63 -40.05
N GLY B 367 35.27 19.07 -40.13
CA GLY B 367 34.88 20.32 -39.49
C GLY B 367 33.66 20.18 -38.62
N SER B 368 33.61 19.13 -37.79
CA SER B 368 32.44 18.89 -36.95
C SER B 368 32.16 20.06 -36.01
N ASN B 369 33.21 20.59 -35.37
CA ASN B 369 33.04 21.78 -34.54
C ASN B 369 32.81 22.99 -35.42
N LYS B 370 31.64 23.63 -35.26
CA LYS B 370 31.31 24.83 -36.03
C LYS B 370 30.49 25.77 -35.17
N ILE B 371 30.30 26.98 -35.68
CA ILE B 371 29.56 28.04 -35.02
C ILE B 371 28.22 28.21 -35.71
N ASN B 372 27.17 28.45 -34.93
CA ASN B 372 25.87 28.80 -35.48
C ASN B 372 25.90 30.27 -35.88
N ILE B 373 25.89 30.52 -37.20
CA ILE B 373 26.08 31.88 -37.70
C ILE B 373 24.89 32.76 -37.36
N ASP B 374 23.67 32.24 -37.50
CA ASP B 374 22.48 33.06 -37.30
C ASP B 374 22.39 33.61 -35.88
N LYS B 375 23.00 32.91 -34.92
CA LYS B 375 23.12 33.46 -33.57
C LYS B 375 24.40 34.26 -33.39
N PHE B 376 25.45 33.95 -34.17
CA PHE B 376 26.69 34.70 -34.11
C PHE B 376 26.48 36.13 -34.63
N ALA B 377 25.80 36.27 -35.76
CA ALA B 377 25.57 37.59 -36.33
C ALA B 377 24.55 38.38 -35.51
N ALA B 378 23.60 37.70 -34.87
CA ALA B 378 22.70 38.39 -33.95
C ALA B 378 23.48 39.02 -32.80
N ILE B 379 24.49 38.32 -32.29
CA ILE B 379 25.32 38.87 -31.23
C ILE B 379 26.17 40.01 -31.75
N LEU B 380 26.73 39.87 -32.96
CA LEU B 380 27.61 40.89 -33.50
C LEU B 380 26.86 42.18 -33.81
N LYS B 381 25.57 42.09 -34.12
CA LYS B 381 24.78 43.30 -34.38
C LYS B 381 24.48 44.05 -33.08
N LYS B 382 24.16 43.32 -32.01
CA LYS B 382 23.90 43.95 -30.73
C LYS B 382 25.18 44.48 -30.09
N LEU B 383 26.31 43.80 -30.32
CA LEU B 383 27.55 44.16 -29.65
C LEU B 383 28.22 45.36 -30.30
N HIS B 384 28.35 45.36 -31.63
CA HIS B 384 29.14 46.37 -32.31
C HIS B 384 28.33 47.20 -33.29
N SER B 385 27.78 46.60 -34.34
CA SER B 385 27.07 47.38 -35.36
C SER B 385 26.18 46.47 -36.19
N GLU B 386 25.06 47.03 -36.63
CA GLU B 386 24.20 46.34 -37.59
C GLU B 386 24.74 46.42 -39.02
N ASP B 387 25.67 47.33 -39.28
CA ASP B 387 26.33 47.43 -40.58
C ASP B 387 27.56 46.55 -40.56
N TYR B 388 27.64 45.61 -41.52
CA TYR B 388 28.72 44.64 -41.52
C TYR B 388 30.07 45.31 -41.75
N ASN B 389 30.11 46.30 -42.64
CA ASN B 389 31.38 46.91 -43.02
C ASN B 389 31.99 47.77 -41.92
N ASN B 390 31.38 47.83 -40.73
CA ASN B 390 31.93 48.59 -39.61
C ASN B 390 32.67 47.63 -38.69
N GLY B 391 33.85 47.21 -39.13
CA GLY B 391 34.76 46.46 -38.28
C GLY B 391 34.25 45.12 -37.79
N ILE B 392 33.47 44.42 -38.61
CA ILE B 392 33.00 43.09 -38.24
C ILE B 392 34.00 42.01 -38.65
N GLU B 393 34.66 42.19 -39.80
CA GLU B 393 35.65 41.22 -40.26
C GLU B 393 36.78 41.07 -39.25
N GLU B 394 37.18 42.16 -38.61
CA GLU B 394 38.21 42.07 -37.58
C GLU B 394 37.66 41.47 -36.30
N LEU B 395 36.46 41.90 -35.87
CA LEU B 395 35.90 41.41 -34.62
C LEU B 395 35.52 39.95 -34.71
N ALA B 396 34.84 39.54 -35.79
CA ALA B 396 34.43 38.15 -35.94
C ALA B 396 35.64 37.23 -36.02
N THR B 397 36.72 37.69 -36.66
CA THR B 397 37.94 36.88 -36.72
C THR B 397 38.64 36.86 -35.36
N LYS B 398 38.65 37.99 -34.66
CA LYS B 398 39.26 38.04 -33.34
C LYS B 398 38.58 37.09 -32.36
N ILE B 399 37.24 37.07 -32.38
CA ILE B 399 36.50 36.20 -31.48
C ILE B 399 36.78 34.74 -31.79
N LEU B 400 36.71 34.38 -33.08
CA LEU B 400 36.92 32.99 -33.46
C LEU B 400 38.36 32.55 -33.22
N ASN B 401 39.33 33.45 -33.41
CA ASN B 401 40.72 33.12 -33.08
C ASN B 401 40.89 32.86 -31.60
N ASP B 402 40.12 33.55 -30.76
CA ASP B 402 40.17 33.31 -29.32
C ASP B 402 39.42 32.05 -28.92
N ILE B 403 38.37 31.70 -29.67
CA ILE B 403 37.63 30.47 -29.37
C ILE B 403 38.51 29.25 -29.65
N ASN B 404 39.39 29.34 -30.66
CA ASN B 404 40.23 28.22 -31.05
C ASN B 404 41.56 28.18 -30.31
N LEU B 405 41.80 29.11 -29.38
CA LEU B 405 43.02 29.05 -28.57
C LEU B 405 43.07 27.78 -27.71
N PRO B 406 42.01 27.38 -27.00
CA PRO B 406 42.09 26.10 -26.28
C PRO B 406 42.09 24.89 -27.21
N PHE B 407 41.52 25.02 -28.41
CA PHE B 407 41.54 23.90 -29.35
C PHE B 407 42.94 23.71 -29.94
N TYR B 408 43.66 24.81 -30.17
CA TYR B 408 45.02 24.70 -30.69
C TYR B 408 45.96 24.07 -29.67
N LYS B 409 45.83 24.46 -28.39
CA LYS B 409 46.66 23.84 -27.36
C LYS B 409 46.19 22.43 -27.03
N GLU B 410 44.92 22.11 -27.28
CA GLU B 410 44.48 20.72 -27.25
C GLU B 410 45.09 19.93 -28.39
N TYR B 411 45.51 20.61 -29.46
CA TYR B 411 46.11 19.93 -30.61
C TYR B 411 47.60 19.71 -30.40
N ASP B 412 48.32 20.71 -29.86
CA ASP B 412 49.74 20.54 -29.61
C ASP B 412 50.00 19.47 -28.55
N ASP B 413 49.12 19.38 -27.55
CA ASP B 413 49.24 18.30 -26.58
C ASP B 413 48.87 16.95 -27.18
N ASP B 414 48.03 16.95 -28.22
CA ASP B 414 47.67 15.70 -28.88
C ASP B 414 48.78 15.22 -29.79
N ILE B 415 49.32 16.11 -30.64
CA ILE B 415 50.31 15.72 -31.63
C ILE B 415 51.60 15.26 -30.97
N ASN B 416 52.03 15.96 -29.92
CA ASN B 416 53.24 15.55 -29.21
C ASN B 416 53.15 14.12 -28.71
N GLU B 417 51.97 13.72 -28.24
CA GLU B 417 51.77 12.34 -27.82
C GLU B 417 51.63 11.39 -29.00
N VAL B 418 51.26 11.90 -30.18
CA VAL B 418 51.13 11.04 -31.35
C VAL B 418 52.50 10.54 -31.81
N LEU B 419 53.48 11.44 -31.86
CA LEU B 419 54.80 11.06 -32.36
C LEU B 419 55.77 10.65 -31.26
N GLU B 420 55.58 11.13 -30.02
CA GLU B 420 56.40 10.63 -28.92
C GLU B 420 56.12 9.16 -28.66
N GLN B 421 54.85 8.75 -28.79
CA GLN B 421 54.53 7.34 -28.71
C GLN B 421 55.08 6.55 -29.88
N LEU B 422 55.35 7.22 -31.01
CA LEU B 422 55.83 6.54 -32.20
C LEU B 422 57.31 6.21 -32.11
N PHE B 423 58.16 7.20 -31.83
CA PHE B 423 59.59 6.94 -31.79
C PHE B 423 60.02 6.21 -30.53
N ASN B 424 59.11 5.91 -29.61
CA ASN B 424 59.42 5.05 -28.48
C ASN B 424 59.13 3.59 -28.79
N ARG B 425 58.07 3.31 -29.53
CA ARG B 425 57.73 1.93 -29.87
C ARG B 425 58.57 1.42 -31.03
N ILE B 426 58.77 2.24 -32.07
CA ILE B 426 59.51 1.81 -33.24
C ILE B 426 60.95 1.48 -32.88
N LYS B 427 61.46 2.08 -31.80
CA LYS B 427 62.74 1.66 -31.26
C LYS B 427 62.65 0.20 -30.80
N TYR B 428 61.85 -0.04 -29.76
CA TYR B 428 61.64 -1.39 -29.26
C TYR B 428 61.11 -2.34 -30.33
N LEU B 429 60.44 -1.80 -31.36
CA LEU B 429 60.00 -2.62 -32.47
C LEU B 429 61.13 -2.93 -33.44
N ARG B 430 62.15 -2.06 -33.52
CA ARG B 430 63.23 -2.23 -34.48
C ARG B 430 64.59 -2.14 -33.80
N ILE B 431 64.91 -0.99 -33.21
CA ILE B 431 66.20 -0.77 -32.55
C ILE B 431 66.25 -1.59 -31.28
N ASP B 432 67.28 -1.36 -30.46
CA ASP B 432 67.54 -2.16 -29.28
C ASP B 432 67.24 -1.37 -28.02
N ASP B 433 66.35 -1.90 -27.21
CA ASP B 433 66.20 -1.65 -25.79
C ASP B 433 66.25 -2.94 -24.99
N HIS B 434 65.71 -4.03 -25.55
CA HIS B 434 65.84 -5.39 -25.03
C HIS B 434 65.25 -6.34 -26.07
N GLY B 435 64.12 -5.94 -26.63
CA GLY B 435 63.45 -6.71 -27.67
C GLY B 435 63.87 -6.30 -29.06
N PRO B 436 64.26 -7.28 -29.89
CA PRO B 436 64.83 -6.95 -31.20
C PRO B 436 63.96 -7.38 -32.39
N LYS B 437 63.85 -6.51 -33.39
CA LYS B 437 63.25 -6.86 -34.67
C LYS B 437 63.41 -5.75 -35.71
N GLN B 438 64.65 -5.48 -36.13
CA GLN B 438 64.90 -4.48 -37.17
C GLN B 438 64.63 -5.13 -38.52
N GLY B 439 63.35 -5.18 -38.87
CA GLY B 439 62.91 -5.74 -40.14
C GLY B 439 62.39 -4.67 -41.08
N PRO B 440 62.70 -4.79 -42.38
CA PRO B 440 62.36 -3.73 -43.35
C PRO B 440 60.91 -3.33 -43.38
N ILE B 441 60.15 -3.88 -44.33
CA ILE B 441 58.71 -3.62 -44.43
C ILE B 441 58.06 -4.78 -45.17
N THR B 442 56.87 -4.53 -45.70
CA THR B 442 56.14 -5.38 -46.63
C THR B 442 54.85 -4.65 -47.02
N LYS B 443 53.88 -5.39 -47.55
CA LYS B 443 52.51 -4.90 -47.54
C LYS B 443 51.89 -4.99 -46.16
N LYS B 444 52.55 -5.68 -45.22
CA LYS B 444 52.08 -5.81 -43.85
C LYS B 444 53.02 -5.07 -42.90
N LEU B 445 54.17 -5.69 -42.59
CA LEU B 445 55.13 -5.19 -41.61
C LEU B 445 55.51 -3.74 -41.92
N PRO B 446 55.28 -2.81 -41.00
CA PRO B 446 55.58 -1.40 -41.28
C PRO B 446 56.40 -0.74 -40.19
N LEU B 447 56.14 0.55 -40.00
CA LEU B 447 56.58 1.27 -38.80
C LEU B 447 55.46 1.45 -37.80
N SER B 448 54.22 1.44 -38.26
CA SER B 448 53.03 1.61 -37.42
C SER B 448 52.15 0.38 -37.57
N GLU B 449 52.09 -0.44 -36.53
CA GLU B 449 51.21 -1.59 -36.54
C GLU B 449 49.78 -1.15 -36.86
N PRO B 450 49.08 -1.83 -37.78
CA PRO B 450 47.79 -1.33 -38.25
C PRO B 450 46.79 -1.07 -37.14
N TYR B 451 46.49 0.21 -36.90
CA TYR B 451 45.53 0.58 -35.86
C TYR B 451 44.10 0.25 -36.26
N PHE B 452 43.83 0.11 -37.56
CA PHE B 452 42.50 -0.22 -38.05
C PHE B 452 42.61 -1.33 -39.08
N THR B 453 41.57 -2.17 -39.14
CA THR B 453 41.48 -3.24 -40.13
C THR B 453 40.52 -2.78 -41.22
N ARG B 454 41.07 -2.15 -42.26
CA ARG B 454 40.25 -1.62 -43.34
C ARG B 454 39.94 -2.70 -44.36
N PHE B 455 38.67 -2.81 -44.73
CA PHE B 455 38.21 -3.85 -45.64
C PHE B 455 36.98 -3.35 -46.39
N LYS B 456 36.73 -3.96 -47.53
CA LYS B 456 35.49 -3.72 -48.29
C LYS B 456 34.50 -4.82 -47.96
N ALA B 457 33.22 -4.43 -47.88
CA ALA B 457 32.19 -5.32 -47.37
C ALA B 457 31.30 -5.82 -48.52
N LYS B 458 30.09 -6.27 -48.16
CA LYS B 458 29.12 -6.80 -49.13
C LYS B 458 28.13 -5.77 -49.61
N ASP B 459 28.14 -4.56 -49.04
CA ASP B 459 27.38 -3.43 -49.56
C ASP B 459 28.25 -2.48 -50.38
N GLY B 460 29.51 -2.86 -50.63
CA GLY B 460 30.44 -2.03 -51.36
C GLY B 460 31.09 -0.93 -50.54
N GLU B 461 30.50 -0.55 -49.41
CA GLU B 461 31.04 0.53 -48.61
C GLU B 461 32.35 0.13 -47.96
N GLU B 462 33.37 0.96 -48.14
CA GLU B 462 34.70 0.71 -47.57
C GLU B 462 34.65 1.05 -46.09
N TYR B 463 34.59 0.01 -45.25
CA TYR B 463 34.59 0.20 -43.80
C TYR B 463 36.02 0.10 -43.26
N ALA B 464 36.17 0.43 -41.97
CA ALA B 464 37.47 0.44 -41.33
C ALA B 464 37.32 0.16 -39.83
N LEU B 465 36.87 -1.04 -39.51
CA LEU B 465 36.86 -1.47 -38.11
C LEU B 465 38.30 -1.59 -37.63
N ALA B 466 38.52 -1.25 -36.36
CA ALA B 466 39.86 -1.30 -35.80
C ALA B 466 40.07 -2.61 -35.06
N ASN B 467 41.21 -2.71 -34.37
CA ASN B 467 41.57 -3.88 -33.59
C ASN B 467 41.81 -3.43 -32.15
N ASN B 468 41.26 -4.17 -31.21
CA ASN B 468 41.38 -3.81 -29.80
C ASN B 468 42.80 -4.06 -29.32
N GLY B 469 43.04 -3.75 -28.05
CA GLY B 469 44.34 -3.93 -27.45
C GLY B 469 44.34 -3.61 -25.97
N TRP B 470 45.27 -2.75 -25.54
CA TRP B 470 45.35 -2.37 -24.14
C TRP B 470 46.21 -1.13 -24.01
N ILE B 471 45.69 -0.13 -23.29
CA ILE B 471 46.48 1.05 -22.95
C ILE B 471 47.55 0.65 -21.95
N TRP B 472 48.70 1.33 -22.02
CA TRP B 472 49.86 0.95 -21.21
C TRP B 472 49.50 0.91 -19.72
N ASP B 473 49.10 2.06 -19.16
CA ASP B 473 48.70 2.13 -17.76
C ASP B 473 47.32 2.76 -17.62
N GLY B 474 46.48 2.65 -18.65
CA GLY B 474 45.17 3.24 -18.60
C GLY B 474 44.19 2.41 -17.79
N ASN B 475 43.07 3.05 -17.44
CA ASN B 475 42.02 2.37 -16.70
C ASN B 475 41.31 1.37 -17.60
N PRO B 476 41.36 0.06 -17.28
CA PRO B 476 40.70 -0.93 -18.15
C PRO B 476 39.18 -0.83 -18.14
N LEU B 477 38.59 -0.22 -17.12
CA LEU B 477 37.15 -0.03 -17.09
C LEU B 477 36.67 0.92 -18.18
N VAL B 478 37.56 1.74 -18.72
CA VAL B 478 37.22 2.67 -19.79
C VAL B 478 37.37 1.96 -21.13
N ASP B 479 36.30 1.96 -21.92
CA ASP B 479 36.35 1.43 -23.28
C ASP B 479 37.16 2.38 -24.14
N PHE B 480 38.41 2.00 -24.45
CA PHE B 480 39.26 2.87 -25.24
C PHE B 480 38.79 3.02 -26.68
N ALA B 481 37.87 2.18 -27.13
CA ALA B 481 37.27 2.36 -28.45
C ALA B 481 36.10 3.34 -28.44
N SER B 482 35.53 3.59 -27.26
CA SER B 482 34.38 4.48 -27.15
C SER B 482 34.79 5.94 -27.35
N SER B 483 33.81 6.83 -27.32
CA SER B 483 34.06 8.24 -27.56
C SER B 483 34.76 8.91 -26.38
N GLN B 484 34.75 8.29 -25.20
CA GLN B 484 35.35 8.94 -24.03
C GLN B 484 36.87 8.94 -24.10
N SER B 485 37.46 8.01 -24.84
CA SER B 485 38.91 7.92 -24.96
C SER B 485 39.39 8.54 -26.27
N LYS B 486 40.65 8.96 -26.26
CA LYS B 486 41.33 9.49 -27.44
C LYS B 486 42.59 8.68 -27.74
N ALA B 487 42.57 7.39 -27.38
CA ALA B 487 43.77 6.57 -27.47
C ALA B 487 44.09 6.20 -28.92
N TYR B 488 43.06 5.90 -29.72
CA TYR B 488 43.30 5.59 -31.13
C TYR B 488 43.79 6.80 -31.91
N LEU B 489 43.41 8.00 -31.46
CA LEU B 489 43.90 9.22 -32.11
C LEU B 489 45.34 9.52 -31.69
N ARG B 490 45.58 9.62 -30.39
CA ARG B 490 46.91 9.90 -29.86
C ARG B 490 47.82 8.68 -29.88
N ARG B 491 47.38 7.57 -30.49
CA ARG B 491 48.23 6.40 -30.71
C ARG B 491 48.69 5.78 -29.39
N GLU B 492 47.79 5.72 -28.41
CA GLU B 492 48.08 5.13 -27.10
C GLU B 492 47.51 3.71 -26.98
N VAL B 493 47.57 2.93 -28.05
CA VAL B 493 46.99 1.58 -28.06
C VAL B 493 48.05 0.61 -28.54
N ILE B 494 48.32 -0.42 -27.73
CA ILE B 494 49.12 -1.55 -28.15
C ILE B 494 48.16 -2.55 -28.80
N VAL B 495 48.22 -2.67 -30.13
CA VAL B 495 47.17 -3.31 -30.89
C VAL B 495 47.49 -4.78 -31.12
N TRP B 496 46.45 -5.54 -31.46
CA TRP B 496 46.55 -6.92 -31.92
C TRP B 496 45.90 -6.98 -33.30
N GLY B 497 46.71 -6.88 -34.35
CA GLY B 497 46.19 -6.94 -35.70
C GLY B 497 45.48 -8.25 -36.02
N ASP B 498 45.77 -9.31 -35.27
CA ASP B 498 45.10 -10.59 -35.48
C ASP B 498 43.60 -10.47 -35.25
N CYS B 499 43.21 -9.73 -34.22
CA CYS B 499 41.82 -9.63 -33.80
C CYS B 499 41.19 -8.34 -34.30
N VAL B 500 39.86 -8.28 -34.18
CA VAL B 500 39.09 -7.11 -34.61
C VAL B 500 38.05 -6.80 -33.53
N LYS B 501 37.74 -5.51 -33.39
CA LYS B 501 36.71 -5.01 -32.47
C LYS B 501 35.48 -5.89 -32.38
N LEU B 502 34.87 -5.92 -31.19
CA LEU B 502 33.51 -6.44 -31.02
C LEU B 502 32.71 -5.38 -30.29
N ARG B 503 31.75 -4.77 -31.00
CA ARG B 503 31.02 -3.61 -30.49
C ARG B 503 29.69 -4.09 -29.93
N TYR B 504 29.66 -4.36 -28.63
CA TYR B 504 28.40 -4.51 -27.92
C TYR B 504 27.92 -3.13 -27.49
N GLY B 505 26.60 -3.01 -27.34
CA GLY B 505 26.04 -1.74 -26.90
C GLY B 505 25.50 -1.81 -25.49
N LYS B 506 24.42 -1.08 -25.24
CA LYS B 506 23.71 -1.17 -23.96
C LYS B 506 22.90 -2.44 -23.82
N GLY B 507 22.84 -3.26 -24.87
CA GLY B 507 22.09 -4.49 -24.87
C GLY B 507 22.02 -5.09 -26.25
N PRO B 508 21.09 -6.04 -26.45
CA PRO B 508 20.91 -6.63 -27.79
C PRO B 508 20.38 -5.66 -28.83
N SER B 509 19.88 -4.49 -28.42
CA SER B 509 19.29 -3.56 -29.38
C SER B 509 20.34 -2.82 -30.20
N ASP B 510 21.57 -2.72 -29.71
CA ASP B 510 22.62 -2.00 -30.41
C ASP B 510 23.41 -2.85 -31.39
N SER B 511 23.42 -4.18 -31.21
CA SER B 511 24.10 -5.09 -32.12
C SER B 511 23.40 -6.44 -32.07
N PRO B 512 22.25 -6.57 -32.74
CA PRO B 512 21.43 -7.78 -32.54
C PRO B 512 22.12 -9.08 -32.91
N TYR B 513 22.76 -9.14 -34.08
CA TYR B 513 23.36 -10.39 -34.51
C TYR B 513 24.59 -10.75 -33.68
N LEU B 514 25.30 -9.74 -33.17
CA LEU B 514 26.45 -10.02 -32.33
C LEU B 514 26.04 -10.71 -31.03
N TRP B 515 24.96 -10.24 -30.40
CA TRP B 515 24.50 -10.84 -29.17
C TRP B 515 23.93 -12.24 -29.40
N GLU B 516 23.29 -12.46 -30.56
CA GLU B 516 22.72 -13.77 -30.83
C GLU B 516 23.80 -14.79 -31.18
N ARG B 517 24.83 -14.37 -31.91
CA ARG B 517 25.90 -15.29 -32.27
C ARG B 517 26.70 -15.71 -31.05
N MET B 518 27.04 -14.76 -30.18
CA MET B 518 27.80 -15.10 -28.98
C MET B 518 26.97 -15.89 -27.98
N SER B 519 25.65 -15.72 -28.00
CA SER B 519 24.78 -16.48 -27.10
C SER B 519 24.84 -17.96 -27.42
N LYS B 520 24.73 -18.31 -28.70
CA LYS B 520 24.83 -19.71 -29.11
C LYS B 520 26.27 -20.20 -29.16
N TYR B 521 27.24 -19.28 -29.16
CA TYR B 521 28.64 -19.67 -29.03
C TYR B 521 28.98 -20.01 -27.58
N VAL B 522 28.42 -19.28 -26.62
CA VAL B 522 28.68 -19.54 -25.22
C VAL B 522 28.01 -20.83 -24.77
N GLU B 523 26.74 -21.01 -25.12
CA GLU B 523 26.01 -22.19 -24.69
C GLU B 523 26.43 -23.45 -25.43
N MET B 524 27.22 -23.33 -26.50
CA MET B 524 27.77 -24.52 -27.14
C MET B 524 28.88 -25.13 -26.31
N ASN B 525 29.81 -24.30 -25.84
CA ASN B 525 30.88 -24.79 -24.98
C ASN B 525 30.35 -25.18 -23.60
N ALA B 526 29.27 -24.55 -23.15
CA ALA B 526 28.73 -24.85 -21.82
C ALA B 526 28.15 -26.27 -21.76
N ARG B 527 27.59 -26.75 -22.87
CA ARG B 527 27.08 -28.13 -22.90
C ARG B 527 28.21 -29.15 -22.75
N ILE B 528 29.43 -28.78 -23.11
CA ILE B 528 30.54 -29.71 -23.18
C ILE B 528 31.42 -29.61 -21.94
N PHE B 529 31.92 -28.41 -21.67
CA PHE B 529 32.99 -28.22 -20.70
C PHE B 529 32.45 -27.91 -19.31
N ASN B 530 33.32 -28.02 -18.32
CA ASN B 530 32.97 -27.75 -16.94
C ASN B 530 33.04 -26.26 -16.60
N GLY B 531 33.68 -25.45 -17.43
CA GLY B 531 33.76 -24.04 -17.14
C GLY B 531 34.40 -23.26 -18.26
N PHE B 532 34.61 -21.97 -17.99
CA PHE B 532 35.20 -21.03 -18.92
C PHE B 532 36.44 -20.38 -18.32
N ARG B 533 37.19 -19.69 -19.18
CA ARG B 533 38.32 -18.86 -18.78
C ARG B 533 38.25 -17.58 -19.60
N ILE B 534 38.38 -16.44 -18.93
CA ILE B 534 38.15 -15.14 -19.56
C ILE B 534 39.43 -14.32 -19.44
N ASN B 535 40.19 -14.24 -20.53
CA ASN B 535 41.35 -13.38 -20.58
C ASN B 535 40.92 -11.93 -20.76
N ASN B 536 41.55 -11.03 -20.00
CA ASN B 536 41.22 -9.62 -20.01
C ASN B 536 39.73 -9.40 -19.73
N CYS B 537 39.25 -10.01 -18.65
CA CYS B 537 37.86 -9.82 -18.25
C CYS B 537 37.59 -8.38 -17.82
N HIS B 538 38.61 -7.67 -17.37
CA HIS B 538 38.44 -6.28 -16.96
C HIS B 538 38.17 -5.34 -18.13
N SER B 539 38.41 -5.80 -19.37
CA SER B 539 38.08 -5.02 -20.55
C SER B 539 36.72 -5.38 -21.13
N THR B 540 36.13 -6.49 -20.73
CA THR B 540 34.77 -6.81 -21.15
C THR B 540 33.78 -6.00 -20.32
N PRO B 541 32.82 -5.31 -20.96
CA PRO B 541 31.84 -4.53 -20.18
C PRO B 541 31.04 -5.43 -19.26
N LEU B 542 30.65 -4.86 -18.12
CA LEU B 542 29.97 -5.64 -17.07
C LEU B 542 28.68 -6.26 -17.61
N HIS B 543 27.77 -5.44 -18.12
CA HIS B 543 26.50 -5.96 -18.61
C HIS B 543 26.67 -6.95 -19.74
N VAL B 544 27.80 -6.91 -20.44
CA VAL B 544 28.08 -7.91 -21.47
C VAL B 544 28.44 -9.24 -20.83
N GLY B 545 29.39 -9.23 -19.89
CA GLY B 545 29.78 -10.45 -19.23
C GLY B 545 28.69 -11.03 -18.35
N GLN B 546 27.84 -10.17 -17.78
CA GLN B 546 26.75 -10.65 -16.94
C GLN B 546 25.78 -11.51 -17.75
N TYR B 547 25.42 -11.05 -18.94
CA TYR B 547 24.39 -11.75 -19.72
C TYR B 547 24.87 -13.13 -20.17
N PHE B 548 26.05 -13.20 -20.79
CA PHE B 548 26.50 -14.46 -21.37
C PHE B 548 26.85 -15.50 -20.30
N LEU B 549 27.37 -15.07 -19.16
CA LEU B 549 27.66 -16.01 -18.09
C LEU B 549 26.37 -16.56 -17.47
N ASP B 550 25.31 -15.76 -17.45
CA ASP B 550 24.02 -16.27 -16.99
C ASP B 550 23.42 -17.23 -18.00
N VAL B 551 23.60 -16.96 -19.28
CA VAL B 551 23.14 -17.88 -20.32
C VAL B 551 23.88 -19.21 -20.22
N ALA B 552 25.17 -19.16 -19.91
CA ALA B 552 25.95 -20.39 -19.76
C ALA B 552 25.49 -21.19 -18.54
N ARG B 553 25.23 -20.50 -17.43
CA ARG B 553 24.83 -21.19 -16.21
C ARG B 553 23.44 -21.81 -16.31
N ARG B 554 22.59 -21.31 -17.21
CA ARG B 554 21.33 -22.01 -17.47
C ARG B 554 21.58 -23.29 -18.23
N VAL B 555 22.66 -23.35 -19.02
CA VAL B 555 23.02 -24.58 -19.72
C VAL B 555 23.80 -25.51 -18.79
N ASN B 556 24.85 -24.99 -18.16
CA ASN B 556 25.65 -25.75 -17.20
C ASN B 556 25.53 -25.07 -15.84
N PRO B 557 24.70 -25.61 -14.93
CA PRO B 557 24.54 -24.96 -13.63
C PRO B 557 25.80 -24.95 -12.78
N ASN B 558 26.70 -25.91 -12.99
CA ASN B 558 27.96 -25.98 -12.25
C ASN B 558 29.12 -25.39 -13.03
N LEU B 559 28.88 -24.30 -13.75
CA LEU B 559 29.92 -23.67 -14.56
C LEU B 559 30.98 -23.03 -13.66
N TYR B 560 32.23 -23.44 -13.87
CA TYR B 560 33.36 -22.91 -13.12
C TYR B 560 34.02 -21.80 -13.93
N VAL B 561 34.22 -20.64 -13.29
CA VAL B 561 34.66 -19.44 -14.01
C VAL B 561 36.01 -18.99 -13.44
N VAL B 562 36.98 -18.83 -14.33
CA VAL B 562 38.27 -18.24 -14.01
C VAL B 562 38.45 -16.99 -14.87
N ALA B 563 39.16 -16.01 -14.34
CA ALA B 563 39.36 -14.76 -15.08
C ALA B 563 40.64 -14.08 -14.65
N GLU B 564 41.40 -13.58 -15.63
CA GLU B 564 42.55 -12.72 -15.38
C GLU B 564 42.02 -11.31 -15.19
N LEU B 565 41.78 -10.94 -13.94
CA LEU B 565 41.07 -9.71 -13.59
C LEU B 565 42.00 -8.79 -12.82
N PHE B 566 42.47 -7.73 -13.49
CA PHE B 566 43.27 -6.68 -12.86
C PHE B 566 42.57 -5.36 -13.16
N SER B 567 41.59 -5.01 -12.33
CA SER B 567 40.89 -3.75 -12.48
C SER B 567 41.63 -2.65 -11.73
N GLY B 568 40.96 -1.53 -11.47
CA GLY B 568 41.63 -0.38 -10.89
C GLY B 568 42.07 -0.63 -9.46
N SER B 569 41.29 -1.39 -8.70
CA SER B 569 41.59 -1.61 -7.30
C SER B 569 40.99 -2.94 -6.86
N GLU B 570 41.17 -3.27 -5.57
CA GLU B 570 40.59 -4.48 -5.02
C GLU B 570 39.06 -4.39 -4.97
N ALA B 571 38.52 -3.20 -4.72
CA ALA B 571 37.08 -3.04 -4.66
C ALA B 571 36.45 -3.32 -6.01
N MET B 572 37.03 -2.76 -7.08
CA MET B 572 36.51 -3.02 -8.42
C MET B 572 36.65 -4.48 -8.82
N ASP B 573 37.72 -5.14 -8.37
CA ASP B 573 37.84 -6.58 -8.60
C ASP B 573 36.71 -7.34 -7.92
N CYS B 574 36.37 -6.94 -6.69
CA CYS B 574 35.31 -7.63 -5.96
C CYS B 574 33.94 -7.37 -6.57
N LEU B 575 33.72 -6.19 -7.14
CA LEU B 575 32.43 -5.91 -7.76
C LEU B 575 32.24 -6.77 -9.01
N PHE B 576 33.30 -6.98 -9.78
CA PHE B 576 33.20 -7.88 -10.93
C PHE B 576 32.92 -9.31 -10.48
N VAL B 577 33.62 -9.78 -9.45
CA VAL B 577 33.38 -11.13 -8.93
C VAL B 577 31.97 -11.25 -8.38
N GLU B 578 31.48 -10.19 -7.73
CA GLU B 578 30.13 -10.20 -7.19
C GLU B 578 29.09 -10.43 -8.28
N ARG B 579 29.08 -9.56 -9.30
CA ARG B 579 27.99 -9.57 -10.26
C ARG B 579 28.17 -10.64 -11.34
N LEU B 580 29.40 -10.84 -11.82
CA LEU B 580 29.62 -11.81 -12.88
C LEU B 580 29.53 -13.25 -12.40
N GLY B 581 29.76 -13.49 -11.10
CA GLY B 581 29.77 -14.84 -10.60
C GLY B 581 31.08 -15.57 -10.85
N ILE B 582 32.19 -14.83 -10.93
CA ILE B 582 33.49 -15.46 -11.07
C ILE B 582 33.79 -16.31 -9.85
N SER B 583 34.32 -17.51 -10.08
CA SER B 583 34.61 -18.43 -8.99
C SER B 583 36.08 -18.47 -8.62
N SER B 584 36.98 -17.91 -9.44
CA SER B 584 38.40 -17.90 -9.12
C SER B 584 39.08 -16.81 -9.93
N LEU B 585 40.11 -16.21 -9.32
CA LEU B 585 40.93 -15.18 -9.95
C LEU B 585 42.33 -15.71 -10.20
N ILE B 586 42.92 -15.26 -11.30
CA ILE B 586 44.23 -15.73 -11.74
C ILE B 586 45.32 -14.90 -11.07
N ARG B 587 46.25 -15.57 -10.41
CA ARG B 587 47.44 -14.95 -9.86
C ARG B 587 48.67 -15.64 -10.45
N GLU B 588 49.65 -14.83 -10.85
CA GLU B 588 50.84 -15.32 -11.53
C GLU B 588 52.04 -15.23 -10.60
N ALA B 589 52.65 -16.39 -10.30
CA ALA B 589 53.81 -16.40 -9.42
C ALA B 589 55.05 -15.82 -10.10
N MET B 590 55.10 -15.90 -11.44
CA MET B 590 56.26 -15.41 -12.17
C MET B 590 56.37 -13.89 -12.17
N GLN B 591 55.34 -13.17 -11.72
CA GLN B 591 55.41 -11.72 -11.68
C GLN B 591 56.35 -11.21 -10.59
N ALA B 592 56.68 -12.05 -9.61
CA ALA B 592 57.55 -11.64 -8.52
C ALA B 592 58.96 -11.42 -9.03
N TRP B 593 59.44 -10.17 -8.93
CA TRP B 593 60.77 -9.83 -9.42
C TRP B 593 61.88 -10.32 -8.50
N SER B 594 61.60 -10.54 -7.22
CA SER B 594 62.62 -10.92 -6.26
C SER B 594 62.04 -11.95 -5.28
N GLU B 595 62.90 -12.42 -4.37
CA GLU B 595 62.47 -13.40 -3.38
C GLU B 595 61.47 -12.81 -2.40
N GLU B 596 61.65 -11.54 -2.03
CA GLU B 596 60.73 -10.91 -1.09
C GLU B 596 59.35 -10.73 -1.70
N GLU B 597 59.28 -10.36 -2.99
CA GLU B 597 58.00 -10.24 -3.66
C GLU B 597 57.30 -11.58 -3.77
N LEU B 598 58.07 -12.65 -3.98
CA LEU B 598 57.48 -13.98 -4.04
C LEU B 598 56.89 -14.40 -2.70
N SER B 599 57.61 -14.15 -1.61
CA SER B 599 57.10 -14.50 -0.29
C SER B 599 55.86 -13.69 0.06
N ARG B 600 55.79 -12.43 -0.38
CA ARG B 600 54.60 -11.63 -0.16
C ARG B 600 53.43 -12.11 -1.01
N LEU B 601 53.72 -12.52 -2.26
CA LEU B 601 52.67 -13.12 -3.08
C LEU B 601 52.18 -14.43 -2.48
N VAL B 602 53.11 -15.24 -1.95
CA VAL B 602 52.73 -16.48 -1.28
C VAL B 602 51.95 -16.17 0.00
N HIS B 603 52.26 -15.06 0.67
CA HIS B 603 51.58 -14.72 1.92
C HIS B 603 50.12 -14.37 1.71
N ARG B 604 49.78 -13.74 0.58
CA ARG B 604 48.39 -13.33 0.36
C ARG B 604 47.47 -14.53 0.17
N HIS B 605 47.94 -15.56 -0.54
CA HIS B 605 47.10 -16.70 -0.90
C HIS B 605 47.40 -17.94 -0.07
N GLY B 606 48.16 -17.82 1.01
CA GLY B 606 48.53 -18.97 1.79
C GLY B 606 47.50 -19.33 2.84
N GLY B 607 46.69 -18.36 3.26
CA GLY B 607 45.73 -18.62 4.32
C GLY B 607 45.80 -17.59 5.43
N ARG B 608 45.30 -17.95 6.63
CA ARG B 608 45.34 -17.07 7.78
C ARG B 608 46.52 -17.42 8.68
N PRO B 609 46.95 -16.51 9.55
CA PRO B 609 48.06 -16.81 10.45
C PRO B 609 47.75 -17.97 11.38
N ILE B 610 48.80 -18.60 11.90
CA ILE B 610 48.65 -19.70 12.84
C ILE B 610 48.16 -19.17 14.18
N GLY B 611 47.23 -19.89 14.80
CA GLY B 611 46.62 -19.42 16.03
C GLY B 611 45.64 -18.29 15.83
N SER B 612 44.91 -18.29 14.72
CA SER B 612 44.02 -17.19 14.38
C SER B 612 42.71 -17.32 15.15
N TYR B 613 42.17 -16.17 15.56
CA TYR B 613 40.97 -16.15 16.40
C TYR B 613 39.77 -16.74 15.66
N LYS B 614 38.94 -17.46 16.41
CA LYS B 614 37.72 -18.06 15.89
C LYS B 614 36.53 -17.20 16.27
N PHE B 615 35.58 -17.08 15.34
CA PHE B 615 34.40 -16.26 15.56
C PHE B 615 33.41 -16.95 16.49
N VAL B 616 32.82 -16.18 17.40
CA VAL B 616 31.81 -16.70 18.31
C VAL B 616 30.70 -15.66 18.49
N PRO B 617 29.45 -16.08 18.60
CA PRO B 617 28.39 -15.13 18.99
C PRO B 617 28.63 -14.63 20.40
N LEU B 618 28.77 -13.31 20.54
CA LEU B 618 29.07 -12.70 21.83
C LEU B 618 27.92 -11.83 22.32
N ASP B 619 28.22 -10.67 22.87
CA ASP B 619 27.21 -9.76 23.39
C ASP B 619 26.61 -8.86 22.32
N ASP B 620 26.67 -9.26 21.05
CA ASP B 620 26.13 -8.48 19.95
C ASP B 620 25.04 -9.23 19.20
N PHE B 621 24.52 -10.31 19.78
CA PHE B 621 23.50 -11.14 19.16
C PHE B 621 22.28 -11.25 20.06
N PRO B 622 21.11 -11.49 19.50
CA PRO B 622 19.97 -11.88 20.32
C PRO B 622 20.11 -13.33 20.76
N TYR B 623 19.53 -13.63 21.92
CA TYR B 623 19.50 -14.99 22.45
C TYR B 623 18.05 -15.34 22.75
N PRO B 624 17.29 -15.75 21.73
CA PRO B 624 15.89 -16.12 21.95
C PRO B 624 15.80 -17.34 22.87
N ALA B 625 14.99 -17.22 23.92
CA ALA B 625 14.79 -18.35 24.81
C ALA B 625 14.23 -19.55 24.05
N ASP B 626 13.34 -19.31 23.11
CA ASP B 626 12.74 -20.38 22.30
C ASP B 626 13.62 -20.61 21.06
N VAL B 627 14.78 -21.20 21.30
CA VAL B 627 15.75 -21.50 20.26
C VAL B 627 16.11 -22.99 20.32
N LYS B 628 16.33 -23.57 19.14
CA LYS B 628 16.80 -24.94 19.06
C LYS B 628 18.27 -25.02 19.45
N ILE B 629 18.69 -26.19 19.93
CA ILE B 629 20.04 -26.35 20.46
C ILE B 629 20.54 -27.75 20.14
N ASP B 630 21.84 -27.84 19.85
CA ASP B 630 22.58 -29.11 19.90
C ASP B 630 23.00 -29.30 21.35
N GLU B 631 22.26 -30.13 22.09
CA GLU B 631 22.50 -30.22 23.53
C GLU B 631 23.90 -30.72 23.85
N GLU B 632 24.52 -31.47 22.93
CA GLU B 632 25.90 -31.88 23.11
C GLU B 632 26.69 -31.81 21.81
N TYR B 633 26.31 -30.88 20.92
CA TYR B 633 27.01 -30.68 19.65
C TYR B 633 27.07 -31.98 18.84
N CYS B 634 25.94 -32.68 18.77
CA CYS B 634 25.90 -34.01 18.20
C CYS B 634 24.83 -34.22 17.13
N ALA B 635 24.01 -33.22 16.83
CA ALA B 635 22.99 -33.35 15.78
C ALA B 635 23.58 -33.01 14.40
N TYR B 636 24.69 -33.67 14.09
CA TYR B 636 25.36 -33.54 12.80
C TYR B 636 25.70 -34.93 12.27
N ASN B 637 25.58 -35.10 10.96
CA ASN B 637 25.97 -36.33 10.27
C ASN B 637 26.88 -35.94 9.10
N PRO B 638 28.06 -36.56 8.98
CA PRO B 638 28.96 -36.18 7.89
C PRO B 638 28.38 -36.40 6.50
N ASP B 639 27.48 -37.38 6.36
CA ASP B 639 26.84 -37.61 5.07
C ASP B 639 25.87 -36.48 4.72
N ASP B 640 25.35 -35.78 5.72
CA ASP B 640 24.46 -34.66 5.46
C ASP B 640 25.21 -33.48 4.85
N HIS B 641 26.51 -33.36 5.13
CA HIS B 641 27.33 -32.24 4.66
C HIS B 641 26.69 -30.90 5.03
N SER B 642 26.34 -30.78 6.30
CA SER B 642 25.67 -29.59 6.80
C SER B 642 26.69 -28.58 7.30
N VAL B 643 26.39 -27.30 7.11
CA VAL B 643 27.21 -26.23 7.68
C VAL B 643 26.90 -26.13 9.17
N LYS B 644 27.94 -26.17 9.99
CA LYS B 644 27.77 -26.37 11.42
C LYS B 644 27.73 -25.05 12.18
N CYS B 645 26.92 -25.01 13.23
CA CYS B 645 26.87 -23.86 14.11
C CYS B 645 28.16 -23.76 14.91
N VAL B 646 28.35 -22.61 15.56
CA VAL B 646 29.59 -22.37 16.28
C VAL B 646 29.65 -23.14 17.58
N SER B 647 28.51 -23.44 18.21
CA SER B 647 28.52 -24.10 19.51
C SER B 647 27.19 -24.83 19.70
N GLU B 648 26.85 -25.12 20.96
CA GLU B 648 25.61 -25.84 21.26
C GLU B 648 24.38 -25.01 20.94
N ILE B 649 24.46 -23.69 21.10
CA ILE B 649 23.37 -22.82 20.65
C ILE B 649 23.33 -22.85 19.13
N MET B 650 22.13 -23.02 18.57
CA MET B 650 21.99 -23.17 17.13
C MET B 650 21.70 -21.81 16.47
N ILE B 651 22.64 -20.89 16.68
CA ILE B 651 22.73 -19.69 15.87
C ILE B 651 23.49 -20.07 14.61
N PRO B 652 22.88 -20.00 13.43
CA PRO B 652 23.53 -20.56 12.23
C PRO B 652 24.83 -19.85 11.90
N LYS B 653 25.62 -20.52 11.06
CA LYS B 653 26.89 -19.95 10.62
C LYS B 653 26.64 -18.63 9.90
N THR B 654 27.53 -17.67 10.13
CA THR B 654 27.35 -16.34 9.56
C THR B 654 27.90 -16.27 8.15
N LEU B 655 27.26 -15.47 7.30
CA LEU B 655 27.69 -15.24 5.93
C LEU B 655 28.35 -13.86 5.88
N THR B 656 29.68 -13.86 5.80
CA THR B 656 30.46 -12.63 5.86
C THR B 656 31.34 -12.51 4.62
N ALA B 657 31.69 -11.27 4.29
CA ALA B 657 32.56 -11.00 3.14
C ALA B 657 33.90 -11.69 3.32
N THR B 658 34.33 -12.39 2.27
CA THR B 658 35.61 -13.04 2.19
C THR B 658 36.27 -12.66 0.86
N PRO B 659 37.59 -12.59 0.82
CA PRO B 659 38.28 -12.30 -0.44
C PRO B 659 37.93 -13.33 -1.49
N PRO B 660 37.79 -12.92 -2.75
CA PRO B 660 37.45 -13.88 -3.81
C PRO B 660 38.53 -14.94 -3.94
N HIS B 661 38.09 -16.17 -4.25
CA HIS B 661 39.00 -17.29 -4.37
C HIS B 661 40.02 -17.03 -5.47
N ALA B 662 41.15 -17.75 -5.38
CA ALA B 662 42.27 -17.54 -6.29
C ALA B 662 42.68 -18.85 -6.93
N LEU B 663 43.20 -18.75 -8.15
CA LEU B 663 43.81 -19.88 -8.86
C LEU B 663 45.25 -19.46 -9.14
N PHE B 664 46.16 -19.92 -8.28
CA PHE B 664 47.56 -19.50 -8.33
C PHE B 664 48.29 -20.28 -9.42
N MET B 665 48.85 -19.55 -10.38
CA MET B 665 49.57 -20.14 -11.51
C MET B 665 51.07 -19.93 -11.31
N ASP B 666 51.81 -21.03 -11.11
CA ASP B 666 53.26 -20.90 -11.07
C ASP B 666 53.82 -20.41 -12.39
N CYS B 667 53.09 -20.62 -13.49
CA CYS B 667 53.48 -20.12 -14.81
C CYS B 667 52.30 -20.22 -15.78
N THR B 668 51.90 -19.12 -16.38
CA THR B 668 50.81 -19.12 -17.35
C THR B 668 51.38 -19.28 -18.76
N HIS B 669 50.52 -19.20 -19.77
CA HIS B 669 50.92 -19.31 -21.16
C HIS B 669 51.35 -17.97 -21.76
N ASP B 670 51.48 -16.92 -20.93
CA ASP B 670 51.84 -15.60 -21.41
C ASP B 670 53.10 -15.03 -20.80
N ASN B 671 53.56 -15.54 -19.68
CA ASN B 671 54.74 -15.01 -18.99
C ASN B 671 55.98 -15.83 -19.35
N GLU B 672 57.14 -15.18 -19.22
CA GLU B 672 58.39 -15.78 -19.63
C GLU B 672 58.76 -16.97 -18.75
N THR B 673 59.59 -17.84 -19.31
CA THR B 673 59.99 -19.06 -18.63
C THR B 673 60.87 -18.75 -17.42
N PRO B 674 60.83 -19.59 -16.38
CA PRO B 674 61.89 -19.55 -15.36
C PRO B 674 63.27 -19.50 -15.97
N ASN B 675 63.51 -20.23 -17.07
CA ASN B 675 64.79 -20.13 -17.77
C ASN B 675 65.07 -18.71 -18.22
N GLN B 676 64.04 -18.00 -18.69
CA GLN B 676 64.22 -16.64 -19.19
C GLN B 676 64.36 -15.64 -18.04
N LYS B 677 63.31 -15.53 -17.21
CA LYS B 677 63.30 -14.49 -16.18
C LYS B 677 64.30 -14.80 -15.07
N ARG B 678 64.30 -16.05 -14.59
CA ARG B 678 65.19 -16.43 -13.49
C ARG B 678 66.19 -17.48 -13.96
N THR B 679 66.06 -18.71 -13.48
CA THR B 679 66.83 -19.85 -13.98
C THR B 679 65.90 -21.05 -14.11
N VAL B 680 66.42 -22.15 -14.65
CA VAL B 680 65.64 -23.38 -14.76
C VAL B 680 65.52 -24.07 -13.41
N GLU B 681 66.52 -23.94 -12.54
CA GLU B 681 66.48 -24.59 -11.24
C GLU B 681 65.38 -24.04 -10.35
N ASP B 682 64.99 -22.76 -10.54
CA ASP B 682 63.90 -22.18 -9.78
C ASP B 682 62.56 -22.86 -10.03
N THR B 683 62.44 -23.66 -11.09
CA THR B 683 61.18 -24.34 -11.39
C THR B 683 60.72 -25.20 -10.23
N LEU B 684 61.67 -25.83 -9.51
CA LEU B 684 61.27 -26.71 -8.40
C LEU B 684 60.75 -25.93 -7.21
N PRO B 685 61.53 -25.00 -6.60
CA PRO B 685 60.99 -24.32 -5.42
C PRO B 685 59.81 -23.43 -5.72
N ASN B 686 59.79 -22.78 -6.90
CA ASN B 686 58.69 -21.89 -7.24
C ASN B 686 57.37 -22.65 -7.32
N ALA B 687 57.39 -23.85 -7.90
CA ALA B 687 56.17 -24.66 -7.98
C ALA B 687 55.77 -25.18 -6.61
N ALA B 688 56.75 -25.50 -5.75
CA ALA B 688 56.42 -26.00 -4.42
C ALA B 688 55.78 -24.92 -3.56
N LEU B 689 56.29 -23.69 -3.64
CA LEU B 689 55.70 -22.60 -2.87
C LEU B 689 54.26 -22.35 -3.29
N VAL B 690 53.97 -22.45 -4.59
CA VAL B 690 52.61 -22.26 -5.08
C VAL B 690 51.72 -23.41 -4.64
N ALA B 691 52.23 -24.64 -4.70
CA ALA B 691 51.43 -25.80 -4.35
C ALA B 691 51.06 -25.82 -2.87
N PHE B 692 51.80 -25.12 -2.02
CA PHE B 692 51.50 -25.10 -0.60
C PHE B 692 50.44 -24.07 -0.22
N CYS B 693 50.11 -23.15 -1.12
CA CYS B 693 49.07 -22.17 -0.84
C CYS B 693 47.71 -22.86 -0.76
N SER B 694 46.87 -22.38 0.16
CA SER B 694 45.54 -22.94 0.38
C SER B 694 44.57 -22.28 -0.59
N SER B 695 44.66 -22.72 -1.84
CA SER B 695 43.81 -22.22 -2.92
C SER B 695 43.93 -23.20 -4.08
N ALA B 696 43.37 -22.82 -5.23
CA ALA B 696 43.56 -23.60 -6.44
C ALA B 696 44.89 -23.24 -7.08
N ILE B 697 45.55 -24.24 -7.67
CA ILE B 697 46.83 -24.03 -8.31
C ILE B 697 46.77 -24.52 -9.75
N GLY B 698 47.64 -23.97 -10.58
CA GLY B 698 47.73 -24.38 -11.96
C GLY B 698 49.11 -24.14 -12.51
N SER B 699 49.30 -24.55 -13.77
CA SER B 699 50.58 -24.41 -14.44
C SER B 699 50.38 -24.62 -15.94
N VAL B 700 51.24 -24.00 -16.73
CA VAL B 700 51.23 -24.17 -18.17
C VAL B 700 52.05 -25.40 -18.52
N TYR B 701 51.71 -26.05 -19.63
CA TYR B 701 52.51 -27.16 -20.11
C TYR B 701 53.83 -26.64 -20.63
N GLY B 702 54.93 -27.24 -20.17
CA GLY B 702 56.27 -26.78 -20.46
C GLY B 702 57.02 -26.27 -19.25
N TYR B 703 56.30 -25.67 -18.30
CA TYR B 703 56.91 -25.29 -17.03
C TYR B 703 57.47 -26.51 -16.31
N ASP B 704 56.63 -27.52 -16.11
CA ASP B 704 57.10 -28.76 -15.51
C ASP B 704 58.17 -29.42 -16.38
N GLU B 705 57.97 -29.40 -17.70
CA GLU B 705 58.91 -29.99 -18.65
C GLU B 705 60.01 -29.02 -19.07
N VAL B 706 60.27 -28.00 -18.25
CA VAL B 706 61.29 -26.96 -18.43
C VAL B 706 61.59 -26.64 -19.88
N PHE B 707 60.58 -26.18 -20.62
CA PHE B 707 60.83 -25.66 -21.95
C PHE B 707 61.76 -24.46 -21.86
N PRO B 708 62.62 -24.24 -22.85
CA PRO B 708 63.61 -23.15 -22.74
C PRO B 708 62.98 -21.77 -22.66
N GLN B 709 62.14 -21.40 -23.62
CA GLN B 709 61.59 -20.05 -23.67
C GLN B 709 60.08 -20.10 -23.87
N LEU B 710 59.44 -18.95 -23.66
CA LEU B 710 58.00 -18.82 -23.83
C LEU B 710 57.63 -19.07 -25.29
N LEU B 711 56.65 -19.94 -25.50
CA LEU B 711 56.24 -20.32 -26.84
C LEU B 711 55.41 -19.20 -27.48
N ASP B 712 55.80 -18.78 -28.67
CA ASP B 712 55.08 -17.75 -29.40
C ASP B 712 53.72 -18.30 -29.84
N LEU B 713 52.65 -17.78 -29.24
CA LEU B 713 51.30 -18.25 -29.58
C LEU B 713 50.94 -17.99 -31.03
N VAL B 714 51.59 -17.01 -31.67
CA VAL B 714 51.22 -16.63 -33.03
C VAL B 714 51.89 -17.55 -34.05
N GLN B 715 53.22 -17.65 -33.99
CA GLN B 715 53.99 -18.23 -35.08
C GLN B 715 54.22 -19.73 -34.93
N GLU B 716 54.65 -20.16 -33.76
CA GLU B 716 55.23 -21.50 -33.61
C GLU B 716 54.25 -22.60 -33.98
N LYS B 717 54.77 -23.63 -34.66
CA LYS B 717 53.98 -24.78 -35.08
C LYS B 717 54.53 -26.10 -34.58
N ARG B 718 55.62 -26.10 -33.81
CA ARG B 718 56.17 -27.34 -33.29
C ARG B 718 55.21 -27.97 -32.28
N THR B 719 55.43 -29.26 -32.02
CA THR B 719 54.53 -30.05 -31.18
C THR B 719 55.21 -30.40 -29.87
N TYR B 720 54.40 -30.51 -28.81
CA TYR B 720 54.89 -30.96 -27.52
C TYR B 720 55.62 -32.28 -27.65
N SER B 721 56.75 -32.40 -26.97
CA SER B 721 57.52 -33.62 -26.99
C SER B 721 56.75 -34.74 -26.30
N CYS B 722 57.11 -35.99 -26.64
CA CYS B 722 56.56 -37.16 -25.98
C CYS B 722 57.49 -37.70 -24.91
N ALA B 723 58.57 -36.99 -24.61
CA ALA B 723 59.49 -37.38 -23.54
C ALA B 723 58.78 -37.30 -22.19
N GLU B 724 58.54 -38.46 -21.57
CA GLU B 724 57.75 -38.55 -20.37
C GLU B 724 58.60 -38.35 -19.12
N ASN B 725 57.96 -37.81 -18.07
CA ASN B 725 58.51 -37.76 -16.72
C ASN B 725 59.78 -36.93 -16.65
N THR B 726 59.79 -35.79 -17.33
CA THR B 726 60.95 -34.90 -17.30
C THR B 726 60.77 -33.79 -16.28
N GLY B 727 61.87 -33.38 -15.67
CA GLY B 727 61.89 -32.25 -14.78
C GLY B 727 61.10 -32.43 -13.49
N ILE B 728 60.05 -31.63 -13.33
CA ILE B 728 59.27 -31.62 -12.09
C ILE B 728 58.16 -32.66 -12.07
N SER B 729 57.88 -33.31 -13.21
CA SER B 729 56.77 -34.25 -13.36
C SER B 729 56.60 -35.17 -12.16
N LYS B 730 57.72 -35.69 -11.63
CA LYS B 730 57.66 -36.55 -10.46
C LYS B 730 57.25 -35.76 -9.21
N VAL B 731 57.65 -34.49 -9.12
CA VAL B 731 57.34 -33.70 -7.93
C VAL B 731 55.89 -33.24 -7.95
N LYS B 732 55.41 -32.78 -9.11
CA LYS B 732 54.01 -32.35 -9.20
C LYS B 732 53.05 -33.50 -8.94
N THR B 733 53.46 -34.74 -9.25
CA THR B 733 52.66 -35.90 -8.86
C THR B 733 52.54 -35.99 -7.35
N LEU B 734 53.64 -35.77 -6.63
CA LEU B 734 53.62 -35.83 -5.18
C LEU B 734 52.82 -34.68 -4.59
N LEU B 735 53.05 -33.46 -5.10
CA LEU B 735 52.33 -32.30 -4.57
C LEU B 735 50.84 -32.43 -4.76
N ASN B 736 50.40 -32.79 -5.98
CA ASN B 736 48.97 -32.93 -6.25
C ASN B 736 48.36 -34.06 -5.44
N ASN B 737 49.09 -35.16 -5.25
CA ASN B 737 48.58 -36.25 -4.43
C ASN B 737 48.48 -35.86 -2.96
N MET B 738 49.41 -35.03 -2.47
CA MET B 738 49.31 -34.57 -1.10
C MET B 738 48.11 -33.64 -0.91
N ARG B 739 47.87 -32.76 -1.87
CA ARG B 739 46.70 -31.88 -1.81
C ARG B 739 45.40 -32.67 -1.85
N GLU B 740 45.42 -33.88 -2.41
CA GLU B 740 44.21 -34.70 -2.43
C GLU B 740 43.90 -35.23 -1.03
N GLU B 741 44.93 -35.58 -0.25
CA GLU B 741 44.72 -36.01 1.12
C GLU B 741 44.19 -34.87 1.99
N ILE B 742 44.73 -33.66 1.79
CA ILE B 742 44.32 -32.53 2.62
C ILE B 742 42.90 -32.08 2.29
N ALA B 743 42.47 -32.24 1.03
CA ALA B 743 41.21 -31.68 0.58
C ALA B 743 40.00 -32.30 1.29
N SER B 744 40.16 -33.46 1.90
CA SER B 744 39.00 -34.17 2.44
C SER B 744 38.39 -33.45 3.64
N GLU B 745 39.21 -32.76 4.44
CA GLU B 745 38.73 -32.21 5.70
C GLU B 745 38.77 -30.69 5.80
N ALA B 746 39.69 -30.02 5.11
CA ALA B 746 39.77 -28.57 5.20
C ALA B 746 38.55 -27.93 4.53
N VAL B 747 37.91 -26.98 5.22
CA VAL B 747 36.66 -26.41 4.73
C VAL B 747 36.77 -24.90 4.58
N ASP B 748 36.56 -24.16 5.66
CA ASP B 748 36.36 -22.72 5.59
C ASP B 748 37.65 -21.96 5.87
N ILE B 749 37.56 -20.63 5.82
CA ILE B 749 38.75 -19.79 5.90
C ILE B 749 39.39 -19.85 7.27
N GLU B 750 38.58 -20.01 8.33
CA GLU B 750 39.16 -20.16 9.67
C GLU B 750 39.78 -21.53 9.89
N ASP B 751 39.70 -22.43 8.92
CA ASP B 751 40.09 -23.83 9.10
C ASP B 751 41.46 -24.16 8.51
N SER B 752 42.09 -23.22 7.81
CA SER B 752 43.41 -23.45 7.21
C SER B 752 44.30 -22.26 7.52
N GLU B 753 45.38 -22.50 8.27
CA GLU B 753 46.25 -21.43 8.74
C GLU B 753 47.67 -21.62 8.19
N MET B 754 48.49 -20.58 8.35
CA MET B 754 49.74 -20.50 7.60
C MET B 754 50.73 -19.58 8.29
N HIS B 755 52.01 -19.94 8.22
CA HIS B 755 53.11 -19.06 8.59
C HIS B 755 54.18 -19.13 7.49
N VAL B 756 54.62 -17.97 7.01
CA VAL B 756 55.58 -17.88 5.92
C VAL B 756 56.74 -17.00 6.35
N HIS B 757 57.96 -17.47 6.12
CA HIS B 757 59.17 -16.75 6.50
C HIS B 757 60.14 -16.71 5.31
N HIS B 758 60.77 -15.56 5.12
CA HIS B 758 61.73 -15.36 4.04
C HIS B 758 63.06 -14.93 4.63
N ASP B 759 64.09 -15.76 4.44
CA ASP B 759 65.45 -15.48 4.89
C ASP B 759 66.39 -15.61 3.70
N GLY B 760 66.80 -14.48 3.13
CA GLY B 760 67.65 -14.45 1.95
C GLY B 760 67.06 -15.16 0.75
N GLN B 761 67.69 -16.26 0.33
CA GLN B 761 67.22 -17.03 -0.80
C GLN B 761 66.31 -18.19 -0.40
N TYR B 762 66.07 -18.37 0.90
CA TYR B 762 65.14 -19.38 1.41
C TYR B 762 63.76 -18.76 1.63
N ILE B 763 62.73 -19.59 1.49
CA ILE B 763 61.36 -19.21 1.81
C ILE B 763 60.72 -20.36 2.55
N THR B 764 60.26 -20.11 3.78
CA THR B 764 59.64 -21.12 4.62
C THR B 764 58.12 -21.02 4.50
N PHE B 765 57.48 -22.17 4.36
CA PHE B 765 56.02 -22.25 4.32
C PHE B 765 55.55 -23.32 5.29
N HIS B 766 54.68 -22.93 6.21
CA HIS B 766 54.08 -23.86 7.17
C HIS B 766 52.57 -23.87 6.96
N ARG B 767 52.07 -24.97 6.40
CA ARG B 767 50.64 -25.16 6.19
C ARG B 767 50.06 -25.91 7.39
N THR B 768 48.95 -25.40 7.94
CA THR B 768 48.37 -25.95 9.15
C THR B 768 46.85 -26.00 9.06
N ASN B 769 46.27 -27.12 9.47
CA ASN B 769 44.83 -27.26 9.60
C ASN B 769 44.44 -26.96 11.05
N ALA B 770 43.57 -25.98 11.25
CA ALA B 770 43.21 -25.54 12.59
C ALA B 770 42.31 -26.53 13.32
N LYS B 771 41.71 -27.50 12.63
CA LYS B 771 40.80 -28.43 13.27
C LYS B 771 41.54 -29.60 13.92
N ASN B 772 42.43 -30.26 13.17
CA ASN B 772 43.12 -31.45 13.64
C ASN B 772 44.57 -31.22 14.03
N GLY B 773 45.19 -30.11 13.61
CA GLY B 773 46.57 -29.84 13.92
C GLY B 773 47.58 -30.46 12.97
N LYS B 774 47.14 -31.28 12.02
CA LYS B 774 48.04 -31.78 11.00
C LYS B 774 48.59 -30.62 10.18
N GLY B 775 49.77 -30.83 9.61
CA GLY B 775 50.37 -29.76 8.84
C GLY B 775 51.52 -30.23 7.97
N TRP B 776 51.96 -29.31 7.11
CA TRP B 776 53.11 -29.51 6.24
C TRP B 776 54.08 -28.35 6.44
N TYR B 777 55.38 -28.65 6.40
CA TYR B 777 56.42 -27.64 6.50
C TYR B 777 57.31 -27.73 5.27
N LEU B 778 57.39 -26.65 4.51
CA LEU B 778 58.16 -26.59 3.28
C LEU B 778 59.33 -25.64 3.45
N VAL B 779 60.55 -26.17 3.28
CA VAL B 779 61.74 -25.35 3.14
C VAL B 779 62.12 -25.35 1.67
N ALA B 780 62.17 -24.17 1.06
CA ALA B 780 62.41 -24.04 -0.37
C ALA B 780 63.53 -23.04 -0.60
N ARG B 781 64.67 -23.50 -1.09
CA ARG B 781 65.76 -22.62 -1.47
C ARG B 781 65.58 -22.23 -2.92
N THR B 782 65.41 -20.93 -3.17
CA THR B 782 65.10 -20.43 -4.50
C THR B 782 66.37 -20.21 -5.32
N LYS B 783 66.19 -20.17 -6.63
CA LYS B 783 67.27 -19.95 -7.59
C LYS B 783 66.87 -18.82 -8.54
N PHE B 784 66.71 -17.61 -7.98
CA PHE B 784 66.54 -16.43 -8.82
C PHE B 784 67.85 -16.07 -9.51
N HIS B 785 68.95 -16.09 -8.75
CA HIS B 785 70.30 -15.97 -9.30
C HIS B 785 71.19 -16.93 -8.53
N SER B 786 72.29 -17.32 -9.15
CA SER B 786 73.33 -18.06 -8.45
C SER B 786 74.11 -17.04 -7.62
N SER B 787 73.80 -16.95 -6.33
CA SER B 787 74.29 -15.87 -5.48
C SER B 787 75.00 -16.43 -4.25
N GLY B 788 75.91 -17.38 -4.48
CA GLY B 788 76.75 -17.88 -3.40
C GLY B 788 76.05 -18.72 -2.36
N ASP B 789 76.84 -19.41 -1.53
CA ASP B 789 76.27 -20.27 -0.51
C ASP B 789 75.66 -19.45 0.62
N GLN B 790 74.57 -19.95 1.17
CA GLN B 790 73.90 -19.32 2.30
C GLN B 790 73.30 -20.39 3.19
N MET B 791 73.62 -20.33 4.48
CA MET B 791 73.18 -21.33 5.44
C MET B 791 71.99 -20.82 6.23
N LEU B 792 70.94 -21.63 6.31
CA LEU B 792 69.71 -21.25 7.00
C LEU B 792 69.83 -21.55 8.49
N PRO B 793 69.34 -20.65 9.35
CA PRO B 793 69.37 -20.91 10.79
C PRO B 793 68.52 -22.13 11.16
N ARG B 794 68.70 -22.57 12.41
CA ARG B 794 67.95 -23.73 12.90
C ARG B 794 66.45 -23.43 12.90
N ILE B 795 65.67 -24.43 12.52
CA ILE B 795 64.21 -24.31 12.45
C ILE B 795 63.61 -24.96 13.68
N LYS B 796 62.88 -24.18 14.47
CA LYS B 796 62.34 -24.62 15.74
C LYS B 796 60.83 -24.54 15.72
N LEU B 797 60.18 -25.66 16.06
CA LEU B 797 58.72 -25.74 16.14
C LEU B 797 58.35 -26.09 17.58
N SER B 798 57.47 -25.28 18.17
CA SER B 798 57.10 -25.44 19.56
C SER B 798 55.90 -26.37 19.70
N GLN B 799 56.03 -27.35 20.60
CA GLN B 799 54.96 -28.31 20.89
C GLN B 799 54.45 -28.97 19.62
N THR B 800 55.38 -29.41 18.78
CA THR B 800 55.07 -30.00 17.50
C THR B 800 56.08 -31.10 17.19
N LYS B 801 55.62 -32.17 16.56
CA LYS B 801 56.47 -33.27 16.13
C LYS B 801 56.55 -33.27 14.62
N ALA B 802 57.73 -33.60 14.08
CA ALA B 802 57.99 -33.52 12.65
C ALA B 802 58.37 -34.90 12.10
N THR B 803 58.03 -35.11 10.82
CA THR B 803 58.33 -36.34 10.11
C THR B 803 58.81 -36.00 8.70
N PHE B 804 59.90 -36.61 8.28
CA PHE B 804 60.43 -36.38 6.94
C PHE B 804 59.50 -36.99 5.90
N LYS B 805 59.14 -36.20 4.89
CA LYS B 805 58.27 -36.66 3.80
C LYS B 805 59.07 -36.89 2.54
N ALA B 806 59.63 -35.84 1.94
CA ALA B 806 60.42 -35.97 0.72
C ALA B 806 61.27 -34.73 0.55
N ALA B 807 62.32 -34.87 -0.28
CA ALA B 807 63.23 -33.77 -0.57
C ALA B 807 63.86 -34.00 -1.93
N PHE B 808 63.98 -32.93 -2.71
CA PHE B 808 64.49 -33.02 -4.07
C PHE B 808 65.38 -31.83 -4.39
N SER B 809 66.29 -32.04 -5.33
CA SER B 809 67.10 -30.99 -5.92
C SER B 809 67.00 -31.08 -7.43
N LEU B 810 66.87 -29.91 -8.07
CA LEU B 810 66.78 -29.82 -9.53
C LEU B 810 68.08 -29.22 -10.07
N GLU B 811 68.76 -29.98 -10.92
CA GLU B 811 70.06 -29.58 -11.45
C GLU B 811 70.01 -29.60 -12.97
N ARG B 812 70.68 -28.63 -13.59
CA ARG B 812 70.71 -28.50 -15.04
C ARG B 812 71.86 -29.30 -15.63
N THR B 813 71.54 -30.16 -16.58
CA THR B 813 72.53 -31.00 -17.27
C THR B 813 72.67 -30.52 -18.70
N GLY B 814 73.32 -29.36 -18.87
CA GLY B 814 73.56 -28.82 -20.18
C GLY B 814 72.39 -28.02 -20.71
N ASP B 815 72.45 -27.76 -22.02
CA ASP B 815 71.46 -26.94 -22.70
C ASP B 815 70.39 -27.81 -23.33
N ALA B 816 69.40 -27.15 -23.93
CA ALA B 816 68.23 -27.77 -24.54
C ALA B 816 68.52 -28.11 -26.00
N PRO B 817 67.97 -29.22 -26.50
CA PRO B 817 68.15 -29.55 -27.91
C PRO B 817 67.47 -28.54 -28.82
N ILE B 818 67.91 -28.49 -30.07
CA ILE B 818 67.40 -27.52 -31.03
C ILE B 818 66.72 -28.24 -32.18
N SER B 819 65.47 -28.65 -31.98
CA SER B 819 64.68 -29.25 -33.03
C SER B 819 63.85 -28.18 -33.74
N ASP B 820 63.40 -28.52 -34.95
CA ASP B 820 62.56 -27.63 -35.74
C ASP B 820 61.13 -28.13 -35.88
N GLU B 821 60.81 -29.30 -35.31
CA GLU B 821 59.47 -29.85 -35.39
C GLU B 821 58.93 -30.35 -34.06
N ILE B 822 59.67 -30.18 -32.97
CA ILE B 822 59.21 -30.64 -31.66
C ILE B 822 59.84 -29.76 -30.59
N ILE B 823 59.01 -29.30 -29.65
CA ILE B 823 59.50 -28.43 -28.57
C ILE B 823 60.00 -29.32 -27.45
N GLU B 824 61.30 -29.23 -27.16
CA GLU B 824 61.95 -30.07 -26.17
C GLU B 824 62.52 -29.22 -25.05
N GLY B 825 62.34 -29.69 -23.81
CA GLY B 825 62.79 -28.97 -22.65
C GLY B 825 64.26 -29.15 -22.38
N ILE B 826 64.71 -28.53 -21.30
CA ILE B 826 66.12 -28.59 -20.89
C ILE B 826 66.34 -29.85 -20.08
N PRO B 827 67.36 -30.65 -20.39
CA PRO B 827 67.62 -31.87 -19.62
C PRO B 827 67.97 -31.54 -18.17
N THR B 828 67.32 -32.24 -17.25
CA THR B 828 67.45 -31.97 -15.82
C THR B 828 67.57 -33.29 -15.06
N LYS B 829 68.27 -33.23 -13.93
CA LYS B 829 68.37 -34.34 -13.00
C LYS B 829 67.57 -33.99 -11.74
N LEU B 830 66.81 -34.97 -11.24
CA LEU B 830 65.98 -34.80 -10.05
C LEU B 830 66.54 -35.73 -8.98
N ARG B 831 67.43 -35.19 -8.15
CA ARG B 831 68.15 -35.97 -7.16
C ARG B 831 67.46 -35.88 -5.80
N GLU B 832 67.19 -37.04 -5.20
CA GLU B 832 66.59 -37.08 -3.87
C GLU B 832 67.66 -36.78 -2.83
N LEU B 833 67.33 -35.92 -1.87
CA LEU B 833 68.29 -35.44 -0.89
C LEU B 833 68.11 -36.17 0.45
N THR B 834 69.14 -36.06 1.28
CA THR B 834 69.17 -36.71 2.59
C THR B 834 70.03 -35.86 3.52
N GLY B 835 70.01 -36.20 4.81
CA GLY B 835 70.80 -35.52 5.81
C GLY B 835 70.01 -34.64 6.75
N PHE B 836 68.70 -34.50 6.53
CA PHE B 836 67.87 -33.65 7.36
C PHE B 836 67.71 -34.26 8.75
N ASP B 837 68.15 -33.53 9.77
CA ASP B 837 68.13 -34.01 11.14
C ASP B 837 66.94 -33.43 11.88
N ILE B 838 66.12 -34.31 12.46
CA ILE B 838 64.91 -33.91 13.17
C ILE B 838 65.10 -34.30 14.63
N GLY B 839 65.42 -33.32 15.47
CA GLY B 839 65.59 -33.54 16.90
C GLY B 839 64.36 -33.11 17.67
N PHE B 840 64.02 -33.89 18.69
CA PHE B 840 62.83 -33.65 19.50
C PHE B 840 63.21 -33.72 20.97
N ASP B 841 62.94 -32.63 21.69
CA ASP B 841 63.19 -32.55 23.13
C ASP B 841 61.96 -33.07 23.86
N GLU B 842 62.10 -34.22 24.52
CA GLU B 842 60.99 -34.82 25.24
C GLU B 842 60.51 -33.95 26.40
N ASN B 843 61.29 -32.96 26.83
CA ASN B 843 60.88 -32.06 27.92
C ASN B 843 60.13 -30.86 27.37
N THR B 844 60.85 -29.99 26.64
CA THR B 844 60.23 -28.79 26.09
C THR B 844 59.28 -29.07 24.93
N LYS B 845 59.16 -30.33 24.50
CA LYS B 845 58.29 -30.71 23.38
C LYS B 845 58.60 -29.89 22.13
N GLU B 846 59.87 -29.52 21.96
CA GLU B 846 60.30 -28.66 20.86
C GLU B 846 61.05 -29.47 19.82
N THR B 847 60.67 -29.32 18.56
CA THR B 847 61.32 -30.01 17.45
C THR B 847 62.29 -29.04 16.77
N SER B 848 63.50 -29.53 16.50
CA SER B 848 64.52 -28.77 15.77
C SER B 848 64.80 -29.44 14.45
N ILE B 849 64.96 -28.64 13.39
CA ILE B 849 65.20 -29.14 12.05
C ILE B 849 66.45 -28.47 11.51
N LEU B 850 67.47 -29.28 11.20
CA LEU B 850 68.73 -28.80 10.65
C LEU B 850 68.84 -29.27 9.20
N LEU B 851 69.03 -28.32 8.29
CA LEU B 851 69.25 -28.67 6.91
C LEU B 851 70.66 -29.23 6.72
N PRO B 852 70.86 -30.11 5.75
CA PRO B 852 72.20 -30.57 5.42
C PRO B 852 72.90 -29.62 4.47
N GLN B 853 74.23 -29.66 4.50
CA GLN B 853 75.02 -28.75 3.69
C GLN B 853 74.86 -29.01 2.20
N ASP B 854 74.44 -30.21 1.80
CA ASP B 854 74.11 -30.50 0.41
C ASP B 854 72.64 -30.19 0.19
N PHE B 855 72.35 -28.91 0.03
CA PHE B 855 71.00 -28.41 -0.24
C PHE B 855 71.11 -27.21 -1.17
N PRO B 856 71.45 -27.45 -2.43
CA PRO B 856 71.75 -26.34 -3.35
C PRO B 856 70.52 -25.52 -3.68
N GLN B 857 70.76 -24.37 -4.29
CA GLN B 857 69.66 -23.54 -4.77
C GLN B 857 68.83 -24.30 -5.80
N GLY B 858 67.52 -24.12 -5.72
CA GLY B 858 66.62 -24.92 -6.52
C GLY B 858 66.23 -26.24 -5.89
N SER B 859 66.22 -26.33 -4.57
CA SER B 859 65.87 -27.54 -3.85
C SER B 859 64.76 -27.25 -2.86
N ILE B 860 64.04 -28.31 -2.49
CA ILE B 860 62.96 -28.25 -1.50
C ILE B 860 63.09 -29.44 -0.57
N VAL B 861 62.37 -29.37 0.55
CA VAL B 861 62.22 -30.48 1.48
C VAL B 861 60.90 -30.29 2.21
N ILE B 862 60.12 -31.37 2.32
CA ILE B 862 58.78 -31.32 2.84
C ILE B 862 58.71 -32.18 4.10
N PHE B 863 58.07 -31.65 5.14
CA PHE B 863 57.87 -32.37 6.39
C PHE B 863 56.37 -32.48 6.68
N GLU B 864 55.97 -33.61 7.24
CA GLU B 864 54.64 -33.78 7.80
C GLU B 864 54.72 -33.48 9.30
N THR B 865 53.91 -32.53 9.77
CA THR B 865 54.00 -32.05 11.13
C THR B 865 52.63 -32.12 11.80
N GLN B 866 52.64 -32.32 13.12
CA GLN B 866 51.42 -32.48 13.90
C GLN B 866 51.57 -31.74 15.21
N GLN B 867 50.73 -30.72 15.41
CA GLN B 867 50.76 -29.97 16.65
C GLN B 867 50.34 -30.86 17.82
N LEU B 868 51.12 -30.81 18.90
CA LEU B 868 50.84 -31.62 20.07
C LEU B 868 49.67 -31.04 20.87
N GLY B 869 48.88 -31.93 21.45
CA GLY B 869 47.70 -31.54 22.18
C GLY B 869 46.43 -31.50 21.37
N ILE B 870 46.53 -31.35 20.04
CA ILE B 870 45.38 -31.29 19.17
C ILE B 870 45.16 -32.66 18.54
N ASP B 871 43.94 -33.18 18.65
CA ASP B 871 43.50 -34.31 17.85
C ASP B 871 42.19 -33.93 17.18
N ASP B 872 41.52 -34.91 16.55
CA ASP B 872 40.26 -34.60 15.88
C ASP B 872 39.13 -34.30 16.86
N SER B 873 39.25 -34.75 18.11
CA SER B 873 38.18 -34.62 19.09
C SER B 873 38.28 -33.34 19.91
N LEU B 874 39.21 -32.44 19.59
CA LEU B 874 39.37 -31.23 20.39
C LEU B 874 38.20 -30.27 20.19
N ASP B 875 37.83 -30.02 18.93
CA ASP B 875 36.75 -29.08 18.65
C ASP B 875 35.44 -29.49 19.29
N HIS B 876 35.18 -30.80 19.38
CA HIS B 876 33.95 -31.27 20.01
C HIS B 876 34.00 -31.02 21.52
N PHE B 877 35.14 -31.27 22.15
CA PHE B 877 35.24 -31.11 23.60
C PHE B 877 35.04 -29.66 24.00
N ILE B 878 35.58 -28.72 23.22
CA ILE B 878 35.45 -27.31 23.56
C ILE B 878 34.03 -26.81 23.28
N ARG B 879 33.37 -27.34 22.26
CA ARG B 879 32.05 -26.85 21.86
C ARG B 879 30.89 -27.56 22.54
N SER B 880 31.16 -28.54 23.40
CA SER B 880 30.10 -29.31 24.03
C SER B 880 30.08 -29.10 25.54
N GLY B 881 28.94 -29.41 26.14
CA GLY B 881 28.79 -29.44 27.58
C GLY B 881 28.67 -28.10 28.27
N ALA B 882 28.75 -26.99 27.54
CA ALA B 882 28.66 -25.69 28.19
C ALA B 882 27.23 -25.35 28.62
N ILE B 883 26.23 -25.85 27.89
CA ILE B 883 24.85 -25.58 28.24
C ILE B 883 24.45 -26.34 29.50
N LYS B 884 24.81 -27.63 29.56
CA LYS B 884 24.53 -28.42 30.75
C LYS B 884 25.23 -27.84 31.98
N ALA B 885 26.40 -27.23 31.80
CA ALA B 885 27.12 -26.64 32.92
C ALA B 885 26.41 -25.40 33.46
N THR B 886 25.65 -24.71 32.62
CA THR B 886 24.88 -23.54 33.04
C THR B 886 23.47 -23.90 33.47
N GLU B 887 23.16 -25.18 33.63
CA GLU B 887 21.79 -25.60 33.92
C GLU B 887 21.27 -25.02 35.23
N LYS B 888 22.12 -24.99 36.25
CA LYS B 888 21.71 -24.60 37.59
C LYS B 888 22.00 -23.15 37.93
N LEU B 889 22.36 -22.34 36.94
CA LEU B 889 22.61 -20.93 37.21
C LEU B 889 21.31 -20.21 37.58
N SER B 890 21.47 -19.04 38.19
CA SER B 890 20.36 -18.18 38.55
C SER B 890 20.69 -16.75 38.14
N LEU B 891 19.65 -15.92 38.06
CA LEU B 891 19.86 -14.53 37.68
C LEU B 891 20.81 -13.80 38.63
N GLU B 892 20.93 -14.27 39.87
CA GLU B 892 21.91 -13.71 40.79
C GLU B 892 23.30 -14.29 40.56
N SER B 893 23.39 -15.61 40.42
CA SER B 893 24.69 -16.25 40.29
C SER B 893 25.38 -15.91 38.98
N ILE B 894 24.61 -15.56 37.95
CA ILE B 894 25.20 -15.18 36.66
C ILE B 894 26.01 -13.90 36.81
N ASN B 895 25.67 -13.06 37.79
CA ASN B 895 26.42 -11.83 38.02
C ASN B 895 27.87 -12.12 38.39
N TYR B 896 28.11 -13.20 39.14
CA TYR B 896 29.47 -13.53 39.55
C TYR B 896 30.27 -14.19 38.43
N VAL B 897 29.60 -14.76 37.43
CA VAL B 897 30.31 -15.38 36.33
C VAL B 897 30.64 -14.37 35.22
N LEU B 898 29.79 -13.36 35.02
CA LEU B 898 29.94 -12.43 33.91
C LEU B 898 30.53 -11.09 34.32
N TYR B 899 30.14 -10.54 35.46
CA TYR B 899 30.46 -9.14 35.75
C TYR B 899 31.42 -8.99 36.93
N ARG B 900 30.95 -8.42 38.04
CA ARG B 900 31.75 -8.09 39.20
C ARG B 900 32.80 -7.03 38.88
N ALA B 901 32.57 -5.79 39.32
CA ALA B 901 33.60 -4.78 39.22
C ALA B 901 34.72 -5.08 40.21
N GLU B 902 35.87 -4.41 40.00
CA GLU B 902 37.04 -4.71 40.82
C GLU B 902 36.77 -4.45 42.29
N GLN B 903 36.06 -3.37 42.62
CA GLN B 903 35.69 -3.12 44.00
C GLN B 903 34.73 -4.19 44.52
N GLU B 904 33.85 -4.70 43.66
CA GLU B 904 32.96 -5.79 44.08
C GLU B 904 33.73 -7.08 44.30
N GLU B 905 34.82 -7.30 43.55
CA GLU B 905 35.62 -8.49 43.75
C GLU B 905 36.49 -8.38 45.00
N TYR B 906 37.03 -7.19 45.27
CA TYR B 906 37.74 -6.95 46.52
C TYR B 906 36.85 -7.22 47.72
N ASP B 907 35.54 -7.00 47.58
CA ASP B 907 34.62 -7.25 48.68
C ASP B 907 34.64 -8.71 49.09
N TYR B 908 34.63 -9.62 48.12
CA TYR B 908 34.65 -11.04 48.43
C TYR B 908 36.04 -11.55 48.78
N SER B 909 37.08 -10.99 48.16
CA SER B 909 38.44 -11.47 48.36
C SER B 909 39.22 -10.67 49.39
N GLU B 910 38.55 -9.83 50.17
CA GLU B 910 39.18 -8.99 51.19
C GLU B 910 40.25 -8.07 50.60
N GLY B 911 40.15 -7.76 49.30
CA GLY B 911 41.08 -6.86 48.67
C GLY B 911 42.34 -7.48 48.12
N ARG B 912 42.39 -8.81 47.99
CA ARG B 912 43.60 -9.49 47.55
C ARG B 912 43.59 -9.85 46.07
N SER B 913 42.43 -10.16 45.50
CA SER B 913 42.36 -10.63 44.12
C SER B 913 42.24 -9.48 43.13
N GLY B 914 41.00 -9.09 42.81
CA GLY B 914 40.77 -8.03 41.85
C GLY B 914 40.72 -8.54 40.42
N ALA B 915 40.95 -7.60 39.50
CA ALA B 915 40.91 -7.89 38.07
C ALA B 915 42.30 -8.19 37.53
N TYR B 916 42.35 -9.05 36.51
CA TYR B 916 43.62 -9.42 35.89
C TYR B 916 44.21 -8.23 35.14
N ASP B 917 45.46 -7.90 35.45
CA ASP B 917 46.13 -6.77 34.80
C ASP B 917 46.82 -7.26 33.54
N ILE B 918 46.29 -6.87 32.38
CA ILE B 918 46.91 -7.19 31.10
C ILE B 918 48.09 -6.23 30.90
N PRO B 919 49.31 -6.74 30.78
CA PRO B 919 50.46 -5.83 30.60
C PRO B 919 50.35 -5.03 29.32
N ASP B 920 50.82 -3.79 29.38
CA ASP B 920 50.76 -2.83 28.28
C ASP B 920 49.33 -2.48 27.87
N TYR B 921 48.35 -2.79 28.71
CA TYR B 921 46.96 -2.49 28.38
C TYR B 921 46.18 -1.99 29.59
N GLY B 922 45.98 -2.85 30.57
CA GLY B 922 45.26 -2.50 31.77
C GLY B 922 44.43 -3.68 32.24
N LYS B 923 43.40 -3.38 33.02
CA LYS B 923 42.51 -4.41 33.51
C LYS B 923 41.18 -4.36 32.76
N PRO B 924 40.54 -5.51 32.54
CA PRO B 924 39.17 -5.50 32.03
C PRO B 924 38.24 -4.77 32.99
N VAL B 925 37.13 -4.29 32.45
CA VAL B 925 36.21 -3.47 33.24
C VAL B 925 35.48 -4.31 34.28
N TYR B 926 35.09 -5.52 33.91
CA TYR B 926 34.55 -6.50 34.85
C TYR B 926 35.55 -7.63 35.04
N CYS B 927 35.39 -8.37 36.14
CA CYS B 927 36.26 -9.51 36.38
C CYS B 927 35.78 -10.74 35.61
N GLY B 928 34.47 -10.89 35.48
CA GLY B 928 33.91 -12.04 34.81
C GLY B 928 34.07 -11.99 33.31
N LEU B 929 33.29 -12.84 32.65
CA LEU B 929 33.44 -13.04 31.21
C LEU B 929 33.11 -11.78 30.42
N GLN B 930 32.23 -10.92 30.94
CA GLN B 930 31.89 -9.70 30.22
C GLN B 930 33.11 -8.80 30.04
N GLY B 931 33.99 -8.75 31.04
CA GLY B 931 35.21 -7.98 30.90
C GLY B 931 36.12 -8.50 29.81
N TRP B 932 36.09 -9.81 29.56
CA TRP B 932 36.87 -10.37 28.46
C TRP B 932 36.17 -10.17 27.13
N VAL B 933 34.86 -10.43 27.07
CA VAL B 933 34.11 -10.29 25.82
C VAL B 933 34.15 -8.87 25.30
N SER B 934 34.14 -7.87 26.20
CA SER B 934 34.18 -6.48 25.76
C SER B 934 35.47 -6.15 25.04
N ILE B 935 36.57 -6.82 25.41
CA ILE B 935 37.85 -6.60 24.74
C ILE B 935 38.00 -7.51 23.53
N LEU B 936 37.51 -8.75 23.63
CA LEU B 936 37.76 -9.74 22.59
C LEU B 936 36.98 -9.47 21.30
N ARG B 937 35.83 -8.77 21.40
CA ARG B 937 34.98 -8.63 20.22
C ARG B 937 35.71 -7.89 19.10
N LYS B 938 36.44 -6.82 19.43
CA LYS B 938 37.20 -6.11 18.41
C LYS B 938 38.44 -6.91 18.00
N ILE B 939 39.05 -7.62 18.95
CA ILE B 939 40.23 -8.42 18.64
C ILE B 939 39.86 -9.53 17.66
N ILE B 940 38.77 -10.25 17.94
CA ILE B 940 38.32 -11.31 17.04
C ILE B 940 37.88 -10.72 15.71
N PHE B 941 37.27 -9.54 15.72
CA PHE B 941 36.76 -8.96 14.49
C PHE B 941 37.89 -8.62 13.52
N TYR B 942 39.03 -8.16 14.05
CA TYR B 942 40.17 -7.79 13.22
C TYR B 942 41.27 -8.84 13.23
N ASN B 943 41.10 -9.94 13.96
CA ASN B 943 42.13 -10.97 14.10
C ASN B 943 43.44 -10.35 14.57
N ASP B 944 43.34 -9.51 15.60
CA ASP B 944 44.49 -8.75 16.10
C ASP B 944 45.31 -9.65 17.02
N LEU B 945 46.22 -10.42 16.42
CA LEU B 945 47.15 -11.25 17.18
C LEU B 945 48.28 -10.45 17.79
N ALA B 946 48.36 -9.15 17.49
CA ALA B 946 49.36 -8.26 18.07
C ALA B 946 48.85 -7.50 19.28
N HIS B 947 47.61 -7.73 19.69
CA HIS B 947 47.05 -7.02 20.83
C HIS B 947 47.76 -7.45 22.12
N PRO B 948 47.91 -6.54 23.08
CA PRO B 948 48.57 -6.90 24.35
C PRO B 948 47.92 -8.07 25.07
N LEU B 949 46.61 -8.26 24.90
CA LEU B 949 45.98 -9.46 25.46
C LEU B 949 46.39 -10.70 24.68
N SER B 950 46.43 -10.60 23.36
CA SER B 950 46.90 -11.72 22.54
C SER B 950 48.35 -12.05 22.86
N ASN B 951 49.18 -11.02 22.99
CA ASN B 951 50.58 -11.24 23.36
C ASN B 951 50.70 -11.96 24.69
N ASN B 952 49.93 -11.52 25.70
CA ASN B 952 50.02 -12.11 27.02
C ASN B 952 49.51 -13.55 27.01
N LEU B 953 48.47 -13.84 26.23
CA LEU B 953 47.88 -15.17 26.24
C LEU B 953 48.82 -16.24 25.73
N ARG B 954 49.70 -15.88 24.79
CA ARG B 954 50.73 -16.83 24.36
C ARG B 954 52.05 -16.63 25.08
N ASN B 955 52.18 -15.57 25.89
CA ASN B 955 53.35 -15.43 26.75
C ASN B 955 53.25 -16.29 28.00
N GLY B 956 52.04 -16.61 28.44
CA GLY B 956 51.86 -17.43 29.62
C GLY B 956 50.41 -17.79 29.81
N HIS B 957 50.18 -18.76 30.69
CA HIS B 957 48.85 -19.25 31.01
C HIS B 957 48.22 -18.48 32.17
N TRP B 958 48.69 -17.26 32.45
CA TRP B 958 48.21 -16.52 33.62
C TRP B 958 46.73 -16.17 33.48
N ALA B 959 46.35 -15.54 32.37
CA ALA B 959 44.95 -15.19 32.15
C ALA B 959 44.09 -16.43 32.02
N VAL B 960 44.66 -17.55 31.58
CA VAL B 960 43.89 -18.79 31.48
C VAL B 960 43.50 -19.29 32.87
N ASP B 961 44.45 -19.29 33.80
CA ASP B 961 44.16 -19.75 35.16
C ASP B 961 43.42 -18.71 35.98
N TYR B 962 43.48 -17.43 35.60
CA TYR B 962 42.72 -16.41 36.31
C TYR B 962 41.22 -16.59 36.08
N VAL B 963 40.82 -16.98 34.87
CA VAL B 963 39.42 -17.18 34.57
C VAL B 963 38.82 -18.31 35.40
N VAL B 964 39.61 -19.34 35.68
CA VAL B 964 39.11 -20.48 36.45
C VAL B 964 39.22 -20.25 37.96
N ASN B 965 40.27 -19.56 38.42
CA ASN B 965 40.53 -19.44 39.85
C ASN B 965 39.64 -18.40 40.52
N ARG B 966 39.08 -17.44 39.78
CA ARG B 966 38.14 -16.49 40.37
C ARG B 966 36.99 -17.20 41.06
N LEU B 967 36.41 -18.18 40.38
CA LEU B 967 35.18 -18.83 40.84
C LEU B 967 35.37 -19.62 42.14
N ASP B 968 36.58 -19.68 42.69
CA ASP B 968 36.73 -20.19 44.05
C ASP B 968 36.04 -19.29 45.07
N LEU B 969 36.04 -17.97 44.81
CA LEU B 969 35.35 -17.04 45.69
C LEU B 969 33.85 -17.28 45.68
N TYR B 970 33.29 -17.64 44.53
CA TYR B 970 31.85 -17.80 44.36
C TYR B 970 31.45 -19.25 44.10
N LYS B 971 32.28 -20.20 44.53
CA LYS B 971 32.04 -21.61 44.22
C LYS B 971 30.73 -22.12 44.82
N ASP B 972 30.34 -21.59 45.97
CA ASP B 972 29.17 -22.10 46.69
C ASP B 972 27.85 -21.63 46.10
N LYS B 973 27.87 -20.64 45.20
CA LYS B 973 26.64 -20.11 44.64
C LYS B 973 26.06 -21.07 43.61
N GLU B 974 24.77 -20.88 43.31
CA GLU B 974 24.03 -21.81 42.48
C GLU B 974 24.63 -21.91 41.08
N GLY B 975 25.01 -23.13 40.69
CA GLY B 975 25.52 -23.39 39.36
C GLY B 975 26.91 -22.89 39.06
N VAL B 976 27.56 -22.21 40.00
CA VAL B 976 28.89 -21.67 39.73
C VAL B 976 29.94 -22.78 39.75
N ALA B 977 29.77 -23.75 40.64
CA ALA B 977 30.75 -24.84 40.73
C ALA B 977 30.82 -25.63 39.44
N GLU B 978 29.68 -25.89 38.82
CA GLU B 978 29.65 -26.66 37.57
C GLU B 978 30.12 -25.82 36.39
N VAL B 979 29.86 -24.51 36.40
CA VAL B 979 30.42 -23.64 35.36
C VAL B 979 31.93 -23.59 35.48
N GLN B 980 32.45 -23.55 36.71
CA GLN B 980 33.90 -23.55 36.91
C GLN B 980 34.52 -24.85 36.42
N GLU B 981 33.88 -25.98 36.71
CA GLU B 981 34.43 -27.27 36.32
C GLU B 981 34.52 -27.40 34.80
N TRP B 982 33.54 -26.83 34.08
CA TRP B 982 33.63 -26.82 32.62
C TRP B 982 34.76 -25.93 32.15
N LEU B 983 34.90 -24.74 32.76
CA LEU B 983 36.02 -23.87 32.42
C LEU B 983 37.35 -24.50 32.82
N ARG B 984 37.38 -25.20 33.94
CA ARG B 984 38.63 -25.84 34.38
C ARG B 984 39.05 -26.94 33.40
N SER B 985 38.13 -27.83 33.04
CA SER B 985 38.46 -28.93 32.15
C SER B 985 38.82 -28.44 30.76
N ARG B 986 38.13 -27.40 30.28
CA ARG B 986 38.42 -26.89 28.93
C ARG B 986 39.73 -26.12 28.91
N MET B 987 39.99 -25.30 29.93
CA MET B 987 41.25 -24.56 29.97
C MET B 987 42.44 -25.49 30.22
N GLU B 988 42.25 -26.51 31.05
CA GLU B 988 43.31 -27.50 31.25
C GLU B 988 43.69 -28.17 29.94
N ARG B 989 42.71 -28.41 29.08
CA ARG B 989 42.98 -28.98 27.76
C ARG B 989 43.69 -27.97 26.85
N ILE B 990 43.43 -26.68 27.05
CA ILE B 990 43.98 -25.65 26.17
C ILE B 990 45.46 -25.42 26.49
N LYS B 991 45.83 -25.50 27.77
CA LYS B 991 47.21 -25.20 28.15
C LYS B 991 48.21 -26.18 27.56
N GLN B 992 47.76 -27.38 27.17
CA GLN B 992 48.65 -28.35 26.53
C GLN B 992 48.86 -28.09 25.06
N LEU B 993 48.27 -27.05 24.50
CA LEU B 993 48.46 -26.69 23.11
C LEU B 993 49.72 -25.85 22.96
N PRO B 994 50.24 -25.72 21.73
CA PRO B 994 51.30 -24.75 21.49
C PRO B 994 50.91 -23.36 21.97
N SER B 995 51.91 -22.58 22.39
CA SER B 995 51.62 -21.28 23.00
C SER B 995 50.89 -20.36 22.05
N TYR B 996 51.30 -20.35 20.78
CA TYR B 996 50.70 -19.43 19.81
C TYR B 996 49.24 -19.76 19.49
N LEU B 997 48.75 -20.93 19.90
CA LEU B 997 47.34 -21.28 19.72
C LEU B 997 46.47 -20.92 20.91
N VAL B 998 47.08 -20.56 22.05
CA VAL B 998 46.31 -20.28 23.26
C VAL B 998 45.35 -19.09 23.09
N PRO B 999 45.77 -17.95 22.51
CA PRO B 999 44.82 -16.82 22.39
C PRO B 999 43.53 -17.18 21.66
N SER B 1000 43.64 -17.84 20.49
CA SER B 1000 42.45 -18.16 19.72
C SER B 1000 41.51 -19.07 20.51
N PHE B 1001 42.06 -20.07 21.19
CA PHE B 1001 41.23 -21.01 21.94
C PHE B 1001 40.74 -20.41 23.25
N PHE B 1002 41.49 -19.48 23.84
CA PHE B 1002 41.03 -18.80 25.04
C PHE B 1002 39.77 -17.99 24.74
N ALA B 1003 39.81 -17.19 23.68
CA ALA B 1003 38.64 -16.41 23.27
C ALA B 1003 37.49 -17.31 22.85
N LEU B 1004 37.78 -18.53 22.38
CA LEU B 1004 36.72 -19.44 21.99
C LEU B 1004 35.97 -19.97 23.21
N VAL B 1005 36.70 -20.48 24.19
CA VAL B 1005 36.06 -21.03 25.39
C VAL B 1005 35.32 -19.94 26.15
N VAL B 1006 35.94 -18.76 26.28
CA VAL B 1006 35.29 -17.65 26.96
C VAL B 1006 34.02 -17.24 26.22
N GLY B 1007 34.10 -17.17 24.89
CA GLY B 1007 32.94 -16.75 24.11
C GLY B 1007 31.79 -17.73 24.19
N ILE B 1008 32.09 -19.03 24.18
CA ILE B 1008 31.03 -20.04 24.23
C ILE B 1008 30.32 -20.00 25.57
N MET B 1009 31.08 -19.97 26.67
CA MET B 1009 30.48 -19.94 27.99
C MET B 1009 29.71 -18.65 28.24
N TYR B 1010 30.19 -17.52 27.71
CA TYR B 1010 29.45 -16.28 27.85
C TYR B 1010 28.08 -16.37 27.19
N GLY B 1011 28.03 -16.87 25.96
CA GLY B 1011 26.75 -17.01 25.28
C GLY B 1011 25.81 -17.96 25.99
N CYS B 1012 26.35 -19.05 26.55
CA CYS B 1012 25.52 -19.97 27.32
C CYS B 1012 24.99 -19.31 28.58
N CYS B 1013 25.80 -18.46 29.21
CA CYS B 1013 25.32 -17.70 30.37
C CYS B 1013 24.26 -16.68 29.97
N ARG B 1014 24.51 -15.95 28.88
CA ARG B 1014 23.54 -14.96 28.42
C ARG B 1014 22.23 -15.61 28.01
N LEU B 1015 22.30 -16.73 27.30
CA LEU B 1015 21.09 -17.47 26.99
C LEU B 1015 20.36 -17.92 28.25
N ARG B 1016 21.11 -18.41 29.24
CA ARG B 1016 20.50 -18.83 30.50
C ARG B 1016 19.77 -17.66 31.16
N ALA B 1017 20.31 -16.45 31.03
CA ALA B 1017 19.66 -15.28 31.59
C ALA B 1017 18.33 -15.01 30.91
N MET B 1018 18.31 -15.03 29.57
CA MET B 1018 17.08 -14.77 28.83
C MET B 1018 16.03 -15.83 29.09
N GLN B 1019 16.46 -17.06 29.39
CA GLN B 1019 15.49 -18.11 29.70
C GLN B 1019 14.87 -17.91 31.07
N LEU B 1020 15.66 -17.44 32.03
CA LEU B 1020 15.14 -17.25 33.38
C LEU B 1020 14.27 -16.01 33.50
N MET B 1021 14.43 -15.05 32.59
CA MET B 1021 13.63 -13.83 32.63
C MET B 1021 12.27 -14.07 31.96
N SER B 1022 11.49 -13.01 31.87
CA SER B 1022 10.14 -13.10 31.32
C SER B 1022 10.17 -13.09 29.80
N ASP B 1023 9.02 -13.45 29.20
CA ASP B 1023 8.95 -13.64 27.76
C ASP B 1023 9.21 -12.34 27.00
N ASN B 1024 8.68 -11.22 27.49
CA ASN B 1024 8.86 -9.95 26.79
C ASN B 1024 10.33 -9.60 26.63
N VAL B 1025 11.18 -10.10 27.52
CA VAL B 1025 12.61 -9.85 27.43
C VAL B 1025 13.31 -10.97 26.67
N GLY B 1026 12.97 -12.23 26.95
CA GLY B 1026 13.63 -13.36 26.34
C GLY B 1026 13.26 -13.61 24.90
N LYS B 1027 12.52 -12.69 24.29
CA LYS B 1027 12.11 -12.82 22.90
C LYS B 1027 12.32 -11.52 22.11
N SER B 1028 13.17 -10.63 22.60
CA SER B 1028 13.28 -9.29 22.05
C SER B 1028 14.63 -9.09 21.36
N THR B 1029 14.84 -7.86 20.88
CA THR B 1029 16.04 -7.51 20.13
C THR B 1029 17.27 -7.52 21.05
N VAL B 1030 18.45 -7.39 20.43
CA VAL B 1030 19.68 -7.27 21.19
C VAL B 1030 19.59 -6.09 22.14
N PHE B 1031 19.04 -4.97 21.67
CA PHE B 1031 18.98 -3.76 22.49
C PHE B 1031 18.24 -4.02 23.79
N VAL B 1032 17.06 -4.65 23.72
CA VAL B 1032 16.28 -4.92 24.93
C VAL B 1032 17.02 -5.90 25.82
N GLN B 1033 17.55 -6.98 25.24
CA GLN B 1033 18.27 -7.97 26.03
C GLN B 1033 19.54 -7.37 26.62
N SER B 1034 20.16 -6.42 25.93
CA SER B 1034 21.31 -5.73 26.50
C SER B 1034 20.91 -4.88 27.69
N LEU B 1035 19.75 -4.21 27.58
CA LEU B 1035 19.21 -3.47 28.72
C LEU B 1035 18.88 -4.39 29.88
N ALA B 1036 18.32 -5.57 29.57
CA ALA B 1036 17.91 -6.49 30.61
C ALA B 1036 19.11 -7.04 31.38
N MET B 1037 20.24 -7.22 30.72
CA MET B 1037 21.42 -7.76 31.39
C MET B 1037 21.97 -6.82 32.45
N THR B 1038 21.67 -5.52 32.35
CA THR B 1038 22.06 -4.59 33.40
C THR B 1038 21.49 -4.99 34.75
N SER B 1039 20.29 -5.58 34.75
CA SER B 1039 19.71 -6.08 36.00
C SER B 1039 20.63 -7.08 36.69
N ILE B 1040 21.32 -7.91 35.90
CA ILE B 1040 22.26 -8.85 36.49
C ILE B 1040 23.53 -8.13 36.95
N GLN B 1041 23.92 -7.05 36.27
CA GLN B 1041 25.08 -6.29 36.71
C GLN B 1041 24.86 -5.66 38.08
N MET B 1042 23.62 -5.25 38.36
CA MET B 1042 23.33 -4.46 39.54
C MET B 1042 22.96 -5.30 40.76
N VAL B 1043 22.36 -6.46 40.57
CA VAL B 1043 21.86 -7.29 41.66
C VAL B 1043 22.92 -8.33 41.99
N SER B 1044 23.51 -8.21 43.17
CA SER B 1044 24.53 -9.15 43.63
C SER B 1044 24.50 -9.18 45.15
N ALA B 1045 25.00 -10.28 45.71
CA ALA B 1045 25.24 -10.36 47.14
C ALA B 1045 26.66 -9.88 47.43
N MET B 1046 26.84 -9.27 48.60
CA MET B 1046 28.11 -8.67 48.98
C MET B 1046 28.48 -9.13 50.38
N LYS B 1047 29.61 -8.60 50.88
CA LYS B 1047 30.04 -8.81 52.25
C LYS B 1047 30.04 -7.54 53.08
N SER B 1048 30.34 -6.40 52.47
CA SER B 1048 30.47 -5.13 53.19
C SER B 1048 29.16 -4.35 53.25
N THR B 1049 28.10 -4.82 52.58
CA THR B 1049 26.83 -4.13 52.58
C THR B 1049 25.74 -5.10 52.18
N SER B 1050 24.50 -4.64 52.31
CA SER B 1050 23.31 -5.43 52.00
C SER B 1050 22.11 -4.49 52.02
N ILE B 1051 20.91 -5.06 51.85
CA ILE B 1051 19.68 -4.33 52.08
C ILE B 1051 19.07 -4.65 53.43
N LEU B 1052 19.53 -5.72 54.10
CA LEU B 1052 19.10 -6.11 55.43
C LEU B 1052 20.23 -5.91 56.43
N PRO B 1053 19.93 -5.42 57.64
CA PRO B 1053 21.00 -5.20 58.62
C PRO B 1053 21.52 -6.46 59.26
N ASP B 1054 20.75 -7.55 59.25
CA ASP B 1054 21.15 -8.79 59.89
C ASP B 1054 21.82 -9.77 58.95
N GLN B 1055 21.51 -9.71 57.65
CA GLN B 1055 21.99 -10.69 56.69
C GLN B 1055 22.56 -10.00 55.47
N ASN B 1056 23.35 -10.77 54.70
CA ASN B 1056 23.90 -10.31 53.42
C ASN B 1056 23.15 -11.04 52.32
N ILE B 1057 22.24 -10.33 51.64
CA ILE B 1057 21.47 -10.84 50.54
C ILE B 1057 21.61 -9.89 49.36
N ALA B 1058 21.03 -10.28 48.23
CA ALA B 1058 21.17 -9.50 47.00
C ALA B 1058 20.68 -8.08 47.19
N ALA B 1059 21.46 -7.12 46.69
CA ALA B 1059 21.15 -5.71 46.86
C ALA B 1059 21.48 -4.97 45.57
N MET B 1060 20.52 -4.21 45.06
CA MET B 1060 20.71 -3.50 43.80
C MET B 1060 21.66 -2.32 44.00
N ALA B 1061 22.78 -2.34 43.31
CA ALA B 1061 23.69 -1.21 43.33
C ALA B 1061 23.13 -0.08 42.47
N ALA B 1062 23.41 1.15 42.88
CA ALA B 1062 23.00 2.31 42.10
C ALA B 1062 23.75 2.37 40.77
N GLY B 1063 24.96 1.85 40.73
CA GLY B 1063 25.75 1.87 39.52
C GLY B 1063 27.15 1.35 39.75
N LEU B 1064 27.84 0.97 38.67
CA LEU B 1064 29.18 0.44 38.77
C LEU B 1064 30.18 1.42 38.16
N PRO B 1065 31.38 1.54 38.75
CA PRO B 1065 31.81 0.80 39.94
C PRO B 1065 31.75 1.60 41.24
N HIS B 1066 31.50 2.92 41.14
CA HIS B 1066 31.63 3.80 42.28
C HIS B 1066 30.43 3.75 43.22
N PHE B 1067 29.34 3.09 42.83
CA PHE B 1067 28.20 2.93 43.73
C PHE B 1067 27.94 1.46 44.00
N SER B 1068 28.95 0.73 44.46
CA SER B 1068 28.85 -0.72 44.54
C SER B 1068 29.18 -1.27 45.92
N THR B 1069 30.01 -0.57 46.69
CA THR B 1069 30.51 -1.09 47.94
C THR B 1069 30.12 -0.19 49.11
N ASN B 1070 29.94 -0.83 50.27
CA ASN B 1070 29.74 -0.15 51.57
C ASN B 1070 28.46 0.69 51.50
N TYR B 1071 28.45 1.86 52.12
CA TYR B 1071 27.26 2.71 52.15
C TYR B 1071 26.92 3.32 50.79
N MET B 1072 27.85 3.28 49.84
CA MET B 1072 27.64 3.89 48.53
C MET B 1072 26.83 3.02 47.59
N ARG B 1073 26.41 1.82 48.00
CA ARG B 1073 25.72 0.92 47.08
C ARG B 1073 24.22 1.19 47.03
N CYS B 1074 23.52 1.01 48.15
CA CYS B 1074 22.07 1.03 48.16
C CYS B 1074 21.56 2.45 48.43
N TRP B 1075 20.65 2.92 47.56
CA TRP B 1075 20.03 4.23 47.70
C TRP B 1075 18.55 4.08 47.41
N GLY B 1076 17.72 4.53 48.35
CA GLY B 1076 16.28 4.30 48.23
C GLY B 1076 15.69 4.89 46.96
N ARG B 1077 16.07 6.13 46.66
CA ARG B 1077 15.58 6.78 45.44
C ARG B 1077 15.96 5.98 44.20
N ASP B 1078 17.21 5.53 44.13
CA ASP B 1078 17.68 4.80 42.95
C ASP B 1078 17.02 3.44 42.85
N VAL B 1079 16.85 2.75 43.99
CA VAL B 1079 16.33 1.39 43.97
C VAL B 1079 14.91 1.36 43.41
N PHE B 1080 14.04 2.23 43.91
CA PHE B 1080 12.62 2.16 43.59
C PHE B 1080 12.25 2.90 42.31
N ILE B 1081 13.17 3.67 41.73
CA ILE B 1081 12.95 4.14 40.36
C ILE B 1081 13.29 3.04 39.37
N SER B 1082 14.35 2.28 39.64
CA SER B 1082 14.77 1.18 38.80
C SER B 1082 14.06 -0.13 39.09
N LEU B 1083 13.20 -0.17 40.12
CA LEU B 1083 12.62 -1.44 40.54
C LEU B 1083 11.69 -2.01 39.48
N ARG B 1084 10.84 -1.19 38.88
CA ARG B 1084 9.93 -1.70 37.86
C ARG B 1084 10.68 -2.10 36.60
N GLY B 1085 11.70 -1.33 36.23
CA GLY B 1085 12.42 -1.62 34.99
C GLY B 1085 13.30 -2.86 35.09
N LEU B 1086 14.19 -2.89 36.09
CA LEU B 1086 15.17 -3.96 36.20
C LEU B 1086 14.65 -5.22 36.87
N LEU B 1087 13.58 -5.14 37.65
CA LEU B 1087 13.07 -6.29 38.39
C LEU B 1087 11.70 -6.76 37.95
N LEU B 1088 10.76 -5.84 37.71
CA LEU B 1088 9.41 -6.25 37.35
C LEU B 1088 9.28 -6.58 35.88
N THR B 1089 9.86 -5.75 35.00
CA THR B 1089 9.81 -6.02 33.57
C THR B 1089 10.52 -7.33 33.23
N THR B 1090 11.60 -7.64 33.94
CA THR B 1090 12.40 -8.83 33.68
C THR B 1090 11.88 -10.08 34.38
N GLY B 1091 10.97 -9.94 35.34
CA GLY B 1091 10.40 -11.07 36.03
C GLY B 1091 10.99 -11.37 37.39
N ARG B 1092 11.89 -10.53 37.90
CA ARG B 1092 12.52 -10.73 39.21
C ARG B 1092 11.56 -10.26 40.31
N TYR B 1093 10.48 -11.04 40.47
CA TYR B 1093 9.44 -10.66 41.42
C TYR B 1093 9.88 -10.88 42.86
N GLU B 1094 10.44 -12.06 43.16
CA GLU B 1094 10.86 -12.36 44.53
C GLU B 1094 11.95 -11.42 45.00
N GLU B 1095 12.80 -10.94 44.09
CA GLU B 1095 13.86 -10.01 44.47
C GLU B 1095 13.34 -8.59 44.63
N ALA B 1096 12.36 -8.19 43.82
CA ALA B 1096 11.76 -6.87 44.01
C ALA B 1096 10.99 -6.79 45.32
N LYS B 1097 10.43 -7.90 45.78
CA LYS B 1097 9.77 -7.92 47.08
C LYS B 1097 10.78 -7.72 48.20
N GLU B 1098 11.96 -8.35 48.09
CA GLU B 1098 12.97 -8.24 49.13
C GLU B 1098 13.43 -6.80 49.33
N HIS B 1099 13.56 -6.05 48.24
CA HIS B 1099 13.95 -4.64 48.35
C HIS B 1099 12.82 -3.80 48.95
N ILE B 1100 11.58 -4.11 48.60
CA ILE B 1100 10.46 -3.37 49.16
C ILE B 1100 10.33 -3.65 50.65
N LEU B 1101 10.50 -4.91 51.06
CA LEU B 1101 10.45 -5.24 52.48
C LEU B 1101 11.64 -4.63 53.23
N ALA B 1102 12.79 -4.54 52.58
CA ALA B 1102 13.99 -4.06 53.26
C ALA B 1102 13.84 -2.60 53.67
N PHE B 1103 13.40 -1.74 52.74
CA PHE B 1103 13.22 -0.32 53.05
C PHE B 1103 12.00 -0.07 53.91
N ALA B 1104 11.00 -0.96 53.88
CA ALA B 1104 9.83 -0.79 54.73
C ALA B 1104 10.20 -0.86 56.20
N LYS B 1105 11.27 -1.59 56.53
CA LYS B 1105 11.72 -1.64 57.92
C LYS B 1105 12.32 -0.32 58.37
N THR B 1106 12.89 0.46 57.44
CA THR B 1106 13.63 1.67 57.77
C THR B 1106 12.79 2.94 57.69
N LEU B 1107 11.47 2.81 57.65
CA LEU B 1107 10.62 3.99 57.62
C LEU B 1107 10.81 4.80 58.90
N LYS B 1108 10.88 6.12 58.73
CA LYS B 1108 11.02 7.04 59.85
C LYS B 1108 10.64 8.44 59.36
N HIS B 1109 10.04 9.22 60.25
CA HIS B 1109 9.39 10.48 59.90
C HIS B 1109 8.28 10.26 58.88
N GLY B 1110 7.76 9.05 58.80
CA GLY B 1110 6.86 8.70 57.71
C GLY B 1110 7.52 8.75 56.35
N LEU B 1111 8.84 8.73 56.30
CA LEU B 1111 9.60 8.85 55.06
C LEU B 1111 10.49 7.64 54.85
N ILE B 1112 10.90 7.45 53.61
CA ILE B 1112 11.84 6.39 53.23
C ILE B 1112 13.22 7.03 53.08
N PRO B 1113 14.27 6.43 53.65
CA PRO B 1113 15.60 7.03 53.54
C PRO B 1113 16.22 6.79 52.17
N ASN B 1114 16.93 7.79 51.67
CA ASN B 1114 17.69 7.63 50.43
C ASN B 1114 18.92 6.78 50.71
N LEU B 1115 19.90 7.35 51.41
CA LEU B 1115 21.08 6.60 51.81
C LEU B 1115 20.67 5.45 52.72
N LEU B 1116 20.72 4.22 52.20
CA LEU B 1116 20.50 3.03 52.99
C LEU B 1116 21.84 2.44 53.40
N ASP B 1117 22.12 2.45 54.69
CA ASP B 1117 23.29 1.77 55.24
C ASP B 1117 22.95 0.35 55.66
N ALA B 1118 22.39 -0.42 54.72
CA ALA B 1118 21.83 -1.75 54.97
C ALA B 1118 20.81 -1.73 56.11
N GLY B 1119 20.19 -0.58 56.38
CA GLY B 1119 19.21 -0.52 57.45
C GLY B 1119 19.77 -0.29 58.83
N ARG B 1120 21.01 0.18 58.93
CA ARG B 1120 21.61 0.57 60.22
C ARG B 1120 22.05 2.03 60.09
N ASN B 1121 21.36 2.91 60.79
CA ASN B 1121 21.59 4.35 60.69
C ASN B 1121 21.53 4.85 59.24
N PRO B 1122 20.38 4.74 58.58
CA PRO B 1122 20.23 5.35 57.26
C PRO B 1122 20.05 6.87 57.39
N ARG B 1123 20.19 7.55 56.25
CA ARG B 1123 20.07 9.00 56.19
C ARG B 1123 18.68 9.37 55.71
N TYR B 1124 18.01 10.26 56.47
CA TYR B 1124 16.65 10.66 56.16
C TYR B 1124 16.56 12.11 55.71
N ASN B 1125 17.19 12.43 54.58
CA ASN B 1125 17.11 13.76 53.98
C ASN B 1125 16.41 13.70 52.62
N ALA B 1126 15.56 12.70 52.42
CA ALA B 1126 14.94 12.44 51.12
C ALA B 1126 13.44 12.65 51.25
N ARG B 1127 12.94 13.71 50.60
CA ARG B 1127 11.52 13.92 50.43
C ARG B 1127 10.97 13.25 49.18
N ASP B 1128 11.85 12.73 48.32
CA ASP B 1128 11.46 12.02 47.11
C ASP B 1128 11.24 10.53 47.35
N ALA B 1129 12.06 9.93 48.22
CA ALA B 1129 12.16 8.47 48.27
C ALA B 1129 10.85 7.80 48.63
N ALA B 1130 10.14 8.35 49.64
CA ALA B 1130 8.91 7.70 50.10
C ALA B 1130 7.88 7.54 48.99
N TRP B 1131 7.84 8.49 48.06
CA TRP B 1131 6.84 8.46 46.99
C TRP B 1131 7.27 7.62 45.80
N PHE B 1132 8.58 7.54 45.53
CA PHE B 1132 9.06 6.53 44.59
C PHE B 1132 8.99 5.14 45.19
N PHE B 1133 8.99 5.04 46.52
CA PHE B 1133 8.85 3.75 47.19
C PHE B 1133 7.40 3.27 47.15
N VAL B 1134 6.45 4.15 47.44
CA VAL B 1134 5.04 3.76 47.42
C VAL B 1134 4.54 3.59 45.99
N GLN B 1135 5.23 4.17 45.01
CA GLN B 1135 4.89 3.91 43.61
C GLN B 1135 5.39 2.55 43.15
N ALA B 1136 6.58 2.14 43.62
CA ALA B 1136 7.07 0.82 43.31
C ALA B 1136 6.21 -0.27 43.95
N ILE B 1137 5.58 0.04 45.09
CA ILE B 1137 4.62 -0.89 45.67
C ILE B 1137 3.42 -1.07 44.76
N GLN B 1138 2.90 0.04 44.22
CA GLN B 1138 1.79 -0.04 43.28
C GLN B 1138 2.19 -0.77 42.01
N ASP B 1139 3.38 -0.50 41.49
CA ASP B 1139 3.87 -1.20 40.31
C ASP B 1139 3.98 -2.70 40.57
N TYR B 1140 4.41 -3.07 41.77
CA TYR B 1140 4.50 -4.47 42.14
C TYR B 1140 3.11 -5.13 42.11
N VAL B 1141 2.14 -4.52 42.78
CA VAL B 1141 0.81 -5.11 42.87
C VAL B 1141 0.14 -5.14 41.50
N THR B 1142 0.40 -4.14 40.67
CA THR B 1142 -0.18 -4.12 39.32
C THR B 1142 0.37 -5.26 38.46
N ILE B 1143 1.66 -5.53 38.56
CA ILE B 1143 2.33 -6.43 37.62
C ILE B 1143 2.39 -7.86 38.17
N VAL B 1144 2.82 -8.03 39.41
CA VAL B 1144 3.05 -9.38 39.94
C VAL B 1144 1.71 -10.08 40.14
N PRO B 1145 1.52 -11.29 39.60
CA PRO B 1145 0.30 -12.04 39.90
C PRO B 1145 0.17 -12.29 41.40
N GLY B 1146 -1.04 -12.09 41.91
CA GLY B 1146 -1.23 -12.16 43.35
C GLY B 1146 -0.48 -11.11 44.13
N GLY B 1147 -0.16 -9.98 43.51
CA GLY B 1147 0.66 -8.96 44.15
C GLY B 1147 0.03 -8.31 45.37
N VAL B 1148 -1.29 -8.45 45.54
CA VAL B 1148 -1.94 -7.91 46.73
C VAL B 1148 -1.46 -8.62 47.99
N SER B 1149 -0.86 -9.80 47.84
CA SER B 1149 -0.30 -10.50 49.00
C SER B 1149 0.80 -9.68 49.67
N LEU B 1150 1.40 -8.73 48.96
CA LEU B 1150 2.45 -7.90 49.54
C LEU B 1150 1.92 -7.01 50.66
N LEU B 1151 0.66 -6.59 50.57
CA LEU B 1151 0.13 -5.63 51.54
C LEU B 1151 0.10 -6.19 52.95
N GLN B 1152 -0.08 -7.50 53.09
CA GLN B 1152 -0.17 -8.12 54.40
C GLN B 1152 1.11 -8.82 54.81
N GLU B 1153 2.19 -8.64 54.05
CA GLU B 1153 3.51 -9.07 54.50
C GLU B 1153 3.98 -8.15 55.61
N LYS B 1154 4.59 -8.73 56.64
CA LYS B 1154 4.96 -8.00 57.85
C LYS B 1154 6.49 -7.90 57.95
N VAL B 1155 7.00 -6.67 57.87
CA VAL B 1155 8.41 -6.39 58.04
C VAL B 1155 8.66 -5.97 59.48
N THR B 1156 9.85 -6.28 59.98
CA THR B 1156 10.22 -5.91 61.35
C THR B 1156 10.60 -4.45 61.38
N ARG B 1157 9.72 -3.61 61.94
CA ARG B 1157 9.97 -2.18 62.01
C ARG B 1157 11.12 -1.90 62.97
N ARG B 1158 12.17 -1.25 62.48
CA ARG B 1158 13.36 -1.03 63.29
C ARG B 1158 13.20 0.16 64.23
N PHE B 1159 13.48 1.36 63.74
CA PHE B 1159 13.35 2.55 64.57
C PHE B 1159 11.90 2.71 65.03
N PRO B 1160 11.69 3.23 66.24
CA PRO B 1160 10.32 3.31 66.78
C PRO B 1160 9.47 4.29 66.00
N LEU B 1161 8.14 4.15 66.19
CA LEU B 1161 7.20 4.99 65.47
C LEU B 1161 7.45 6.47 65.78
N ASP B 1162 7.63 6.80 67.05
CA ASP B 1162 8.13 8.12 67.40
C ASP B 1162 9.50 8.33 66.77
N ASP B 1163 9.63 9.37 65.96
CA ASP B 1163 10.88 9.66 65.27
C ASP B 1163 12.00 9.91 66.29
N GLU B 1164 12.59 8.85 66.81
CA GLU B 1164 13.48 8.94 67.97
C GLU B 1164 14.91 8.67 67.53
N TYR B 1165 15.67 7.81 68.20
CA TYR B 1165 17.11 7.74 68.06
C TYR B 1165 17.55 6.42 67.43
N ILE B 1166 18.86 6.19 67.45
CA ILE B 1166 19.52 5.09 66.74
C ILE B 1166 20.11 4.10 67.75
N PRO B 1167 19.37 3.05 68.13
CA PRO B 1167 19.92 2.07 69.06
C PRO B 1167 20.01 0.68 68.45
N TYR B 1168 20.77 0.55 67.35
CA TYR B 1168 20.75 -0.64 66.49
C TYR B 1168 20.76 -1.96 67.25
N ASP B 1169 21.40 -2.01 68.41
CA ASP B 1169 21.49 -3.23 69.20
C ASP B 1169 20.47 -3.31 70.33
N ASP B 1170 19.75 -2.22 70.61
CA ASP B 1170 18.81 -2.21 71.72
C ASP B 1170 17.65 -3.17 71.46
N PRO B 1171 17.10 -3.79 72.50
CA PRO B 1171 15.96 -4.70 72.31
C PRO B 1171 14.67 -4.00 71.89
N LYS B 1172 14.73 -2.70 71.59
CA LYS B 1172 13.58 -1.97 71.07
C LYS B 1172 13.68 -1.74 69.57
N ALA B 1173 14.64 -2.38 68.89
CA ALA B 1173 14.79 -2.25 67.45
C ALA B 1173 14.02 -3.34 66.70
N PHE B 1174 14.28 -4.60 67.04
CA PHE B 1174 13.54 -5.73 66.49
C PHE B 1174 12.21 -5.89 67.22
N SER B 1175 11.65 -4.78 67.67
CA SER B 1175 10.60 -4.79 68.69
C SER B 1175 9.23 -5.15 68.10
N TYR B 1176 8.72 -4.31 67.20
CA TYR B 1176 7.34 -4.42 66.75
C TYR B 1176 7.27 -4.58 65.24
N SER B 1177 6.19 -5.22 64.79
CA SER B 1177 5.96 -5.50 63.38
C SER B 1177 5.02 -4.47 62.77
N SER B 1178 5.05 -4.39 61.43
CA SER B 1178 4.17 -3.51 60.68
C SER B 1178 3.92 -4.14 59.31
N THR B 1179 2.65 -4.19 58.92
CA THR B 1179 2.31 -4.64 57.58
C THR B 1179 2.60 -3.54 56.56
N ILE B 1180 2.81 -3.96 55.31
CA ILE B 1180 2.98 -2.98 54.24
C ILE B 1180 1.71 -2.14 54.10
N GLU B 1181 0.56 -2.71 54.44
CA GLU B 1181 -0.70 -1.97 54.43
C GLU B 1181 -0.62 -0.73 55.32
N GLU B 1182 -0.24 -0.92 56.59
CA GLU B 1182 -0.14 0.23 57.49
C GLU B 1182 1.08 1.09 57.21
N ILE B 1183 2.11 0.55 56.55
CA ILE B 1183 3.26 1.36 56.19
C ILE B 1183 2.85 2.43 55.17
N ILE B 1184 2.06 2.04 54.17
CA ILE B 1184 1.61 3.00 53.15
C ILE B 1184 0.77 4.09 53.79
N TYR B 1185 -0.19 3.69 54.64
CA TYR B 1185 -1.02 4.67 55.32
C TYR B 1185 -0.21 5.51 56.31
N GLU B 1186 0.81 4.91 56.93
CA GLU B 1186 1.67 5.67 57.84
C GLU B 1186 2.40 6.78 57.09
N ILE B 1187 2.72 6.57 55.81
CA ILE B 1187 3.30 7.64 55.00
C ILE B 1187 2.25 8.68 54.67
N LEU B 1188 1.10 8.24 54.16
CA LEU B 1188 0.05 9.17 53.76
C LEU B 1188 -0.45 9.99 54.94
N ASN B 1189 -0.69 9.33 56.08
CA ASN B 1189 -1.28 10.02 57.22
C ASN B 1189 -0.28 10.94 57.88
N ARG B 1190 0.99 10.54 57.95
CA ARG B 1190 2.01 11.36 58.59
C ARG B 1190 2.26 12.64 57.80
N HIS B 1191 2.23 12.55 56.47
CA HIS B 1191 2.36 13.75 55.65
C HIS B 1191 1.23 14.74 55.92
N ALA B 1192 0.00 14.25 56.01
CA ALA B 1192 -1.15 15.14 56.21
C ALA B 1192 -1.13 15.74 57.60
N GLY B 1193 -1.12 14.90 58.64
CA GLY B 1193 -0.99 15.39 60.00
C GLY B 1193 0.28 16.17 60.27
N GLY B 1194 1.19 16.23 59.31
CA GLY B 1194 2.41 16.99 59.49
C GLY B 1194 3.46 16.26 60.29
N ILE B 1195 4.73 16.53 60.02
CA ILE B 1195 5.85 15.99 60.78
C ILE B 1195 6.79 17.16 61.06
N LYS B 1196 7.79 16.90 61.91
CA LYS B 1196 8.81 17.91 62.20
C LYS B 1196 9.99 17.22 62.84
N TYR B 1197 11.18 17.51 62.32
CA TYR B 1197 12.40 16.86 62.80
C TYR B 1197 13.61 17.57 62.22
N ARG B 1198 14.69 17.57 62.99
CA ARG B 1198 16.01 17.81 62.45
C ARG B 1198 16.73 16.46 62.36
N GLU B 1199 17.69 16.37 61.45
CA GLU B 1199 18.37 15.11 61.19
C GLU B 1199 18.94 14.52 62.47
N ALA B 1200 18.62 13.25 62.73
CA ALA B 1200 19.13 12.59 63.93
C ALA B 1200 20.64 12.45 63.85
N ASN B 1201 21.31 12.80 64.96
CA ASN B 1201 22.77 12.80 65.02
C ASN B 1201 23.36 13.69 63.92
N ALA B 1202 22.82 14.89 63.80
CA ALA B 1202 23.23 15.81 62.74
C ALA B 1202 24.60 16.41 63.01
N GLY B 1203 24.86 17.58 62.45
CA GLY B 1203 26.17 18.20 62.54
C GLY B 1203 27.06 17.76 61.41
N PRO B 1204 28.33 18.18 61.44
CA PRO B 1204 29.26 17.78 60.37
C PRO B 1204 29.53 16.29 60.31
N ASN B 1205 29.28 15.55 61.39
CA ASN B 1205 29.46 14.10 61.38
C ASN B 1205 28.41 13.37 60.56
N LEU B 1206 27.57 14.11 59.83
CA LEU B 1206 26.60 13.52 58.91
C LEU B 1206 26.81 14.09 57.52
N ASP B 1207 26.83 15.42 57.43
CA ASP B 1207 27.15 16.13 56.18
C ASP B 1207 28.05 17.29 56.59
N ARG B 1208 29.37 17.13 56.42
CA ARG B 1208 30.34 18.15 56.79
C ARG B 1208 30.34 19.36 55.85
N VAL B 1209 29.31 19.54 55.01
CA VAL B 1209 29.19 20.70 54.16
C VAL B 1209 27.93 21.51 54.41
N MET B 1210 26.89 20.93 54.97
CA MET B 1210 25.63 21.63 55.18
C MET B 1210 25.59 22.28 56.56
N LYS B 1211 24.70 23.26 56.69
CA LYS B 1211 24.59 24.08 57.88
C LYS B 1211 23.46 23.58 58.78
N ASP B 1212 23.38 24.19 59.97
CA ASP B 1212 22.31 23.82 60.91
C ASP B 1212 20.94 24.17 60.36
N GLU B 1213 20.84 25.25 59.59
CA GLU B 1213 19.55 25.66 59.05
C GLU B 1213 18.97 24.59 58.12
N GLY B 1214 19.79 24.10 57.19
CA GLY B 1214 19.31 23.08 56.27
C GLY B 1214 19.16 21.71 56.88
N PHE B 1215 19.77 21.48 58.04
CA PHE B 1215 19.66 20.18 58.70
C PHE B 1215 18.28 19.93 59.28
N ASN B 1216 17.45 20.95 59.40
CA ASN B 1216 16.06 20.78 59.84
C ASN B 1216 15.15 21.26 58.72
N VAL B 1217 14.24 20.38 58.29
CA VAL B 1217 13.34 20.69 57.19
C VAL B 1217 12.15 19.74 57.28
N GLU B 1218 10.97 20.25 56.93
CA GLU B 1218 9.79 19.39 56.90
C GLU B 1218 8.77 19.96 55.94
N VAL B 1219 7.80 19.12 55.60
CA VAL B 1219 6.80 19.40 54.57
C VAL B 1219 5.42 19.39 55.20
N ASN B 1220 4.44 19.91 54.46
CA ASN B 1220 3.05 19.82 54.87
C ASN B 1220 2.17 20.08 53.65
N VAL B 1221 0.89 19.76 53.81
CA VAL B 1221 -0.07 19.76 52.71
C VAL B 1221 -0.87 21.05 52.77
N ASP B 1222 -0.69 21.92 51.78
CA ASP B 1222 -1.56 23.08 51.62
C ASP B 1222 -2.97 22.60 51.31
N TRP B 1223 -3.79 22.43 52.34
CA TRP B 1223 -5.10 21.81 52.15
C TRP B 1223 -6.08 22.69 51.38
N GLU B 1224 -5.68 23.89 50.99
CA GLU B 1224 -6.45 24.65 50.00
C GLU B 1224 -6.15 24.18 48.58
N THR B 1225 -5.01 23.51 48.37
CA THR B 1225 -4.67 22.94 47.07
C THR B 1225 -4.50 21.43 47.10
N GLY B 1226 -4.18 20.85 48.25
CA GLY B 1226 -3.84 19.44 48.33
C GLY B 1226 -2.40 19.10 47.97
N LEU B 1227 -1.66 20.06 47.41
CA LEU B 1227 -0.27 19.83 47.07
C LEU B 1227 0.58 19.67 48.33
N ILE B 1228 1.62 18.85 48.22
CA ILE B 1228 2.57 18.68 49.32
C ILE B 1228 3.72 19.65 49.10
N HIS B 1229 3.77 20.70 49.90
CA HIS B 1229 4.87 21.65 49.87
C HIS B 1229 5.87 21.28 50.95
N GLY B 1230 7.15 21.50 50.65
CA GLY B 1230 8.20 21.23 51.62
C GLY B 1230 9.59 21.54 51.12
N GLY B 1231 10.49 21.89 52.03
CA GLY B 1231 11.85 22.20 51.65
C GLY B 1231 12.31 23.56 52.08
N SER B 1232 13.60 23.70 52.37
CA SER B 1232 14.21 24.99 52.65
C SER B 1232 15.18 25.33 51.51
N GLN B 1233 15.53 26.61 51.43
CA GLN B 1233 16.50 27.06 50.43
C GLN B 1233 17.93 26.68 50.78
N PHE B 1234 18.14 26.00 51.90
CA PHE B 1234 19.47 25.53 52.31
C PHE B 1234 19.52 24.02 52.42
N ASN B 1235 18.70 23.31 51.63
CA ASN B 1235 18.61 21.87 51.75
C ASN B 1235 18.13 21.27 50.43
N CYS B 1236 18.74 20.15 50.06
CA CYS B 1236 18.32 19.36 48.91
C CYS B 1236 17.57 18.13 49.41
N GLY B 1237 16.29 18.02 49.07
CA GLY B 1237 15.49 16.89 49.50
C GLY B 1237 14.93 16.09 48.33
N THR B 1238 15.29 16.49 47.12
CA THR B 1238 14.83 15.87 45.89
C THR B 1238 15.96 15.08 45.25
N TRP B 1239 15.74 14.65 44.00
CA TRP B 1239 16.78 13.90 43.30
C TRP B 1239 17.88 14.82 42.78
N MET B 1240 17.56 16.11 42.57
CA MET B 1240 18.57 17.10 42.22
C MET B 1240 19.27 17.55 43.51
N ASP B 1241 20.08 16.63 44.06
CA ASP B 1241 20.62 16.78 45.41
C ASP B 1241 22.08 17.16 45.42
N LYS B 1242 22.44 18.30 44.85
CA LYS B 1242 23.83 18.74 44.81
C LYS B 1242 24.03 19.85 45.84
N MET B 1243 24.93 19.62 46.79
CA MET B 1243 25.28 20.60 47.80
C MET B 1243 26.65 21.18 47.46
N GLY B 1244 26.72 22.50 47.30
CA GLY B 1244 27.97 23.13 46.92
C GLY B 1244 29.04 22.93 47.98
N GLU B 1245 30.30 23.00 47.54
CA GLU B 1245 31.41 22.72 48.45
C GLU B 1245 32.68 23.48 48.09
N SER B 1246 32.59 24.61 47.40
CA SER B 1246 33.76 25.36 46.97
C SER B 1246 33.95 26.58 47.87
N GLU B 1247 35.08 26.60 48.58
CA GLU B 1247 35.44 27.79 49.34
C GLU B 1247 35.86 28.94 48.45
N LYS B 1248 36.22 28.67 47.20
CA LYS B 1248 36.65 29.70 46.25
C LYS B 1248 35.47 30.47 45.66
N ALA B 1249 34.23 30.12 45.99
CA ALA B 1249 33.08 30.79 45.39
C ALA B 1249 31.99 31.12 46.41
N ASN B 1250 32.26 30.98 47.70
CA ASN B 1250 31.26 31.21 48.75
C ASN B 1250 30.02 30.34 48.54
N SER B 1251 30.20 29.13 48.01
CA SER B 1251 29.11 28.22 47.73
C SER B 1251 29.03 27.07 48.73
N VAL B 1252 29.89 27.07 49.75
CA VAL B 1252 29.86 26.01 50.74
C VAL B 1252 28.53 26.02 51.47
N GLY B 1253 27.86 24.86 51.51
CA GLY B 1253 26.56 24.75 52.12
C GLY B 1253 25.42 25.33 51.33
N VAL B 1254 25.68 25.98 50.21
CA VAL B 1254 24.64 26.60 49.39
C VAL B 1254 24.18 25.55 48.37
N PRO B 1255 22.95 25.08 48.43
CA PRO B 1255 22.46 24.15 47.41
C PRO B 1255 22.41 24.79 46.04
N GLY B 1256 22.54 23.96 45.02
CA GLY B 1256 22.45 24.43 43.65
C GLY B 1256 21.05 24.25 43.10
N THR B 1257 20.36 23.21 43.57
CA THR B 1257 18.98 22.93 43.15
C THR B 1257 18.15 22.53 44.37
N PRO B 1258 17.91 23.46 45.30
CA PRO B 1258 16.97 23.16 46.38
C PRO B 1258 15.55 23.25 45.86
N ARG B 1259 14.79 22.18 46.04
CA ARG B 1259 13.45 22.14 45.48
C ARG B 1259 12.40 22.28 46.57
N ASP B 1260 12.40 23.42 47.24
CA ASP B 1260 11.40 23.73 48.25
C ASP B 1260 10.05 23.93 47.61
N GLY B 1261 8.99 23.66 48.37
CA GLY B 1261 7.64 23.82 47.88
C GLY B 1261 7.09 22.55 47.26
N ALA B 1262 6.22 22.70 46.27
CA ALA B 1262 5.52 21.57 45.65
C ALA B 1262 6.30 21.09 44.44
N ALA B 1263 6.95 19.94 44.57
CA ALA B 1263 7.60 19.31 43.43
C ALA B 1263 6.56 18.55 42.60
N VAL B 1264 6.59 18.75 41.28
CA VAL B 1264 5.67 18.04 40.39
C VAL B 1264 5.80 16.54 40.58
N GLU B 1265 7.03 16.06 40.78
CA GLU B 1265 7.26 14.63 40.96
C GLU B 1265 6.55 14.10 42.20
N ILE B 1266 6.75 14.76 43.33
CA ILE B 1266 6.17 14.30 44.59
C ILE B 1266 4.65 14.31 44.53
N ASN B 1267 4.08 15.40 44.00
CA ASN B 1267 2.63 15.49 43.94
C ASN B 1267 2.04 14.50 42.94
N GLY B 1268 2.76 14.19 41.86
CA GLY B 1268 2.26 13.19 40.93
C GLY B 1268 2.22 11.80 41.54
N LEU B 1269 3.30 11.43 42.24
CA LEU B 1269 3.32 10.15 42.92
C LEU B 1269 2.29 10.09 44.04
N LEU B 1270 1.99 11.23 44.65
CA LEU B 1270 0.95 11.28 45.68
C LEU B 1270 -0.42 10.93 45.09
N LYS B 1271 -0.79 11.61 44.00
CA LYS B 1271 -2.06 11.31 43.32
C LYS B 1271 -2.14 9.84 42.93
N SER B 1272 -1.03 9.27 42.46
CA SER B 1272 -1.01 7.86 42.09
C SER B 1272 -1.22 6.97 43.32
N CYS B 1273 -0.67 7.36 44.46
CA CYS B 1273 -0.84 6.56 45.68
C CYS B 1273 -2.27 6.62 46.18
N LEU B 1274 -2.91 7.79 46.08
CA LEU B 1274 -4.30 7.90 46.49
C LEU B 1274 -5.22 7.11 45.57
N ARG B 1275 -5.00 7.19 44.26
CA ARG B 1275 -5.78 6.38 43.33
C ARG B 1275 -5.54 4.89 43.57
N PHE B 1276 -4.31 4.52 43.95
CA PHE B 1276 -4.00 3.12 44.19
C PHE B 1276 -4.74 2.59 45.41
N VAL B 1277 -4.79 3.37 46.50
CA VAL B 1277 -5.45 2.90 47.71
C VAL B 1277 -6.96 3.03 47.63
N LEU B 1278 -7.48 3.91 46.79
CA LEU B 1278 -8.93 4.01 46.61
C LEU B 1278 -9.45 2.79 45.86
N GLN B 1279 -8.85 2.47 44.72
CA GLN B 1279 -9.20 1.24 44.01
C GLN B 1279 -8.95 0.02 44.88
N LEU B 1280 -7.96 0.09 45.78
CA LEU B 1280 -7.73 -1.00 46.72
C LEU B 1280 -8.85 -1.10 47.75
N SER B 1281 -9.27 0.05 48.30
CA SER B 1281 -10.38 0.04 49.24
C SER B 1281 -11.64 -0.54 48.62
N LYS B 1282 -11.88 -0.23 47.34
CA LYS B 1282 -13.05 -0.76 46.66
C LYS B 1282 -13.00 -2.28 46.56
N ASP B 1283 -11.79 -2.86 46.53
CA ASP B 1283 -11.61 -4.30 46.46
C ASP B 1283 -11.39 -4.94 47.84
N GLY B 1284 -11.54 -4.17 48.91
CA GLY B 1284 -11.39 -4.73 50.24
C GLY B 1284 -9.99 -5.14 50.62
N LYS B 1285 -8.98 -4.47 50.07
CA LYS B 1285 -7.58 -4.74 50.38
C LYS B 1285 -6.92 -3.61 51.15
N PHE B 1286 -7.67 -2.57 51.51
CA PHE B 1286 -7.15 -1.44 52.27
C PHE B 1286 -8.22 -0.99 53.26
N LYS B 1287 -7.85 -0.93 54.53
CA LYS B 1287 -8.84 -0.69 55.58
C LYS B 1287 -9.11 0.79 55.82
N TYR B 1288 -8.25 1.68 55.36
CA TYR B 1288 -8.20 3.05 55.84
C TYR B 1288 -8.76 4.03 54.82
N THR B 1289 -9.60 4.94 55.31
CA THR B 1289 -9.99 6.13 54.57
C THR B 1289 -9.86 7.41 55.37
N GLU B 1290 -9.57 7.33 56.67
CA GLU B 1290 -9.46 8.50 57.52
C GLU B 1290 -8.04 9.06 57.48
N VAL B 1291 -7.95 10.38 57.49
CA VAL B 1291 -6.68 11.09 57.42
C VAL B 1291 -6.75 12.27 58.39
N THR B 1292 -5.83 12.31 59.35
CA THR B 1292 -5.84 13.35 60.37
C THR B 1292 -4.98 14.53 59.92
N LYS B 1293 -5.46 15.73 60.22
CA LYS B 1293 -4.96 17.09 60.03
C LYS B 1293 -4.33 17.59 61.33
N PRO B 1294 -3.27 18.42 61.24
CA PRO B 1294 -2.63 18.95 62.46
C PRO B 1294 -3.58 19.42 63.55
N ASP B 1295 -4.69 20.05 63.19
CA ASP B 1295 -5.65 20.48 64.19
C ASP B 1295 -6.38 19.29 64.79
N GLY B 1296 -6.87 18.39 63.94
CA GLY B 1296 -7.66 17.25 64.39
C GLY B 1296 -8.73 16.90 63.39
N SER B 1297 -8.87 17.74 62.36
CA SER B 1297 -9.87 17.51 61.31
C SER B 1297 -9.56 16.21 60.56
N LYS B 1298 -10.56 15.73 59.84
CA LYS B 1298 -10.42 14.51 59.05
C LYS B 1298 -10.87 14.76 57.62
N ILE B 1299 -10.14 14.17 56.68
CA ILE B 1299 -10.44 14.28 55.26
C ILE B 1299 -10.36 12.89 54.66
N SER B 1300 -11.43 12.48 53.98
CA SER B 1300 -11.42 11.19 53.29
C SER B 1300 -10.36 11.18 52.21
N LEU B 1301 -9.80 9.99 51.96
CA LEU B 1301 -8.77 9.86 50.92
C LEU B 1301 -9.30 10.27 49.56
N SER B 1302 -10.60 10.04 49.30
CA SER B 1302 -11.17 10.44 48.02
C SER B 1302 -11.24 11.95 47.88
N SER B 1303 -11.51 12.66 48.99
CA SER B 1303 -11.54 14.11 48.94
C SER B 1303 -10.16 14.69 48.66
N TRP B 1304 -9.14 14.18 49.37
CA TRP B 1304 -7.76 14.57 49.06
C TRP B 1304 -7.41 14.23 47.61
N ASN B 1305 -7.90 13.09 47.13
CA ASN B 1305 -7.71 12.74 45.73
C ASN B 1305 -8.36 13.76 44.82
N ASP B 1306 -9.58 14.20 45.15
CA ASP B 1306 -10.28 15.16 44.31
C ASP B 1306 -9.67 16.56 44.42
N LEU B 1307 -9.09 16.89 45.58
CA LEU B 1307 -8.46 18.20 45.75
C LEU B 1307 -7.30 18.39 44.77
N LEU B 1308 -6.45 17.37 44.65
CA LEU B 1308 -5.36 17.43 43.68
C LEU B 1308 -5.90 17.49 42.26
N GLN B 1309 -6.94 16.70 41.96
CA GLN B 1309 -7.51 16.71 40.62
C GLN B 1309 -8.04 18.10 40.26
N GLU B 1310 -8.58 18.83 41.24
CA GLU B 1310 -9.14 20.14 41.00
C GLU B 1310 -8.12 21.27 41.03
N ASN B 1311 -6.94 21.03 41.61
CA ASN B 1311 -6.00 22.12 41.88
C ASN B 1311 -4.59 21.91 41.35
N PHE B 1312 -4.18 20.68 41.03
CA PHE B 1312 -2.81 20.44 40.58
C PHE B 1312 -2.53 21.19 39.28
N GLU B 1313 -3.30 20.90 38.23
CA GLU B 1313 -3.11 21.56 36.95
C GLU B 1313 -3.31 23.06 37.06
N ARG B 1314 -4.13 23.51 38.01
CA ARG B 1314 -4.34 24.94 38.21
C ARG B 1314 -3.09 25.62 38.73
N CYS B 1315 -2.31 24.95 39.57
CA CYS B 1315 -1.13 25.55 40.18
C CYS B 1315 0.11 25.48 39.30
N PHE B 1316 0.31 24.37 38.58
CA PHE B 1316 1.56 24.15 37.88
C PHE B 1316 1.55 24.60 36.42
N TYR B 1317 0.40 24.57 35.76
CA TYR B 1317 0.37 24.86 34.33
C TYR B 1317 0.59 26.34 34.06
N VAL B 1318 1.27 26.62 32.95
CA VAL B 1318 1.50 27.99 32.48
C VAL B 1318 0.87 28.13 31.11
N PRO B 1319 -0.24 28.84 30.98
CA PRO B 1319 -1.01 28.80 29.72
C PRO B 1319 -0.28 29.50 28.58
N LYS B 1320 -0.52 28.99 27.37
CA LYS B 1320 0.09 29.57 26.17
C LYS B 1320 -0.39 31.00 25.94
N ASN B 1321 -1.68 31.24 26.14
CA ASN B 1321 -2.26 32.56 25.92
C ASN B 1321 -2.15 33.39 27.19
N LYS B 1322 -1.76 34.66 27.01
CA LYS B 1322 -1.76 35.60 28.12
C LYS B 1322 -3.17 35.84 28.66
N GLU B 1323 -4.19 35.49 27.88
CA GLU B 1323 -5.57 35.78 28.27
C GLU B 1323 -5.97 35.02 29.53
N ASP B 1324 -5.51 33.78 29.66
CA ASP B 1324 -5.94 32.88 30.73
C ASP B 1324 -4.98 32.85 31.91
N ASP B 1325 -4.16 33.88 32.08
CA ASP B 1325 -3.26 33.94 33.23
C ASP B 1325 -3.99 34.18 34.54
N ASN B 1326 -5.25 34.62 34.49
CA ASN B 1326 -6.02 34.95 35.69
C ASN B 1326 -6.62 33.72 36.36
N LYS B 1327 -6.33 32.52 35.87
CA LYS B 1327 -6.86 31.29 36.45
C LYS B 1327 -5.79 30.32 36.95
N PHE B 1328 -4.56 30.41 36.46
CA PHE B 1328 -3.53 29.43 36.77
C PHE B 1328 -2.44 29.97 37.69
N GLU B 1329 -2.72 31.04 38.43
CA GLU B 1329 -1.80 31.59 39.43
C GLU B 1329 -0.40 31.80 38.86
N ILE B 1330 -0.20 32.90 38.13
CA ILE B 1330 1.07 33.17 37.47
C ILE B 1330 1.45 34.63 37.69
N ASP B 1331 2.71 34.87 38.03
CA ASP B 1331 3.28 36.21 38.08
C ASP B 1331 4.10 36.37 36.80
N ALA B 1332 3.51 37.03 35.81
CA ALA B 1332 4.05 37.05 34.46
C ALA B 1332 5.42 37.72 34.37
N THR B 1333 5.79 38.52 35.38
CA THR B 1333 7.10 39.16 35.35
C THR B 1333 8.23 38.13 35.38
N ILE B 1334 8.08 37.10 36.21
CA ILE B 1334 9.06 36.01 36.29
C ILE B 1334 8.49 34.85 35.48
N ILE B 1335 8.87 34.78 34.20
CA ILE B 1335 8.42 33.73 33.31
C ILE B 1335 9.50 33.48 32.27
N ASN B 1336 9.49 32.28 31.69
CA ASN B 1336 10.49 31.91 30.69
C ASN B 1336 9.79 31.50 29.40
N ARG B 1337 9.11 30.35 29.38
CA ARG B 1337 8.27 29.95 28.27
C ARG B 1337 6.90 29.57 28.80
N ARG B 1338 5.87 29.84 28.00
CA ARG B 1338 4.53 29.38 28.30
C ARG B 1338 4.21 28.12 27.52
N GLY B 1339 3.12 27.46 27.91
CA GLY B 1339 2.90 26.09 27.49
C GLY B 1339 3.69 25.09 28.30
N ILE B 1340 4.15 25.47 29.48
CA ILE B 1340 5.05 24.69 30.30
C ILE B 1340 4.36 24.32 31.60
N TYR B 1341 4.59 23.11 32.08
CA TYR B 1341 4.19 22.72 33.43
C TYR B 1341 5.29 23.10 34.41
N LYS B 1342 4.89 23.68 35.53
CA LYS B 1342 5.84 24.21 36.50
C LYS B 1342 6.78 23.12 37.01
N ASP B 1343 7.94 23.56 37.49
CA ASP B 1343 8.87 22.67 38.17
C ASP B 1343 8.62 22.64 39.67
N LEU B 1344 8.27 23.77 40.25
CA LEU B 1344 7.94 23.88 41.66
C LEU B 1344 6.84 24.91 41.83
N TYR B 1345 6.05 24.76 42.89
CA TYR B 1345 5.04 25.74 43.26
C TYR B 1345 5.45 26.39 44.57
N ARG B 1346 5.43 27.72 44.58
CA ARG B 1346 5.88 28.56 45.71
C ARG B 1346 7.17 28.04 46.33
N SER B 1347 8.24 28.06 45.52
CA SER B 1347 9.57 27.75 46.04
C SER B 1347 10.19 29.01 46.65
N GLY B 1348 11.38 28.85 47.22
CA GLY B 1348 12.09 29.97 47.82
C GLY B 1348 12.33 31.10 46.84
N LYS B 1349 13.06 30.81 45.77
CA LYS B 1349 13.25 31.79 44.70
C LYS B 1349 12.18 31.56 43.63
N PRO B 1350 11.29 32.53 43.40
CA PRO B 1350 10.13 32.26 42.53
C PRO B 1350 10.49 31.96 41.08
N TYR B 1351 11.71 32.24 40.64
CA TYR B 1351 12.04 31.93 39.24
C TYR B 1351 12.32 30.45 39.05
N GLU B 1352 12.79 29.75 40.09
CA GLU B 1352 12.91 28.31 40.01
C GLU B 1352 11.57 27.60 39.94
N ASP B 1353 10.47 28.33 40.16
CA ASP B 1353 9.15 27.77 39.91
C ASP B 1353 8.88 27.61 38.42
N TYR B 1354 9.21 28.64 37.63
CA TYR B 1354 8.88 28.69 36.22
C TYR B 1354 10.05 28.29 35.33
N GLN B 1355 10.75 27.22 35.69
CA GLN B 1355 11.87 26.72 34.91
C GLN B 1355 11.45 25.45 34.17
N PHE B 1356 11.92 25.31 32.94
CA PHE B 1356 11.67 24.11 32.16
C PHE B 1356 12.63 23.01 32.58
N ARG B 1357 12.09 21.95 33.16
CA ARG B 1357 12.88 20.84 33.68
C ARG B 1357 12.18 19.54 33.34
N PRO B 1358 12.91 18.43 33.26
CA PRO B 1358 12.28 17.14 32.93
C PRO B 1358 11.54 16.46 34.07
N ASN B 1359 11.39 17.13 35.22
CA ASN B 1359 10.80 16.46 36.38
C ASN B 1359 9.29 16.33 36.28
N PHE B 1360 8.62 17.23 35.57
CA PHE B 1360 7.17 17.15 35.45
C PHE B 1360 6.71 15.88 34.75
N THR B 1361 7.57 15.28 33.92
CA THR B 1361 7.17 14.12 33.15
C THR B 1361 6.93 12.91 34.05
N ILE B 1362 7.57 12.86 35.22
CA ILE B 1362 7.30 11.79 36.17
C ILE B 1362 5.83 11.81 36.58
N ALA B 1363 5.28 13.01 36.77
CA ALA B 1363 3.86 13.12 37.11
C ALA B 1363 2.98 12.72 35.93
N MET B 1364 3.37 13.10 34.71
CA MET B 1364 2.60 12.70 33.53
C MET B 1364 2.51 11.19 33.39
N VAL B 1365 3.55 10.46 33.78
CA VAL B 1365 3.55 9.02 33.63
C VAL B 1365 2.73 8.36 34.75
N VAL B 1366 2.95 8.78 35.99
CA VAL B 1366 2.33 8.10 37.12
C VAL B 1366 0.91 8.59 37.42
N ALA B 1367 0.56 9.80 36.98
CA ALA B 1367 -0.78 10.36 37.23
C ALA B 1367 -1.24 11.14 36.01
N PRO B 1368 -1.56 10.45 34.91
CA PRO B 1368 -2.02 11.15 33.71
C PRO B 1368 -3.40 11.76 33.83
N GLU B 1369 -4.17 11.42 34.86
CA GLU B 1369 -5.49 12.03 35.05
C GLU B 1369 -5.39 13.50 35.43
N LEU B 1370 -4.27 13.93 36.01
CA LEU B 1370 -4.08 15.32 36.40
C LEU B 1370 -3.88 16.25 35.22
N PHE B 1371 -3.87 15.75 34.00
CA PHE B 1371 -3.46 16.55 32.84
C PHE B 1371 -4.54 16.52 31.78
N THR B 1372 -4.99 17.70 31.37
CA THR B 1372 -5.83 17.79 30.18
C THR B 1372 -4.96 17.51 28.96
N PRO B 1373 -5.41 16.66 28.03
CA PRO B 1373 -4.49 16.13 27.00
C PRO B 1373 -3.79 17.19 26.15
N ASP B 1374 -4.53 18.17 25.64
CA ASP B 1374 -3.92 19.15 24.73
C ASP B 1374 -2.84 19.96 25.42
N TYR B 1375 -3.03 20.30 26.70
CA TYR B 1375 -1.98 21.02 27.43
C TYR B 1375 -0.76 20.14 27.61
N ALA B 1376 -0.95 18.86 27.92
CA ALA B 1376 0.18 17.97 28.16
C ALA B 1376 0.94 17.66 26.86
N ALA B 1377 0.21 17.48 25.76
CA ALA B 1377 0.86 17.14 24.50
C ALA B 1377 1.78 18.26 24.03
N GLY B 1378 1.29 19.50 24.05
CA GLY B 1378 2.12 20.63 23.67
C GLY B 1378 3.26 20.88 24.64
N ALA B 1379 3.04 20.58 25.93
CA ALA B 1379 4.09 20.79 26.92
C ALA B 1379 5.22 19.80 26.73
N ILE B 1380 4.90 18.54 26.46
CA ILE B 1380 5.94 17.54 26.23
C ILE B 1380 6.56 17.69 24.84
N GLU B 1381 5.87 18.34 23.90
CA GLU B 1381 6.48 18.65 22.62
C GLU B 1381 7.58 19.70 22.78
N LEU B 1382 7.39 20.65 23.69
CA LEU B 1382 8.44 21.61 24.00
C LEU B 1382 9.64 20.92 24.63
N ALA B 1383 9.40 19.99 25.56
CA ALA B 1383 10.50 19.22 26.14
C ALA B 1383 11.25 18.42 25.08
N ASP B 1384 10.53 17.94 24.07
CA ASP B 1384 11.17 17.23 22.97
C ASP B 1384 12.11 18.13 22.17
N GLN B 1385 11.73 19.40 22.02
CA GLN B 1385 12.51 20.33 21.21
C GLN B 1385 13.63 21.01 21.99
N VAL B 1386 13.47 21.15 23.30
CA VAL B 1386 14.38 21.96 24.11
C VAL B 1386 15.18 21.11 25.08
N LEU B 1387 14.55 20.14 25.74
CA LEU B 1387 15.17 19.42 26.84
C LEU B 1387 15.66 18.03 26.48
N ARG B 1388 15.45 17.57 25.25
CA ARG B 1388 15.84 16.22 24.87
C ARG B 1388 17.23 16.26 24.23
N GLY B 1389 18.21 15.67 24.90
CA GLY B 1389 19.51 15.44 24.31
C GLY B 1389 19.52 14.12 23.56
N PRO B 1390 20.69 13.74 23.05
CA PRO B 1390 20.76 12.46 22.32
C PRO B 1390 20.57 11.24 23.22
N VAL B 1391 21.19 11.24 24.40
CA VAL B 1391 21.13 10.08 25.29
C VAL B 1391 20.51 10.49 26.62
N GLY B 1392 20.75 11.74 27.03
CA GLY B 1392 20.27 12.23 28.30
C GLY B 1392 19.20 13.31 28.14
N MET B 1393 18.61 13.69 29.27
CA MET B 1393 17.58 14.72 29.32
C MET B 1393 18.15 15.96 29.99
N ARG B 1394 18.06 17.10 29.32
CA ARG B 1394 18.59 18.34 29.85
C ARG B 1394 17.87 18.73 31.12
N THR B 1395 18.62 18.83 32.22
CA THR B 1395 18.03 19.13 33.52
C THR B 1395 17.62 20.59 33.67
N LEU B 1396 17.96 21.45 32.72
CA LEU B 1396 17.61 22.86 32.82
C LEU B 1396 17.58 23.45 31.42
N ASP B 1397 16.71 24.44 31.23
CA ASP B 1397 16.47 25.03 29.92
C ASP B 1397 17.73 25.67 29.38
N PRO B 1398 18.14 25.37 28.15
CA PRO B 1398 19.28 26.09 27.55
C PRO B 1398 19.10 27.59 27.51
N SER B 1399 17.87 28.09 27.36
CA SER B 1399 17.64 29.53 27.28
C SER B 1399 17.91 30.23 28.60
N ASP B 1400 17.89 29.51 29.71
CA ASP B 1400 18.03 30.13 31.02
C ASP B 1400 19.44 30.69 31.20
N TYR B 1401 19.54 31.80 31.92
CA TYR B 1401 20.84 32.38 32.20
C TYR B 1401 21.66 31.50 33.14
N ASN B 1402 20.99 30.72 34.00
CA ASN B 1402 21.66 29.77 34.87
C ASN B 1402 22.06 28.49 34.16
N TYR B 1403 22.03 28.46 32.84
CA TYR B 1403 22.33 27.23 32.08
C TYR B 1403 23.83 27.10 31.92
N ARG B 1404 24.42 26.14 32.66
CA ARG B 1404 25.82 25.78 32.52
C ARG B 1404 25.88 24.26 32.37
N PRO B 1405 26.10 23.76 31.16
CA PRO B 1405 25.81 22.34 30.88
C PRO B 1405 27.01 21.40 30.92
N TYR B 1406 28.05 21.73 31.68
CA TYR B 1406 29.22 20.87 31.78
C TYR B 1406 29.53 20.63 33.25
N TYR B 1407 29.61 19.36 33.64
CA TYR B 1407 29.79 18.95 35.03
C TYR B 1407 31.22 18.47 35.23
N ASN B 1408 31.99 19.22 36.01
CA ASN B 1408 33.34 18.85 36.41
C ASN B 1408 33.41 18.97 37.93
N ASN B 1409 33.51 17.84 38.61
CA ASN B 1409 33.47 17.84 40.08
C ASN B 1409 34.85 18.12 40.67
N GLY B 1410 35.66 18.90 39.97
CA GLY B 1410 36.98 19.24 40.48
C GLY B 1410 37.34 20.68 40.20
N GLU B 1411 36.54 21.35 39.38
CA GLU B 1411 36.80 22.74 39.02
C GLU B 1411 36.78 23.63 40.25
N ASP B 1412 37.96 23.98 40.77
CA ASP B 1412 38.10 24.88 41.90
C ASP B 1412 37.98 26.36 41.50
N SER B 1413 37.28 26.65 40.41
CA SER B 1413 37.11 28.04 39.95
C SER B 1413 36.29 28.87 40.94
N ASP B 1414 36.43 30.18 40.83
CA ASP B 1414 35.67 31.11 41.67
C ASP B 1414 34.23 31.27 41.20
N ASP B 1415 33.82 30.54 40.17
CA ASP B 1415 32.46 30.66 39.66
C ASP B 1415 31.47 30.09 40.66
N PHE B 1416 30.38 30.83 40.91
CA PHE B 1416 29.34 30.34 41.79
C PHE B 1416 28.69 29.08 41.21
N ALA B 1417 28.51 29.04 39.89
CA ALA B 1417 27.91 27.89 39.23
C ALA B 1417 28.94 26.80 38.99
N THR B 1418 29.79 26.99 37.98
CA THR B 1418 30.74 25.95 37.55
C THR B 1418 31.87 25.83 38.57
N SER B 1419 31.58 25.12 39.67
CA SER B 1419 32.60 24.86 40.68
C SER B 1419 32.20 23.76 41.64
N LYS B 1420 33.07 22.77 41.81
CA LYS B 1420 32.90 21.70 42.80
C LYS B 1420 31.57 20.97 42.66
N GLY B 1421 31.03 20.94 41.44
CA GLY B 1421 29.87 20.13 41.14
C GLY B 1421 28.53 20.83 41.17
N ARG B 1422 28.49 22.13 41.47
CA ARG B 1422 27.21 22.82 41.54
C ARG B 1422 26.42 22.70 40.24
N ASN B 1423 27.11 22.49 39.11
CA ASN B 1423 26.46 22.33 37.82
C ASN B 1423 25.69 21.02 37.69
N TYR B 1424 25.63 20.21 38.75
CA TYR B 1424 25.19 18.82 38.65
C TYR B 1424 23.84 18.71 37.93
N HIS B 1425 22.86 19.51 38.35
CA HIS B 1425 21.51 19.38 37.80
C HIS B 1425 21.04 20.68 37.16
N GLN B 1426 21.88 21.30 36.35
CA GLN B 1426 21.55 22.59 35.73
C GLN B 1426 21.95 22.58 34.25
N GLY B 1427 21.62 21.49 33.56
CA GLY B 1427 22.02 21.36 32.17
C GLY B 1427 22.54 19.98 31.80
N PRO B 1428 23.41 19.39 32.62
CA PRO B 1428 23.85 18.02 32.38
C PRO B 1428 22.69 17.08 32.09
N GLU B 1429 22.82 16.34 30.99
CA GLU B 1429 21.77 15.49 30.47
C GLU B 1429 21.80 14.14 31.18
N TRP B 1430 20.75 13.84 31.95
CA TRP B 1430 20.62 12.58 32.66
C TRP B 1430 19.79 11.59 31.86
N VAL B 1431 20.14 10.31 31.99
CA VAL B 1431 19.59 9.30 31.11
C VAL B 1431 18.27 8.72 31.62
N TRP B 1432 18.06 8.66 32.93
CA TRP B 1432 16.82 8.09 33.44
C TRP B 1432 15.62 9.00 33.15
N CYS B 1433 15.84 10.32 33.21
CA CYS B 1433 14.77 11.25 32.85
C CYS B 1433 14.32 11.06 31.42
N TYR B 1434 15.17 10.50 30.56
CA TYR B 1434 14.76 10.16 29.20
C TYR B 1434 13.70 9.08 29.20
N GLY B 1435 13.80 8.13 30.12
CA GLY B 1435 12.82 7.06 30.23
C GLY B 1435 11.43 7.56 30.54
N TYR B 1436 11.29 8.32 31.64
CA TYR B 1436 10.01 8.91 31.97
C TYR B 1436 9.51 9.84 30.87
N PHE B 1437 10.44 10.57 30.24
CA PHE B 1437 10.05 11.48 29.16
C PHE B 1437 9.41 10.72 28.01
N ILE B 1438 10.12 9.73 27.46
CA ILE B 1438 9.63 9.01 26.30
C ILE B 1438 8.43 8.14 26.65
N ARG B 1439 8.28 7.74 27.92
CA ARG B 1439 7.09 7.01 28.33
C ARG B 1439 5.84 7.89 28.22
N ALA B 1440 5.93 9.15 28.66
CA ALA B 1440 4.81 10.06 28.53
C ALA B 1440 4.71 10.64 27.13
N TYR B 1441 5.85 10.83 26.46
CA TYR B 1441 5.81 11.28 25.06
C TYR B 1441 5.01 10.29 24.21
N HIS B 1442 5.21 8.99 24.45
CA HIS B 1442 4.43 7.98 23.75
C HIS B 1442 2.95 8.04 24.14
N TYR B 1443 2.68 8.26 25.43
CA TYR B 1443 1.31 8.17 25.92
C TYR B 1443 0.45 9.30 25.40
N PHE B 1444 0.96 10.53 25.44
CA PHE B 1444 0.13 11.68 25.07
C PHE B 1444 0.11 11.94 23.58
N ASN B 1445 1.18 11.59 22.86
CA ASN B 1445 1.08 11.57 21.41
C ASN B 1445 0.09 10.52 20.93
N PHE B 1446 -0.06 9.44 21.70
CA PHE B 1446 -1.02 8.40 21.36
C PHE B 1446 -2.46 8.86 21.60
N LEU B 1447 -2.66 9.76 22.55
CA LEU B 1447 -4.00 10.27 22.84
C LEU B 1447 -4.35 11.47 21.97
N THR B 1448 -3.39 12.35 21.72
CA THR B 1448 -3.70 13.61 21.04
C THR B 1448 -3.67 13.45 19.52
N ASN B 1449 -2.50 13.15 18.98
CA ASN B 1449 -2.30 13.17 17.53
C ASN B 1449 -3.02 12.01 16.87
N PRO B 1450 -3.92 12.26 15.92
CA PRO B 1450 -4.55 11.15 15.19
C PRO B 1450 -3.61 10.46 14.21
N LYS B 1451 -2.44 11.02 13.93
CA LYS B 1451 -1.48 10.33 13.07
C LYS B 1451 -0.75 9.22 13.81
N CYS B 1452 -0.65 9.33 15.13
CA CYS B 1452 -0.05 8.29 15.95
C CYS B 1452 -1.01 7.16 16.27
N GLN B 1453 -2.08 7.02 15.50
CA GLN B 1453 -3.14 6.06 15.81
C GLN B 1453 -3.54 5.30 14.56
N VAL B 1454 -3.58 3.97 14.66
CA VAL B 1454 -4.15 3.11 13.63
C VAL B 1454 -4.93 2.01 14.32
N GLU B 1455 -5.83 1.37 13.57
CA GLU B 1455 -6.69 0.36 14.15
C GLU B 1455 -5.91 -0.86 14.61
N GLY B 1456 -6.49 -1.59 15.56
CA GLY B 1456 -5.92 -2.84 16.03
C GLY B 1456 -6.98 -3.92 16.10
N SER B 1457 -6.51 -5.16 16.24
CA SER B 1457 -7.41 -6.30 16.27
C SER B 1457 -8.39 -6.20 17.44
N ALA B 1458 -9.60 -6.73 17.22
CA ALA B 1458 -10.69 -6.70 18.20
C ALA B 1458 -11.06 -5.27 18.58
N LYS B 1459 -10.91 -4.34 17.63
CA LYS B 1459 -11.24 -2.93 17.79
C LYS B 1459 -10.69 -2.37 19.10
N LYS B 1460 -9.36 -2.47 19.23
CA LYS B 1460 -8.61 -1.80 20.28
C LYS B 1460 -7.55 -0.94 19.60
N LEU B 1461 -7.64 0.37 19.78
CA LEU B 1461 -6.75 1.29 19.08
C LEU B 1461 -5.31 1.08 19.54
N LYS B 1462 -4.44 0.76 18.60
CA LYS B 1462 -3.02 0.55 18.82
C LYS B 1462 -2.21 1.64 18.12
N PRO B 1463 -0.92 1.78 18.44
CA PRO B 1463 -0.12 2.81 17.79
C PRO B 1463 0.01 2.57 16.29
N SER B 1464 0.54 3.58 15.62
CA SER B 1464 0.76 3.53 14.19
C SER B 1464 2.26 3.50 13.90
N SER B 1465 2.58 3.28 12.62
CA SER B 1465 3.98 3.34 12.19
C SER B 1465 4.58 4.72 12.43
N TYR B 1466 3.77 5.77 12.34
CA TYR B 1466 4.27 7.12 12.56
C TYR B 1466 4.76 7.31 13.99
N LEU B 1467 4.04 6.76 14.96
CA LEU B 1467 4.45 6.89 16.35
C LEU B 1467 5.62 5.98 16.68
N TYR B 1468 5.56 4.72 16.22
CA TYR B 1468 6.67 3.80 16.43
C TYR B 1468 7.95 4.33 15.79
N ARG B 1469 7.82 5.00 14.64
CA ARG B 1469 9.00 5.56 13.98
C ARG B 1469 9.62 6.67 14.80
N LYS B 1470 8.79 7.56 15.36
CA LYS B 1470 9.32 8.63 16.19
C LYS B 1470 9.91 8.10 17.49
N LEU B 1471 9.34 7.03 18.04
CA LEU B 1471 9.93 6.41 19.22
C LEU B 1471 11.26 5.75 18.91
N TYR B 1472 11.33 5.03 17.79
CA TYR B 1472 12.56 4.32 17.42
C TYR B 1472 13.71 5.29 17.19
N SER B 1473 13.42 6.45 16.59
CA SER B 1473 14.48 7.41 16.30
C SER B 1473 15.13 7.94 17.57
N ARG B 1474 14.38 7.99 18.66
CA ARG B 1474 14.86 8.55 19.92
C ARG B 1474 15.61 7.54 20.78
N LEU B 1475 15.77 6.31 20.30
CA LEU B 1475 16.49 5.28 21.03
C LEU B 1475 17.75 4.80 20.31
N LEU B 1476 18.03 5.32 19.10
CA LEU B 1476 19.22 4.90 18.37
C LEU B 1476 20.49 5.31 19.11
N LYS B 1477 20.51 6.53 19.66
CA LYS B 1477 21.68 6.97 20.42
C LYS B 1477 21.87 6.13 21.68
N HIS B 1478 20.79 5.58 22.23
CA HIS B 1478 20.90 4.68 23.37
C HIS B 1478 21.42 3.31 22.95
N ARG B 1479 20.92 2.80 21.83
CA ARG B 1479 21.40 1.50 21.34
C ARG B 1479 22.87 1.59 20.93
N GLU B 1480 23.27 2.71 20.32
CA GLU B 1480 24.68 2.90 19.99
C GLU B 1480 25.54 2.93 21.26
N TRP B 1481 25.03 3.59 22.31
CA TRP B 1481 25.83 3.77 23.52
C TRP B 1481 26.15 2.43 24.16
N ILE B 1482 25.11 1.62 24.44
CA ILE B 1482 25.35 0.33 25.08
C ILE B 1482 26.06 -0.64 24.15
N GLU B 1483 25.95 -0.45 22.82
CA GLU B 1483 26.75 -1.24 21.89
C GLU B 1483 28.23 -0.95 22.03
N ASN B 1484 28.60 0.34 22.01
CA ASN B 1484 30.00 0.73 22.00
C ASN B 1484 30.44 1.30 23.34
N SER B 1485 30.19 0.55 24.42
CA SER B 1485 30.61 0.95 25.76
C SER B 1485 31.34 -0.21 26.41
N PRO B 1486 32.49 0.05 27.04
CA PRO B 1486 33.21 -1.04 27.74
C PRO B 1486 32.35 -1.65 28.84
N TRP B 1487 31.61 -0.83 29.56
CA TRP B 1487 30.59 -1.31 30.47
C TRP B 1487 29.31 -1.56 29.67
N ALA B 1488 28.75 -2.76 29.80
CA ALA B 1488 27.57 -3.15 29.01
C ALA B 1488 26.30 -2.51 29.58
N GLY B 1489 26.28 -1.19 29.58
CA GLY B 1489 25.14 -0.48 30.12
C GLY B 1489 25.11 0.97 29.66
N LEU B 1490 24.21 1.73 30.26
CA LEU B 1490 24.01 3.14 29.94
C LEU B 1490 24.56 4.01 31.06
N ALA B 1491 25.14 5.14 30.68
CA ALA B 1491 25.75 6.05 31.64
C ALA B 1491 24.68 6.70 32.51
N GLU B 1492 25.13 7.26 33.64
CA GLU B 1492 24.22 7.99 34.52
C GLU B 1492 23.99 9.40 34.01
N LEU B 1493 25.02 10.04 33.47
CA LEU B 1493 24.96 11.45 33.11
C LEU B 1493 25.72 11.67 31.81
N THR B 1494 25.32 12.71 31.08
CA THR B 1494 25.98 13.12 29.85
C THR B 1494 26.10 14.63 29.84
N ASN B 1495 27.25 15.14 29.41
CA ASN B 1495 27.43 16.58 29.24
C ASN B 1495 26.59 17.05 28.06
N LYS B 1496 26.81 18.30 27.64
CA LYS B 1496 25.93 18.91 26.65
C LYS B 1496 26.04 18.21 25.30
N ASP B 1497 24.88 17.85 24.74
CA ASP B 1497 24.78 17.34 23.37
C ASP B 1497 25.62 16.07 23.17
N GLY B 1498 25.45 15.12 24.09
CA GLY B 1498 26.08 13.83 23.96
C GLY B 1498 27.52 13.76 24.40
N GLU B 1499 28.15 14.90 24.75
CA GLU B 1499 29.54 14.90 25.17
C GLU B 1499 29.73 14.03 26.40
N VAL B 1500 30.74 13.17 26.37
CA VAL B 1500 30.97 12.23 27.46
C VAL B 1500 31.42 12.98 28.71
N CYS B 1501 30.82 12.64 29.84
CA CYS B 1501 31.19 13.20 31.14
C CYS B 1501 32.08 12.21 31.87
N ASN B 1502 33.33 12.61 32.11
CA ASN B 1502 34.29 11.71 32.75
C ASN B 1502 33.89 11.37 34.19
N ASP B 1503 33.21 12.29 34.87
CA ASP B 1503 32.77 12.05 36.23
C ASP B 1503 31.49 11.23 36.31
N SER B 1504 30.76 11.10 35.21
CA SER B 1504 29.54 10.31 35.21
C SER B 1504 29.83 8.82 35.35
N SER B 1505 28.96 8.12 36.05
CA SER B 1505 29.10 6.68 36.20
C SER B 1505 28.79 6.00 34.87
N PRO B 1506 29.61 5.03 34.44
CA PRO B 1506 29.42 4.47 33.10
C PRO B 1506 28.20 3.58 32.95
N THR B 1507 27.77 2.91 34.02
CA THR B 1507 26.58 2.08 33.99
C THR B 1507 25.75 2.35 35.24
N GLN B 1508 24.50 2.75 35.06
CA GLN B 1508 23.65 3.15 36.16
C GLN B 1508 22.33 2.38 36.12
N ALA B 1509 21.86 2.00 37.31
CA ALA B 1509 20.69 1.13 37.41
C ALA B 1509 19.46 1.80 36.81
N TRP B 1510 19.14 3.00 37.26
CA TRP B 1510 17.92 3.65 36.81
C TRP B 1510 18.05 4.27 35.43
N SER B 1511 19.25 4.34 34.86
CA SER B 1511 19.40 4.78 33.47
C SER B 1511 18.83 3.74 32.50
N THR B 1512 19.07 2.46 32.78
CA THR B 1512 18.57 1.40 31.93
C THR B 1512 17.16 0.95 32.31
N GLY B 1513 16.84 0.96 33.62
CA GLY B 1513 15.53 0.50 34.04
C GLY B 1513 14.39 1.36 33.52
N CYS B 1514 14.62 2.67 33.41
CA CYS B 1514 13.60 3.55 32.90
C CYS B 1514 13.36 3.33 31.40
N LEU B 1515 14.39 2.94 30.67
CA LEU B 1515 14.18 2.56 29.28
C LEU B 1515 13.41 1.25 29.17
N LEU B 1516 13.69 0.30 30.07
CA LEU B 1516 12.92 -0.94 30.09
C LEU B 1516 11.46 -0.69 30.45
N ASP B 1517 11.18 0.40 31.16
CA ASP B 1517 9.80 0.76 31.46
C ASP B 1517 9.03 1.04 30.18
N LEU B 1518 9.66 1.71 29.22
CA LEU B 1518 8.99 2.03 27.96
C LEU B 1518 8.64 0.75 27.20
N PHE B 1519 9.58 -0.19 27.11
CA PHE B 1519 9.31 -1.42 26.38
C PHE B 1519 8.19 -2.22 27.03
N TYR B 1520 8.13 -2.21 28.35
CA TYR B 1520 7.07 -2.96 29.02
C TYR B 1520 5.71 -2.32 28.78
N ASP B 1521 5.66 -0.98 28.70
CA ASP B 1521 4.42 -0.31 28.34
C ASP B 1521 3.91 -0.76 26.98
N LEU B 1522 4.79 -0.73 25.97
CA LEU B 1522 4.39 -1.13 24.63
C LEU B 1522 3.99 -2.60 24.58
N TRP B 1523 4.67 -3.44 25.37
CA TRP B 1523 4.39 -4.87 25.35
C TRP B 1523 3.07 -5.19 26.05
N ILE B 1524 2.88 -4.68 27.27
CA ILE B 1524 1.75 -5.08 28.09
C ILE B 1524 0.43 -4.48 27.62
N SER B 1525 0.46 -3.50 26.73
CA SER B 1525 -0.75 -2.82 26.30
C SER B 1525 -1.14 -3.13 24.85
N TYR B 1526 -0.25 -3.70 24.05
CA TYR B 1526 -0.53 -3.89 22.63
C TYR B 1526 -0.28 -5.33 22.20
N GLU B 1527 0.90 -5.87 22.51
CA GLU B 1527 1.29 -7.19 22.03
C GLU B 1527 0.47 -8.29 22.70
N GLU B 1528 -0.81 -8.39 22.33
CA GLU B 1528 -1.68 -9.44 22.86
C GLU B 1528 -2.33 -10.23 21.73
#